data_2W54
#
_entry.id   2W54
#
_cell.length_a   92.571
_cell.length_b   140.695
_cell.length_c   157.859
_cell.angle_alpha   109.63
_cell.angle_beta   105.83
_cell.angle_gamma   101.23
#
_symmetry.space_group_name_H-M   'P 1'
#
loop_
_entity.id
_entity.type
_entity.pdbx_description
1 polymer 'XANTHINE DEHYDROGENASE'
2 polymer 'XANTHINE DEHYDROGENASE'
3 non-polymer 'FE2/S2 (INORGANIC) CLUSTER'
4 non-polymer 'FLAVIN-ADENINE DINUCLEOTIDE'
5 non-polymer '{[(5aR,8R,9aR)-2-amino-4-oxo-6,7-di(sulfanyl-kappaS)-3,5,5a,8,9a,10-hexahydro-4H-pyrano[3,2-g]pteridin-8-yl]methyl dihydrogenato(2-) phosphate}(hydroxy)oxo(thioxo)molybdenum'
6 non-polymer 'BARIUM ION'
7 non-polymer 6-HYDROXYMETHYLPTERIN
#
loop_
_entity_poly.entity_id
_entity_poly.type
_entity_poly.pdbx_seq_one_letter_code
_entity_poly.pdbx_strand_id
1 'polypeptide(L)'
;MEIAFLLNGETRRVRIEDPTQSLLEWLRAEGLTGTKEGCNEGDCGACTVMIRDAAGSRAVNACLMMLPQIAGKALRTIEG
IAAPDGRLHPVQQAMIDHHGSQCGFCTPGFIVSMAAAHDRDRKDYDDLLAGNLCRCTGYAPILRAAEAAAGEPPADWLQA
DAAFTLAQLSSGVRGQTAPAFLPETSDALADWYLAHPEATLIAGGTDVSLWVTKALRDLPEVAFLSHCKDLAQIRETPDG
YGIGAGVTIAALRAFAEGPHPALAGLLRRFASEQVRQVATIGGNIANGSPIGDGPPALIAMGASLTLRRGQERRRMPLED
FFLEYRKQDRRPGEFVESVTLPKSAPGLRCYKLSKRFDQDISAVCGCLNLTLKGSKIETARIAFGGMAGVPKRAAAFEAA
LIGQDFREDTIAAALPLLAQDFTPLSDMRASAAYRMNAAQAMALRYVRELSGEAVAVLEVMP
;
A,C,E,G
2 'polypeptide(L)'
;MSVGKPLPHDSARAHVTGQARYLDDLPCPANTLHLAFGLSTEASAAITGLDLEPVRESPGVIAVFTAADLPHDNDASPAP
SPEPVLATGEVHFVGQPIFLVAATSHRAARIAARKARITYAPRPAILTLDQALAADSRFEGGPVIWARGDVETALAGAAH
LAEGCFEIGGQEHFYLEGQAALALPAEGGVVIHCSSQHPSEIQHKVAHALGLAFHDVRVEMRRMGGGFGGKESQGNHLAI
ACAVAARATGRPCKMRYDRDDDMVITGKRHDFRIRYRIGADASGKLLGADFVHLARCGWSADLSLPVCDRAMLHADGSYF
VPALRIESHRLRTNTQSNTAFRGFGGPQGALGMERAIEHLARGMGRDPAELRALNFYDPPERGGLSAPPSPPEPIATKKT
QTTHYGQEVADCVLGELVTRLQKSANFTTRRAEIAAWNSTNRTLARGIALSPVKFGISFTLTHLNQAGALVQIYTDGSVA
LNHGGTEMGQGLHAKMVQVAAAVLGIDPVQVRITATDTSKVPNTSATAASSGADMNGMAVKDACETLRGRLAGFVAAREG
CAARDVIFDAGQVQASGKSWRFAEIVAAAYMARISLSATGFYATPKLSWDRLRGQGRPFLYFAYGAAITEVVIDRLTGEN
RILRTDILHDAGASLNPALDIGQIEGAYVQGAGWLTTEELVWDHCGRLMTHAPSTYKIPAFSDRPRIFNVALWDQPNREE
TIFRSKAVGEPPFLLGISAFLALHDACAACGPHWPDLQAPATPEAVLAAVRRAEGRA
;
B,D,F,H
#
loop_
_chem_comp.id
_chem_comp.type
_chem_comp.name
_chem_comp.formula
BA non-polymer 'BARIUM ION' 'Ba 2'
FAD non-polymer 'FLAVIN-ADENINE DINUCLEOTIDE' 'C27 H33 N9 O15 P2'
FES non-polymer 'FE2/S2 (INORGANIC) CLUSTER' 'Fe2 S2'
HHR non-polymer 6-HYDROXYMETHYLPTERIN 'C7 H7 N5 O2'
XAX non-polymer '{[(5aR,8R,9aR)-2-amino-4-oxo-6,7-di(sulfanyl-kappaS)-3,5,5a,8,9a,10-hexahydro-4H-pyrano[3,2-g]pteridin-8-yl]methyl dihydrogenato(2-) phosphate}(hydroxy)oxo(thioxo)molybdenum' 'C10 H13 Mo N5 O8 P S3'
#
# COMPACT_ATOMS: atom_id res chain seq x y z
N MET A 1 -48.99 -7.36 -2.41
CA MET A 1 -48.65 -6.01 -2.95
C MET A 1 -48.35 -6.08 -4.44
N GLU A 2 -49.36 -5.77 -5.23
CA GLU A 2 -49.31 -5.90 -6.69
C GLU A 2 -49.34 -4.54 -7.38
N ILE A 3 -48.44 -4.34 -8.34
CA ILE A 3 -48.42 -3.13 -9.15
C ILE A 3 -48.66 -3.45 -10.63
N ALA A 4 -49.23 -2.49 -11.35
CA ALA A 4 -49.45 -2.62 -12.78
C ALA A 4 -48.68 -1.54 -13.55
N PHE A 5 -48.36 -1.83 -14.80
CA PHE A 5 -47.67 -0.89 -15.68
C PHE A 5 -47.75 -1.34 -17.13
N LEU A 6 -47.58 -0.39 -18.05
CA LEU A 6 -47.57 -0.68 -19.47
C LEU A 6 -46.16 -1.06 -19.95
N LEU A 7 -45.96 -2.34 -20.26
CA LEU A 7 -44.67 -2.83 -20.75
C LEU A 7 -44.70 -3.00 -22.27
N ASN A 8 -44.00 -2.10 -22.95
CA ASN A 8 -43.95 -2.09 -24.41
C ASN A 8 -45.33 -2.17 -25.06
N GLY A 9 -46.26 -1.35 -24.59
CA GLY A 9 -47.60 -1.26 -25.19
C GLY A 9 -48.62 -2.24 -24.63
N GLU A 10 -48.14 -3.26 -23.92
CA GLU A 10 -49.02 -4.26 -23.33
C GLU A 10 -49.05 -4.08 -21.80
N THR A 11 -50.25 -4.10 -21.24
CA THR A 11 -50.43 -3.96 -19.79
C THR A 11 -49.88 -5.17 -19.04
N ARG A 12 -49.34 -4.95 -17.85
CA ARG A 12 -48.75 -6.01 -17.04
C ARG A 12 -48.94 -5.79 -15.53
N ARG A 13 -49.39 -6.82 -14.83
CA ARG A 13 -49.52 -6.78 -13.37
C ARG A 13 -48.51 -7.71 -12.71
N VAL A 14 -47.88 -7.24 -11.64
CA VAL A 14 -46.77 -7.96 -11.00
C VAL A 14 -46.90 -7.95 -9.47
N ARG A 15 -46.83 -9.13 -8.87
CA ARG A 15 -46.72 -9.25 -7.41
C ARG A 15 -45.30 -8.90 -6.97
N ILE A 16 -45.17 -7.90 -6.11
CA ILE A 16 -43.86 -7.53 -5.56
C ILE A 16 -43.63 -8.23 -4.24
N GLU A 17 -42.65 -9.12 -4.21
CA GLU A 17 -42.26 -9.83 -2.99
C GLU A 17 -40.91 -9.34 -2.49
N ASP A 18 -40.04 -8.96 -3.44
CA ASP A 18 -38.78 -8.30 -3.12
C ASP A 18 -38.80 -6.86 -3.62
N PRO A 19 -38.98 -5.89 -2.70
CA PRO A 19 -39.13 -4.47 -3.06
C PRO A 19 -37.86 -3.88 -3.66
N THR A 20 -36.74 -4.52 -3.40
CA THR A 20 -35.43 -3.97 -3.73
C THR A 20 -34.91 -4.38 -5.12
N GLN A 21 -35.59 -5.33 -5.77
CA GLN A 21 -35.18 -5.83 -7.09
C GLN A 21 -35.21 -4.76 -8.16
N SER A 22 -34.12 -4.62 -8.89
CA SER A 22 -34.03 -3.59 -9.93
C SER A 22 -34.80 -3.97 -11.19
N LEU A 23 -35.19 -2.96 -11.95
CA LEU A 23 -35.93 -3.14 -13.19
C LEU A 23 -35.11 -3.92 -14.22
N LEU A 24 -33.80 -3.68 -14.23
CA LEU A 24 -32.88 -4.43 -15.09
C LEU A 24 -32.95 -5.93 -14.80
N GLU A 25 -32.91 -6.29 -13.51
CA GLU A 25 -33.01 -7.69 -13.09
C GLU A 25 -34.29 -8.33 -13.61
N TRP A 26 -35.40 -7.63 -13.38
CA TRP A 26 -36.73 -8.12 -13.72
C TRP A 26 -36.89 -8.32 -15.22
N LEU A 27 -36.50 -7.31 -16.00
CA LEU A 27 -36.57 -7.38 -17.46
C LEU A 27 -35.82 -8.59 -18.03
N ARG A 28 -34.62 -8.83 -17.52
CA ARG A 28 -33.79 -9.94 -17.99
C ARG A 28 -34.31 -11.28 -17.48
N ALA A 29 -34.90 -11.28 -16.29
CA ALA A 29 -35.54 -12.48 -15.75
C ALA A 29 -36.81 -12.82 -16.53
N GLU A 30 -37.39 -11.81 -17.18
CA GLU A 30 -38.57 -11.99 -18.01
C GLU A 30 -38.21 -12.50 -19.40
N GLY A 31 -36.94 -12.39 -19.76
CA GLY A 31 -36.49 -12.78 -21.09
C GLY A 31 -36.27 -11.59 -21.99
N LEU A 32 -36.62 -10.39 -21.51
CA LEU A 32 -36.40 -9.15 -22.26
C LEU A 32 -34.93 -8.79 -22.23
N THR A 33 -34.16 -9.58 -22.97
CA THR A 33 -32.72 -9.65 -22.85
C THR A 33 -31.99 -8.47 -23.51
N GLY A 34 -32.71 -7.70 -24.32
CA GLY A 34 -32.16 -6.55 -25.05
C GLY A 34 -31.58 -5.45 -24.18
N THR A 35 -32.08 -5.34 -22.94
CA THR A 35 -31.54 -4.42 -21.94
C THR A 35 -30.30 -5.06 -21.33
N LYS A 36 -29.14 -4.45 -21.56
CA LYS A 36 -27.86 -5.03 -21.14
C LYS A 36 -27.40 -4.49 -19.80
N GLU A 37 -26.73 -5.33 -19.01
CA GLU A 37 -25.99 -4.85 -17.85
C GLU A 37 -24.56 -4.51 -18.25
N GLY A 38 -24.20 -3.24 -18.09
CA GLY A 38 -22.88 -2.76 -18.46
C GLY A 38 -21.96 -2.61 -17.26
N CYS A 39 -22.54 -2.29 -16.11
CA CYS A 39 -21.77 -2.03 -14.90
C CYS A 39 -22.58 -2.10 -13.61
N ASN A 40 -23.89 -1.86 -13.71
CA ASN A 40 -24.82 -1.95 -12.58
C ASN A 40 -24.54 -0.86 -11.52
N GLU A 41 -24.20 0.34 -12.00
CA GLU A 41 -23.71 1.41 -11.14
C GLU A 41 -24.17 2.81 -11.57
N GLY A 42 -24.74 2.92 -12.77
CA GLY A 42 -25.31 4.18 -13.26
C GLY A 42 -24.50 4.90 -14.34
N ASP A 43 -23.23 4.55 -14.47
CA ASP A 43 -22.27 5.36 -15.26
C ASP A 43 -22.29 5.15 -16.77
N CYS A 44 -22.73 3.97 -17.24
CA CYS A 44 -22.56 3.59 -18.64
C CYS A 44 -23.81 3.64 -19.54
N GLY A 45 -24.99 3.65 -18.93
CA GLY A 45 -26.26 3.77 -19.66
C GLY A 45 -26.61 2.64 -20.63
N ALA A 46 -25.96 1.48 -20.47
CA ALA A 46 -26.21 0.32 -21.33
C ALA A 46 -27.59 -0.29 -21.08
N CYS A 47 -28.18 0.05 -19.92
CA CYS A 47 -29.47 -0.48 -19.52
C CYS A 47 -30.60 0.55 -19.68
N THR A 48 -30.29 1.67 -20.33
CA THR A 48 -31.25 2.75 -20.50
C THR A 48 -32.61 2.21 -20.98
N VAL A 49 -33.65 2.50 -20.20
CA VAL A 49 -35.04 2.20 -20.59
C VAL A 49 -35.85 3.50 -20.60
N MET A 50 -36.96 3.51 -21.33
CA MET A 50 -37.79 4.71 -21.43
C MET A 50 -39.10 4.59 -20.66
N ILE A 51 -39.25 5.41 -19.63
CA ILE A 51 -40.49 5.48 -18.86
C ILE A 51 -41.34 6.69 -19.24
N ARG A 52 -42.65 6.55 -19.09
CA ARG A 52 -43.60 7.61 -19.39
C ARG A 52 -44.67 7.67 -18.32
N ASP A 53 -45.19 8.87 -18.08
CA ASP A 53 -46.32 9.08 -17.17
C ASP A 53 -47.03 10.38 -17.53
N ALA A 54 -47.67 11.00 -16.54
CA ALA A 54 -48.36 12.28 -16.73
C ALA A 54 -47.39 13.42 -17.00
N ALA A 55 -46.17 13.30 -16.49
CA ALA A 55 -45.15 14.34 -16.62
C ALA A 55 -44.45 14.37 -17.99
N GLY A 56 -44.68 13.32 -18.79
CA GLY A 56 -44.05 13.20 -20.11
C GLY A 56 -43.31 11.88 -20.24
N SER A 57 -42.21 11.89 -21.00
CA SER A 57 -41.40 10.69 -21.19
C SER A 57 -39.91 10.98 -21.07
N ARG A 58 -39.18 10.02 -20.52
CA ARG A 58 -37.75 10.19 -20.25
C ARG A 58 -36.98 8.88 -20.27
N ALA A 59 -35.67 8.98 -20.54
CA ALA A 59 -34.79 7.81 -20.51
C ALA A 59 -34.12 7.74 -19.15
N VAL A 60 -34.19 6.55 -18.54
CA VAL A 60 -33.62 6.31 -17.22
C VAL A 60 -32.78 5.04 -17.22
N ASN A 61 -31.90 4.91 -16.22
CA ASN A 61 -31.12 3.69 -16.04
C ASN A 61 -31.95 2.60 -15.38
N ALA A 62 -32.10 1.47 -16.06
CA ALA A 62 -32.89 0.35 -15.55
C ALA A 62 -32.30 -0.26 -14.28
N CYS A 63 -30.98 -0.16 -14.14
CA CYS A 63 -30.29 -0.83 -13.05
C CYS A 63 -30.43 -0.10 -11.71
N LEU A 64 -30.67 1.20 -11.75
CA LEU A 64 -30.89 2.00 -10.53
C LEU A 64 -32.37 1.98 -10.11
N MET A 65 -33.24 1.73 -11.09
CA MET A 65 -34.68 1.76 -10.89
C MET A 65 -35.23 0.47 -10.26
N MET A 66 -35.84 0.60 -9.10
CA MET A 66 -36.46 -0.54 -8.43
C MET A 66 -37.93 -0.63 -8.83
N LEU A 67 -38.44 -1.86 -8.94
CA LEU A 67 -39.78 -2.14 -9.47
C LEU A 67 -40.92 -1.24 -8.96
N PRO A 68 -41.07 -1.09 -7.63
CA PRO A 68 -42.22 -0.32 -7.13
C PRO A 68 -42.28 1.12 -7.65
N GLN A 69 -41.23 1.57 -8.32
CA GLN A 69 -41.17 2.93 -8.84
C GLN A 69 -41.86 3.12 -10.19
N ILE A 70 -41.91 2.05 -10.99
CA ILE A 70 -42.58 2.10 -12.29
C ILE A 70 -44.08 1.81 -12.18
N ALA A 71 -44.58 1.76 -10.95
CA ALA A 71 -46.00 1.50 -10.69
C ALA A 71 -46.86 2.60 -11.31
N GLY A 72 -47.76 2.20 -12.21
CA GLY A 72 -48.68 3.13 -12.87
C GLY A 72 -48.15 3.79 -14.12
N LYS A 73 -46.86 3.58 -14.41
CA LYS A 73 -46.19 4.23 -15.54
C LYS A 73 -46.20 3.36 -16.80
N ALA A 74 -45.79 3.93 -17.92
CA ALA A 74 -45.63 3.19 -19.16
C ALA A 74 -44.14 3.02 -19.46
N LEU A 75 -43.70 1.77 -19.51
CA LEU A 75 -42.30 1.44 -19.71
C LEU A 75 -42.04 0.92 -21.13
N ARG A 76 -40.97 1.42 -21.74
CA ARG A 76 -40.61 1.03 -23.09
C ARG A 76 -39.13 0.65 -23.17
N THR A 77 -38.87 -0.60 -23.56
CA THR A 77 -37.51 -1.12 -23.66
C THR A 77 -37.08 -1.17 -25.14
N ILE A 78 -35.83 -1.54 -25.38
CA ILE A 78 -35.29 -1.64 -26.75
C ILE A 78 -36.16 -2.51 -27.68
N GLU A 79 -36.59 -3.68 -27.20
CA GLU A 79 -37.43 -4.58 -27.99
C GLU A 79 -38.85 -4.04 -28.21
N GLY A 80 -39.09 -2.80 -27.78
CA GLY A 80 -40.38 -2.14 -27.99
C GLY A 80 -40.26 -0.84 -28.76
N ILE A 81 -39.04 -0.49 -29.16
CA ILE A 81 -38.78 0.76 -29.87
C ILE A 81 -39.30 0.70 -31.32
N ALA A 82 -39.04 -0.41 -32.00
CA ALA A 82 -39.59 -0.62 -33.34
C ALA A 82 -41.12 -0.78 -33.30
N ALA A 83 -41.76 -0.51 -34.44
CA ALA A 83 -43.22 -0.57 -34.56
C ALA A 83 -43.79 -1.97 -34.37
N PRO A 84 -45.03 -2.07 -33.86
CA PRO A 84 -45.75 -3.34 -33.75
C PRO A 84 -45.70 -4.17 -35.04
N ASP A 85 -45.87 -3.52 -36.18
CA ASP A 85 -45.85 -4.20 -37.48
C ASP A 85 -44.44 -4.65 -37.89
N GLY A 86 -43.42 -4.02 -37.32
CA GLY A 86 -42.04 -4.41 -37.58
C GLY A 86 -41.13 -3.31 -38.08
N ARG A 87 -41.74 -2.24 -38.57
CA ARG A 87 -41.02 -1.06 -39.08
C ARG A 87 -40.09 -0.49 -38.01
N LEU A 88 -38.85 -0.19 -38.40
CA LEU A 88 -37.86 0.37 -37.46
C LEU A 88 -38.14 1.84 -37.14
N HIS A 89 -37.62 2.28 -36.01
CA HIS A 89 -37.69 3.68 -35.60
C HIS A 89 -36.77 4.49 -36.51
N PRO A 90 -37.14 5.74 -36.83
CA PRO A 90 -36.22 6.64 -37.53
C PRO A 90 -34.82 6.64 -36.90
N VAL A 91 -34.76 6.51 -35.57
CA VAL A 91 -33.52 6.41 -34.83
C VAL A 91 -32.74 5.13 -35.16
N GLN A 92 -33.43 4.00 -35.15
CA GLN A 92 -32.83 2.69 -35.43
C GLN A 92 -32.25 2.59 -36.84
N GLN A 93 -33.04 2.99 -37.84
CA GLN A 93 -32.62 2.98 -39.22
C GLN A 93 -31.39 3.85 -39.45
N ALA A 94 -31.42 5.06 -38.91
CA ALA A 94 -30.31 6.01 -39.07
C ALA A 94 -29.01 5.47 -38.49
N MET A 95 -29.12 4.70 -37.39
CA MET A 95 -27.96 4.09 -36.76
C MET A 95 -27.35 2.97 -37.60
N ILE A 96 -28.19 2.29 -38.36
CA ILE A 96 -27.74 1.28 -39.32
C ILE A 96 -27.07 1.97 -40.50
N ASP A 97 -27.68 3.07 -40.95
CA ASP A 97 -27.16 3.85 -42.06
C ASP A 97 -25.80 4.44 -41.72
N HIS A 98 -25.72 5.12 -40.58
CA HIS A 98 -24.53 5.89 -40.22
C HIS A 98 -23.53 5.13 -39.35
N HIS A 99 -23.60 3.81 -39.39
CA HIS A 99 -22.67 2.93 -38.67
C HIS A 99 -22.48 3.35 -37.22
N GLY A 100 -23.58 3.44 -36.48
CA GLY A 100 -23.55 3.86 -35.08
C GLY A 100 -23.25 2.74 -34.11
N SER A 101 -23.25 1.51 -34.61
CA SER A 101 -22.94 0.35 -33.79
C SER A 101 -21.74 -0.42 -34.37
N GLN A 102 -20.91 -0.96 -33.48
CA GLN A 102 -19.78 -1.80 -33.89
C GLN A 102 -19.89 -3.17 -33.23
N CYS A 103 -19.62 -3.24 -31.92
CA CYS A 103 -19.79 -4.48 -31.16
C CYS A 103 -21.27 -4.67 -30.80
N GLY A 104 -22.00 -3.56 -30.75
CA GLY A 104 -23.45 -3.58 -30.59
C GLY A 104 -24.00 -3.64 -29.18
N PHE A 105 -23.12 -3.80 -28.19
CA PHE A 105 -23.55 -3.98 -26.81
C PHE A 105 -24.18 -2.73 -26.17
N CYS A 106 -23.70 -1.54 -26.54
CA CYS A 106 -24.23 -0.30 -26.00
C CYS A 106 -25.38 0.25 -26.85
N THR A 107 -25.53 -0.31 -28.05
CA THR A 107 -26.54 0.13 -29.01
C THR A 107 -27.97 0.18 -28.44
N PRO A 108 -28.41 -0.88 -27.72
CA PRO A 108 -29.78 -0.84 -27.18
C PRO A 108 -30.02 0.38 -26.29
N GLY A 109 -29.07 0.67 -25.40
CA GLY A 109 -29.12 1.83 -24.51
C GLY A 109 -29.20 3.14 -25.24
N PHE A 110 -28.33 3.30 -26.25
CA PHE A 110 -28.33 4.48 -27.11
C PHE A 110 -29.66 4.67 -27.84
N ILE A 111 -30.12 3.62 -28.52
CA ILE A 111 -31.38 3.66 -29.26
C ILE A 111 -32.48 4.17 -28.35
N VAL A 112 -32.59 3.58 -27.16
CA VAL A 112 -33.60 3.98 -26.19
C VAL A 112 -33.44 5.46 -25.82
N SER A 113 -32.22 5.87 -25.52
CA SER A 113 -31.92 7.28 -25.19
C SER A 113 -32.27 8.22 -26.34
N MET A 114 -31.94 7.83 -27.57
CA MET A 114 -32.21 8.64 -28.74
C MET A 114 -33.70 8.71 -29.07
N ALA A 115 -34.39 7.58 -28.92
CA ALA A 115 -35.84 7.50 -29.15
C ALA A 115 -36.59 8.42 -28.19
N ALA A 116 -36.21 8.39 -26.92
CA ALA A 116 -36.79 9.25 -25.91
C ALA A 116 -36.50 10.71 -26.21
N ALA A 117 -35.30 10.99 -26.71
CA ALA A 117 -34.91 12.32 -27.16
C ALA A 117 -35.73 12.72 -28.38
N HIS A 118 -35.96 11.75 -29.26
CA HIS A 118 -36.76 11.95 -30.47
C HIS A 118 -38.23 12.22 -30.11
N ASP A 119 -38.74 11.50 -29.12
CA ASP A 119 -40.13 11.65 -28.66
C ASP A 119 -40.37 13.03 -28.06
N ARG A 120 -39.45 13.47 -27.21
CA ARG A 120 -39.52 14.80 -26.59
C ARG A 120 -38.99 15.91 -27.50
N ASP A 121 -38.55 15.55 -28.71
CA ASP A 121 -37.91 16.47 -29.65
C ASP A 121 -36.82 17.30 -28.96
N ARG A 122 -35.80 16.60 -28.45
CA ARG A 122 -34.65 17.23 -27.82
C ARG A 122 -33.42 16.97 -28.67
N LYS A 123 -32.61 18.00 -28.88
CA LYS A 123 -31.48 17.94 -29.80
C LYS A 123 -30.10 18.18 -29.18
N ASP A 124 -30.05 18.40 -27.86
CA ASP A 124 -28.78 18.59 -27.15
C ASP A 124 -28.12 17.24 -26.85
N TYR A 125 -27.63 16.61 -27.92
CA TYR A 125 -27.17 15.23 -27.90
C TYR A 125 -25.99 14.96 -26.96
N ASP A 126 -25.12 15.95 -26.81
CA ASP A 126 -23.95 15.86 -25.93
C ASP A 126 -24.34 15.54 -24.49
N ASP A 127 -25.25 16.35 -23.94
CA ASP A 127 -25.70 16.20 -22.56
C ASP A 127 -26.68 15.04 -22.41
N LEU A 128 -27.48 14.81 -23.45
CA LEU A 128 -28.46 13.73 -23.47
C LEU A 128 -27.80 12.35 -23.44
N LEU A 129 -26.81 12.16 -24.32
CA LEU A 129 -26.17 10.87 -24.48
C LEU A 129 -24.88 10.70 -23.68
N ALA A 130 -24.56 11.69 -22.84
CA ALA A 130 -23.40 11.63 -21.94
C ALA A 130 -23.46 10.38 -21.07
N GLY A 131 -24.67 10.04 -20.62
CA GLY A 131 -24.91 8.87 -19.78
C GLY A 131 -24.66 7.53 -20.46
N ASN A 132 -24.71 7.51 -21.79
CA ASN A 132 -24.42 6.30 -22.57
C ASN A 132 -22.96 6.20 -23.00
N LEU A 133 -22.19 5.35 -22.32
CA LEU A 133 -20.80 5.12 -22.65
C LEU A 133 -20.64 4.16 -23.84
N CYS A 134 -19.80 4.57 -24.79
CA CYS A 134 -19.40 3.69 -25.89
C CYS A 134 -17.87 3.59 -26.02
N ARG A 135 -17.40 2.38 -26.32
CA ARG A 135 -15.98 2.07 -26.33
C ARG A 135 -15.44 1.79 -27.75
N CYS A 136 -16.34 1.72 -28.74
CA CYS A 136 -15.98 1.27 -30.10
C CYS A 136 -15.98 2.33 -31.18
N THR A 137 -17.03 3.16 -31.18
CA THR A 137 -17.35 3.99 -32.34
C THR A 137 -16.64 5.33 -32.35
N GLY A 138 -16.30 5.84 -31.17
CA GLY A 138 -15.73 7.17 -31.06
C GLY A 138 -16.81 8.24 -31.10
N TYR A 139 -18.06 7.79 -31.01
CA TYR A 139 -19.23 8.67 -30.88
C TYR A 139 -19.65 9.42 -32.14
N ALA A 140 -18.69 9.76 -32.99
CA ALA A 140 -18.94 10.54 -34.21
C ALA A 140 -20.08 9.98 -35.08
N PRO A 141 -20.08 8.67 -35.37
CA PRO A 141 -21.17 8.10 -36.17
C PRO A 141 -22.54 8.17 -35.50
N ILE A 142 -22.57 8.08 -34.17
CA ILE A 142 -23.81 8.16 -33.39
C ILE A 142 -24.45 9.56 -33.48
N LEU A 143 -23.61 10.60 -33.55
CA LEU A 143 -24.10 11.96 -33.73
C LEU A 143 -24.76 12.15 -35.09
N ARG A 144 -24.13 11.59 -36.13
CA ARG A 144 -24.67 11.63 -37.49
C ARG A 144 -26.02 10.94 -37.55
N ALA A 145 -26.12 9.81 -36.86
CA ALA A 145 -27.36 9.04 -36.77
C ALA A 145 -28.45 9.87 -36.09
N ALA A 146 -28.13 10.45 -34.95
CA ALA A 146 -29.08 11.23 -34.15
C ALA A 146 -29.62 12.45 -34.90
N GLU A 147 -28.73 13.11 -35.64
CA GLU A 147 -29.10 14.28 -36.43
C GLU A 147 -29.95 13.91 -37.64
N ALA A 148 -29.57 12.81 -38.30
CA ALA A 148 -30.31 12.29 -39.46
C ALA A 148 -31.71 11.84 -39.05
N ALA A 149 -31.82 11.24 -37.88
CA ALA A 149 -33.09 10.76 -37.35
C ALA A 149 -33.99 11.91 -36.90
N ALA A 150 -33.36 13.03 -36.51
CA ALA A 150 -34.08 14.21 -36.00
C ALA A 150 -35.03 14.83 -37.02
N GLY A 151 -34.69 14.69 -38.31
CA GLY A 151 -35.50 15.24 -39.39
C GLY A 151 -36.80 14.48 -39.63
N GLU A 152 -36.92 13.32 -39.01
CA GLU A 152 -38.07 12.44 -39.18
C GLU A 152 -39.17 12.68 -38.15
N PRO A 153 -40.44 12.44 -38.53
CA PRO A 153 -41.57 12.58 -37.59
C PRO A 153 -41.50 11.54 -36.46
N PRO A 154 -42.03 11.89 -35.27
CA PRO A 154 -41.97 11.01 -34.10
C PRO A 154 -42.70 9.68 -34.31
N ALA A 155 -42.25 8.65 -33.59
CA ALA A 155 -42.88 7.33 -33.63
C ALA A 155 -44.23 7.39 -32.90
N ASP A 156 -45.31 7.31 -33.68
CA ASP A 156 -46.65 7.45 -33.13
C ASP A 156 -47.04 6.32 -32.19
N TRP A 157 -46.49 5.13 -32.41
CA TRP A 157 -46.75 3.99 -31.54
C TRP A 157 -46.14 4.21 -30.15
N LEU A 158 -45.05 4.96 -30.08
CA LEU A 158 -44.44 5.35 -28.82
C LEU A 158 -45.29 6.39 -28.08
N GLN A 159 -45.93 7.26 -28.85
CA GLN A 159 -46.78 8.31 -28.29
C GLN A 159 -48.14 7.78 -27.83
N ALA A 160 -48.52 6.61 -28.33
CA ALA A 160 -49.79 5.97 -28.00
C ALA A 160 -49.86 5.51 -26.53
N ASP A 161 -48.70 5.46 -25.88
CA ASP A 161 -48.59 5.06 -24.48
C ASP A 161 -49.10 6.14 -23.51
N ALA A 162 -49.15 7.39 -23.99
CA ALA A 162 -49.59 8.53 -23.20
C ALA A 162 -51.06 8.42 -22.75
N ALA A 163 -51.79 7.51 -23.40
CA ALA A 163 -53.19 7.24 -23.06
C ALA A 163 -53.33 6.41 -21.79
N PHE A 164 -52.23 5.78 -21.36
CA PHE A 164 -52.23 4.83 -20.24
C PHE A 164 -52.51 5.45 -18.87
N THR A 165 -53.25 4.69 -18.06
CA THR A 165 -53.65 5.01 -16.66
C THR A 165 -54.62 6.17 -16.48
N LEU A 166 -54.71 7.05 -17.47
CA LEU A 166 -55.56 8.24 -17.41
C LEU A 166 -57.02 7.89 -17.68
N PRO A 179 -44.85 -4.86 2.87
CA PRO A 179 -43.88 -5.19 1.83
C PRO A 179 -42.98 -3.98 1.51
N ALA A 180 -43.60 -2.85 1.19
CA ALA A 180 -42.91 -1.57 0.96
C ALA A 180 -43.93 -0.44 0.93
N PHE A 181 -43.67 0.61 1.72
CA PHE A 181 -44.60 1.73 1.83
C PHE A 181 -44.48 2.73 0.67
N LEU A 182 -45.62 3.05 0.06
CA LEU A 182 -45.69 4.06 -0.99
C LEU A 182 -46.71 5.13 -0.58
N PRO A 183 -46.22 6.26 -0.03
CA PRO A 183 -47.11 7.34 0.42
C PRO A 183 -47.75 8.12 -0.72
N GLU A 184 -48.98 8.60 -0.49
CA GLU A 184 -49.71 9.42 -1.44
C GLU A 184 -49.39 10.90 -1.19
N THR A 185 -49.52 11.32 0.07
CA THR A 185 -49.28 12.70 0.47
C THR A 185 -48.09 12.80 1.43
N SER A 186 -47.61 14.03 1.62
CA SER A 186 -46.49 14.32 2.54
C SER A 186 -46.88 14.02 3.99
N ASP A 187 -48.13 14.29 4.34
CA ASP A 187 -48.67 14.00 5.66
C ASP A 187 -48.66 12.51 5.95
N ALA A 188 -49.00 11.72 4.93
CA ALA A 188 -49.00 10.26 5.03
C ALA A 188 -47.63 9.73 5.40
N LEU A 189 -46.60 10.25 4.71
CA LEU A 189 -45.20 9.88 4.98
C LEU A 189 -44.75 10.30 6.38
N ALA A 190 -45.07 11.54 6.73
CA ALA A 190 -44.76 12.09 8.05
C ALA A 190 -45.34 11.23 9.17
N ASP A 191 -46.53 10.66 8.91
CA ASP A 191 -47.17 9.72 9.83
C ASP A 191 -46.35 8.44 9.99
N TRP A 192 -46.02 7.83 8.85
CA TRP A 192 -45.36 6.53 8.80
C TRP A 192 -43.91 6.56 9.27
N TYR A 193 -43.16 7.56 8.81
CA TYR A 193 -41.74 7.66 9.15
C TYR A 193 -41.53 7.99 10.62
N LEU A 194 -42.50 8.65 11.22
CA LEU A 194 -42.49 8.92 12.66
C LEU A 194 -42.65 7.62 13.45
N ALA A 195 -43.44 6.68 12.92
CA ALA A 195 -43.64 5.37 13.53
C ALA A 195 -42.50 4.41 13.20
N HIS A 196 -41.87 4.61 12.06
CA HIS A 196 -40.77 3.76 11.61
C HIS A 196 -39.53 4.63 11.32
N PRO A 197 -38.81 5.04 12.39
CA PRO A 197 -37.66 5.93 12.21
C PRO A 197 -36.46 5.25 11.53
N GLU A 198 -36.29 3.96 11.78
CA GLU A 198 -35.15 3.19 11.29
C GLU A 198 -35.28 2.82 9.80
N ALA A 199 -36.28 3.41 9.14
CA ALA A 199 -36.65 3.05 7.77
C ALA A 199 -35.67 3.53 6.71
N THR A 200 -35.65 2.84 5.58
CA THR A 200 -34.85 3.22 4.43
C THR A 200 -35.74 3.96 3.43
N LEU A 201 -35.68 5.29 3.47
CA LEU A 201 -36.42 6.15 2.55
C LEU A 201 -35.76 6.15 1.18
N ILE A 202 -36.47 5.65 0.17
CA ILE A 202 -35.95 5.66 -1.20
C ILE A 202 -36.68 6.67 -2.07
N ALA A 203 -35.94 7.68 -2.53
CA ALA A 203 -36.49 8.72 -3.40
C ALA A 203 -36.18 8.41 -4.85
N GLY A 204 -35.03 8.86 -5.31
CA GLY A 204 -34.55 8.56 -6.66
C GLY A 204 -33.95 7.18 -6.72
N GLY A 205 -33.30 6.78 -5.62
CA GLY A 205 -32.70 5.46 -5.50
C GLY A 205 -31.34 5.33 -6.16
N THR A 206 -30.76 6.45 -6.59
CA THR A 206 -29.48 6.46 -7.30
C THR A 206 -28.27 6.30 -6.38
N ASP A 207 -28.49 6.41 -5.08
CA ASP A 207 -27.47 6.09 -4.09
C ASP A 207 -27.79 4.75 -3.42
N VAL A 208 -29.04 4.62 -2.98
CA VAL A 208 -29.52 3.45 -2.24
C VAL A 208 -29.37 2.15 -3.02
N SER A 209 -29.59 2.21 -4.33
CA SER A 209 -29.50 1.02 -5.17
C SER A 209 -28.06 0.52 -5.35
N LEU A 210 -27.08 1.35 -5.04
CA LEU A 210 -25.69 0.93 -5.07
C LEU A 210 -25.31 0.11 -3.84
N TRP A 211 -26.10 0.24 -2.77
CA TRP A 211 -25.89 -0.56 -1.56
C TRP A 211 -26.31 -2.01 -1.77
N VAL A 212 -27.32 -2.21 -2.62
CA VAL A 212 -27.80 -3.55 -2.94
C VAL A 212 -26.99 -4.19 -4.08
N THR A 213 -26.77 -3.44 -5.16
CA THR A 213 -26.03 -3.95 -6.34
C THR A 213 -24.53 -4.12 -6.11
N LYS A 214 -23.91 -3.14 -5.45
CA LYS A 214 -22.47 -3.16 -5.23
C LYS A 214 -22.09 -3.61 -3.82
N ALA A 215 -22.63 -2.93 -2.81
CA ALA A 215 -22.31 -3.23 -1.41
C ALA A 215 -23.00 -4.50 -0.90
N LEU A 216 -23.80 -5.12 -1.77
CA LEU A 216 -24.56 -6.34 -1.45
C LEU A 216 -25.22 -6.30 -0.07
N ARG A 217 -25.93 -5.20 0.19
CA ARG A 217 -26.69 -5.04 1.43
C ARG A 217 -28.16 -5.40 1.23
N ASP A 218 -28.85 -5.66 2.33
CA ASP A 218 -30.29 -5.90 2.32
C ASP A 218 -30.98 -4.80 3.10
N LEU A 219 -32.06 -4.28 2.53
CA LEU A 219 -32.79 -3.18 3.14
C LEU A 219 -34.16 -3.62 3.60
N PRO A 220 -34.34 -3.73 4.93
CA PRO A 220 -35.69 -3.88 5.47
C PRO A 220 -36.32 -2.48 5.64
N GLU A 221 -37.62 -2.45 5.96
CA GLU A 221 -38.33 -1.21 6.27
C GLU A 221 -38.13 -0.15 5.17
N VAL A 222 -38.79 -0.35 4.04
CA VAL A 222 -38.57 0.48 2.85
C VAL A 222 -39.82 1.29 2.45
N ALA A 223 -39.60 2.56 2.11
CA ALA A 223 -40.67 3.44 1.62
C ALA A 223 -40.21 4.28 0.43
N PHE A 224 -41.05 4.35 -0.61
CA PHE A 224 -40.72 5.06 -1.84
C PHE A 224 -41.39 6.42 -1.93
N LEU A 225 -40.58 7.46 -1.98
CA LEU A 225 -41.07 8.84 -1.93
C LEU A 225 -41.40 9.41 -3.32
N SER A 226 -40.99 8.70 -4.37
CA SER A 226 -41.18 9.17 -5.75
C SER A 226 -42.63 9.09 -6.25
N HIS A 227 -43.56 8.82 -5.33
CA HIS A 227 -44.98 8.82 -5.65
C HIS A 227 -45.74 9.92 -4.90
N CYS A 228 -45.00 10.84 -4.29
CA CYS A 228 -45.59 11.97 -3.56
C CYS A 228 -45.50 13.28 -4.35
N LYS A 229 -46.62 13.67 -4.95
CA LYS A 229 -46.66 14.83 -5.83
C LYS A 229 -46.35 16.14 -5.10
N ASP A 230 -46.96 16.33 -3.93
CA ASP A 230 -46.80 17.57 -3.14
C ASP A 230 -45.39 17.76 -2.57
N LEU A 231 -44.63 16.68 -2.49
CA LEU A 231 -43.24 16.72 -2.02
C LEU A 231 -42.30 17.11 -3.16
N ALA A 232 -42.78 16.94 -4.39
CA ALA A 232 -41.98 17.20 -5.58
C ALA A 232 -42.46 18.46 -6.32
N GLN A 233 -42.61 19.56 -5.58
CA GLN A 233 -43.13 20.80 -6.13
C GLN A 233 -42.16 21.97 -6.05
N ILE A 234 -42.18 22.80 -7.09
CA ILE A 234 -41.50 24.09 -7.08
C ILE A 234 -42.57 25.16 -6.97
N ARG A 235 -42.65 25.80 -5.81
CA ARG A 235 -43.63 26.84 -5.53
C ARG A 235 -42.95 28.17 -5.25
N GLU A 236 -43.67 29.26 -5.45
CA GLU A 236 -43.10 30.59 -5.27
C GLU A 236 -43.55 31.27 -3.97
N THR A 237 -42.63 31.33 -3.01
CA THR A 237 -42.83 32.03 -1.74
C THR A 237 -42.51 33.53 -1.91
N PRO A 238 -43.18 34.41 -1.12
CA PRO A 238 -42.93 35.85 -1.24
C PRO A 238 -41.54 36.31 -0.78
N ASP A 239 -40.56 35.43 -0.90
CA ASP A 239 -39.16 35.73 -0.52
C ASP A 239 -38.14 34.89 -1.30
N GLY A 240 -38.65 33.95 -2.10
CA GLY A 240 -37.80 33.11 -2.94
C GLY A 240 -38.57 31.99 -3.61
N TYR A 241 -38.02 30.78 -3.54
CA TYR A 241 -38.65 29.60 -4.14
C TYR A 241 -38.62 28.41 -3.21
N GLY A 242 -39.79 27.84 -2.96
CA GLY A 242 -39.92 26.61 -2.17
C GLY A 242 -39.76 25.39 -3.07
N ILE A 243 -38.58 24.78 -3.02
CA ILE A 243 -38.31 23.59 -3.82
C ILE A 243 -38.34 22.36 -2.91
N GLY A 244 -39.33 21.51 -3.14
CA GLY A 244 -39.51 20.29 -2.35
C GLY A 244 -38.40 19.28 -2.56
N ALA A 245 -38.23 18.39 -1.59
CA ALA A 245 -37.19 17.36 -1.63
C ALA A 245 -37.37 16.38 -2.77
N GLY A 246 -38.61 16.23 -3.24
CA GLY A 246 -38.95 15.30 -4.30
C GLY A 246 -38.63 15.77 -5.71
N VAL A 247 -38.28 17.05 -5.86
CA VAL A 247 -37.97 17.63 -7.17
C VAL A 247 -36.68 17.02 -7.72
N THR A 248 -36.77 16.49 -8.94
CA THR A 248 -35.62 15.84 -9.59
C THR A 248 -34.60 16.86 -10.08
N ILE A 249 -33.34 16.44 -10.13
CA ILE A 249 -32.23 17.31 -10.54
C ILE A 249 -32.45 17.93 -11.93
N ALA A 250 -32.93 17.11 -12.87
CA ALA A 250 -33.25 17.59 -14.22
C ALA A 250 -34.28 18.71 -14.19
N ALA A 251 -35.33 18.52 -13.38
CA ALA A 251 -36.41 19.50 -13.22
C ALA A 251 -35.92 20.76 -12.51
N LEU A 252 -35.02 20.59 -11.54
CA LEU A 252 -34.43 21.72 -10.83
C LEU A 252 -33.56 22.55 -11.76
N ARG A 253 -32.77 21.88 -12.58
CA ARG A 253 -31.96 22.50 -13.62
C ARG A 253 -32.84 23.20 -14.65
N ALA A 254 -33.98 22.57 -14.96
CA ALA A 254 -34.96 23.11 -15.91
C ALA A 254 -35.53 24.42 -15.43
N PHE A 255 -35.89 24.47 -14.15
CA PHE A 255 -36.43 25.68 -13.53
C PHE A 255 -35.38 26.77 -13.36
N ALA A 256 -34.18 26.38 -12.94
CA ALA A 256 -33.07 27.31 -12.70
C ALA A 256 -32.62 28.06 -13.95
N GLU A 257 -32.87 27.47 -15.13
CA GLU A 257 -32.54 28.10 -16.41
C GLU A 257 -32.74 29.62 -16.37
N GLY A 258 -33.90 30.03 -15.89
CA GLY A 258 -34.26 31.44 -15.76
C GLY A 258 -33.57 32.16 -14.60
N PRO A 259 -34.12 32.04 -13.37
CA PRO A 259 -33.64 32.77 -12.19
C PRO A 259 -32.15 32.56 -11.86
N HIS A 260 -31.67 31.31 -11.89
CA HIS A 260 -30.28 30.99 -11.54
C HIS A 260 -29.56 30.20 -12.64
N PRO A 261 -29.10 30.89 -13.70
CA PRO A 261 -28.37 30.21 -14.78
C PRO A 261 -27.06 29.59 -14.32
N ALA A 262 -26.55 30.04 -13.17
CA ALA A 262 -25.34 29.50 -12.57
C ALA A 262 -25.57 28.07 -12.05
N LEU A 263 -26.69 27.88 -11.35
CA LEU A 263 -27.06 26.56 -10.84
C LEU A 263 -27.41 25.59 -11.96
N ALA A 264 -28.13 26.09 -12.97
CA ALA A 264 -28.48 25.31 -14.14
C ALA A 264 -27.24 24.90 -14.93
N GLY A 265 -26.23 25.79 -14.93
CA GLY A 265 -24.94 25.50 -15.55
C GLY A 265 -24.21 24.37 -14.86
N LEU A 266 -24.20 24.41 -13.53
CA LEU A 266 -23.61 23.36 -12.71
C LEU A 266 -24.36 22.03 -12.85
N LEU A 267 -25.69 22.07 -12.68
CA LEU A 267 -26.51 20.85 -12.70
C LEU A 267 -26.50 20.11 -14.05
N ARG A 268 -26.07 20.81 -15.11
CA ARG A 268 -25.83 20.19 -16.41
C ARG A 268 -24.76 19.11 -16.27
N ARG A 269 -23.69 19.44 -15.55
CA ARG A 269 -22.60 18.52 -15.26
C ARG A 269 -22.81 17.72 -13.96
N PHE A 270 -24.07 17.60 -13.54
CA PHE A 270 -24.45 16.74 -12.42
C PHE A 270 -24.85 15.39 -13.00
N ALA A 271 -24.08 14.36 -12.67
CA ALA A 271 -24.33 12.99 -13.14
C ALA A 271 -24.57 12.92 -14.65
N SER A 272 -25.53 12.09 -15.07
CA SER A 272 -25.94 12.00 -16.46
C SER A 272 -27.42 12.36 -16.59
N GLU A 273 -27.91 12.39 -17.83
CA GLU A 273 -29.32 12.70 -18.08
C GLU A 273 -30.25 11.67 -17.46
N GLN A 274 -29.85 10.40 -17.54
CA GLN A 274 -30.65 9.29 -17.04
C GLN A 274 -30.74 9.26 -15.50
N VAL A 275 -29.70 9.77 -14.84
CA VAL A 275 -29.71 9.88 -13.37
C VAL A 275 -30.48 11.13 -12.95
N ARG A 276 -30.28 12.23 -13.67
CA ARG A 276 -30.96 13.49 -13.38
C ARG A 276 -32.48 13.41 -13.47
N GLN A 277 -32.98 12.47 -14.26
CA GLN A 277 -34.42 12.29 -14.43
C GLN A 277 -35.12 11.72 -13.19
N VAL A 278 -34.38 10.98 -12.38
CA VAL A 278 -34.94 10.33 -11.20
C VAL A 278 -34.32 10.78 -9.88
N ALA A 279 -33.02 11.11 -9.90
CA ALA A 279 -32.31 11.58 -8.71
C ALA A 279 -32.84 12.93 -8.25
N THR A 280 -33.04 13.07 -6.93
CA THR A 280 -33.71 14.24 -6.38
C THR A 280 -32.80 15.12 -5.51
N ILE A 281 -33.25 16.33 -5.26
CA ILE A 281 -32.49 17.32 -4.49
C ILE A 281 -32.50 17.00 -2.98
N GLY A 282 -33.61 16.47 -2.50
CA GLY A 282 -33.74 16.06 -1.10
C GLY A 282 -32.84 14.89 -0.77
N GLY A 283 -32.70 13.98 -1.72
CA GLY A 283 -31.80 12.84 -1.59
C GLY A 283 -30.34 13.22 -1.66
N ASN A 284 -30.03 14.20 -2.51
CA ASN A 284 -28.66 14.70 -2.65
C ASN A 284 -28.19 15.38 -1.37
N ILE A 285 -29.08 16.14 -0.74
CA ILE A 285 -28.83 16.78 0.54
C ILE A 285 -28.81 15.74 1.66
N ALA A 286 -29.79 14.83 1.63
CA ALA A 286 -29.95 13.81 2.67
C ALA A 286 -28.90 12.70 2.60
N ASN A 287 -28.20 12.60 1.48
CA ASN A 287 -27.05 11.70 1.37
C ASN A 287 -25.88 12.23 2.18
N GLY A 288 -25.86 13.55 2.39
CA GLY A 288 -24.83 14.23 3.17
C GLY A 288 -23.41 13.97 2.69
N SER A 289 -23.22 14.05 1.38
CA SER A 289 -21.91 13.76 0.77
C SER A 289 -21.02 15.00 0.68
N PRO A 290 -19.73 14.85 1.06
CA PRO A 290 -18.75 15.93 0.88
C PRO A 290 -18.50 16.24 -0.61
N ILE A 291 -18.50 15.21 -1.44
CA ILE A 291 -18.37 15.36 -2.89
C ILE A 291 -19.73 15.54 -3.57
N GLY A 292 -20.77 15.79 -2.76
CA GLY A 292 -22.07 16.19 -3.27
C GLY A 292 -22.00 17.58 -3.88
N ASP A 293 -22.74 17.80 -4.96
CA ASP A 293 -22.66 19.06 -5.73
C ASP A 293 -23.85 19.97 -5.49
N GLY A 294 -24.96 19.41 -5.01
CA GLY A 294 -26.12 20.19 -4.61
C GLY A 294 -25.82 21.18 -3.50
N PRO A 295 -25.33 20.69 -2.33
CA PRO A 295 -25.08 21.55 -1.18
C PRO A 295 -24.18 22.77 -1.43
N PRO A 296 -22.95 22.60 -2.00
CA PRO A 296 -22.07 23.76 -2.11
C PRO A 296 -22.68 24.90 -2.92
N ALA A 297 -23.42 24.54 -3.96
CA ALA A 297 -24.13 25.52 -4.79
C ALA A 297 -25.14 26.32 -3.97
N LEU A 298 -25.99 25.61 -3.23
CA LEU A 298 -27.06 26.23 -2.45
C LEU A 298 -26.54 27.00 -1.23
N ILE A 299 -25.43 26.51 -0.65
CA ILE A 299 -24.79 27.19 0.48
C ILE A 299 -24.14 28.50 0.04
N ALA A 300 -23.57 28.51 -1.16
CA ALA A 300 -22.98 29.73 -1.73
C ALA A 300 -24.05 30.78 -2.04
N MET A 301 -25.21 30.32 -2.51
CA MET A 301 -26.30 31.23 -2.84
C MET A 301 -27.23 31.55 -1.67
N GLY A 302 -26.87 31.04 -0.48
CA GLY A 302 -27.58 31.36 0.76
C GLY A 302 -28.98 30.78 0.84
N ALA A 303 -29.08 29.48 0.62
CA ALA A 303 -30.36 28.78 0.66
C ALA A 303 -30.59 28.10 2.01
N SER A 304 -31.85 28.04 2.43
CA SER A 304 -32.22 27.39 3.67
C SER A 304 -32.83 26.02 3.42
N LEU A 305 -32.68 25.13 4.39
CA LEU A 305 -33.28 23.80 4.32
C LEU A 305 -34.45 23.70 5.30
N THR A 306 -35.44 22.89 4.95
CA THR A 306 -36.60 22.64 5.82
C THR A 306 -36.76 21.14 6.10
N LEU A 307 -36.70 20.79 7.40
CA LEU A 307 -36.84 19.40 7.83
C LEU A 307 -38.22 19.18 8.46
N ARG A 308 -38.77 17.97 8.30
CA ARG A 308 -40.10 17.65 8.82
C ARG A 308 -40.13 16.38 9.67
N ARG A 309 -40.87 16.44 10.78
CA ARG A 309 -41.03 15.31 11.69
C ARG A 309 -42.49 15.21 12.14
N GLY A 310 -43.31 14.55 11.32
CA GLY A 310 -44.75 14.45 11.59
C GLY A 310 -45.44 15.76 11.29
N GLN A 311 -45.83 16.47 12.36
CA GLN A 311 -46.38 17.83 12.24
C GLN A 311 -45.35 18.88 12.61
N GLU A 312 -44.18 18.44 13.06
CA GLU A 312 -43.06 19.32 13.40
C GLU A 312 -42.30 19.75 12.15
N ARG A 313 -41.77 20.97 12.17
CA ARG A 313 -41.10 21.53 11.00
C ARG A 313 -39.96 22.49 11.39
N ARG A 314 -38.72 21.99 11.24
CA ARG A 314 -37.52 22.78 11.50
C ARG A 314 -36.98 23.42 10.23
N ARG A 315 -36.34 24.59 10.39
CA ARG A 315 -35.77 25.34 9.28
C ARG A 315 -34.42 25.89 9.69
N MET A 316 -33.47 25.93 8.76
CA MET A 316 -32.11 26.38 9.04
C MET A 316 -31.34 26.69 7.75
N PRO A 317 -30.22 27.43 7.86
CA PRO A 317 -29.30 27.53 6.72
C PRO A 317 -28.69 26.17 6.39
N LEU A 318 -28.61 25.85 5.10
CA LEU A 318 -28.22 24.51 4.64
C LEU A 318 -26.88 24.01 5.16
N GLU A 319 -25.90 24.91 5.30
CA GLU A 319 -24.56 24.56 5.79
C GLU A 319 -24.57 23.99 7.21
N ASP A 320 -25.55 24.41 8.01
CA ASP A 320 -25.67 23.95 9.40
C ASP A 320 -26.20 22.52 9.51
N PHE A 321 -26.93 22.07 8.49
CA PHE A 321 -27.44 20.71 8.43
C PHE A 321 -26.31 19.69 8.43
N PHE A 322 -25.20 20.05 7.80
CA PHE A 322 -24.03 19.18 7.71
C PHE A 322 -23.09 19.40 8.90
N LEU A 323 -23.11 18.47 9.84
CA LEU A 323 -22.30 18.56 11.06
C LEU A 323 -20.88 18.04 10.86
N GLU A 324 -20.76 16.74 10.59
CA GLU A 324 -19.47 16.09 10.38
C GLU A 324 -19.54 15.09 9.24
N TYR A 325 -18.38 14.53 8.88
CA TYR A 325 -18.30 13.47 7.87
C TYR A 325 -19.28 12.35 8.22
N ARG A 326 -20.21 12.08 7.30
CA ARG A 326 -21.27 11.07 7.46
C ARG A 326 -22.17 11.30 8.69
N LYS A 327 -22.32 12.58 9.06
CA LYS A 327 -23.11 12.97 10.23
C LYS A 327 -23.92 14.24 9.93
N GLN A 328 -25.24 14.16 10.03
CA GLN A 328 -26.12 15.28 9.71
C GLN A 328 -27.01 15.70 10.89
N ASP A 329 -27.67 16.84 10.74
CA ASP A 329 -28.53 17.39 11.78
C ASP A 329 -29.96 16.85 11.62
N ARG A 330 -30.08 15.53 11.77
CA ARG A 330 -31.34 14.83 11.53
C ARG A 330 -31.81 14.08 12.78
N ARG A 331 -33.06 14.32 13.19
CA ARG A 331 -33.66 13.66 14.35
C ARG A 331 -34.19 12.27 13.95
N PRO A 332 -34.45 11.39 14.95
CA PRO A 332 -35.18 10.16 14.67
C PRO A 332 -36.59 10.44 14.16
N GLY A 333 -36.92 9.92 12.98
CA GLY A 333 -38.22 10.15 12.35
C GLY A 333 -38.33 11.45 11.58
N GLU A 334 -37.21 12.13 11.41
CA GLU A 334 -37.17 13.42 10.70
C GLU A 334 -36.67 13.25 9.27
N PHE A 335 -37.38 13.85 8.33
CA PHE A 335 -37.00 13.81 6.92
C PHE A 335 -36.83 15.19 6.29
N VAL A 336 -36.00 15.26 5.25
CA VAL A 336 -35.83 16.46 4.44
C VAL A 336 -37.12 16.71 3.66
N GLU A 337 -37.72 17.87 3.85
CA GLU A 337 -38.97 18.21 3.18
C GLU A 337 -38.74 19.11 1.96
N SER A 338 -37.98 20.20 2.15
CA SER A 338 -37.77 21.19 1.09
C SER A 338 -36.56 22.08 1.32
N VAL A 339 -36.27 22.92 0.31
CA VAL A 339 -35.26 23.97 0.41
C VAL A 339 -35.81 25.28 -0.13
N THR A 340 -35.31 26.41 0.38
CA THR A 340 -35.74 27.72 -0.09
C THR A 340 -34.55 28.51 -0.63
N LEU A 341 -34.64 28.90 -1.90
CA LEU A 341 -33.62 29.72 -2.53
C LEU A 341 -34.18 31.11 -2.76
N PRO A 342 -33.40 32.17 -2.49
CA PRO A 342 -33.86 33.53 -2.76
C PRO A 342 -34.07 33.79 -4.25
N LYS A 343 -34.99 34.71 -4.57
CA LYS A 343 -35.37 35.02 -5.95
C LYS A 343 -34.20 35.21 -6.91
N SER A 344 -33.17 35.92 -6.45
CA SER A 344 -32.01 36.25 -7.27
C SER A 344 -30.69 35.90 -6.57
N ALA A 345 -29.65 35.67 -7.39
CA ALA A 345 -28.28 35.43 -6.90
C ALA A 345 -27.27 35.69 -8.02
N PRO A 346 -27.10 36.97 -8.41
CA PRO A 346 -26.36 37.33 -9.62
C PRO A 346 -24.86 37.08 -9.52
N GLY A 347 -24.31 37.15 -8.31
CA GLY A 347 -22.87 36.97 -8.09
C GLY A 347 -22.44 35.53 -7.93
N LEU A 348 -23.40 34.61 -8.01
CA LEU A 348 -23.15 33.19 -7.86
C LEU A 348 -22.39 32.64 -9.07
N ARG A 349 -21.43 31.76 -8.79
CA ARG A 349 -20.71 31.02 -9.81
C ARG A 349 -20.48 29.60 -9.34
N CYS A 350 -20.36 28.66 -10.28
CA CYS A 350 -20.21 27.26 -9.92
C CYS A 350 -19.08 26.57 -10.67
N TYR A 351 -18.05 26.19 -9.92
CA TYR A 351 -16.89 25.53 -10.51
C TYR A 351 -16.77 24.07 -10.08
N LYS A 352 -17.05 23.17 -11.03
CA LYS A 352 -16.88 21.75 -10.82
C LYS A 352 -15.61 21.30 -11.54
N LEU A 353 -14.70 20.69 -10.79
CA LEU A 353 -13.46 20.15 -11.34
C LEU A 353 -13.42 18.64 -11.19
N SER A 354 -13.03 17.96 -12.27
CA SER A 354 -12.97 16.50 -12.33
C SER A 354 -12.16 16.04 -13.54
N LYS A 355 -11.71 14.78 -13.53
CA LYS A 355 -10.89 14.21 -14.61
C LYS A 355 -11.51 14.38 -16.00
N ARG A 356 -12.81 14.11 -16.08
CA ARG A 356 -13.60 14.25 -17.30
C ARG A 356 -14.67 15.28 -17.01
N PHE A 357 -15.18 15.95 -18.05
CA PHE A 357 -16.23 16.96 -17.85
C PHE A 357 -17.58 16.31 -17.52
N ASP A 358 -18.08 15.49 -18.45
CA ASP A 358 -19.40 14.88 -18.32
C ASP A 358 -19.40 13.62 -17.48
N GLN A 359 -20.47 13.45 -16.69
CA GLN A 359 -20.69 12.25 -15.89
C GLN A 359 -19.48 11.92 -15.01
N ASP A 360 -19.22 12.80 -14.03
CA ASP A 360 -18.06 12.61 -13.15
C ASP A 360 -18.35 13.11 -11.73
N ILE A 361 -17.52 12.67 -10.79
CA ILE A 361 -17.59 13.12 -9.41
C ILE A 361 -16.49 14.16 -9.15
N SER A 362 -16.88 15.30 -8.57
CA SER A 362 -15.98 16.43 -8.32
C SER A 362 -14.78 16.09 -7.44
N ALA A 363 -13.63 16.62 -7.81
CA ALA A 363 -12.47 16.62 -6.92
C ALA A 363 -12.70 17.79 -5.98
N VAL A 364 -12.67 18.99 -6.53
CA VAL A 364 -13.00 20.21 -5.81
C VAL A 364 -14.24 20.81 -6.47
N CYS A 365 -15.10 21.40 -5.64
CA CYS A 365 -16.26 22.06 -6.16
C CYS A 365 -16.38 23.46 -5.57
N GLY A 366 -15.85 24.44 -6.30
CA GLY A 366 -15.85 25.82 -5.85
C GLY A 366 -17.13 26.55 -6.18
N CYS A 367 -17.72 27.19 -5.18
CA CYS A 367 -18.92 28.00 -5.35
C CYS A 367 -18.73 29.36 -4.69
N LEU A 368 -18.53 30.36 -5.54
CA LEU A 368 -18.25 31.72 -5.07
C LEU A 368 -19.43 32.64 -5.35
N ASN A 369 -19.72 33.50 -4.37
CA ASN A 369 -20.83 34.44 -4.46
C ASN A 369 -20.56 35.72 -3.67
N LEU A 370 -20.01 36.72 -4.34
CA LEU A 370 -19.74 38.01 -3.73
C LEU A 370 -20.73 39.07 -4.20
N THR A 371 -21.06 39.99 -3.30
CA THR A 371 -21.82 41.18 -3.64
C THR A 371 -20.91 42.39 -3.43
N LEU A 372 -21.10 43.42 -4.26
CA LEU A 372 -20.19 44.56 -4.27
C LEU A 372 -20.87 45.90 -3.98
N LYS A 373 -20.22 46.71 -3.15
CA LYS A 373 -20.63 48.08 -2.92
C LYS A 373 -19.80 48.98 -3.84
N GLY A 374 -19.84 48.67 -5.13
CA GLY A 374 -19.07 49.40 -6.15
C GLY A 374 -17.58 49.39 -5.89
N SER A 375 -16.91 48.34 -6.35
CA SER A 375 -15.45 48.16 -6.19
C SER A 375 -15.05 47.41 -4.90
N LYS A 376 -15.83 47.58 -3.83
CA LYS A 376 -15.54 46.95 -2.54
C LYS A 376 -16.45 45.77 -2.23
N ILE A 377 -15.93 44.81 -1.48
CA ILE A 377 -16.63 43.54 -1.21
C ILE A 377 -17.55 43.61 0.01
N GLU A 378 -18.85 43.50 -0.23
CA GLU A 378 -19.88 43.52 0.81
C GLU A 378 -19.95 42.20 1.58
N THR A 379 -20.41 41.15 0.92
CA THR A 379 -20.61 39.84 1.52
C THR A 379 -19.82 38.78 0.77
N ALA A 380 -19.19 37.88 1.52
CA ALA A 380 -18.48 36.75 0.93
C ALA A 380 -19.17 35.43 1.28
N ARG A 381 -19.75 34.81 0.26
CA ARG A 381 -20.31 33.46 0.38
C ARG A 381 -19.56 32.51 -0.57
N ILE A 382 -18.56 31.84 -0.02
CA ILE A 382 -17.68 30.95 -0.78
C ILE A 382 -17.69 29.56 -0.16
N ALA A 383 -18.34 28.61 -0.83
CA ALA A 383 -18.51 27.24 -0.32
C ALA A 383 -17.85 26.19 -1.20
N PHE A 384 -17.36 25.12 -0.57
CA PHE A 384 -16.61 24.07 -1.25
C PHE A 384 -17.12 22.65 -1.03
N GLY A 385 -17.01 21.84 -2.09
CA GLY A 385 -17.25 20.41 -2.00
C GLY A 385 -15.97 19.65 -2.26
N GLY A 386 -15.81 18.51 -1.58
CA GLY A 386 -14.63 17.65 -1.74
C GLY A 386 -13.34 18.20 -1.14
N MET A 387 -13.47 19.29 -0.39
CA MET A 387 -12.34 19.95 0.28
C MET A 387 -12.21 19.53 1.73
N ALA A 388 -13.34 19.15 2.32
CA ALA A 388 -13.40 18.66 3.70
C ALA A 388 -14.21 17.37 3.77
N GLY A 389 -14.55 16.96 4.99
CA GLY A 389 -15.44 15.81 5.21
C GLY A 389 -16.89 16.23 5.10
N VAL A 390 -17.10 17.53 4.93
CA VAL A 390 -18.43 18.11 4.93
C VAL A 390 -18.41 19.32 3.98
N PRO A 391 -19.52 19.56 3.24
CA PRO A 391 -19.59 20.78 2.44
C PRO A 391 -19.70 22.02 3.33
N LYS A 392 -18.67 22.86 3.33
CA LYS A 392 -18.65 24.04 4.19
C LYS A 392 -18.09 25.30 3.51
N ARG A 393 -18.29 26.44 4.16
CA ARG A 393 -17.80 27.73 3.67
C ARG A 393 -16.35 27.95 4.07
N ALA A 394 -15.67 28.84 3.33
CA ALA A 394 -14.29 29.18 3.60
C ALA A 394 -14.18 30.34 4.58
N ALA A 395 -14.42 30.05 5.87
CA ALA A 395 -14.52 31.06 6.94
C ALA A 395 -13.43 32.13 6.93
N ALA A 396 -12.17 31.71 7.07
CA ALA A 396 -11.02 32.63 7.15
C ALA A 396 -10.80 33.39 5.84
N PHE A 397 -11.01 32.71 4.71
CA PHE A 397 -10.90 33.32 3.39
C PHE A 397 -12.00 34.36 3.15
N GLU A 398 -13.23 34.05 3.60
CA GLU A 398 -14.37 34.94 3.50
C GLU A 398 -14.16 36.20 4.32
N ALA A 399 -13.79 36.02 5.58
CA ALA A 399 -13.60 37.13 6.52
C ALA A 399 -12.54 38.12 6.03
N ALA A 400 -11.44 37.59 5.50
CA ALA A 400 -10.33 38.41 5.00
C ALA A 400 -10.68 39.16 3.71
N LEU A 401 -11.71 38.68 3.02
CA LEU A 401 -12.13 39.23 1.74
C LEU A 401 -13.07 40.44 1.89
N ILE A 402 -13.84 40.46 2.99
CA ILE A 402 -14.79 41.54 3.26
C ILE A 402 -14.08 42.86 3.54
N GLY A 403 -14.48 43.90 2.83
CA GLY A 403 -13.88 45.24 2.98
C GLY A 403 -12.81 45.55 1.96
N GLN A 404 -12.26 44.51 1.35
CA GLN A 404 -11.22 44.63 0.32
C GLN A 404 -11.78 45.10 -1.02
N ASP A 405 -10.88 45.48 -1.92
CA ASP A 405 -11.23 45.76 -3.31
C ASP A 405 -11.40 44.46 -4.08
N PHE A 406 -12.30 44.47 -5.05
CA PHE A 406 -12.50 43.30 -5.92
C PHE A 406 -11.56 43.34 -7.11
N ARG A 407 -10.33 42.89 -6.88
CA ARG A 407 -9.27 42.86 -7.89
C ARG A 407 -8.41 41.62 -7.66
N GLU A 408 -7.69 41.19 -8.69
CA GLU A 408 -6.90 39.95 -8.64
C GLU A 408 -5.87 39.89 -7.51
N ASP A 409 -5.11 40.98 -7.34
CA ASP A 409 -4.02 41.03 -6.35
C ASP A 409 -4.47 40.85 -4.90
N THR A 410 -5.62 41.43 -4.55
CA THR A 410 -6.20 41.32 -3.21
C THR A 410 -6.64 39.89 -2.93
N ILE A 411 -7.38 39.30 -3.88
CA ILE A 411 -7.84 37.91 -3.79
C ILE A 411 -6.63 36.96 -3.75
N ALA A 412 -5.61 37.27 -4.55
CA ALA A 412 -4.36 36.51 -4.58
C ALA A 412 -3.66 36.53 -3.22
N ALA A 413 -3.75 37.66 -2.52
CA ALA A 413 -3.13 37.83 -1.21
C ALA A 413 -3.84 37.06 -0.09
N ALA A 414 -5.14 36.80 -0.28
CA ALA A 414 -5.94 36.08 0.71
C ALA A 414 -5.95 34.57 0.49
N LEU A 415 -5.38 34.12 -0.64
CA LEU A 415 -5.38 32.70 -1.00
C LEU A 415 -4.78 31.75 0.03
N PRO A 416 -3.70 32.17 0.73
CA PRO A 416 -3.14 31.31 1.79
C PRO A 416 -4.14 30.90 2.87
N LEU A 417 -5.15 31.72 3.11
CA LEU A 417 -6.13 31.48 4.19
C LEU A 417 -7.05 30.28 3.92
N LEU A 418 -7.18 29.91 2.65
CA LEU A 418 -7.91 28.70 2.25
C LEU A 418 -7.21 27.43 2.76
N ALA A 419 -5.89 27.50 2.91
CA ALA A 419 -5.10 26.41 3.46
C ALA A 419 -5.30 26.27 4.98
N GLN A 420 -5.99 27.24 5.57
CA GLN A 420 -6.40 27.17 6.97
C GLN A 420 -7.84 26.69 7.08
N ASP A 421 -8.62 26.96 6.04
CA ASP A 421 -10.03 26.57 6.00
C ASP A 421 -10.20 25.07 5.77
N PHE A 422 -9.31 24.48 4.97
CA PHE A 422 -9.38 23.06 4.64
C PHE A 422 -8.01 22.37 4.66
N THR A 423 -8.04 21.06 4.86
CA THR A 423 -6.86 20.21 4.72
C THR A 423 -7.31 19.00 3.90
N PRO A 424 -7.29 19.12 2.56
CA PRO A 424 -7.94 18.18 1.66
C PRO A 424 -7.30 16.80 1.64
N LEU A 425 -7.98 15.84 1.01
CA LEU A 425 -7.53 14.45 0.94
C LEU A 425 -6.82 14.13 -0.36
N SER A 426 -6.04 13.04 -0.34
CA SER A 426 -5.47 12.47 -1.56
C SER A 426 -6.12 11.11 -1.83
N ASP A 427 -6.68 10.96 -3.03
CA ASP A 427 -7.24 9.68 -3.47
C ASP A 427 -7.06 9.54 -4.98
N MET A 428 -7.79 8.61 -5.59
CA MET A 428 -7.68 8.35 -7.03
C MET A 428 -8.10 9.54 -7.90
N ARG A 429 -8.95 10.41 -7.34
CA ARG A 429 -9.44 11.57 -8.08
C ARG A 429 -8.42 12.70 -8.16
N ALA A 430 -7.88 13.08 -7.01
CA ALA A 430 -6.90 14.16 -6.93
C ALA A 430 -6.04 14.05 -5.68
N SER A 431 -4.82 14.58 -5.76
CA SER A 431 -3.95 14.73 -4.61
C SER A 431 -4.43 15.92 -3.79
N ALA A 432 -4.09 15.92 -2.50
CA ALA A 432 -4.40 17.04 -1.62
C ALA A 432 -3.80 18.33 -2.16
N ALA A 433 -2.56 18.23 -2.65
CA ALA A 433 -1.85 19.35 -3.25
C ALA A 433 -2.69 20.02 -4.34
N TYR A 434 -3.17 19.21 -5.28
CA TYR A 434 -3.97 19.66 -6.41
C TYR A 434 -5.33 20.21 -5.98
N ARG A 435 -5.97 19.53 -5.02
CA ARG A 435 -7.25 19.97 -4.47
C ARG A 435 -7.13 21.35 -3.85
N MET A 436 -6.08 21.54 -3.06
CA MET A 436 -5.77 22.83 -2.43
C MET A 436 -5.48 23.89 -3.50
N ASN A 437 -4.67 23.51 -4.47
CA ASN A 437 -4.32 24.40 -5.59
C ASN A 437 -5.56 24.82 -6.39
N ALA A 438 -6.48 23.87 -6.59
CA ALA A 438 -7.68 24.09 -7.38
C ALA A 438 -8.64 25.06 -6.70
N ALA A 439 -8.77 24.94 -5.38
CA ALA A 439 -9.61 25.85 -4.60
C ALA A 439 -9.10 27.29 -4.71
N GLN A 440 -7.78 27.45 -4.68
CA GLN A 440 -7.14 28.74 -4.87
C GLN A 440 -7.23 29.22 -6.32
N ALA A 441 -7.17 28.26 -7.25
CA ALA A 441 -7.28 28.56 -8.68
C ALA A 441 -8.67 29.04 -9.05
N MET A 442 -9.69 28.58 -8.32
CA MET A 442 -11.08 28.95 -8.57
C MET A 442 -11.40 30.37 -8.13
N ALA A 443 -10.67 30.86 -7.13
CA ALA A 443 -10.85 32.22 -6.62
C ALA A 443 -10.35 33.26 -7.62
N LEU A 444 -9.16 33.01 -8.19
CA LEU A 444 -8.62 33.86 -9.25
C LEU A 444 -9.51 33.80 -10.48
N ARG A 445 -10.03 32.60 -10.75
CA ARG A 445 -10.96 32.35 -11.85
C ARG A 445 -12.27 33.15 -11.71
N TYR A 446 -12.74 33.30 -10.47
CA TYR A 446 -13.98 34.03 -10.19
C TYR A 446 -13.84 35.52 -10.48
N VAL A 447 -12.71 36.11 -10.08
CA VAL A 447 -12.44 37.53 -10.32
C VAL A 447 -12.29 37.80 -11.82
N ARG A 448 -11.63 36.88 -12.52
CA ARG A 448 -11.37 37.00 -13.95
C ARG A 448 -12.65 36.87 -14.80
N GLU A 449 -13.50 35.92 -14.45
CA GLU A 449 -14.76 35.72 -15.17
C GLU A 449 -15.69 36.91 -14.98
N LEU A 450 -15.66 37.51 -13.79
CA LEU A 450 -16.47 38.68 -13.48
C LEU A 450 -15.94 39.96 -14.12
N SER A 451 -14.65 39.99 -14.42
CA SER A 451 -14.03 41.15 -15.10
C SER A 451 -14.05 41.02 -16.63
N GLY A 452 -14.81 40.04 -17.13
CA GLY A 452 -15.00 39.87 -18.57
C GLY A 452 -13.92 39.08 -19.30
N GLU A 453 -12.98 38.52 -18.55
CA GLU A 453 -11.90 37.72 -19.11
C GLU A 453 -12.37 36.33 -19.48
N ALA A 454 -11.80 35.75 -20.54
CA ALA A 454 -12.09 34.39 -20.95
C ALA A 454 -11.44 33.39 -20.00
N VAL A 455 -12.23 32.47 -19.45
CA VAL A 455 -11.75 31.55 -18.42
C VAL A 455 -12.17 30.11 -18.67
N ALA A 456 -13.42 29.91 -19.11
CA ALA A 456 -13.97 28.56 -19.30
C ALA A 456 -13.49 27.90 -20.58
N VAL A 457 -12.95 26.68 -20.44
CA VAL A 457 -12.38 25.95 -21.57
C VAL A 457 -13.48 25.26 -22.38
N LEU A 458 -14.61 25.01 -21.74
CA LEU A 458 -15.76 24.36 -22.37
C LEU A 458 -16.47 25.27 -23.36
N GLU A 459 -16.31 26.58 -23.16
CA GLU A 459 -16.96 27.57 -24.01
C GLU A 459 -16.19 27.89 -25.30
N VAL A 460 -14.95 27.41 -25.38
CA VAL A 460 -14.07 27.69 -26.53
C VAL A 460 -14.60 27.09 -27.84
N MET A 461 -14.50 27.87 -28.91
CA MET A 461 -14.94 27.44 -30.24
C MET A 461 -13.81 26.81 -31.05
N PRO A 462 -14.08 25.62 -31.63
CA PRO A 462 -13.14 24.91 -32.53
C PRO A 462 -12.84 25.68 -33.80
N SER B 2 -17.82 -7.75 -53.85
CA SER B 2 -18.40 -6.92 -52.74
C SER B 2 -17.32 -6.17 -52.00
N VAL B 3 -16.09 -6.68 -52.09
CA VAL B 3 -14.92 -6.07 -51.47
C VAL B 3 -14.76 -4.63 -51.94
N GLY B 4 -14.64 -3.71 -50.99
CA GLY B 4 -14.45 -2.30 -51.32
C GLY B 4 -15.70 -1.45 -51.24
N LYS B 5 -16.85 -2.10 -51.04
CA LYS B 5 -18.12 -1.40 -50.83
C LYS B 5 -18.26 -1.00 -49.37
N PRO B 6 -18.81 0.20 -49.10
CA PRO B 6 -19.06 0.61 -47.72
C PRO B 6 -20.33 -0.05 -47.15
N LEU B 7 -20.29 -1.37 -47.00
CA LEU B 7 -21.44 -2.13 -46.50
C LEU B 7 -21.50 -2.13 -44.97
N PRO B 8 -22.71 -2.34 -44.40
CA PRO B 8 -22.86 -2.24 -42.95
C PRO B 8 -22.43 -3.52 -42.21
N HIS B 9 -22.23 -3.40 -40.90
CA HIS B 9 -21.87 -4.53 -40.01
C HIS B 9 -22.83 -5.71 -40.16
N ASP B 10 -22.31 -6.92 -39.94
CA ASP B 10 -23.07 -8.16 -40.16
C ASP B 10 -24.30 -8.33 -39.26
N SER B 11 -24.26 -7.72 -38.08
CA SER B 11 -25.38 -7.80 -37.14
C SER B 11 -25.95 -6.42 -36.83
N ALA B 12 -25.71 -5.47 -37.74
CA ALA B 12 -26.10 -4.06 -37.55
C ALA B 12 -27.58 -3.88 -37.15
N ARG B 13 -28.47 -4.57 -37.86
CA ARG B 13 -29.90 -4.50 -37.53
C ARG B 13 -30.18 -5.23 -36.22
N ALA B 14 -29.58 -6.40 -36.05
CA ALA B 14 -29.73 -7.19 -34.84
C ALA B 14 -29.29 -6.42 -33.60
N HIS B 15 -28.23 -5.62 -33.74
CA HIS B 15 -27.73 -4.75 -32.67
C HIS B 15 -28.79 -3.73 -32.32
N VAL B 16 -29.19 -2.99 -33.34
CA VAL B 16 -30.11 -1.86 -33.25
C VAL B 16 -31.50 -2.21 -32.70
N THR B 17 -31.89 -3.48 -32.86
CA THR B 17 -33.18 -4.00 -32.38
C THR B 17 -33.07 -4.63 -31.00
N GLY B 18 -31.86 -5.00 -30.60
CA GLY B 18 -31.63 -5.64 -29.31
C GLY B 18 -31.72 -7.16 -29.38
N GLN B 19 -31.82 -7.67 -30.60
CA GLN B 19 -31.95 -9.12 -30.85
C GLN B 19 -30.61 -9.85 -30.90
N ALA B 20 -29.51 -9.10 -30.97
CA ALA B 20 -28.18 -9.70 -30.98
C ALA B 20 -27.90 -10.32 -29.62
N ARG B 21 -27.64 -11.63 -29.63
CA ARG B 21 -27.36 -12.38 -28.42
C ARG B 21 -25.90 -12.28 -28.00
N TYR B 22 -25.68 -12.01 -26.73
CA TYR B 22 -24.36 -12.14 -26.13
C TYR B 22 -24.43 -13.30 -25.13
N LEU B 23 -23.31 -13.64 -24.50
CA LEU B 23 -23.29 -14.84 -23.66
C LEU B 23 -24.37 -14.87 -22.58
N ASP B 24 -24.45 -13.81 -21.77
CA ASP B 24 -25.43 -13.75 -20.70
C ASP B 24 -26.87 -13.71 -21.22
N ASP B 25 -27.02 -13.46 -22.52
CA ASP B 25 -28.35 -13.45 -23.16
C ASP B 25 -28.85 -14.83 -23.54
N LEU B 26 -27.93 -15.74 -23.87
CA LEU B 26 -28.29 -17.09 -24.32
C LEU B 26 -29.15 -17.82 -23.30
N PRO B 27 -30.30 -18.38 -23.74
CA PRO B 27 -31.17 -19.15 -22.84
C PRO B 27 -30.52 -20.48 -22.47
N CYS B 28 -30.66 -20.91 -21.21
CA CYS B 28 -30.10 -22.20 -20.80
C CYS B 28 -30.95 -22.93 -19.74
N PRO B 29 -30.67 -24.23 -19.51
CA PRO B 29 -31.51 -25.08 -18.64
C PRO B 29 -31.81 -24.47 -17.28
N ALA B 30 -33.00 -24.78 -16.76
CA ALA B 30 -33.48 -24.23 -15.50
C ALA B 30 -32.47 -24.41 -14.36
N ASN B 31 -31.67 -25.47 -14.44
CA ASN B 31 -30.76 -25.82 -13.35
C ASN B 31 -29.34 -25.23 -13.46
N THR B 32 -29.14 -24.31 -14.40
CA THR B 32 -27.83 -23.67 -14.60
C THR B 32 -27.37 -22.96 -13.33
N LEU B 33 -26.21 -23.37 -12.84
CA LEU B 33 -25.58 -22.75 -11.67
C LEU B 33 -24.78 -21.54 -12.08
N HIS B 34 -24.55 -20.65 -11.11
CA HIS B 34 -23.88 -19.39 -11.36
C HIS B 34 -22.66 -19.24 -10.46
N LEU B 35 -21.57 -18.78 -11.04
CA LEU B 35 -20.28 -18.80 -10.36
C LEU B 35 -19.74 -17.41 -10.01
N ALA B 36 -19.03 -17.34 -8.90
CA ALA B 36 -18.36 -16.12 -8.46
C ALA B 36 -17.06 -16.51 -7.74
N PHE B 37 -16.02 -15.70 -7.92
CA PHE B 37 -14.74 -15.97 -7.27
C PHE B 37 -14.70 -15.32 -5.89
N GLY B 38 -14.01 -15.98 -4.96
CA GLY B 38 -13.67 -15.37 -3.68
C GLY B 38 -12.27 -14.83 -3.83
N LEU B 39 -12.12 -13.51 -3.72
CA LEU B 39 -10.85 -12.82 -4.02
C LEU B 39 -9.97 -12.55 -2.81
N SER B 40 -8.67 -12.48 -3.05
CA SER B 40 -7.67 -12.13 -2.03
C SER B 40 -7.72 -10.65 -1.65
N THR B 41 -7.47 -10.37 -0.37
CA THR B 41 -7.46 -9.00 0.13
C THR B 41 -6.04 -8.52 0.44
N GLU B 42 -5.07 -9.42 0.31
CA GLU B 42 -3.66 -9.12 0.53
C GLU B 42 -2.89 -9.10 -0.79
N ALA B 43 -1.83 -8.29 -0.83
CA ALA B 43 -1.04 -8.12 -2.04
C ALA B 43 0.01 -9.23 -2.21
N SER B 44 0.46 -9.77 -1.08
CA SER B 44 1.50 -10.81 -1.06
C SER B 44 1.53 -11.47 0.30
N ALA B 45 0.92 -12.64 0.41
CA ALA B 45 0.81 -13.35 1.69
C ALA B 45 0.73 -14.86 1.50
N ALA B 46 1.02 -15.60 2.55
CA ALA B 46 0.72 -17.02 2.61
C ALA B 46 -0.64 -17.20 3.28
N ILE B 47 -1.42 -18.17 2.81
CA ILE B 47 -2.73 -18.43 3.40
C ILE B 47 -2.61 -19.44 4.55
N THR B 48 -2.63 -18.92 5.78
CA THR B 48 -2.48 -19.72 6.99
C THR B 48 -3.76 -20.49 7.30
N GLY B 49 -4.90 -19.86 7.02
CA GLY B 49 -6.21 -20.45 7.29
C GLY B 49 -7.25 -20.03 6.28
N LEU B 50 -8.13 -20.96 5.95
CA LEU B 50 -9.20 -20.73 4.97
C LEU B 50 -10.47 -21.45 5.42
N ASP B 51 -11.37 -20.71 6.06
CA ASP B 51 -12.63 -21.26 6.54
C ASP B 51 -13.76 -20.89 5.60
N LEU B 52 -14.27 -21.89 4.89
CA LEU B 52 -15.32 -21.68 3.90
C LEU B 52 -16.67 -22.17 4.40
N GLU B 53 -16.79 -22.36 5.71
CA GLU B 53 -18.04 -22.81 6.32
C GLU B 53 -19.20 -21.82 6.10
N PRO B 54 -18.98 -20.51 6.40
CA PRO B 54 -20.04 -19.54 6.15
C PRO B 54 -20.38 -19.37 4.66
N VAL B 55 -19.45 -19.78 3.79
CA VAL B 55 -19.67 -19.75 2.34
C VAL B 55 -20.61 -20.88 1.91
N ARG B 56 -20.44 -22.06 2.50
CA ARG B 56 -21.32 -23.20 2.22
C ARG B 56 -22.70 -23.01 2.83
N GLU B 57 -22.76 -22.44 4.04
CA GLU B 57 -24.03 -22.16 4.71
C GLU B 57 -24.84 -21.08 4.00
N SER B 58 -24.15 -20.18 3.30
CA SER B 58 -24.82 -19.10 2.56
C SER B 58 -25.90 -19.68 1.63
N PRO B 59 -27.08 -19.02 1.59
CA PRO B 59 -28.23 -19.51 0.83
C PRO B 59 -27.94 -19.74 -0.66
N GLY B 60 -28.58 -20.75 -1.23
CA GLY B 60 -28.51 -21.03 -2.66
C GLY B 60 -27.20 -21.61 -3.20
N VAL B 61 -26.20 -21.76 -2.33
CA VAL B 61 -24.90 -22.28 -2.75
C VAL B 61 -24.93 -23.80 -2.88
N ILE B 62 -24.50 -24.30 -4.04
CA ILE B 62 -24.51 -25.74 -4.32
C ILE B 62 -23.11 -26.36 -4.11
N ALA B 63 -22.07 -25.66 -4.55
CA ALA B 63 -20.70 -26.17 -4.45
C ALA B 63 -19.68 -25.06 -4.21
N VAL B 64 -18.65 -25.37 -3.41
CA VAL B 64 -17.54 -24.45 -3.14
C VAL B 64 -16.22 -25.15 -3.47
N PHE B 65 -15.34 -24.45 -4.19
CA PHE B 65 -14.12 -25.06 -4.72
C PHE B 65 -12.82 -24.36 -4.30
N THR B 66 -11.84 -25.17 -3.90
CA THR B 66 -10.48 -24.71 -3.61
C THR B 66 -9.58 -25.26 -4.72
N ALA B 67 -8.35 -24.76 -4.79
CA ALA B 67 -7.35 -25.29 -5.71
C ALA B 67 -7.19 -26.81 -5.52
N ALA B 68 -7.26 -27.26 -4.26
CA ALA B 68 -7.18 -28.68 -3.94
C ALA B 68 -8.34 -29.50 -4.52
N ASP B 69 -9.45 -28.81 -4.81
CA ASP B 69 -10.64 -29.47 -5.34
C ASP B 69 -10.59 -29.62 -6.87
N LEU B 70 -9.57 -29.06 -7.49
CA LEU B 70 -9.42 -29.12 -8.94
C LEU B 70 -8.86 -30.46 -9.38
N PRO B 71 -9.60 -31.19 -10.24
CA PRO B 71 -9.01 -32.35 -10.90
C PRO B 71 -7.97 -31.88 -11.91
N HIS B 72 -6.83 -32.55 -11.95
CA HIS B 72 -5.77 -32.22 -12.92
C HIS B 72 -5.26 -30.76 -12.83
N ASP B 73 -5.03 -30.14 -13.99
CA ASP B 73 -4.32 -28.86 -14.07
C ASP B 73 -4.99 -27.70 -13.34
N ASN B 74 -4.17 -26.73 -12.95
CA ASN B 74 -4.62 -25.48 -12.33
C ASN B 74 -3.86 -24.32 -12.97
N ASP B 75 -4.00 -24.18 -14.28
CA ASP B 75 -3.25 -23.17 -15.02
C ASP B 75 -4.11 -22.50 -16.07
N ALA B 76 -4.00 -21.17 -16.14
CA ALA B 76 -4.76 -20.39 -17.11
C ALA B 76 -3.84 -19.45 -17.89
N SER B 77 -2.54 -19.59 -17.67
CA SER B 77 -1.56 -18.70 -18.29
C SER B 77 -1.42 -18.97 -19.80
N PRO B 78 -1.40 -17.90 -20.61
CA PRO B 78 -1.04 -18.07 -22.02
C PRO B 78 0.48 -18.24 -22.17
N ALA B 79 1.22 -18.04 -21.07
CA ALA B 79 2.66 -18.27 -21.03
C ALA B 79 2.99 -19.77 -20.88
N PRO B 80 4.23 -20.17 -21.18
CA PRO B 80 4.70 -21.51 -20.77
C PRO B 80 4.74 -21.65 -19.25
N SER B 81 5.01 -20.56 -18.54
CA SER B 81 5.03 -20.55 -17.07
C SER B 81 3.62 -20.58 -16.48
N PRO B 82 3.46 -21.20 -15.29
CA PRO B 82 2.12 -21.40 -14.73
C PRO B 82 1.55 -20.19 -14.00
N GLU B 83 0.22 -20.03 -14.11
CA GLU B 83 -0.54 -19.02 -13.39
C GLU B 83 -1.81 -19.69 -12.90
N PRO B 84 -1.96 -19.86 -11.57
CA PRO B 84 -3.09 -20.64 -11.04
C PRO B 84 -4.44 -19.96 -11.29
N VAL B 85 -5.49 -20.76 -11.47
CA VAL B 85 -6.84 -20.23 -11.57
C VAL B 85 -7.32 -19.93 -10.16
N LEU B 86 -7.19 -20.92 -9.29
CA LEU B 86 -7.41 -20.74 -7.87
C LEU B 86 -6.06 -20.76 -7.15
N ALA B 87 -5.90 -19.83 -6.21
CA ALA B 87 -4.66 -19.65 -5.45
C ALA B 87 -4.19 -20.92 -4.77
N THR B 88 -2.87 -21.12 -4.73
CA THR B 88 -2.28 -22.32 -4.16
C THR B 88 -1.42 -21.99 -2.94
N GLY B 89 -2.05 -21.96 -1.77
CA GLY B 89 -1.35 -21.75 -0.51
C GLY B 89 -0.85 -20.34 -0.26
N GLU B 90 -0.85 -19.51 -1.30
CA GLU B 90 -0.36 -18.13 -1.22
C GLU B 90 -1.01 -17.22 -2.26
N VAL B 91 -1.00 -15.92 -1.98
CA VAL B 91 -1.59 -14.92 -2.88
C VAL B 91 -0.55 -13.91 -3.37
N HIS B 92 -0.73 -13.40 -4.59
CA HIS B 92 0.26 -12.54 -5.23
C HIS B 92 -0.26 -11.16 -5.66
N PHE B 93 -1.56 -10.91 -5.48
CA PHE B 93 -2.13 -9.59 -5.68
C PHE B 93 -3.54 -9.49 -5.10
N VAL B 94 -3.92 -8.29 -4.68
CA VAL B 94 -5.28 -8.05 -4.19
C VAL B 94 -6.27 -8.23 -5.33
N GLY B 95 -7.04 -9.30 -5.26
CA GLY B 95 -8.02 -9.63 -6.28
C GLY B 95 -7.79 -10.98 -6.91
N GLN B 96 -6.83 -11.73 -6.38
CA GLN B 96 -6.55 -13.08 -6.87
C GLN B 96 -7.62 -14.03 -6.36
N PRO B 97 -8.26 -14.77 -7.29
CA PRO B 97 -9.23 -15.79 -6.92
C PRO B 97 -8.59 -16.86 -6.03
N ILE B 98 -9.17 -17.03 -4.84
CA ILE B 98 -8.73 -18.06 -3.89
C ILE B 98 -9.68 -19.26 -3.98
N PHE B 99 -10.97 -18.99 -4.09
CA PHE B 99 -11.96 -20.05 -4.20
C PHE B 99 -13.07 -19.76 -5.21
N LEU B 100 -13.88 -20.78 -5.49
CA LEU B 100 -14.96 -20.68 -6.46
C LEU B 100 -16.29 -21.10 -5.84
N VAL B 101 -17.29 -20.24 -5.97
CA VAL B 101 -18.63 -20.52 -5.45
C VAL B 101 -19.59 -20.82 -6.59
N ALA B 102 -20.34 -21.91 -6.46
CA ALA B 102 -21.37 -22.27 -7.43
C ALA B 102 -22.74 -22.23 -6.76
N ALA B 103 -23.51 -21.19 -7.07
CA ALA B 103 -24.81 -20.97 -6.44
C ALA B 103 -25.95 -20.96 -7.45
N THR B 104 -27.19 -21.04 -6.95
CA THR B 104 -28.37 -21.10 -7.81
C THR B 104 -28.72 -19.78 -8.51
N SER B 105 -28.05 -18.70 -8.09
CA SER B 105 -28.19 -17.40 -8.76
C SER B 105 -26.89 -16.61 -8.71
N HIS B 106 -26.68 -15.77 -9.73
CA HIS B 106 -25.48 -14.93 -9.81
C HIS B 106 -25.33 -14.09 -8.55
N ARG B 107 -26.43 -13.49 -8.10
CA ARG B 107 -26.45 -12.72 -6.86
C ARG B 107 -26.04 -13.58 -5.67
N ALA B 108 -26.66 -14.75 -5.53
CA ALA B 108 -26.39 -15.64 -4.41
C ALA B 108 -24.92 -16.03 -4.30
N ALA B 109 -24.28 -16.24 -5.45
CA ALA B 109 -22.87 -16.61 -5.50
C ALA B 109 -21.96 -15.47 -5.08
N ARG B 110 -22.27 -14.25 -5.54
CA ARG B 110 -21.50 -13.06 -5.21
C ARG B 110 -21.62 -12.72 -3.73
N ILE B 111 -22.81 -12.95 -3.18
CA ILE B 111 -23.07 -12.77 -1.76
C ILE B 111 -22.23 -13.77 -0.95
N ALA B 112 -22.23 -15.01 -1.41
CA ALA B 112 -21.51 -16.09 -0.76
C ALA B 112 -20.00 -15.94 -0.85
N ALA B 113 -19.53 -15.29 -1.92
CA ALA B 113 -18.11 -15.12 -2.17
C ALA B 113 -17.41 -14.29 -1.10
N ARG B 114 -18.13 -13.30 -0.57
CA ARG B 114 -17.57 -12.39 0.43
C ARG B 114 -17.62 -12.95 1.86
N LYS B 115 -18.33 -14.07 2.05
CA LYS B 115 -18.59 -14.61 3.38
C LYS B 115 -17.47 -15.47 3.98
N ALA B 116 -16.34 -15.57 3.28
CA ALA B 116 -15.23 -16.42 3.71
C ALA B 116 -14.48 -15.86 4.91
N ARG B 117 -13.75 -16.74 5.60
CA ARG B 117 -12.87 -16.33 6.69
C ARG B 117 -11.45 -16.80 6.41
N ILE B 118 -10.65 -15.92 5.83
CA ILE B 118 -9.30 -16.25 5.39
C ILE B 118 -8.28 -15.53 6.26
N THR B 119 -7.34 -16.29 6.83
CA THR B 119 -6.25 -15.72 7.62
C THR B 119 -4.96 -15.73 6.81
N TYR B 120 -4.27 -14.59 6.77
CA TYR B 120 -3.07 -14.41 5.96
C TYR B 120 -1.82 -14.17 6.80
N ALA B 121 -0.69 -14.67 6.31
CA ALA B 121 0.63 -14.30 6.84
C ALA B 121 1.32 -13.41 5.80
N PRO B 122 1.15 -12.08 5.92
CA PRO B 122 1.57 -11.13 4.87
C PRO B 122 3.09 -11.00 4.71
N ARG B 123 3.54 -10.88 3.47
CA ARG B 123 4.94 -10.62 3.16
C ARG B 123 5.05 -9.20 2.60
N PRO B 124 6.27 -8.65 2.53
CA PRO B 124 6.45 -7.37 1.82
C PRO B 124 6.03 -7.49 0.36
N ALA B 125 5.23 -6.54 -0.11
CA ALA B 125 4.75 -6.52 -1.49
C ALA B 125 5.70 -5.74 -2.39
N ILE B 126 5.71 -6.07 -3.67
CA ILE B 126 6.55 -5.37 -4.63
C ILE B 126 5.64 -4.56 -5.57
N LEU B 127 5.24 -3.38 -5.12
CA LEU B 127 4.17 -2.63 -5.79
C LEU B 127 4.65 -1.64 -6.86
N THR B 128 5.75 -0.95 -6.59
CA THR B 128 6.23 0.08 -7.51
C THR B 128 7.42 -0.42 -8.34
N LEU B 129 7.65 0.25 -9.48
CA LEU B 129 8.73 -0.09 -10.40
C LEU B 129 10.12 -0.11 -9.76
N ASP B 130 10.43 0.92 -9.00
CA ASP B 130 11.72 1.03 -8.33
C ASP B 130 11.93 -0.10 -7.33
N GLN B 131 10.84 -0.55 -6.71
CA GLN B 131 10.89 -1.69 -5.79
C GLN B 131 11.25 -2.96 -6.53
N ALA B 132 10.52 -3.24 -7.60
CA ALA B 132 10.73 -4.43 -8.44
C ALA B 132 12.14 -4.45 -8.97
N LEU B 133 12.61 -3.28 -9.38
CA LEU B 133 13.96 -3.10 -9.92
C LEU B 133 14.99 -3.29 -8.82
N ALA B 134 14.67 -2.79 -7.62
CA ALA B 134 15.56 -2.88 -6.46
C ALA B 134 15.63 -4.29 -5.89
N ALA B 135 14.52 -5.02 -5.96
CA ALA B 135 14.46 -6.37 -5.41
C ALA B 135 14.70 -7.44 -6.48
N ASP B 136 14.96 -7.01 -7.71
CA ASP B 136 15.16 -7.89 -8.87
C ASP B 136 13.91 -8.72 -9.20
N SER B 137 12.75 -8.17 -8.90
CA SER B 137 11.48 -8.81 -9.21
C SER B 137 11.16 -8.58 -10.68
N ARG B 138 11.47 -9.58 -11.51
CA ARG B 138 11.39 -9.44 -12.96
C ARG B 138 11.05 -10.75 -13.66
N PHE B 139 10.74 -10.66 -14.96
CA PHE B 139 10.54 -11.84 -15.79
C PHE B 139 11.70 -12.03 -16.77
N GLU B 140 11.87 -13.26 -17.24
CA GLU B 140 12.91 -13.64 -18.22
C GLU B 140 14.33 -13.71 -17.65
N GLY B 141 14.47 -13.33 -16.38
CA GLY B 141 15.74 -13.42 -15.66
C GLY B 141 16.78 -12.41 -16.09
N GLY B 142 16.32 -11.21 -16.45
CA GLY B 142 17.19 -10.13 -16.91
C GLY B 142 16.55 -9.32 -18.02
N PRO B 143 17.07 -8.10 -18.28
CA PRO B 143 16.50 -7.26 -19.32
C PRO B 143 16.93 -7.67 -20.74
N VAL B 144 15.98 -7.66 -21.68
CA VAL B 144 16.29 -7.88 -23.08
C VAL B 144 16.90 -6.61 -23.65
N ILE B 145 18.05 -6.74 -24.31
CA ILE B 145 18.76 -5.59 -24.87
C ILE B 145 19.06 -5.79 -26.35
N TRP B 146 18.61 -4.84 -27.17
CA TRP B 146 18.92 -4.81 -28.60
C TRP B 146 19.65 -3.54 -28.98
N ALA B 147 20.71 -3.69 -29.77
CA ALA B 147 21.50 -2.55 -30.23
C ALA B 147 21.72 -2.62 -31.74
N ARG B 148 21.52 -1.49 -32.40
CA ARG B 148 21.84 -1.34 -33.81
C ARG B 148 22.80 -0.18 -33.91
N GLY B 149 24.02 -0.45 -34.37
CA GLY B 149 25.10 0.54 -34.38
C GLY B 149 25.64 0.78 -32.97
N ASP B 150 26.20 1.97 -32.76
CA ASP B 150 26.74 2.33 -31.44
C ASP B 150 26.22 3.68 -30.96
N VAL B 151 25.17 3.66 -30.13
CA VAL B 151 24.54 4.87 -29.57
C VAL B 151 25.49 5.70 -28.73
N GLU B 152 26.20 5.03 -27.82
CA GLU B 152 27.10 5.66 -26.88
C GLU B 152 28.12 6.56 -27.59
N THR B 153 28.64 6.07 -28.72
CA THR B 153 29.61 6.81 -29.51
C THR B 153 28.94 7.92 -30.32
N ALA B 154 27.73 7.64 -30.82
CA ALA B 154 26.97 8.61 -31.61
C ALA B 154 26.55 9.82 -30.78
N LEU B 155 25.97 9.55 -29.61
CA LEU B 155 25.46 10.59 -28.71
C LEU B 155 26.57 11.43 -28.08
N ALA B 156 27.77 10.89 -28.04
CA ALA B 156 28.94 11.58 -27.49
C ALA B 156 29.37 12.75 -28.38
N GLY B 157 29.22 12.58 -29.69
CA GLY B 157 29.55 13.63 -30.66
C GLY B 157 28.33 14.11 -31.42
N ALA B 158 27.23 14.32 -30.71
CA ALA B 158 26.01 14.85 -31.29
C ALA B 158 25.97 16.36 -31.17
N ALA B 159 25.57 17.03 -32.25
CA ALA B 159 25.44 18.49 -32.26
C ALA B 159 24.30 18.95 -31.35
N HIS B 160 23.25 18.11 -31.25
CA HIS B 160 22.12 18.36 -30.35
C HIS B 160 21.69 17.09 -29.64
N LEU B 161 21.65 17.17 -28.30
CA LEU B 161 21.31 16.05 -27.44
C LEU B 161 20.09 16.41 -26.59
N ALA B 162 19.23 15.42 -26.33
CA ALA B 162 18.07 15.61 -25.47
C ALA B 162 17.79 14.38 -24.62
N GLU B 163 18.13 14.47 -23.34
CA GLU B 163 17.87 13.40 -22.38
C GLU B 163 16.59 13.69 -21.62
N GLY B 164 15.98 12.64 -21.11
CA GLY B 164 14.74 12.78 -20.33
C GLY B 164 14.14 11.47 -19.89
N CYS B 165 13.01 11.58 -19.20
CA CYS B 165 12.28 10.44 -18.67
C CYS B 165 10.82 10.83 -18.41
N PHE B 166 9.91 9.90 -18.65
CA PHE B 166 8.50 10.12 -18.34
C PHE B 166 7.69 8.83 -18.15
N GLU B 167 6.63 8.94 -17.36
CA GLU B 167 5.75 7.84 -17.06
C GLU B 167 4.63 7.76 -18.09
N ILE B 168 4.28 6.54 -18.48
CA ILE B 168 3.09 6.29 -19.30
C ILE B 168 2.21 5.28 -18.56
N GLY B 169 1.06 5.76 -18.07
CA GLY B 169 0.14 4.93 -17.29
C GLY B 169 -0.49 3.81 -18.10
N GLY B 170 -1.03 2.82 -17.38
CA GLY B 170 -1.70 1.68 -18.00
C GLY B 170 -3.07 2.04 -18.56
N GLN B 171 -3.93 1.04 -18.76
CA GLN B 171 -5.25 1.27 -19.33
C GLN B 171 -6.14 0.04 -19.17
N GLU B 172 -7.33 0.27 -18.63
CA GLU B 172 -8.35 -0.76 -18.50
C GLU B 172 -9.19 -0.78 -19.78
N HIS B 173 -9.40 -1.97 -20.33
CA HIS B 173 -10.12 -2.14 -21.61
C HIS B 173 -11.52 -1.56 -21.59
N PHE B 174 -12.28 -1.90 -20.54
CA PHE B 174 -13.66 -1.47 -20.38
C PHE B 174 -14.52 -1.76 -21.62
N TYR B 175 -14.39 -2.99 -22.12
CA TYR B 175 -15.36 -3.57 -23.05
C TYR B 175 -16.71 -3.58 -22.34
N LEU B 176 -17.76 -3.17 -23.03
CA LEU B 176 -19.06 -3.05 -22.37
C LEU B 176 -19.61 -4.39 -21.85
N GLU B 177 -19.57 -5.42 -22.71
CA GLU B 177 -19.83 -6.79 -22.25
C GLU B 177 -18.59 -7.26 -21.50
N GLY B 178 -18.73 -7.43 -20.20
CA GLY B 178 -17.65 -7.93 -19.36
C GLY B 178 -17.37 -9.40 -19.58
N GLN B 179 -16.28 -9.88 -19.00
CA GLN B 179 -15.87 -11.29 -19.11
C GLN B 179 -17.04 -12.22 -18.81
N ALA B 180 -17.15 -13.31 -19.58
CA ALA B 180 -18.30 -14.21 -19.50
C ALA B 180 -18.04 -15.58 -20.13
N ALA B 181 -18.55 -16.63 -19.50
CA ALA B 181 -18.41 -17.99 -20.00
C ALA B 181 -19.57 -18.88 -19.56
N LEU B 182 -19.72 -20.01 -20.24
CA LEU B 182 -20.77 -20.98 -19.98
C LEU B 182 -20.30 -22.38 -20.40
N ALA B 183 -20.31 -23.31 -19.47
CA ALA B 183 -19.95 -24.70 -19.76
C ALA B 183 -21.20 -25.57 -19.76
N LEU B 184 -21.25 -26.51 -20.69
CA LEU B 184 -22.36 -27.44 -20.79
C LEU B 184 -21.80 -28.84 -20.89
N PRO B 185 -21.91 -29.63 -19.81
CA PRO B 185 -21.43 -31.01 -19.89
C PRO B 185 -22.27 -31.81 -20.88
N ALA B 186 -21.61 -32.34 -21.91
CA ALA B 186 -22.29 -33.08 -22.96
C ALA B 186 -21.65 -34.45 -23.21
N GLU B 187 -22.07 -35.44 -22.42
CA GLU B 187 -21.65 -36.84 -22.56
C GLU B 187 -20.13 -37.03 -22.66
N GLY B 188 -19.46 -37.03 -21.51
CA GLY B 188 -18.01 -37.24 -21.49
C GLY B 188 -17.18 -36.04 -21.88
N GLY B 189 -17.78 -35.09 -22.61
CA GLY B 189 -17.08 -33.88 -23.02
C GLY B 189 -17.88 -32.64 -22.67
N VAL B 190 -17.28 -31.47 -22.80
CA VAL B 190 -17.99 -30.21 -22.53
C VAL B 190 -18.12 -29.32 -23.75
N VAL B 191 -19.19 -28.55 -23.78
CA VAL B 191 -19.34 -27.48 -24.75
C VAL B 191 -19.17 -26.17 -24.00
N ILE B 192 -18.29 -25.31 -24.51
CA ILE B 192 -18.07 -23.99 -23.91
C ILE B 192 -18.58 -22.91 -24.84
N HIS B 193 -19.38 -22.01 -24.28
CA HIS B 193 -19.71 -20.76 -24.94
C HIS B 193 -19.06 -19.71 -24.08
N CYS B 194 -18.41 -18.73 -24.72
CA CYS B 194 -17.70 -17.68 -23.97
C CYS B 194 -17.41 -16.44 -24.81
N SER B 195 -17.26 -15.33 -24.10
CA SER B 195 -16.90 -14.05 -24.70
C SER B 195 -15.38 -13.98 -24.80
N SER B 196 -14.83 -14.60 -25.85
CA SER B 196 -13.38 -14.79 -25.96
C SER B 196 -12.83 -14.43 -27.35
N GLN B 197 -11.61 -13.89 -27.39
CA GLN B 197 -10.93 -13.62 -28.66
C GLN B 197 -10.17 -14.85 -29.16
N HIS B 198 -9.99 -15.83 -28.29
CA HIS B 198 -9.17 -16.99 -28.61
C HIS B 198 -9.83 -18.31 -28.17
N PRO B 199 -10.91 -18.72 -28.88
CA PRO B 199 -11.64 -19.94 -28.51
C PRO B 199 -10.79 -21.21 -28.53
N SER B 200 -9.72 -21.21 -29.35
CA SER B 200 -8.80 -22.36 -29.42
C SER B 200 -8.00 -22.54 -28.14
N GLU B 201 -7.58 -21.44 -27.53
CA GLU B 201 -6.87 -21.49 -26.26
C GLU B 201 -7.81 -21.84 -25.12
N ILE B 202 -9.06 -21.38 -25.21
CA ILE B 202 -10.08 -21.76 -24.23
C ILE B 202 -10.21 -23.29 -24.23
N GLN B 203 -10.36 -23.86 -25.43
CA GLN B 203 -10.38 -25.31 -25.63
C GLN B 203 -9.15 -25.96 -25.01
N HIS B 204 -7.97 -25.44 -25.36
CA HIS B 204 -6.68 -25.94 -24.88
C HIS B 204 -6.64 -25.97 -23.34
N LYS B 205 -7.12 -24.90 -22.72
CA LYS B 205 -7.07 -24.74 -21.26
C LYS B 205 -8.10 -25.59 -20.52
N VAL B 206 -9.35 -25.52 -20.96
CA VAL B 206 -10.45 -26.32 -20.40
C VAL B 206 -10.13 -27.82 -20.48
N ALA B 207 -9.55 -28.26 -21.59
CA ALA B 207 -9.18 -29.66 -21.80
C ALA B 207 -8.20 -30.14 -20.74
N HIS B 208 -7.14 -29.36 -20.50
CA HIS B 208 -6.15 -29.69 -19.47
C HIS B 208 -6.76 -29.65 -18.08
N ALA B 209 -7.62 -28.65 -17.87
CA ALA B 209 -8.31 -28.45 -16.60
C ALA B 209 -9.15 -29.67 -16.22
N LEU B 210 -9.83 -30.25 -17.22
CA LEU B 210 -10.70 -31.42 -17.02
C LEU B 210 -9.99 -32.75 -17.25
N GLY B 211 -8.78 -32.69 -17.80
CA GLY B 211 -8.02 -33.90 -18.13
C GLY B 211 -8.63 -34.68 -19.27
N LEU B 212 -9.13 -33.96 -20.27
CA LEU B 212 -9.74 -34.55 -21.46
C LEU B 212 -8.88 -34.26 -22.66
N ALA B 213 -8.92 -35.13 -23.66
CA ALA B 213 -8.29 -34.87 -24.95
C ALA B 213 -9.01 -33.69 -25.62
N PHE B 214 -8.29 -32.96 -26.48
CA PHE B 214 -8.82 -31.76 -27.14
C PHE B 214 -10.12 -32.01 -27.90
N HIS B 215 -10.24 -33.18 -28.52
CA HIS B 215 -11.44 -33.53 -29.28
C HIS B 215 -12.68 -33.75 -28.39
N ASP B 216 -12.51 -33.59 -27.08
CA ASP B 216 -13.63 -33.68 -26.14
C ASP B 216 -14.11 -32.33 -25.61
N VAL B 217 -13.40 -31.27 -26.00
CA VAL B 217 -13.80 -29.91 -25.64
C VAL B 217 -14.09 -29.14 -26.92
N ARG B 218 -15.29 -28.57 -26.98
CA ARG B 218 -15.72 -27.81 -28.13
C ARG B 218 -16.13 -26.42 -27.65
N VAL B 219 -15.51 -25.40 -28.23
CA VAL B 219 -15.79 -24.02 -27.88
C VAL B 219 -16.49 -23.35 -29.04
N GLU B 220 -17.59 -22.67 -28.73
CA GLU B 220 -18.32 -21.87 -29.71
C GLU B 220 -18.36 -20.45 -29.19
N MET B 221 -18.22 -19.50 -30.11
CA MET B 221 -18.19 -18.10 -29.74
C MET B 221 -18.73 -17.26 -30.90
N ARG B 222 -19.88 -16.62 -30.70
CA ARG B 222 -20.57 -15.91 -31.77
C ARG B 222 -20.16 -14.44 -31.89
N ARG B 223 -20.20 -13.71 -30.76
CA ARG B 223 -19.81 -12.31 -30.75
C ARG B 223 -19.38 -11.84 -29.36
N MET B 224 -18.51 -10.85 -29.32
CA MET B 224 -18.15 -10.20 -28.07
C MET B 224 -18.80 -8.83 -28.01
N GLY B 225 -18.90 -8.28 -26.81
CA GLY B 225 -19.31 -6.89 -26.64
C GLY B 225 -18.05 -6.09 -26.43
N GLY B 226 -17.15 -6.15 -27.41
CA GLY B 226 -15.82 -5.54 -27.31
C GLY B 226 -14.80 -6.49 -26.71
N GLY B 227 -13.56 -6.39 -27.18
CA GLY B 227 -12.48 -7.24 -26.68
C GLY B 227 -11.22 -6.45 -26.42
N PHE B 228 -10.74 -5.76 -27.47
CA PHE B 228 -9.61 -4.83 -27.39
C PHE B 228 -8.30 -5.46 -26.86
N GLY B 229 -8.22 -6.78 -26.94
CA GLY B 229 -7.08 -7.52 -26.41
C GLY B 229 -7.34 -8.05 -25.01
N GLY B 230 -8.32 -7.47 -24.34
CA GLY B 230 -8.67 -7.86 -22.97
C GLY B 230 -9.30 -9.24 -22.88
N LYS B 231 -9.72 -9.76 -24.02
CA LYS B 231 -10.35 -11.08 -24.07
C LYS B 231 -9.49 -12.09 -24.85
N GLU B 232 -8.20 -11.77 -24.98
CA GLU B 232 -7.25 -12.67 -25.63
C GLU B 232 -6.81 -13.83 -24.73
N SER B 233 -6.84 -13.63 -23.42
CA SER B 233 -6.44 -14.68 -22.49
C SER B 233 -7.18 -14.63 -21.15
N GLN B 234 -7.66 -13.44 -20.77
CA GLN B 234 -8.38 -13.25 -19.51
C GLN B 234 -9.67 -14.07 -19.41
N GLY B 235 -10.10 -14.59 -20.56
CA GLY B 235 -11.25 -15.49 -20.62
C GLY B 235 -11.02 -16.86 -19.99
N ASN B 236 -9.77 -17.31 -20.00
CA ASN B 236 -9.43 -18.67 -19.53
C ASN B 236 -9.94 -19.00 -18.14
N HIS B 237 -9.77 -18.08 -17.20
CA HIS B 237 -10.18 -18.27 -15.81
C HIS B 237 -11.65 -18.66 -15.65
N LEU B 238 -12.52 -17.99 -16.40
CA LEU B 238 -13.97 -18.22 -16.32
C LEU B 238 -14.37 -19.56 -16.93
N ALA B 239 -13.88 -19.84 -18.14
CA ALA B 239 -14.15 -21.10 -18.82
C ALA B 239 -13.62 -22.31 -18.04
N ILE B 240 -12.46 -22.16 -17.40
CA ILE B 240 -11.94 -23.23 -16.55
C ILE B 240 -12.85 -23.43 -15.34
N ALA B 241 -13.12 -22.35 -14.62
CA ALA B 241 -14.03 -22.40 -13.47
C ALA B 241 -15.36 -23.05 -13.84
N CYS B 242 -15.91 -22.64 -14.98
CA CYS B 242 -17.17 -23.17 -15.46
C CYS B 242 -17.16 -24.66 -15.77
N ALA B 243 -16.14 -25.11 -16.51
CA ALA B 243 -16.00 -26.53 -16.87
C ALA B 243 -15.71 -27.40 -15.65
N VAL B 244 -14.91 -26.86 -14.73
CA VAL B 244 -14.58 -27.55 -13.49
C VAL B 244 -15.82 -27.74 -12.62
N ALA B 245 -16.60 -26.68 -12.45
CA ALA B 245 -17.83 -26.73 -11.66
C ALA B 245 -18.90 -27.55 -12.35
N ALA B 246 -18.94 -27.48 -13.69
CA ALA B 246 -19.90 -28.25 -14.47
C ALA B 246 -19.61 -29.74 -14.36
N ARG B 247 -18.33 -30.08 -14.34
CA ARG B 247 -17.90 -31.46 -14.17
C ARG B 247 -18.30 -32.02 -12.81
N ALA B 248 -18.19 -31.18 -11.78
CA ALA B 248 -18.40 -31.60 -10.41
C ALA B 248 -19.86 -31.61 -9.99
N THR B 249 -20.67 -30.73 -10.58
CA THR B 249 -22.07 -30.60 -10.18
C THR B 249 -23.02 -31.31 -11.13
N GLY B 250 -22.50 -31.77 -12.26
CA GLY B 250 -23.31 -32.48 -13.25
C GLY B 250 -24.28 -31.62 -14.03
N ARG B 251 -24.29 -30.32 -13.75
CA ARG B 251 -25.18 -29.41 -14.45
C ARG B 251 -24.47 -28.19 -15.07
N PRO B 252 -25.12 -27.51 -16.05
CA PRO B 252 -24.51 -26.38 -16.75
C PRO B 252 -24.10 -25.25 -15.81
N CYS B 253 -22.95 -24.65 -16.07
CA CYS B 253 -22.43 -23.57 -15.24
C CYS B 253 -22.11 -22.32 -16.02
N LYS B 254 -22.54 -21.18 -15.50
CA LYS B 254 -22.30 -19.89 -16.14
C LYS B 254 -21.55 -18.97 -15.20
N MET B 255 -20.56 -18.26 -15.73
CA MET B 255 -19.83 -17.26 -14.95
C MET B 255 -19.65 -15.98 -15.73
N ARG B 256 -19.96 -14.88 -15.09
CA ARG B 256 -19.66 -13.57 -15.63
C ARG B 256 -19.20 -12.66 -14.50
N TYR B 257 -18.06 -12.00 -14.69
CA TYR B 257 -17.59 -11.03 -13.71
C TYR B 257 -18.56 -9.88 -13.61
N ASP B 258 -18.79 -9.43 -12.38
CA ASP B 258 -19.42 -8.15 -12.15
C ASP B 258 -18.38 -7.10 -12.53
N ARG B 259 -18.82 -5.91 -12.94
CA ARG B 259 -17.90 -4.86 -13.39
C ARG B 259 -16.76 -4.59 -12.39
N ASP B 260 -17.09 -4.61 -11.11
CA ASP B 260 -16.09 -4.34 -10.08
C ASP B 260 -15.14 -5.52 -9.87
N ASP B 261 -15.65 -6.74 -10.01
CA ASP B 261 -14.81 -7.94 -10.00
C ASP B 261 -13.91 -7.92 -11.23
N ASP B 262 -14.50 -7.59 -12.37
CA ASP B 262 -13.82 -7.58 -13.66
C ASP B 262 -12.52 -6.78 -13.60
N MET B 263 -12.60 -5.55 -13.09
CA MET B 263 -11.45 -4.65 -13.07
C MET B 263 -10.40 -5.03 -12.03
N VAL B 264 -10.86 -5.54 -10.89
CA VAL B 264 -9.97 -6.00 -9.82
C VAL B 264 -9.19 -7.25 -10.26
N ILE B 265 -9.87 -8.20 -10.90
CA ILE B 265 -9.27 -9.49 -11.29
C ILE B 265 -8.34 -9.39 -12.49
N THR B 266 -8.88 -8.91 -13.61
CA THR B 266 -8.23 -9.04 -14.92
C THR B 266 -7.08 -8.06 -15.11
N GLY B 267 -6.22 -8.35 -16.09
CA GLY B 267 -5.05 -7.51 -16.39
C GLY B 267 -5.40 -6.22 -17.09
N LYS B 268 -4.38 -5.40 -17.37
CA LYS B 268 -4.59 -4.13 -18.08
C LYS B 268 -3.44 -3.87 -19.05
N ARG B 269 -3.44 -2.70 -19.68
CA ARG B 269 -2.32 -2.31 -20.53
C ARG B 269 -1.07 -2.07 -19.68
N HIS B 270 0.04 -2.66 -20.09
CA HIS B 270 1.31 -2.48 -19.41
C HIS B 270 1.67 -1.00 -19.30
N ASP B 271 1.73 -0.50 -18.07
CA ASP B 271 2.24 0.86 -17.83
C ASP B 271 3.76 0.85 -17.85
N PHE B 272 4.34 1.79 -18.58
CA PHE B 272 5.77 1.85 -18.82
C PHE B 272 6.39 3.07 -18.15
N ARG B 273 7.66 2.96 -17.81
CA ARG B 273 8.51 4.13 -17.63
C ARG B 273 9.55 4.08 -18.73
N ILE B 274 9.70 5.20 -19.43
CA ILE B 274 10.65 5.30 -20.52
C ILE B 274 11.66 6.40 -20.25
N ARG B 275 12.92 6.00 -20.15
CA ARG B 275 14.04 6.92 -20.09
C ARG B 275 14.65 6.95 -21.47
N TYR B 276 14.96 8.14 -21.97
CA TYR B 276 15.47 8.30 -23.33
C TYR B 276 16.68 9.22 -23.42
N ARG B 277 17.53 8.95 -24.40
CA ARG B 277 18.65 9.82 -24.75
C ARG B 277 18.70 9.88 -26.28
N ILE B 278 18.21 10.99 -26.83
CA ILE B 278 18.15 11.13 -28.28
C ILE B 278 19.10 12.25 -28.76
N GLY B 279 19.69 12.05 -29.93
CA GLY B 279 20.65 13.01 -30.48
C GLY B 279 20.55 13.19 -31.99
N ALA B 280 20.91 14.38 -32.45
CA ALA B 280 20.91 14.71 -33.88
C ALA B 280 22.13 15.55 -34.24
N ASP B 281 22.38 15.70 -35.54
CA ASP B 281 23.49 16.53 -36.02
C ASP B 281 23.03 17.97 -36.30
N ALA B 282 23.93 18.76 -36.89
CA ALA B 282 23.63 20.17 -37.20
C ALA B 282 22.48 20.33 -38.21
N SER B 283 22.40 19.41 -39.17
CA SER B 283 21.33 19.44 -40.19
C SER B 283 19.96 19.03 -39.64
N GLY B 284 19.96 18.21 -38.59
CA GLY B 284 18.72 17.78 -37.93
C GLY B 284 18.39 16.31 -38.10
N LYS B 285 19.22 15.59 -38.85
CA LYS B 285 19.08 14.13 -38.98
C LYS B 285 19.49 13.47 -37.68
N LEU B 286 18.76 12.43 -37.28
CA LEU B 286 19.05 11.70 -36.06
C LEU B 286 20.39 10.97 -36.15
N LEU B 287 21.18 11.08 -35.08
CA LEU B 287 22.46 10.38 -35.00
C LEU B 287 22.35 9.12 -34.16
N GLY B 288 21.40 9.12 -33.23
CA GLY B 288 21.23 8.00 -32.31
C GLY B 288 20.16 8.25 -31.26
N ALA B 289 19.49 7.17 -30.86
CA ALA B 289 18.48 7.23 -29.81
C ALA B 289 18.68 6.05 -28.85
N ASP B 290 18.68 6.35 -27.56
CA ASP B 290 18.97 5.36 -26.52
C ASP B 290 17.81 5.27 -25.54
N PHE B 291 17.17 4.09 -25.48
CA PHE B 291 15.95 3.89 -24.69
C PHE B 291 16.11 2.83 -23.61
N VAL B 292 15.46 3.07 -22.47
CA VAL B 292 15.27 2.03 -21.45
C VAL B 292 13.78 1.90 -21.13
N HIS B 293 13.24 0.70 -21.32
CA HIS B 293 11.85 0.41 -21.01
C HIS B 293 11.70 -0.32 -19.68
N LEU B 294 11.01 0.32 -18.74
CA LEU B 294 10.64 -0.34 -17.50
C LEU B 294 9.14 -0.61 -17.55
N ALA B 295 8.79 -1.87 -17.80
CA ALA B 295 7.40 -2.27 -17.98
C ALA B 295 6.84 -3.02 -16.78
N ARG B 296 5.64 -2.63 -16.37
CA ARG B 296 4.92 -3.28 -15.27
C ARG B 296 4.13 -4.48 -15.79
N CYS B 297 4.46 -5.67 -15.32
CA CYS B 297 3.85 -6.90 -15.84
C CYS B 297 2.77 -7.47 -14.95
N GLY B 298 2.90 -7.22 -13.64
CA GLY B 298 1.99 -7.82 -12.67
C GLY B 298 2.54 -9.11 -12.12
N TRP B 299 1.71 -9.83 -11.39
CA TRP B 299 2.14 -11.01 -10.63
C TRP B 299 2.46 -12.21 -11.50
N SER B 300 1.98 -12.21 -12.73
CA SER B 300 2.11 -13.34 -13.62
C SER B 300 2.56 -12.91 -15.02
N ALA B 301 3.21 -13.83 -15.73
CA ALA B 301 3.75 -13.58 -17.08
C ALA B 301 2.70 -13.12 -18.11
N ASP B 302 1.62 -13.88 -18.26
CA ASP B 302 0.59 -13.62 -19.27
C ASP B 302 1.20 -13.41 -20.67
N LEU B 303 0.94 -12.26 -21.27
CA LEU B 303 1.44 -11.94 -22.61
C LEU B 303 2.43 -10.77 -22.56
N SER B 304 3.18 -10.68 -21.47
CA SER B 304 4.17 -9.62 -21.29
C SER B 304 5.35 -9.76 -22.24
N LEU B 305 5.84 -11.00 -22.40
CA LEU B 305 6.98 -11.28 -23.28
C LEU B 305 6.77 -10.71 -24.70
N PRO B 306 5.67 -11.10 -25.39
CA PRO B 306 5.49 -10.52 -26.72
C PRO B 306 5.16 -9.03 -26.73
N VAL B 307 4.47 -8.54 -25.69
CA VAL B 307 4.12 -7.11 -25.59
C VAL B 307 5.37 -6.24 -25.55
N CYS B 308 6.30 -6.55 -24.66
CA CYS B 308 7.51 -5.75 -24.53
C CYS B 308 8.46 -5.92 -25.71
N ASP B 309 8.33 -7.03 -26.43
CA ASP B 309 9.04 -7.23 -27.68
C ASP B 309 8.54 -6.26 -28.75
N ARG B 310 7.22 -6.01 -28.76
CA ARG B 310 6.62 -5.10 -29.72
C ARG B 310 6.92 -3.64 -29.36
N ALA B 311 6.98 -3.35 -28.07
CA ALA B 311 7.37 -2.02 -27.60
C ALA B 311 8.77 -1.71 -28.14
N MET B 312 9.63 -2.71 -28.12
CA MET B 312 10.99 -2.60 -28.63
C MET B 312 11.00 -2.48 -30.16
N LEU B 313 10.17 -3.30 -30.81
CA LEU B 313 10.02 -3.28 -32.27
C LEU B 313 9.53 -1.94 -32.83
N HIS B 314 8.77 -1.20 -32.02
CA HIS B 314 8.23 0.09 -32.42
C HIS B 314 8.96 1.28 -31.79
N ALA B 315 10.11 0.99 -31.18
CA ALA B 315 10.92 2.02 -30.52
C ALA B 315 11.56 3.01 -31.50
N ASP B 316 11.52 2.67 -32.80
CA ASP B 316 11.97 3.58 -33.85
C ASP B 316 10.89 4.59 -34.22
N GLY B 317 9.67 4.29 -33.79
CA GLY B 317 8.51 5.13 -34.11
C GLY B 317 8.25 5.11 -35.60
N SER B 318 8.52 6.24 -36.24
CA SER B 318 8.32 6.38 -37.69
C SER B 318 9.62 6.72 -38.42
N TYR B 319 10.73 6.75 -37.69
CA TYR B 319 11.95 7.38 -38.20
C TYR B 319 13.13 6.43 -38.34
N PHE B 320 14.01 6.73 -39.29
CA PHE B 320 15.28 6.02 -39.44
C PHE B 320 16.32 6.56 -38.47
N VAL B 321 16.81 5.70 -37.59
CA VAL B 321 17.88 6.04 -36.66
C VAL B 321 19.07 5.11 -36.94
N PRO B 322 20.24 5.68 -37.29
CA PRO B 322 21.41 4.90 -37.66
C PRO B 322 21.98 4.08 -36.49
N ALA B 323 21.88 4.63 -35.28
CA ALA B 323 22.28 3.94 -34.06
C ALA B 323 21.14 4.00 -33.04
N LEU B 324 20.65 2.83 -32.63
CA LEU B 324 19.53 2.76 -31.70
C LEU B 324 19.67 1.57 -30.76
N ARG B 325 19.44 1.81 -29.48
CA ARG B 325 19.46 0.75 -28.47
C ARG B 325 18.26 0.82 -27.51
N ILE B 326 17.65 -0.34 -27.24
CA ILE B 326 16.61 -0.45 -26.22
C ILE B 326 17.04 -1.42 -25.11
N GLU B 327 16.73 -1.06 -23.87
CA GLU B 327 16.96 -1.92 -22.71
C GLU B 327 15.63 -2.17 -21.99
N SER B 328 15.02 -3.32 -22.29
CA SER B 328 13.63 -3.60 -21.90
C SER B 328 13.50 -4.48 -20.66
N HIS B 329 13.22 -3.85 -19.52
CA HIS B 329 13.00 -4.56 -18.27
C HIS B 329 11.52 -4.87 -18.12
N ARG B 330 11.17 -6.15 -18.15
CA ARG B 330 9.82 -6.60 -17.86
C ARG B 330 9.75 -6.98 -16.38
N LEU B 331 9.19 -6.08 -15.57
CA LEU B 331 9.26 -6.19 -14.13
C LEU B 331 8.02 -6.83 -13.51
N ARG B 332 8.26 -7.75 -12.58
CA ARG B 332 7.19 -8.44 -11.84
C ARG B 332 6.76 -7.61 -10.63
N THR B 333 5.46 -7.40 -10.50
CA THR B 333 4.89 -6.68 -9.36
C THR B 333 3.72 -7.45 -8.76
N ASN B 334 3.40 -7.16 -7.50
CA ASN B 334 2.26 -7.77 -6.82
C ASN B 334 0.93 -7.14 -7.20
N THR B 335 0.68 -7.03 -8.50
CA THR B 335 -0.53 -6.42 -9.03
C THR B 335 -1.14 -7.26 -10.15
N GLN B 336 -2.19 -6.74 -10.78
CA GLN B 336 -2.89 -7.43 -11.88
C GLN B 336 -1.95 -7.85 -13.00
N SER B 337 -2.13 -9.07 -13.50
CA SER B 337 -1.28 -9.59 -14.57
C SER B 337 -1.62 -8.96 -15.91
N ASN B 338 -0.95 -7.84 -16.19
CA ASN B 338 -1.13 -7.08 -17.42
C ASN B 338 -1.09 -7.93 -18.70
N THR B 339 -1.85 -7.49 -19.71
CA THR B 339 -2.12 -8.31 -20.88
C THR B 339 -2.18 -7.50 -22.18
N ALA B 340 -2.59 -8.16 -23.25
CA ALA B 340 -2.83 -7.53 -24.56
C ALA B 340 -3.83 -6.39 -24.49
N PHE B 341 -3.60 -5.37 -25.32
CA PHE B 341 -4.49 -4.21 -25.46
C PHE B 341 -4.16 -3.49 -26.77
N ARG B 342 -5.16 -3.40 -27.65
CA ARG B 342 -5.06 -2.69 -28.92
C ARG B 342 -3.75 -1.91 -29.08
N GLY B 343 -2.85 -2.45 -29.89
CA GLY B 343 -1.54 -1.85 -30.08
C GLY B 343 -0.43 -2.79 -29.61
N PHE B 344 -0.70 -3.48 -28.50
CA PHE B 344 0.14 -4.58 -28.00
C PHE B 344 1.59 -4.17 -27.67
N GLY B 345 1.74 -3.10 -26.90
CA GLY B 345 3.07 -2.57 -26.58
C GLY B 345 3.56 -1.57 -27.62
N GLY B 346 3.05 -1.71 -28.84
CA GLY B 346 3.34 -0.79 -29.95
C GLY B 346 3.21 0.67 -29.59
N PRO B 347 2.06 1.09 -29.02
CA PRO B 347 1.87 2.49 -28.66
C PRO B 347 2.89 2.98 -27.63
N GLN B 348 3.22 2.10 -26.67
CA GLN B 348 4.16 2.44 -25.60
C GLN B 348 5.55 2.77 -26.13
N GLY B 349 6.07 1.90 -26.99
CA GLY B 349 7.38 2.11 -27.62
C GLY B 349 7.42 3.29 -28.57
N ALA B 350 6.36 3.46 -29.35
CA ALA B 350 6.24 4.57 -30.30
C ALA B 350 6.19 5.91 -29.59
N LEU B 351 5.44 5.97 -28.49
CA LEU B 351 5.32 7.19 -27.68
C LEU B 351 6.66 7.60 -27.06
N GLY B 352 7.46 6.61 -26.66
CA GLY B 352 8.81 6.85 -26.16
C GLY B 352 9.63 7.61 -27.20
N MET B 353 9.55 7.16 -28.45
CA MET B 353 10.21 7.81 -29.57
C MET B 353 9.59 9.19 -29.88
N GLU B 354 8.26 9.27 -29.76
CA GLU B 354 7.54 10.52 -30.05
C GLU B 354 7.78 11.62 -29.01
N ARG B 355 8.02 11.22 -27.76
CA ARG B 355 8.31 12.19 -26.71
C ARG B 355 9.74 12.67 -26.83
N ALA B 356 10.65 11.74 -27.14
CA ALA B 356 12.07 12.05 -27.30
C ALA B 356 12.33 12.98 -28.49
N ILE B 357 11.67 12.71 -29.62
CA ILE B 357 11.85 13.52 -30.82
C ILE B 357 11.22 14.91 -30.67
N GLU B 358 10.13 14.97 -29.91
CA GLU B 358 9.50 16.23 -29.55
C GLU B 358 10.42 17.05 -28.66
N HIS B 359 11.02 16.39 -27.67
CA HIS B 359 11.98 17.00 -26.75
C HIS B 359 13.17 17.57 -27.51
N LEU B 360 13.74 16.76 -28.40
CA LEU B 360 14.87 17.16 -29.23
C LEU B 360 14.52 18.36 -30.09
N ALA B 361 13.34 18.31 -30.71
CA ALA B 361 12.82 19.42 -31.51
C ALA B 361 12.80 20.72 -30.73
N ARG B 362 12.18 20.69 -29.54
CA ARG B 362 12.07 21.86 -28.67
C ARG B 362 13.43 22.30 -28.17
N GLY B 363 14.31 21.32 -27.92
CA GLY B 363 15.64 21.58 -27.37
C GLY B 363 16.55 22.39 -28.27
N MET B 364 16.42 22.18 -29.58
CA MET B 364 17.22 22.92 -30.56
C MET B 364 16.42 24.06 -31.19
N GLY B 365 15.11 24.08 -30.94
CA GLY B 365 14.25 25.17 -31.42
C GLY B 365 13.89 25.10 -32.89
N ARG B 366 13.42 23.93 -33.34
CA ARG B 366 12.89 23.77 -34.69
C ARG B 366 11.49 23.17 -34.61
N ASP B 367 10.63 23.57 -35.56
CA ASP B 367 9.27 23.03 -35.66
C ASP B 367 9.30 21.49 -35.71
N PRO B 368 8.71 20.84 -34.69
CA PRO B 368 8.72 19.38 -34.58
C PRO B 368 8.25 18.70 -35.86
N ALA B 369 7.24 19.26 -36.50
CA ALA B 369 6.72 18.74 -37.76
C ALA B 369 7.83 18.60 -38.81
N GLU B 370 8.67 19.63 -38.92
CA GLU B 370 9.76 19.67 -39.89
C GLU B 370 10.86 18.65 -39.57
N LEU B 371 11.19 18.54 -38.28
CA LEU B 371 12.22 17.61 -37.81
C LEU B 371 11.76 16.15 -37.98
N ARG B 372 10.47 15.91 -37.74
CA ARG B 372 9.87 14.60 -37.97
C ARG B 372 9.86 14.25 -39.45
N ALA B 373 9.49 15.23 -40.28
CA ALA B 373 9.47 15.09 -41.73
C ALA B 373 10.85 14.72 -42.27
N LEU B 374 11.86 15.44 -41.80
CA LEU B 374 13.25 15.23 -42.22
C LEU B 374 13.77 13.83 -41.87
N ASN B 375 13.11 13.17 -40.91
CA ASN B 375 13.62 11.92 -40.35
C ASN B 375 12.79 10.66 -40.59
N PHE B 376 11.70 10.77 -41.35
CA PHE B 376 10.93 9.60 -41.75
C PHE B 376 11.80 8.62 -42.54
N TYR B 377 11.34 7.37 -42.67
CA TYR B 377 11.98 6.41 -43.58
C TYR B 377 11.77 6.89 -45.02
N ASP B 378 12.72 6.56 -45.90
CA ASP B 378 12.67 6.99 -47.30
C ASP B 378 11.50 6.34 -48.06
N PRO B 379 10.91 7.09 -49.01
CA PRO B 379 9.87 6.54 -49.90
C PRO B 379 10.43 5.47 -50.84
N PRO B 380 9.58 4.53 -51.30
CA PRO B 380 10.03 3.46 -52.20
C PRO B 380 10.46 4.03 -53.55
N GLU B 381 11.62 3.58 -54.02
CA GLU B 381 12.38 4.15 -55.17
C GLU B 381 13.32 5.28 -54.75
N LYS B 398 20.40 0.44 -55.25
CA LYS B 398 21.42 0.62 -54.23
C LYS B 398 20.83 0.90 -52.84
N LYS B 399 20.52 -0.18 -52.11
CA LYS B 399 20.22 -0.15 -50.67
C LYS B 399 18.90 0.52 -50.23
N THR B 400 18.16 -0.19 -49.37
CA THR B 400 16.97 0.34 -48.72
C THR B 400 17.26 0.43 -47.22
N GLN B 401 16.81 1.51 -46.59
CA GLN B 401 16.94 1.68 -45.14
C GLN B 401 16.32 0.52 -44.37
N THR B 402 16.85 0.25 -43.20
CA THR B 402 16.32 -0.82 -42.34
C THR B 402 15.93 -0.28 -40.97
N THR B 403 15.09 -1.04 -40.28
CA THR B 403 14.76 -0.79 -38.88
C THR B 403 15.92 -1.24 -38.01
N HIS B 404 15.87 -0.88 -36.72
CA HIS B 404 16.91 -1.25 -35.77
C HIS B 404 17.00 -2.76 -35.60
N TYR B 405 15.90 -3.46 -35.91
CA TYR B 405 15.88 -4.91 -35.92
C TYR B 405 16.20 -5.49 -37.31
N GLY B 406 16.68 -4.62 -38.19
CA GLY B 406 17.22 -5.04 -39.49
C GLY B 406 16.25 -5.41 -40.58
N GLN B 407 14.98 -5.02 -40.42
CA GLN B 407 13.99 -5.24 -41.46
C GLN B 407 13.92 -4.06 -42.42
N GLU B 408 13.95 -4.35 -43.72
CA GLU B 408 13.86 -3.34 -44.75
C GLU B 408 12.49 -2.66 -44.77
N VAL B 409 12.51 -1.32 -44.81
CA VAL B 409 11.28 -0.54 -44.91
C VAL B 409 11.20 0.02 -46.33
N ALA B 410 10.37 -0.62 -47.15
CA ALA B 410 10.29 -0.30 -48.57
C ALA B 410 8.87 0.03 -49.02
N ASP B 411 8.00 0.31 -48.06
CA ASP B 411 6.61 0.65 -48.35
C ASP B 411 6.20 1.95 -47.67
N CYS B 412 7.21 2.77 -47.33
CA CYS B 412 7.01 3.96 -46.51
C CYS B 412 6.42 5.14 -47.28
N VAL B 413 5.14 5.40 -47.02
CA VAL B 413 4.41 6.47 -47.70
C VAL B 413 4.34 7.76 -46.85
N LEU B 414 4.86 7.69 -45.63
CA LEU B 414 4.68 8.75 -44.63
C LEU B 414 5.02 10.16 -45.09
N GLY B 415 6.12 10.29 -45.82
CA GLY B 415 6.54 11.59 -46.34
C GLY B 415 5.41 12.29 -47.07
N GLU B 416 4.88 11.61 -48.09
CA GLU B 416 3.82 12.13 -48.95
C GLU B 416 2.51 12.30 -48.20
N LEU B 417 2.14 11.28 -47.43
CA LEU B 417 0.92 11.25 -46.64
C LEU B 417 0.81 12.49 -45.74
N VAL B 418 1.87 12.76 -44.98
CA VAL B 418 1.91 13.91 -44.08
C VAL B 418 1.73 15.21 -44.86
N THR B 419 2.37 15.30 -46.04
CA THR B 419 2.24 16.47 -46.91
C THR B 419 0.79 16.66 -47.36
N ARG B 420 0.11 15.56 -47.70
CA ARG B 420 -1.30 15.62 -48.06
C ARG B 420 -2.15 16.09 -46.89
N LEU B 421 -1.95 15.47 -45.73
CA LEU B 421 -2.74 15.77 -44.52
C LEU B 421 -2.62 17.23 -44.09
N GLN B 422 -1.40 17.77 -44.13
CA GLN B 422 -1.14 19.13 -43.70
C GLN B 422 -1.80 20.19 -44.59
N LYS B 423 -1.96 19.89 -45.87
CA LYS B 423 -2.69 20.75 -46.81
C LYS B 423 -4.16 20.81 -46.44
N SER B 424 -4.77 19.62 -46.33
CA SER B 424 -6.21 19.49 -46.07
C SER B 424 -6.64 19.89 -44.65
N ALA B 425 -5.72 19.74 -43.69
CA ALA B 425 -5.98 20.13 -42.30
C ALA B 425 -5.68 21.61 -42.04
N ASN B 426 -5.08 22.29 -43.02
CA ASN B 426 -4.78 23.71 -42.96
C ASN B 426 -3.71 24.00 -41.90
N PHE B 427 -2.68 23.16 -41.87
CA PHE B 427 -1.71 23.10 -40.76
C PHE B 427 -0.92 24.39 -40.51
N THR B 428 -0.37 24.97 -41.56
CA THR B 428 0.49 26.15 -41.42
C THR B 428 -0.30 27.40 -41.02
N THR B 429 -1.51 27.54 -41.54
CA THR B 429 -2.35 28.70 -41.22
C THR B 429 -2.85 28.61 -39.77
N ARG B 430 -3.41 27.46 -39.42
CA ARG B 430 -3.93 27.24 -38.07
C ARG B 430 -2.88 27.42 -36.98
N ARG B 431 -1.68 26.90 -37.23
CA ARG B 431 -0.56 26.97 -36.28
C ARG B 431 -0.16 28.41 -35.97
N ALA B 432 -0.25 29.26 -36.99
CA ALA B 432 0.00 30.70 -36.85
C ALA B 432 -1.19 31.39 -36.17
N GLU B 433 -2.39 30.89 -36.45
CA GLU B 433 -3.62 31.41 -35.84
C GLU B 433 -3.72 31.09 -34.36
N ILE B 434 -3.17 29.95 -33.95
CA ILE B 434 -3.12 29.57 -32.54
C ILE B 434 -2.10 30.43 -31.78
N ALA B 435 -0.95 30.72 -32.42
CA ALA B 435 0.08 31.56 -31.82
C ALA B 435 -0.46 32.93 -31.42
N ALA B 436 -1.21 33.56 -32.32
CA ALA B 436 -1.84 34.86 -32.07
C ALA B 436 -2.93 34.79 -30.99
N TRP B 437 -3.81 33.80 -31.09
CA TRP B 437 -4.87 33.56 -30.11
C TRP B 437 -4.30 33.35 -28.70
N ASN B 438 -3.17 32.66 -28.62
CA ASN B 438 -2.48 32.41 -27.35
C ASN B 438 -2.02 33.70 -26.67
N SER B 439 -1.52 34.65 -27.46
CA SER B 439 -1.04 35.93 -26.94
C SER B 439 -2.17 36.94 -26.71
N THR B 440 -3.41 36.50 -26.93
CA THR B 440 -4.60 37.28 -26.56
C THR B 440 -5.12 36.84 -25.20
N ASN B 441 -4.91 35.56 -24.86
CA ASN B 441 -5.35 35.00 -23.59
C ASN B 441 -4.21 34.85 -22.58
N ARG B 442 -4.58 34.65 -21.31
CA ARG B 442 -3.61 34.34 -20.26
C ARG B 442 -4.14 33.29 -19.29
N THR B 443 -5.42 32.94 -19.45
CA THR B 443 -6.06 31.88 -18.67
C THR B 443 -6.18 30.62 -19.51
N LEU B 444 -6.33 30.81 -20.83
CA LEU B 444 -6.48 29.70 -21.76
C LEU B 444 -5.33 29.63 -22.75
N ALA B 445 -4.95 28.41 -23.13
CA ALA B 445 -3.91 28.19 -24.13
C ALA B 445 -4.31 27.09 -25.11
N ARG B 446 -4.11 27.34 -26.39
CA ARG B 446 -4.36 26.34 -27.43
C ARG B 446 -3.06 25.69 -27.88
N GLY B 447 -3.15 24.42 -28.27
CA GLY B 447 -2.01 23.69 -28.80
C GLY B 447 -2.40 22.84 -29.99
N ILE B 448 -1.45 22.59 -30.87
CA ILE B 448 -1.65 21.73 -32.04
C ILE B 448 -0.40 20.86 -32.26
N ALA B 449 -0.61 19.64 -32.73
CA ALA B 449 0.51 18.75 -33.03
C ALA B 449 0.15 17.71 -34.09
N LEU B 450 1.18 17.26 -34.80
CA LEU B 450 1.03 16.18 -35.78
C LEU B 450 1.84 14.96 -35.35
N SER B 451 1.19 13.80 -35.31
CA SER B 451 1.85 12.54 -34.95
C SER B 451 1.74 11.52 -36.09
N PRO B 452 2.86 10.88 -36.45
CA PRO B 452 2.85 9.82 -37.47
C PRO B 452 2.76 8.42 -36.86
N VAL B 453 2.26 7.47 -37.65
CA VAL B 453 2.17 6.08 -37.23
C VAL B 453 2.79 5.15 -38.25
N LYS B 454 3.78 4.37 -37.80
CA LYS B 454 4.31 3.25 -38.56
C LYS B 454 4.15 2.00 -37.70
N PHE B 455 3.23 1.12 -38.10
CA PHE B 455 2.88 -0.06 -37.30
C PHE B 455 3.09 -1.34 -38.09
N GLY B 456 3.94 -2.22 -37.58
CA GLY B 456 4.19 -3.52 -38.21
C GLY B 456 3.05 -4.49 -38.01
N ILE B 457 2.62 -5.14 -39.09
CA ILE B 457 1.51 -6.09 -39.05
C ILE B 457 2.02 -7.53 -39.06
N SER B 458 1.41 -8.37 -38.23
CA SER B 458 1.74 -9.81 -38.06
C SER B 458 2.01 -10.11 -36.59
N PHE B 459 1.83 -11.38 -36.21
CA PHE B 459 2.27 -11.85 -34.90
C PHE B 459 3.80 -11.91 -34.90
N THR B 460 4.43 -11.35 -33.87
CA THR B 460 5.88 -11.45 -33.71
C THR B 460 6.26 -12.90 -33.40
N LEU B 461 5.31 -13.64 -32.85
CA LEU B 461 5.40 -15.08 -32.73
C LEU B 461 4.94 -15.70 -34.06
N THR B 462 5.91 -15.97 -34.94
CA THR B 462 5.67 -16.33 -36.35
C THR B 462 4.62 -17.42 -36.61
N HIS B 463 4.72 -18.55 -35.90
CA HIS B 463 3.86 -19.70 -36.18
C HIS B 463 2.35 -19.45 -35.96
N LEU B 464 2.03 -18.33 -35.32
CA LEU B 464 0.65 -17.94 -35.08
C LEU B 464 0.04 -17.19 -36.27
N ASN B 465 0.87 -16.91 -37.27
CA ASN B 465 0.41 -16.25 -38.48
C ASN B 465 -0.23 -17.23 -39.46
N GLN B 466 -1.30 -17.88 -39.00
CA GLN B 466 -2.09 -18.83 -39.80
C GLN B 466 -3.58 -18.68 -39.51
N ALA B 467 -4.41 -18.96 -40.50
CA ALA B 467 -5.87 -18.94 -40.34
C ALA B 467 -6.53 -19.97 -41.24
N GLY B 468 -7.74 -20.38 -40.87
CA GLY B 468 -8.46 -21.40 -41.61
C GLY B 468 -9.92 -21.05 -41.78
N ALA B 469 -10.55 -21.61 -42.81
CA ALA B 469 -11.97 -21.38 -43.06
C ALA B 469 -12.66 -22.66 -43.54
N LEU B 470 -13.98 -22.66 -43.45
CA LEU B 470 -14.81 -23.77 -43.93
C LEU B 470 -16.07 -23.22 -44.59
N VAL B 471 -16.25 -23.53 -45.87
CA VAL B 471 -17.37 -22.99 -46.66
C VAL B 471 -18.28 -24.08 -47.22
N GLN B 472 -19.59 -23.90 -47.03
CA GLN B 472 -20.61 -24.82 -47.53
C GLN B 472 -21.49 -24.11 -48.55
N ILE B 473 -21.65 -24.70 -49.73
CA ILE B 473 -22.70 -24.24 -50.63
C ILE B 473 -23.83 -25.24 -50.60
N TYR B 474 -25.03 -24.78 -50.29
CA TYR B 474 -26.22 -25.62 -50.27
C TYR B 474 -26.95 -25.62 -51.62
N THR B 475 -27.76 -26.65 -51.86
CA THR B 475 -28.40 -26.88 -53.16
C THR B 475 -29.35 -25.77 -53.62
N ASP B 476 -29.79 -24.92 -52.69
CA ASP B 476 -30.60 -23.76 -53.06
C ASP B 476 -29.72 -22.55 -53.41
N GLY B 477 -28.41 -22.77 -53.47
CA GLY B 477 -27.46 -21.72 -53.87
C GLY B 477 -26.86 -20.93 -52.72
N SER B 478 -27.57 -20.86 -51.59
CA SER B 478 -27.12 -20.10 -50.43
C SER B 478 -25.86 -20.68 -49.77
N VAL B 479 -25.05 -19.81 -49.19
CA VAL B 479 -23.74 -20.19 -48.65
C VAL B 479 -23.66 -20.00 -47.13
N ALA B 480 -22.96 -20.95 -46.48
CA ALA B 480 -22.65 -20.87 -45.05
C ALA B 480 -21.14 -20.71 -44.86
N LEU B 481 -20.74 -19.59 -44.28
CA LEU B 481 -19.33 -19.22 -44.17
C LEU B 481 -18.83 -19.29 -42.74
N ASN B 482 -17.68 -19.95 -42.55
CA ASN B 482 -17.10 -20.14 -41.23
C ASN B 482 -15.58 -19.98 -41.25
N HIS B 483 -15.05 -19.10 -40.40
CA HIS B 483 -13.61 -18.86 -40.32
C HIS B 483 -13.10 -18.82 -38.88
N GLY B 484 -11.78 -18.71 -38.73
CA GLY B 484 -11.13 -18.79 -37.41
C GLY B 484 -11.25 -17.55 -36.55
N GLY B 485 -11.49 -16.41 -37.19
CA GLY B 485 -11.53 -15.13 -36.50
C GLY B 485 -12.84 -14.91 -35.73
N THR B 486 -12.75 -14.09 -34.69
CA THR B 486 -13.89 -13.82 -33.81
C THR B 486 -14.35 -12.37 -33.92
N GLU B 487 -15.67 -12.18 -33.89
CA GLU B 487 -16.26 -10.86 -33.97
C GLU B 487 -16.31 -10.18 -32.60
N MET B 488 -15.58 -9.09 -32.47
CA MET B 488 -15.64 -8.28 -31.25
C MET B 488 -16.12 -6.87 -31.56
N GLY B 489 -16.63 -6.67 -32.77
CA GLY B 489 -17.20 -5.40 -33.18
C GLY B 489 -16.49 -4.74 -34.34
N GLN B 490 -15.35 -5.31 -34.73
CA GLN B 490 -14.49 -4.71 -35.76
C GLN B 490 -14.99 -4.91 -37.20
N GLY B 491 -16.19 -5.47 -37.34
CA GLY B 491 -16.76 -5.76 -38.67
C GLY B 491 -15.98 -6.83 -39.42
N LEU B 492 -15.47 -7.81 -38.68
CA LEU B 492 -14.69 -8.89 -39.27
C LEU B 492 -15.54 -9.81 -40.14
N HIS B 493 -16.69 -10.22 -39.62
CA HIS B 493 -17.59 -11.12 -40.36
C HIS B 493 -18.10 -10.49 -41.65
N ALA B 494 -18.42 -9.20 -41.58
CA ALA B 494 -18.87 -8.44 -42.74
C ALA B 494 -17.80 -8.42 -43.83
N LYS B 495 -16.54 -8.30 -43.42
CA LYS B 495 -15.42 -8.29 -44.37
C LYS B 495 -15.26 -9.66 -45.02
N MET B 496 -15.42 -10.73 -44.25
CA MET B 496 -15.28 -12.09 -44.77
C MET B 496 -16.43 -12.45 -45.72
N VAL B 497 -17.64 -12.01 -45.38
CA VAL B 497 -18.80 -12.18 -46.25
C VAL B 497 -18.54 -11.46 -47.58
N GLN B 498 -18.01 -10.24 -47.51
CA GLN B 498 -17.64 -9.47 -48.69
C GLN B 498 -16.59 -10.18 -49.54
N VAL B 499 -15.55 -10.70 -48.89
CA VAL B 499 -14.50 -11.48 -49.57
C VAL B 499 -15.08 -12.73 -50.21
N ALA B 500 -15.90 -13.47 -49.45
CA ALA B 500 -16.50 -14.71 -49.95
C ALA B 500 -17.36 -14.44 -51.20
N ALA B 501 -18.30 -13.51 -51.06
CA ALA B 501 -19.22 -13.16 -52.14
C ALA B 501 -18.50 -12.57 -53.36
N ALA B 502 -17.36 -11.93 -53.11
CA ALA B 502 -16.51 -11.42 -54.19
C ALA B 502 -15.88 -12.58 -54.97
N VAL B 503 -15.31 -13.55 -54.25
CA VAL B 503 -14.61 -14.67 -54.88
C VAL B 503 -15.55 -15.62 -55.64
N LEU B 504 -16.70 -15.92 -55.06
CA LEU B 504 -17.67 -16.80 -55.71
C LEU B 504 -18.45 -16.09 -56.83
N GLY B 505 -18.45 -14.76 -56.80
CA GLY B 505 -19.16 -13.96 -57.79
C GLY B 505 -20.64 -13.88 -57.54
N ILE B 506 -21.02 -13.77 -56.27
CA ILE B 506 -22.42 -13.72 -55.83
C ILE B 506 -22.76 -12.53 -54.95
N ASP B 507 -24.06 -12.27 -54.77
CA ASP B 507 -24.56 -11.24 -53.86
C ASP B 507 -24.24 -11.65 -52.43
N PRO B 508 -23.68 -10.73 -51.61
CA PRO B 508 -23.34 -11.03 -50.21
C PRO B 508 -24.53 -11.47 -49.34
N VAL B 509 -25.74 -11.23 -49.82
CA VAL B 509 -26.96 -11.71 -49.17
C VAL B 509 -26.94 -13.25 -49.09
N GLN B 510 -26.45 -13.87 -50.16
CA GLN B 510 -26.38 -15.34 -50.26
C GLN B 510 -25.39 -15.96 -49.28
N VAL B 511 -24.51 -15.14 -48.71
CA VAL B 511 -23.52 -15.65 -47.76
C VAL B 511 -23.96 -15.39 -46.33
N ARG B 512 -24.04 -16.46 -45.54
CA ARG B 512 -24.40 -16.37 -44.13
C ARG B 512 -23.22 -16.75 -43.25
N ILE B 513 -22.90 -15.89 -42.28
CA ILE B 513 -21.81 -16.18 -41.35
C ILE B 513 -22.31 -17.05 -40.19
N THR B 514 -21.45 -17.96 -39.75
CA THR B 514 -21.78 -18.88 -38.66
C THR B 514 -20.81 -18.64 -37.51
N ALA B 515 -21.27 -18.91 -36.28
CA ALA B 515 -20.47 -18.67 -35.07
C ALA B 515 -19.12 -19.40 -35.09
N THR B 516 -18.11 -18.79 -34.48
CA THR B 516 -16.75 -19.33 -34.45
C THR B 516 -16.73 -20.62 -33.64
N ASP B 517 -16.22 -21.68 -34.25
CA ASP B 517 -16.33 -23.03 -33.71
C ASP B 517 -15.00 -23.78 -33.85
N THR B 518 -14.45 -24.23 -32.72
CA THR B 518 -13.19 -24.98 -32.73
C THR B 518 -13.36 -26.36 -33.36
N SER B 519 -14.60 -26.83 -33.44
CA SER B 519 -14.90 -28.11 -34.09
C SER B 519 -15.07 -27.95 -35.60
N LYS B 520 -15.29 -26.71 -36.05
CA LYS B 520 -15.39 -26.43 -37.48
C LYS B 520 -14.03 -26.01 -38.07
N VAL B 521 -13.40 -24.98 -37.49
CA VAL B 521 -12.02 -24.61 -37.85
C VAL B 521 -11.08 -24.79 -36.66
N PRO B 522 -10.21 -25.83 -36.70
CA PRO B 522 -9.37 -26.18 -35.57
C PRO B 522 -8.02 -25.47 -35.52
N ASN B 523 -7.43 -25.41 -34.33
CA ASN B 523 -6.07 -24.90 -34.12
C ASN B 523 -5.86 -23.44 -34.56
N THR B 524 -6.88 -22.63 -34.33
CA THR B 524 -6.87 -21.21 -34.69
C THR B 524 -5.97 -20.39 -33.74
N SER B 525 -5.50 -19.25 -34.23
CA SER B 525 -4.78 -18.30 -33.38
C SER B 525 -5.76 -17.33 -32.75
N ALA B 526 -5.27 -16.51 -31.84
CA ALA B 526 -6.11 -15.47 -31.24
C ALA B 526 -6.41 -14.43 -32.30
N THR B 527 -7.62 -13.87 -32.27
CA THR B 527 -7.95 -12.77 -33.19
C THR B 527 -7.25 -11.50 -32.70
N ALA B 528 -5.98 -11.39 -33.09
CA ALA B 528 -5.10 -10.32 -32.62
C ALA B 528 -4.21 -9.80 -33.75
N ALA B 529 -3.24 -8.94 -33.40
CA ALA B 529 -2.23 -8.39 -34.33
C ALA B 529 -2.79 -7.72 -35.59
N SER B 530 -4.08 -7.35 -35.52
CA SER B 530 -4.83 -6.80 -36.67
C SER B 530 -4.92 -7.78 -37.85
N SER B 531 -4.32 -8.96 -37.67
CA SER B 531 -4.23 -10.00 -38.69
C SER B 531 -5.53 -10.80 -38.89
N GLY B 532 -6.54 -10.50 -38.07
CA GLY B 532 -7.85 -11.14 -38.16
C GLY B 532 -8.41 -11.18 -39.56
N ALA B 533 -8.75 -10.01 -40.10
CA ALA B 533 -9.24 -9.88 -41.47
C ALA B 533 -8.18 -10.30 -42.52
N ASP B 534 -6.92 -10.03 -42.20
CA ASP B 534 -5.80 -10.34 -43.09
C ASP B 534 -5.72 -11.81 -43.46
N MET B 535 -5.62 -12.66 -42.45
CA MET B 535 -5.35 -14.08 -42.65
C MET B 535 -6.62 -14.88 -42.90
N ASN B 536 -7.70 -14.52 -42.22
CA ASN B 536 -9.00 -15.14 -42.47
C ASN B 536 -9.57 -14.75 -43.82
N GLY B 537 -9.26 -13.53 -44.27
CA GLY B 537 -9.60 -13.10 -45.62
C GLY B 537 -9.02 -14.04 -46.65
N MET B 538 -7.72 -14.31 -46.50
CA MET B 538 -7.00 -15.26 -47.33
C MET B 538 -7.60 -16.67 -47.24
N ALA B 539 -7.83 -17.13 -46.01
CA ALA B 539 -8.36 -18.48 -45.76
C ALA B 539 -9.73 -18.68 -46.41
N VAL B 540 -10.59 -17.68 -46.31
CA VAL B 540 -11.91 -17.70 -46.93
C VAL B 540 -11.79 -17.73 -48.46
N LYS B 541 -10.94 -16.86 -49.00
CA LYS B 541 -10.68 -16.80 -50.44
C LYS B 541 -10.23 -18.16 -51.00
N ASP B 542 -9.39 -18.86 -50.23
CA ASP B 542 -8.88 -20.18 -50.59
C ASP B 542 -9.99 -21.22 -50.69
N ALA B 543 -10.90 -21.22 -49.71
CA ALA B 543 -12.03 -22.13 -49.67
C ALA B 543 -13.00 -21.85 -50.81
N CYS B 544 -13.19 -20.57 -51.12
CA CYS B 544 -14.09 -20.16 -52.19
C CYS B 544 -13.52 -20.42 -53.57
N GLU B 545 -12.22 -20.19 -53.76
CA GLU B 545 -11.55 -20.46 -55.02
C GLU B 545 -11.54 -21.95 -55.34
N THR B 546 -11.44 -22.78 -54.31
CA THR B 546 -11.56 -24.23 -54.43
C THR B 546 -12.96 -24.60 -54.90
N LEU B 547 -13.96 -23.97 -54.29
CA LEU B 547 -15.34 -24.18 -54.69
C LEU B 547 -15.65 -23.61 -56.07
N ARG B 548 -15.20 -22.38 -56.33
CA ARG B 548 -15.41 -21.75 -57.63
C ARG B 548 -14.76 -22.56 -58.73
N GLY B 549 -13.59 -23.11 -58.43
CA GLY B 549 -12.86 -23.99 -59.32
C GLY B 549 -13.63 -25.25 -59.64
N ARG B 550 -14.19 -25.88 -58.62
CA ARG B 550 -15.01 -27.07 -58.79
C ARG B 550 -16.20 -26.84 -59.72
N LEU B 551 -16.91 -25.74 -59.50
CA LEU B 551 -18.07 -25.38 -60.31
C LEU B 551 -17.66 -25.00 -61.73
N ALA B 552 -16.58 -24.22 -61.86
CA ALA B 552 -16.06 -23.83 -63.18
C ALA B 552 -15.66 -25.06 -63.98
N GLY B 553 -14.99 -26.01 -63.33
CA GLY B 553 -14.56 -27.25 -63.96
C GLY B 553 -15.73 -28.10 -64.43
N PHE B 554 -16.78 -28.16 -63.61
CA PHE B 554 -18.01 -28.87 -63.95
C PHE B 554 -18.72 -28.28 -65.17
N VAL B 555 -18.92 -26.96 -65.14
CA VAL B 555 -19.59 -26.24 -66.23
C VAL B 555 -18.81 -26.43 -67.51
N ALA B 556 -17.49 -26.25 -67.43
CA ALA B 556 -16.59 -26.36 -68.57
C ALA B 556 -16.67 -27.72 -69.24
N ALA B 557 -16.76 -28.77 -68.42
CA ALA B 557 -16.92 -30.14 -68.91
C ALA B 557 -18.29 -30.29 -69.58
N ARG B 558 -19.33 -29.90 -68.86
CA ARG B 558 -20.72 -30.03 -69.31
C ARG B 558 -20.98 -29.20 -70.56
N GLU B 559 -20.35 -28.02 -70.63
CA GLU B 559 -20.55 -27.09 -71.74
C GLU B 559 -19.48 -27.22 -72.83
N GLY B 560 -18.46 -28.03 -72.57
CA GLY B 560 -17.37 -28.25 -73.53
C GLY B 560 -16.53 -27.01 -73.75
N CYS B 561 -15.60 -26.75 -72.84
CA CYS B 561 -14.63 -25.65 -72.96
C CYS B 561 -13.67 -25.59 -71.78
N ALA B 562 -12.94 -24.47 -71.66
CA ALA B 562 -11.94 -24.27 -70.61
C ALA B 562 -12.56 -23.72 -69.34
N ALA B 563 -12.14 -24.26 -68.20
CA ALA B 563 -12.66 -23.85 -66.88
C ALA B 563 -12.46 -22.37 -66.60
N ARG B 564 -11.36 -21.81 -67.10
CA ARG B 564 -11.03 -20.41 -66.89
C ARG B 564 -11.90 -19.47 -67.72
N ASP B 565 -12.67 -20.03 -68.64
CA ASP B 565 -13.54 -19.23 -69.49
C ASP B 565 -14.96 -19.12 -68.92
N VAL B 566 -15.16 -19.72 -67.74
CA VAL B 566 -16.45 -19.67 -67.07
C VAL B 566 -16.45 -18.47 -66.12
N ILE B 567 -17.35 -17.52 -66.38
CA ILE B 567 -17.40 -16.28 -65.60
C ILE B 567 -18.44 -16.35 -64.47
N PHE B 568 -17.98 -16.07 -63.26
CA PHE B 568 -18.85 -16.02 -62.07
C PHE B 568 -18.98 -14.57 -61.65
N ASP B 569 -20.15 -13.98 -61.87
CA ASP B 569 -20.36 -12.56 -61.60
C ASP B 569 -21.83 -12.22 -61.38
N ALA B 570 -22.10 -11.42 -60.36
CA ALA B 570 -23.43 -10.88 -60.07
C ALA B 570 -24.53 -11.93 -59.87
N GLY B 571 -24.17 -13.06 -59.28
CA GLY B 571 -25.10 -14.16 -59.06
C GLY B 571 -25.43 -14.93 -60.33
N GLN B 572 -24.68 -14.63 -61.38
CA GLN B 572 -24.84 -15.28 -62.68
C GLN B 572 -23.58 -16.03 -63.02
N VAL B 573 -23.74 -17.20 -63.64
CA VAL B 573 -22.61 -17.94 -64.17
C VAL B 573 -22.72 -17.88 -65.69
N GLN B 574 -21.58 -17.78 -66.36
CA GLN B 574 -21.58 -17.63 -67.81
C GLN B 574 -20.49 -18.47 -68.45
N ALA B 575 -20.90 -19.35 -69.37
CA ALA B 575 -19.99 -20.19 -70.14
C ALA B 575 -20.61 -20.61 -71.46
N SER B 576 -19.84 -20.49 -72.54
CA SER B 576 -20.28 -20.85 -73.90
C SER B 576 -21.46 -20.01 -74.41
N GLY B 577 -21.45 -18.71 -74.10
CA GLY B 577 -22.51 -17.79 -74.53
C GLY B 577 -23.84 -17.97 -73.81
N LYS B 578 -23.93 -19.03 -73.01
CA LYS B 578 -25.11 -19.30 -72.20
C LYS B 578 -24.91 -18.75 -70.78
N SER B 579 -26.01 -18.50 -70.09
CA SER B 579 -25.94 -17.95 -68.73
C SER B 579 -27.01 -18.53 -67.81
N TRP B 580 -26.58 -18.94 -66.62
CA TRP B 580 -27.47 -19.47 -65.58
C TRP B 580 -27.34 -18.62 -64.33
N ARG B 581 -28.26 -18.80 -63.41
CA ARG B 581 -28.12 -18.24 -62.08
C ARG B 581 -27.23 -19.16 -61.28
N PHE B 582 -26.61 -18.62 -60.24
CA PHE B 582 -25.70 -19.38 -59.40
C PHE B 582 -26.35 -20.65 -58.87
N ALA B 583 -27.59 -20.52 -58.40
CA ALA B 583 -28.38 -21.64 -57.87
C ALA B 583 -28.54 -22.76 -58.89
N GLU B 584 -28.78 -22.39 -60.14
CA GLU B 584 -28.96 -23.35 -61.24
C GLU B 584 -27.72 -24.20 -61.46
N ILE B 585 -26.56 -23.57 -61.37
CA ILE B 585 -25.28 -24.25 -61.58
C ILE B 585 -24.96 -25.17 -60.41
N VAL B 586 -25.17 -24.67 -59.19
CA VAL B 586 -24.92 -25.44 -57.96
C VAL B 586 -25.78 -26.69 -57.88
N ALA B 587 -27.09 -26.53 -58.08
CA ALA B 587 -28.03 -27.65 -58.09
C ALA B 587 -27.57 -28.70 -59.11
N ALA B 588 -27.23 -28.25 -60.31
CA ALA B 588 -26.74 -29.11 -61.38
C ALA B 588 -25.44 -29.81 -61.01
N ALA B 589 -24.56 -29.08 -60.31
CA ALA B 589 -23.29 -29.64 -59.82
C ALA B 589 -23.54 -30.62 -58.70
N TYR B 590 -24.60 -30.38 -57.92
CA TYR B 590 -25.02 -31.32 -56.90
C TYR B 590 -25.46 -32.61 -57.57
N MET B 591 -26.38 -32.50 -58.53
CA MET B 591 -26.88 -33.65 -59.29
C MET B 591 -25.73 -34.44 -59.91
N ALA B 592 -24.72 -33.70 -60.35
CA ALA B 592 -23.51 -34.28 -60.95
C ALA B 592 -22.60 -34.97 -59.92
N ARG B 593 -22.93 -34.81 -58.64
CA ARG B 593 -22.16 -35.35 -57.51
C ARG B 593 -20.76 -34.74 -57.40
N ILE B 594 -20.74 -33.42 -57.19
CA ILE B 594 -19.52 -32.66 -56.99
C ILE B 594 -19.60 -31.98 -55.61
N SER B 595 -18.54 -32.13 -54.81
CA SER B 595 -18.55 -31.62 -53.44
C SER B 595 -18.73 -30.12 -53.37
N LEU B 596 -19.71 -29.69 -52.59
CA LEU B 596 -19.96 -28.25 -52.38
C LEU B 596 -19.50 -27.82 -50.99
N SER B 597 -18.40 -28.42 -50.53
CA SER B 597 -17.81 -28.13 -49.23
C SER B 597 -16.29 -28.12 -49.36
N ALA B 598 -15.66 -27.07 -48.85
CA ALA B 598 -14.21 -26.94 -48.92
C ALA B 598 -13.64 -26.18 -47.74
N THR B 599 -12.49 -26.65 -47.26
CA THR B 599 -11.72 -25.94 -46.25
C THR B 599 -10.79 -24.94 -46.95
N GLY B 600 -10.44 -23.89 -46.22
CA GLY B 600 -9.45 -22.94 -46.69
C GLY B 600 -8.41 -22.77 -45.61
N PHE B 601 -7.22 -22.30 -45.98
CA PHE B 601 -6.11 -22.14 -45.03
C PHE B 601 -5.05 -21.21 -45.57
N TYR B 602 -4.52 -20.35 -44.71
CA TYR B 602 -3.46 -19.42 -45.08
C TYR B 602 -2.39 -19.27 -44.00
N ALA B 603 -1.14 -19.16 -44.45
CA ALA B 603 -0.02 -18.81 -43.57
C ALA B 603 0.75 -17.63 -44.18
N THR B 604 1.04 -16.62 -43.35
CA THR B 604 1.72 -15.41 -43.84
C THR B 604 3.17 -15.74 -44.22
N PRO B 605 3.54 -15.45 -45.48
CA PRO B 605 4.89 -15.76 -45.97
C PRO B 605 5.93 -14.70 -45.58
N LYS B 606 7.20 -14.99 -45.86
CA LYS B 606 8.32 -14.05 -45.73
C LYS B 606 8.79 -13.76 -44.30
N LEU B 607 8.00 -14.19 -43.31
CA LEU B 607 8.28 -13.91 -41.90
C LEU B 607 9.33 -14.85 -41.32
N SER B 608 10.41 -14.27 -40.78
CA SER B 608 11.46 -15.02 -40.09
C SER B 608 12.33 -14.05 -39.31
N TRP B 609 12.36 -14.19 -37.99
CA TRP B 609 13.17 -13.33 -37.13
C TRP B 609 13.61 -13.99 -35.82
N ASP B 610 14.79 -13.59 -35.35
CA ASP B 610 15.35 -14.09 -34.09
C ASP B 610 15.06 -13.10 -32.97
N ARG B 611 14.16 -13.51 -32.07
CA ARG B 611 13.76 -12.72 -30.91
C ARG B 611 14.94 -12.28 -30.03
N LEU B 612 15.87 -13.21 -29.81
CA LEU B 612 16.97 -12.99 -28.87
C LEU B 612 18.00 -11.97 -29.38
N ARG B 613 18.32 -12.02 -30.67
CA ARG B 613 19.26 -11.06 -31.25
C ARG B 613 18.57 -9.80 -31.77
N GLY B 614 17.25 -9.86 -31.91
CA GLY B 614 16.47 -8.73 -32.42
C GLY B 614 16.84 -8.42 -33.85
N GLN B 615 16.82 -9.46 -34.67
CA GLN B 615 17.18 -9.37 -36.08
C GLN B 615 16.19 -10.18 -36.92
N GLY B 616 15.93 -9.74 -38.14
CA GLY B 616 15.06 -10.48 -39.06
C GLY B 616 13.85 -9.70 -39.53
N ARG B 617 12.88 -10.41 -40.08
CA ARG B 617 11.66 -9.81 -40.63
C ARG B 617 10.45 -10.32 -39.89
N PRO B 618 10.09 -9.70 -38.74
CA PRO B 618 8.92 -10.12 -38.01
C PRO B 618 7.61 -9.78 -38.73
N PHE B 619 7.62 -8.69 -39.49
CA PHE B 619 6.41 -8.18 -40.13
C PHE B 619 6.37 -8.40 -41.64
N LEU B 620 5.17 -8.62 -42.16
CA LEU B 620 4.97 -8.70 -43.61
C LEU B 620 4.99 -7.31 -44.22
N TYR B 621 4.25 -6.40 -43.60
CA TYR B 621 4.20 -5.01 -44.03
C TYR B 621 3.93 -4.08 -42.85
N PHE B 622 4.03 -2.78 -43.08
CA PHE B 622 3.71 -1.79 -42.08
C PHE B 622 2.44 -1.04 -42.48
N ALA B 623 1.71 -0.52 -41.50
CA ALA B 623 0.56 0.33 -41.75
C ALA B 623 0.91 1.77 -41.37
N TYR B 624 0.51 2.72 -42.21
CA TYR B 624 0.86 4.13 -41.99
C TYR B 624 -0.36 5.02 -41.76
N GLY B 625 -0.12 6.16 -41.14
CA GLY B 625 -1.17 7.16 -40.92
C GLY B 625 -0.62 8.35 -40.15
N ALA B 626 -1.36 9.45 -40.18
CA ALA B 626 -0.99 10.64 -39.41
C ALA B 626 -2.23 11.41 -38.93
N ALA B 627 -2.08 12.09 -37.78
CA ALA B 627 -3.17 12.83 -37.18
C ALA B 627 -2.73 14.21 -36.69
N ILE B 628 -3.54 15.22 -37.00
CA ILE B 628 -3.32 16.58 -36.50
C ILE B 628 -4.40 16.95 -35.50
N THR B 629 -4.02 17.10 -34.24
CA THR B 629 -4.95 17.36 -33.15
C THR B 629 -4.79 18.77 -32.59
N GLU B 630 -5.92 19.41 -32.27
CA GLU B 630 -5.93 20.72 -31.63
C GLU B 630 -6.68 20.66 -30.30
N VAL B 631 -6.14 21.35 -29.29
CA VAL B 631 -6.67 21.30 -27.92
C VAL B 631 -6.67 22.66 -27.23
N VAL B 632 -7.47 22.78 -26.17
CA VAL B 632 -7.46 23.95 -25.27
C VAL B 632 -7.17 23.52 -23.85
N ILE B 633 -6.41 24.33 -23.12
CA ILE B 633 -6.14 24.04 -21.71
C ILE B 633 -6.42 25.25 -20.81
N ASP B 634 -7.02 24.99 -19.66
CA ASP B 634 -7.21 26.01 -18.64
C ASP B 634 -5.94 26.06 -17.79
N ARG B 635 -5.27 27.20 -17.80
CA ARG B 635 -3.98 27.36 -17.12
C ARG B 635 -4.11 27.40 -15.60
N LEU B 636 -5.33 27.62 -15.11
CA LEU B 636 -5.59 27.64 -13.68
C LEU B 636 -5.82 26.26 -13.06
N THR B 637 -6.59 25.42 -13.76
CA THR B 637 -7.01 24.12 -13.24
C THR B 637 -6.42 22.93 -14.00
N GLY B 638 -6.19 23.10 -15.30
CA GLY B 638 -5.67 22.02 -16.13
C GLY B 638 -6.73 21.36 -16.99
N GLU B 639 -7.98 21.78 -16.80
CA GLU B 639 -9.10 21.31 -17.62
C GLU B 639 -8.81 21.51 -19.11
N ASN B 640 -9.29 20.58 -19.94
CA ASN B 640 -8.94 20.58 -21.36
C ASN B 640 -9.85 19.73 -22.24
N ARG B 641 -9.95 20.10 -23.52
CA ARG B 641 -10.67 19.28 -24.51
C ARG B 641 -10.13 19.39 -25.93
N ILE B 642 -10.25 18.28 -26.67
CA ILE B 642 -9.87 18.24 -28.08
C ILE B 642 -10.92 18.97 -28.92
N LEU B 643 -10.50 20.04 -29.60
CA LEU B 643 -11.39 20.86 -30.42
C LEU B 643 -11.54 20.32 -31.84
N ARG B 644 -10.42 19.95 -32.45
CA ARG B 644 -10.42 19.45 -33.82
C ARG B 644 -9.35 18.38 -34.04
N THR B 645 -9.71 17.38 -34.84
CA THR B 645 -8.79 16.32 -35.25
C THR B 645 -8.92 16.07 -36.76
N ASP B 646 -7.78 15.87 -37.41
CA ASP B 646 -7.74 15.48 -38.81
C ASP B 646 -6.85 14.25 -38.98
N ILE B 647 -7.40 13.19 -39.55
CA ILE B 647 -6.65 11.95 -39.77
C ILE B 647 -6.60 11.55 -41.24
N LEU B 648 -5.40 11.20 -41.70
CA LEU B 648 -5.24 10.52 -42.99
C LEU B 648 -4.54 9.19 -42.76
N HIS B 649 -5.32 8.10 -42.80
CA HIS B 649 -4.79 6.79 -42.49
C HIS B 649 -4.78 5.88 -43.70
N ASP B 650 -3.68 5.14 -43.86
CA ASP B 650 -3.52 4.18 -44.94
C ASP B 650 -4.12 2.83 -44.56
N ALA B 651 -5.25 2.50 -45.18
CA ALA B 651 -5.89 1.21 -44.96
C ALA B 651 -5.60 0.26 -46.13
N GLY B 652 -4.71 0.70 -47.01
CA GLY B 652 -4.41 -0.03 -48.24
C GLY B 652 -5.56 0.11 -49.20
N ALA B 653 -5.83 -0.95 -49.95
CA ALA B 653 -7.04 -1.04 -50.75
C ALA B 653 -8.14 -1.60 -49.85
N SER B 654 -8.76 -0.71 -49.08
CA SER B 654 -9.76 -1.07 -48.05
C SER B 654 -10.75 -2.16 -48.47
N LEU B 655 -11.00 -3.12 -47.58
CA LEU B 655 -12.03 -4.13 -47.80
C LEU B 655 -13.41 -3.52 -47.64
N ASN B 656 -13.50 -2.54 -46.74
CA ASN B 656 -14.73 -1.83 -46.46
C ASN B 656 -14.44 -0.41 -45.94
N PRO B 657 -14.60 0.60 -46.82
CA PRO B 657 -14.31 1.99 -46.48
C PRO B 657 -15.01 2.42 -45.20
N ALA B 658 -16.31 2.14 -45.10
CA ALA B 658 -17.14 2.50 -43.95
C ALA B 658 -16.61 1.89 -42.66
N LEU B 659 -16.52 0.56 -42.64
CA LEU B 659 -16.01 -0.17 -41.49
C LEU B 659 -14.63 0.33 -41.04
N ASP B 660 -13.79 0.68 -42.01
CA ASP B 660 -12.43 1.15 -41.74
C ASP B 660 -12.40 2.53 -41.12
N ILE B 661 -13.19 3.46 -41.66
CA ILE B 661 -13.30 4.78 -41.07
C ILE B 661 -13.70 4.63 -39.61
N GLY B 662 -14.71 3.80 -39.36
CA GLY B 662 -15.19 3.53 -38.01
C GLY B 662 -14.10 3.08 -37.06
N GLN B 663 -13.28 2.14 -37.51
CA GLN B 663 -12.14 1.65 -36.74
C GLN B 663 -11.17 2.77 -36.38
N ILE B 664 -10.87 3.62 -37.36
CA ILE B 664 -10.00 4.78 -37.14
C ILE B 664 -10.61 5.78 -36.16
N GLU B 665 -11.87 6.16 -36.41
CA GLU B 665 -12.63 7.04 -35.51
C GLU B 665 -12.54 6.56 -34.07
N GLY B 666 -12.88 5.29 -33.85
CA GLY B 666 -12.94 4.70 -32.53
C GLY B 666 -11.59 4.50 -31.87
N ALA B 667 -10.63 3.99 -32.64
CA ALA B 667 -9.28 3.74 -32.14
C ALA B 667 -8.58 5.03 -31.75
N TYR B 668 -8.88 6.12 -32.47
CA TYR B 668 -8.35 7.42 -32.13
C TYR B 668 -8.85 7.85 -30.75
N VAL B 669 -10.17 7.88 -30.57
CA VAL B 669 -10.79 8.27 -29.31
C VAL B 669 -10.27 7.43 -28.15
N GLN B 670 -10.04 6.14 -28.40
CA GLN B 670 -9.51 5.21 -27.40
C GLN B 670 -8.03 5.47 -27.12
N GLY B 671 -7.30 5.85 -28.15
CA GLY B 671 -5.87 6.20 -28.04
C GLY B 671 -5.68 7.50 -27.28
N ALA B 672 -6.49 8.50 -27.62
CA ALA B 672 -6.49 9.78 -26.93
C ALA B 672 -6.93 9.61 -25.46
N GLY B 673 -7.97 8.83 -25.25
CA GLY B 673 -8.50 8.55 -23.91
C GLY B 673 -7.48 7.90 -22.99
N TRP B 674 -6.65 7.03 -23.57
CA TRP B 674 -5.55 6.42 -22.86
C TRP B 674 -4.60 7.47 -22.29
N LEU B 675 -4.32 8.49 -23.08
CA LEU B 675 -3.31 9.49 -22.73
C LEU B 675 -3.89 10.74 -22.06
N THR B 676 -5.19 10.74 -21.79
CA THR B 676 -5.84 11.92 -21.22
C THR B 676 -6.57 11.70 -19.88
N THR B 677 -7.73 11.04 -19.91
CA THR B 677 -8.58 10.97 -18.72
C THR B 677 -8.60 9.59 -18.03
N GLU B 678 -8.10 8.57 -18.73
CA GLU B 678 -8.07 7.21 -18.17
C GLU B 678 -6.83 7.01 -17.32
N GLU B 679 -7.03 6.66 -16.05
CA GLU B 679 -5.93 6.57 -15.11
C GLU B 679 -6.16 5.47 -14.07
N LEU B 680 -5.17 4.58 -13.94
CA LEU B 680 -5.24 3.52 -12.96
C LEU B 680 -4.52 3.93 -11.69
N VAL B 681 -5.15 3.69 -10.55
CA VAL B 681 -4.59 4.08 -9.26
C VAL B 681 -4.65 2.92 -8.26
N TRP B 682 -3.49 2.57 -7.71
CA TRP B 682 -3.39 1.60 -6.61
C TRP B 682 -3.07 2.33 -5.30
N ASP B 683 -3.61 1.84 -4.20
CA ASP B 683 -3.29 2.40 -2.89
C ASP B 683 -1.92 1.91 -2.41
N HIS B 684 -1.59 2.23 -1.16
CA HIS B 684 -0.32 1.82 -0.56
C HIS B 684 -0.22 0.32 -0.28
N CYS B 685 -1.33 -0.39 -0.47
CA CYS B 685 -1.38 -1.83 -0.23
C CYS B 685 -1.59 -2.66 -1.50
N GLY B 686 -1.63 -1.98 -2.65
CA GLY B 686 -1.81 -2.67 -3.93
C GLY B 686 -3.27 -2.94 -4.27
N ARG B 687 -4.18 -2.30 -3.54
CA ARG B 687 -5.60 -2.38 -3.83
C ARG B 687 -5.92 -1.39 -4.95
N LEU B 688 -6.49 -1.90 -6.03
CA LEU B 688 -6.89 -1.07 -7.15
C LEU B 688 -8.05 -0.17 -6.73
N MET B 689 -7.80 1.14 -6.76
CA MET B 689 -8.77 2.13 -6.29
C MET B 689 -9.71 2.56 -7.41
N THR B 690 -9.25 2.43 -8.64
CA THR B 690 -10.07 2.69 -9.82
C THR B 690 -10.56 1.37 -10.39
N HIS B 691 -11.71 0.90 -9.90
CA HIS B 691 -12.25 -0.41 -10.29
C HIS B 691 -13.72 -0.33 -10.72
N ALA B 692 -14.15 0.87 -11.11
CA ALA B 692 -15.53 1.12 -11.50
C ALA B 692 -15.54 2.27 -12.52
N PRO B 693 -16.65 2.40 -13.27
CA PRO B 693 -16.74 3.51 -14.23
C PRO B 693 -16.90 4.88 -13.56
N SER B 694 -17.08 4.90 -12.24
CA SER B 694 -17.18 6.15 -11.51
C SER B 694 -15.82 6.61 -10.98
N THR B 695 -14.79 5.79 -11.18
CA THR B 695 -13.40 6.16 -10.85
C THR B 695 -12.45 6.02 -12.03
N TYR B 696 -12.81 5.18 -12.99
CA TYR B 696 -12.07 5.06 -14.25
C TYR B 696 -12.87 5.72 -15.36
N LYS B 697 -12.31 6.77 -15.94
CA LYS B 697 -13.05 7.64 -16.85
C LYS B 697 -12.64 7.50 -18.33
N ILE B 698 -13.31 6.60 -19.04
CA ILE B 698 -13.15 6.49 -20.50
C ILE B 698 -13.82 7.69 -21.19
N PRO B 699 -13.40 8.02 -22.42
CA PRO B 699 -13.98 9.18 -23.11
C PRO B 699 -15.49 9.09 -23.28
N ALA B 700 -16.20 10.08 -22.74
CA ALA B 700 -17.67 10.14 -22.84
C ALA B 700 -18.11 10.81 -24.15
N PHE B 701 -19.42 10.85 -24.40
CA PHE B 701 -19.95 11.35 -25.68
C PHE B 701 -19.32 12.67 -26.14
N SER B 702 -19.33 13.66 -25.25
CA SER B 702 -18.85 15.00 -25.61
C SER B 702 -17.32 15.09 -25.66
N ASP B 703 -16.64 14.02 -25.22
CA ASP B 703 -15.18 13.96 -25.27
C ASP B 703 -14.62 13.81 -26.69
N ARG B 704 -15.52 13.55 -27.64
CA ARG B 704 -15.15 13.41 -29.06
C ARG B 704 -14.62 14.74 -29.62
N PRO B 705 -13.71 14.68 -30.59
CA PRO B 705 -13.31 15.86 -31.38
C PRO B 705 -14.53 16.61 -31.94
N ARG B 706 -14.65 17.89 -31.62
CA ARG B 706 -15.76 18.72 -32.08
C ARG B 706 -15.76 18.85 -33.60
N ILE B 707 -14.56 18.85 -34.19
CA ILE B 707 -14.40 18.65 -35.62
C ILE B 707 -13.56 17.39 -35.81
N PHE B 708 -14.19 16.35 -36.39
CA PHE B 708 -13.57 15.04 -36.54
C PHE B 708 -13.48 14.68 -38.02
N ASN B 709 -12.30 14.88 -38.61
CA ASN B 709 -12.09 14.58 -40.03
C ASN B 709 -11.22 13.35 -40.25
N VAL B 710 -11.80 12.30 -40.83
CA VAL B 710 -11.06 11.09 -41.15
C VAL B 710 -11.15 10.78 -42.64
N ALA B 711 -9.98 10.61 -43.27
CA ALA B 711 -9.91 10.30 -44.69
C ALA B 711 -8.90 9.19 -44.93
N LEU B 712 -9.29 8.19 -45.72
CA LEU B 712 -8.43 7.06 -46.02
C LEU B 712 -7.42 7.38 -47.11
N TRP B 713 -6.16 7.11 -46.84
CA TRP B 713 -5.12 7.10 -47.86
C TRP B 713 -5.34 5.82 -48.65
N ASP B 714 -5.82 5.95 -49.88
CA ASP B 714 -6.19 4.77 -50.67
C ASP B 714 -5.16 4.43 -51.74
N GLN B 715 -4.33 3.44 -51.42
CA GLN B 715 -3.31 2.90 -52.30
C GLN B 715 -3.10 1.45 -51.95
N PRO B 716 -3.12 0.56 -52.95
CA PRO B 716 -2.94 -0.89 -52.73
C PRO B 716 -1.67 -1.22 -51.96
N ASN B 717 -1.71 -2.30 -51.17
CA ASN B 717 -0.55 -2.78 -50.42
C ASN B 717 0.47 -3.46 -51.33
N ARG B 718 1.75 -3.13 -51.12
CA ARG B 718 2.87 -3.72 -51.86
C ARG B 718 2.90 -5.25 -51.74
N GLU B 719 2.69 -5.74 -50.53
CA GLU B 719 2.67 -7.18 -50.24
C GLU B 719 1.35 -7.79 -50.66
N GLU B 720 1.36 -9.06 -51.03
CA GLU B 720 0.16 -9.74 -51.53
C GLU B 720 -0.82 -10.11 -50.42
N THR B 721 -1.53 -9.11 -49.90
CA THR B 721 -2.56 -9.35 -48.89
C THR B 721 -3.94 -9.42 -49.53
N ILE B 722 -4.93 -9.89 -48.77
CA ILE B 722 -6.31 -10.03 -49.27
C ILE B 722 -6.81 -8.76 -49.97
N PHE B 723 -6.93 -8.85 -51.29
CA PHE B 723 -7.32 -7.70 -52.14
C PHE B 723 -6.51 -6.44 -51.83
N ARG B 724 -5.23 -6.65 -51.48
CA ARG B 724 -4.25 -5.58 -51.23
C ARG B 724 -4.69 -4.53 -50.20
N SER B 725 -5.50 -4.98 -49.25
CA SER B 725 -5.92 -4.16 -48.12
C SER B 725 -4.84 -4.15 -47.04
N LYS B 726 -5.02 -3.30 -46.04
CA LYS B 726 -4.13 -3.28 -44.87
C LYS B 726 -4.90 -3.45 -43.57
N ALA B 727 -4.34 -4.22 -42.65
CA ALA B 727 -4.87 -4.38 -41.29
C ALA B 727 -5.10 -3.03 -40.61
N VAL B 728 -6.36 -2.70 -40.38
CA VAL B 728 -6.74 -1.37 -39.86
C VAL B 728 -7.21 -1.40 -38.38
N GLY B 729 -7.04 -2.54 -37.72
CA GLY B 729 -7.51 -2.72 -36.35
C GLY B 729 -6.76 -1.93 -35.29
N GLU B 730 -5.45 -2.17 -35.20
CA GLU B 730 -4.58 -1.58 -34.17
C GLU B 730 -3.87 -0.28 -34.55
N PRO B 731 -3.28 -0.20 -35.77
CA PRO B 731 -2.51 0.98 -36.15
C PRO B 731 -3.12 2.34 -35.80
N PRO B 732 -4.45 2.55 -36.06
CA PRO B 732 -4.99 3.88 -35.74
C PRO B 732 -5.04 4.23 -34.26
N PHE B 733 -4.97 3.24 -33.37
CA PHE B 733 -4.94 3.52 -31.93
C PHE B 733 -3.80 4.46 -31.56
N LEU B 734 -2.68 4.32 -32.26
CA LEU B 734 -1.48 5.13 -32.03
C LEU B 734 -1.64 6.58 -32.46
N LEU B 735 -2.68 6.87 -33.25
CA LEU B 735 -2.98 8.25 -33.67
C LEU B 735 -3.36 9.13 -32.47
N GLY B 736 -3.78 8.49 -31.38
CA GLY B 736 -4.10 9.18 -30.13
C GLY B 736 -2.93 9.95 -29.54
N ILE B 737 -1.71 9.62 -30.00
CA ILE B 737 -0.49 10.29 -29.56
C ILE B 737 -0.52 11.78 -29.91
N SER B 738 -1.06 12.13 -31.08
CA SER B 738 -1.18 13.53 -31.49
C SER B 738 -1.94 14.40 -30.49
N ALA B 739 -2.85 13.79 -29.73
CA ALA B 739 -3.61 14.50 -28.70
C ALA B 739 -2.73 14.85 -27.51
N PHE B 740 -1.89 13.91 -27.10
CA PHE B 740 -0.94 14.12 -26.01
C PHE B 740 0.15 15.13 -26.40
N LEU B 741 0.56 15.08 -27.67
CA LEU B 741 1.54 16.01 -28.21
C LEU B 741 0.99 17.43 -28.33
N ALA B 742 -0.28 17.54 -28.71
CA ALA B 742 -0.97 18.83 -28.80
C ALA B 742 -1.16 19.43 -27.40
N LEU B 743 -1.46 18.58 -26.44
CA LEU B 743 -1.63 18.99 -25.05
C LEU B 743 -0.32 19.55 -24.51
N HIS B 744 0.79 18.88 -24.84
CA HIS B 744 2.13 19.36 -24.52
C HIS B 744 2.45 20.70 -25.21
N ASP B 745 2.04 20.82 -26.48
CA ASP B 745 2.24 22.05 -27.26
C ASP B 745 1.54 23.25 -26.64
N ALA B 746 0.34 23.00 -26.10
CA ALA B 746 -0.42 24.02 -25.37
C ALA B 746 0.32 24.48 -24.12
N CYS B 747 0.94 23.52 -23.41
CA CYS B 747 1.74 23.82 -22.22
C CYS B 747 3.03 24.56 -22.53
N ALA B 748 3.70 24.17 -23.61
CA ALA B 748 4.92 24.82 -24.06
C ALA B 748 4.66 26.29 -24.39
N ALA B 749 3.42 26.59 -24.74
CA ALA B 749 3.00 27.95 -25.05
C ALA B 749 2.84 28.83 -23.79
N CYS B 750 3.13 28.26 -22.62
CA CYS B 750 2.89 28.95 -21.35
C CYS B 750 4.16 29.48 -20.69
N GLY B 751 5.31 29.19 -21.26
CA GLY B 751 6.58 29.66 -20.72
C GLY B 751 7.80 29.02 -21.35
N PRO B 752 9.01 29.50 -20.97
CA PRO B 752 10.28 29.12 -21.57
C PRO B 752 10.78 27.71 -21.22
N HIS B 753 10.30 27.16 -20.11
CA HIS B 753 10.79 25.87 -19.62
C HIS B 753 10.13 24.68 -20.31
N TRP B 754 10.80 23.52 -20.20
CA TRP B 754 10.29 22.24 -20.68
C TRP B 754 9.15 21.78 -19.76
N PRO B 755 7.94 21.65 -20.31
CA PRO B 755 6.75 21.30 -19.52
C PRO B 755 6.86 19.96 -18.79
N ASP B 756 7.37 18.94 -19.48
CA ASP B 756 7.50 17.57 -18.95
C ASP B 756 6.15 16.95 -18.59
N LEU B 757 5.22 16.98 -19.55
CA LEU B 757 3.91 16.39 -19.40
C LEU B 757 4.00 14.88 -19.32
N GLN B 758 3.34 14.30 -18.31
CA GLN B 758 3.33 12.85 -18.10
C GLN B 758 2.03 12.23 -18.60
N ALA B 759 2.08 10.95 -18.96
CA ALA B 759 0.90 10.22 -19.43
C ALA B 759 0.31 9.35 -18.32
N PRO B 760 -1.01 9.44 -18.09
CA PRO B 760 -2.00 10.23 -18.83
C PRO B 760 -1.94 11.72 -18.49
N ALA B 761 -2.39 12.55 -19.43
CA ALA B 761 -2.43 13.99 -19.25
C ALA B 761 -3.76 14.44 -18.65
N THR B 762 -4.00 14.04 -17.41
CA THR B 762 -5.19 14.44 -16.66
C THR B 762 -5.12 15.94 -16.37
N PRO B 763 -6.27 16.58 -16.07
CA PRO B 763 -6.28 17.97 -15.60
C PRO B 763 -5.18 18.28 -14.57
N GLU B 764 -4.93 17.35 -13.65
CA GLU B 764 -3.84 17.49 -12.68
C GLU B 764 -2.47 17.44 -13.33
N ALA B 765 -2.28 16.46 -14.23
CA ALA B 765 -1.01 16.26 -14.93
C ALA B 765 -0.71 17.39 -15.92
N VAL B 766 -1.77 17.95 -16.52
CA VAL B 766 -1.64 19.09 -17.41
C VAL B 766 -1.24 20.33 -16.63
N LEU B 767 -1.93 20.59 -15.51
CA LEU B 767 -1.63 21.75 -14.67
C LEU B 767 -0.19 21.73 -14.15
N ALA B 768 0.32 20.54 -13.87
CA ALA B 768 1.72 20.37 -13.46
C ALA B 768 2.67 20.77 -14.58
N ALA B 769 2.34 20.36 -15.81
CA ALA B 769 3.14 20.69 -17.00
C ALA B 769 3.03 22.17 -17.39
N VAL B 770 1.88 22.78 -17.10
CA VAL B 770 1.68 24.21 -17.30
C VAL B 770 2.65 24.96 -16.39
N ARG B 771 2.64 24.61 -15.11
CA ARG B 771 3.39 25.36 -14.11
C ARG B 771 4.89 25.11 -14.16
N ARG B 772 5.31 24.07 -14.87
CA ARG B 772 6.73 23.83 -15.10
C ARG B 772 7.26 24.75 -16.19
N ALA B 773 6.50 24.84 -17.30
CA ALA B 773 6.81 25.78 -18.36
C ALA B 773 6.75 27.22 -17.84
N GLU B 774 5.75 27.49 -16.99
CA GLU B 774 5.64 28.77 -16.29
C GLU B 774 6.78 28.96 -15.27
N GLY B 775 7.35 27.86 -14.81
CA GLY B 775 8.43 27.90 -13.82
C GLY B 775 7.95 28.31 -12.44
N ARG B 776 6.89 27.65 -11.98
CA ARG B 776 6.27 27.96 -10.70
C ARG B 776 6.50 26.83 -9.70
N ALA B 777 7.73 26.75 -9.20
CA ALA B 777 8.18 25.73 -8.23
C ALA B 777 7.59 24.34 -8.46
N MET C 1 -49.68 -34.14 1.22
CA MET C 1 -49.21 -35.51 1.54
C MET C 1 -47.77 -35.72 1.08
N GLU C 2 -46.92 -36.15 2.01
CA GLU C 2 -45.49 -36.29 1.74
C GLU C 2 -45.01 -37.71 2.03
N ILE C 3 -44.37 -38.33 1.04
CA ILE C 3 -43.80 -39.67 1.18
C ILE C 3 -42.28 -39.64 1.10
N ALA C 4 -41.64 -40.64 1.70
CA ALA C 4 -40.19 -40.80 1.60
C ALA C 4 -39.83 -42.11 0.93
N PHE C 5 -38.71 -42.12 0.21
CA PHE C 5 -38.19 -43.32 -0.43
C PHE C 5 -36.71 -43.15 -0.72
N LEU C 6 -36.02 -44.27 -0.88
CA LEU C 6 -34.61 -44.26 -1.24
C LEU C 6 -34.48 -44.25 -2.76
N LEU C 7 -33.84 -43.22 -3.28
CA LEU C 7 -33.61 -43.09 -4.72
C LEU C 7 -32.14 -43.22 -5.04
N ASN C 8 -31.78 -44.33 -5.69
CA ASN C 8 -30.40 -44.67 -6.05
C ASN C 8 -29.43 -44.58 -4.88
N GLY C 9 -29.89 -45.00 -3.71
CA GLY C 9 -29.06 -45.02 -2.51
C GLY C 9 -29.12 -43.78 -1.65
N GLU C 10 -29.97 -42.83 -2.02
CA GLU C 10 -30.11 -41.60 -1.25
C GLU C 10 -31.56 -41.40 -0.80
N THR C 11 -31.74 -41.02 0.47
CA THR C 11 -33.07 -40.74 1.01
C THR C 11 -33.68 -39.51 0.33
N ARG C 12 -34.99 -39.55 0.12
CA ARG C 12 -35.68 -38.55 -0.69
C ARG C 12 -37.15 -38.38 -0.27
N ARG C 13 -37.48 -37.20 0.25
CA ARG C 13 -38.85 -36.89 0.67
C ARG C 13 -39.52 -36.01 -0.38
N VAL C 14 -40.75 -36.35 -0.76
CA VAL C 14 -41.45 -35.67 -1.84
C VAL C 14 -42.91 -35.34 -1.48
N ARG C 15 -43.26 -34.05 -1.52
CA ARG C 15 -44.66 -33.63 -1.37
C ARG C 15 -45.45 -34.01 -2.61
N ILE C 16 -46.54 -34.75 -2.41
CA ILE C 16 -47.40 -35.19 -3.49
C ILE C 16 -48.61 -34.27 -3.62
N GLU C 17 -48.67 -33.54 -4.74
CA GLU C 17 -49.81 -32.68 -5.07
C GLU C 17 -50.81 -33.52 -5.87
N ASP C 18 -50.27 -34.31 -6.80
CA ASP C 18 -51.06 -35.15 -7.69
C ASP C 18 -50.64 -36.61 -7.56
N PRO C 19 -51.53 -37.46 -6.97
CA PRO C 19 -51.20 -38.85 -6.73
C PRO C 19 -51.22 -39.70 -8.00
N THR C 20 -51.92 -39.23 -9.02
CA THR C 20 -52.10 -39.98 -10.26
C THR C 20 -50.82 -40.00 -11.11
N GLN C 21 -49.90 -39.07 -10.84
CA GLN C 21 -48.66 -38.92 -11.61
C GLN C 21 -47.80 -40.17 -11.50
N SER C 22 -47.23 -40.61 -12.62
CA SER C 22 -46.46 -41.84 -12.65
C SER C 22 -44.99 -41.62 -12.36
N LEU C 23 -44.33 -42.68 -11.91
CA LEU C 23 -42.90 -42.66 -11.59
C LEU C 23 -42.05 -42.26 -12.79
N LEU C 24 -42.42 -42.74 -13.98
CA LEU C 24 -41.72 -42.40 -15.22
C LEU C 24 -41.74 -40.89 -15.47
N GLU C 25 -42.89 -40.25 -15.28
CA GLU C 25 -43.03 -38.79 -15.42
C GLU C 25 -42.13 -38.07 -14.42
N TRP C 26 -42.20 -38.52 -13.16
CA TRP C 26 -41.49 -37.86 -12.07
C TRP C 26 -39.99 -37.94 -12.23
N LEU C 27 -39.49 -39.12 -12.60
CA LEU C 27 -38.06 -39.32 -12.78
C LEU C 27 -37.49 -38.42 -13.86
N ARG C 28 -38.23 -38.31 -14.97
CA ARG C 28 -37.82 -37.48 -16.09
C ARG C 28 -38.00 -36.00 -15.78
N ALA C 29 -38.97 -35.67 -14.92
CA ALA C 29 -39.13 -34.30 -14.44
C ALA C 29 -37.94 -33.92 -13.57
N GLU C 30 -37.39 -34.90 -12.85
CA GLU C 30 -36.22 -34.69 -12.02
C GLU C 30 -34.99 -34.39 -12.85
N GLY C 31 -34.89 -35.09 -13.97
CA GLY C 31 -33.69 -35.02 -14.80
C GLY C 31 -33.07 -36.39 -14.92
N LEU C 32 -33.63 -37.38 -14.22
CA LEU C 32 -33.13 -38.75 -14.28
C LEU C 32 -33.52 -39.38 -15.61
N THR C 33 -32.96 -38.77 -16.66
CA THR C 33 -33.27 -39.00 -18.07
C THR C 33 -32.98 -40.41 -18.60
N GLY C 34 -32.30 -41.22 -17.79
CA GLY C 34 -31.93 -42.58 -18.18
C GLY C 34 -33.09 -43.55 -18.35
N THR C 35 -34.22 -43.23 -17.72
CA THR C 35 -35.44 -44.04 -17.81
C THR C 35 -36.28 -43.59 -18.99
N LYS C 36 -36.45 -44.50 -19.96
CA LYS C 36 -37.06 -44.16 -21.26
C LYS C 36 -38.55 -44.44 -21.31
N GLU C 37 -39.28 -43.57 -22.02
CA GLU C 37 -40.66 -43.86 -22.40
C GLU C 37 -40.68 -44.42 -23.81
N GLY C 38 -41.20 -45.63 -23.95
CA GLY C 38 -41.23 -46.30 -25.24
C GLY C 38 -42.63 -46.50 -25.77
N CYS C 39 -43.61 -46.47 -24.87
CA CYS C 39 -45.01 -46.69 -25.22
C CYS C 39 -45.99 -46.25 -24.16
N ASN C 40 -45.49 -46.06 -22.93
CA ASN C 40 -46.28 -45.57 -21.80
C ASN C 40 -47.53 -46.43 -21.54
N GLU C 41 -47.35 -47.74 -21.63
CA GLU C 41 -48.48 -48.68 -21.68
C GLU C 41 -48.17 -50.04 -21.03
N GLY C 42 -46.93 -50.18 -20.55
CA GLY C 42 -46.51 -51.39 -19.85
C GLY C 42 -45.93 -52.48 -20.73
N ASP C 43 -46.00 -52.29 -22.05
CA ASP C 43 -45.72 -53.35 -23.03
C ASP C 43 -44.28 -53.58 -23.43
N CYS C 44 -43.46 -52.53 -23.40
CA CYS C 44 -42.12 -52.59 -24.00
C CYS C 44 -40.95 -52.68 -23.01
N GLY C 45 -41.19 -52.27 -21.77
CA GLY C 45 -40.19 -52.37 -20.71
C GLY C 45 -39.07 -51.35 -20.73
N ALA C 46 -39.15 -50.38 -21.65
CA ALA C 46 -38.13 -49.33 -21.76
C ALA C 46 -37.93 -48.57 -20.45
N CYS C 47 -38.99 -48.52 -19.63
CA CYS C 47 -38.98 -47.78 -18.38
C CYS C 47 -38.85 -48.68 -17.16
N THR C 48 -38.28 -49.87 -17.35
CA THR C 48 -38.10 -50.79 -16.25
C THR C 48 -37.26 -50.13 -15.17
N VAL C 49 -37.83 -50.05 -13.96
CA VAL C 49 -37.11 -49.62 -12.77
C VAL C 49 -37.09 -50.76 -11.75
N MET C 50 -36.14 -50.71 -10.83
CA MET C 50 -36.02 -51.72 -9.79
C MET C 50 -36.47 -51.16 -8.44
N ILE C 51 -37.38 -51.87 -7.77
CA ILE C 51 -37.81 -51.48 -6.43
C ILE C 51 -37.51 -52.58 -5.42
N ARG C 52 -37.17 -52.16 -4.21
CA ARG C 52 -36.89 -53.08 -3.11
C ARG C 52 -37.65 -52.64 -1.87
N ASP C 53 -38.12 -53.63 -1.12
CA ASP C 53 -38.76 -53.39 0.18
C ASP C 53 -38.42 -54.55 1.11
N ALA C 54 -39.27 -54.78 2.11
CA ALA C 54 -39.09 -55.86 3.07
C ALA C 54 -39.19 -57.25 2.43
N ALA C 55 -39.90 -57.34 1.31
CA ALA C 55 -40.14 -58.62 0.64
C ALA C 55 -39.15 -58.91 -0.49
N GLY C 56 -37.97 -58.30 -0.42
CA GLY C 56 -36.97 -58.48 -1.48
C GLY C 56 -37.18 -57.50 -2.63
N SER C 57 -36.43 -57.67 -3.71
CA SER C 57 -36.42 -56.70 -4.79
C SER C 57 -37.02 -57.25 -6.08
N ARG C 58 -37.53 -56.34 -6.91
CA ARG C 58 -38.16 -56.71 -8.19
C ARG C 58 -38.01 -55.62 -9.25
N ALA C 59 -38.20 -55.98 -10.51
CA ALA C 59 -38.16 -55.03 -11.61
C ALA C 59 -39.56 -54.79 -12.14
N VAL C 60 -39.94 -53.52 -12.23
CA VAL C 60 -41.30 -53.12 -12.62
C VAL C 60 -41.25 -51.95 -13.61
N ASN C 61 -42.33 -51.76 -14.38
CA ASN C 61 -42.44 -50.61 -15.30
C ASN C 61 -42.80 -49.34 -14.56
N ALA C 62 -42.02 -48.29 -14.78
CA ALA C 62 -42.23 -47.01 -14.10
C ALA C 62 -43.47 -46.27 -14.61
N CYS C 63 -43.82 -46.49 -15.88
CA CYS C 63 -44.94 -45.80 -16.51
C CYS C 63 -46.29 -46.15 -15.88
N LEU C 64 -46.43 -47.38 -15.40
CA LEU C 64 -47.66 -47.85 -14.76
C LEU C 64 -47.68 -47.50 -13.28
N MET C 65 -46.50 -47.47 -12.66
CA MET C 65 -46.38 -47.24 -11.23
C MET C 65 -46.58 -45.77 -10.88
N MET C 66 -47.58 -45.51 -10.04
CA MET C 66 -47.84 -44.17 -9.55
C MET C 66 -46.99 -43.88 -8.31
N LEU C 67 -46.77 -42.60 -8.02
CA LEU C 67 -45.83 -42.16 -6.99
C LEU C 67 -46.08 -42.61 -5.54
N PRO C 68 -47.33 -42.52 -5.05
CA PRO C 68 -47.62 -42.94 -3.67
C PRO C 68 -47.31 -44.41 -3.36
N GLN C 69 -47.08 -45.21 -4.40
CA GLN C 69 -46.84 -46.64 -4.24
C GLN C 69 -45.41 -47.01 -3.85
N ILE C 70 -44.45 -46.14 -4.16
CA ILE C 70 -43.04 -46.41 -3.83
C ILE C 70 -42.70 -45.94 -2.41
N ALA C 71 -43.70 -45.48 -1.68
CA ALA C 71 -43.52 -44.98 -0.33
C ALA C 71 -42.93 -46.05 0.60
N GLY C 72 -41.84 -45.68 1.28
CA GLY C 72 -41.16 -46.56 2.22
C GLY C 72 -40.21 -47.55 1.58
N LYS C 73 -40.14 -47.52 0.25
CA LYS C 73 -39.37 -48.49 -0.53
C LYS C 73 -38.05 -47.93 -1.06
N ALA C 74 -37.22 -48.82 -1.63
CA ALA C 74 -35.93 -48.46 -2.19
C ALA C 74 -35.96 -48.57 -3.70
N LEU C 75 -35.82 -47.42 -4.36
CA LEU C 75 -35.93 -47.31 -5.81
C LEU C 75 -34.57 -47.16 -6.48
N ARG C 76 -34.40 -47.93 -7.55
CA ARG C 76 -33.15 -47.95 -8.29
C ARG C 76 -33.43 -47.77 -9.78
N THR C 77 -32.82 -46.76 -10.38
CA THR C 77 -32.96 -46.51 -11.81
C THR C 77 -31.69 -46.96 -12.53
N ILE C 78 -31.64 -46.76 -13.84
CA ILE C 78 -30.45 -47.14 -14.62
C ILE C 78 -29.19 -46.42 -14.13
N GLU C 79 -29.33 -45.13 -13.80
CA GLU C 79 -28.19 -44.35 -13.31
C GLU C 79 -27.74 -44.78 -11.91
N GLY C 80 -28.41 -45.76 -11.33
CA GLY C 80 -28.04 -46.28 -10.02
C GLY C 80 -27.48 -47.69 -10.05
N ILE C 81 -27.48 -48.31 -11.23
CA ILE C 81 -27.02 -49.70 -11.37
C ILE C 81 -25.50 -49.84 -11.26
N ALA C 82 -24.79 -48.82 -11.75
CA ALA C 82 -23.34 -48.77 -11.59
C ALA C 82 -22.97 -48.37 -10.15
N ALA C 83 -21.80 -48.83 -9.71
CA ALA C 83 -21.31 -48.61 -8.35
C ALA C 83 -21.03 -47.14 -8.05
N PRO C 84 -21.10 -46.74 -6.76
CA PRO C 84 -20.80 -45.37 -6.35
C PRO C 84 -19.47 -44.88 -6.89
N ASP C 85 -18.42 -45.68 -6.68
CA ASP C 85 -17.05 -45.34 -7.09
C ASP C 85 -16.86 -45.23 -8.60
N GLY C 86 -17.83 -45.73 -9.36
CA GLY C 86 -17.82 -45.59 -10.82
C GLY C 86 -17.83 -46.91 -11.55
N ARG C 87 -17.56 -47.99 -10.81
CA ARG C 87 -17.50 -49.33 -11.37
C ARG C 87 -18.83 -49.76 -12.00
N LEU C 88 -18.74 -50.45 -13.13
CA LEU C 88 -19.94 -50.97 -13.80
C LEU C 88 -20.46 -52.23 -13.10
N HIS C 89 -21.74 -52.50 -13.27
CA HIS C 89 -22.38 -53.71 -12.75
C HIS C 89 -22.01 -54.87 -13.68
N PRO C 90 -21.78 -56.09 -13.11
CA PRO C 90 -21.48 -57.28 -13.91
C PRO C 90 -22.32 -57.40 -15.18
N VAL C 91 -23.58 -56.99 -15.08
CA VAL C 91 -24.55 -57.05 -16.17
C VAL C 91 -24.23 -55.99 -17.23
N GLN C 92 -23.93 -54.77 -16.79
CA GLN C 92 -23.55 -53.68 -17.70
C GLN C 92 -22.35 -54.07 -18.55
N GLN C 93 -21.23 -54.37 -17.89
CA GLN C 93 -20.03 -54.86 -18.56
C GLN C 93 -20.34 -55.96 -19.58
N ALA C 94 -21.06 -56.98 -19.15
CA ALA C 94 -21.37 -58.12 -20.00
C ALA C 94 -22.07 -57.68 -21.29
N MET C 95 -22.85 -56.61 -21.20
CA MET C 95 -23.58 -56.09 -22.35
C MET C 95 -22.68 -55.33 -23.33
N ILE C 96 -21.60 -54.75 -22.82
CA ILE C 96 -20.59 -54.12 -23.66
C ILE C 96 -19.75 -55.22 -24.32
N ASP C 97 -19.51 -56.30 -23.59
CA ASP C 97 -18.70 -57.41 -24.07
C ASP C 97 -19.40 -58.25 -25.13
N HIS C 98 -20.72 -58.40 -25.01
CA HIS C 98 -21.46 -59.29 -25.89
C HIS C 98 -22.39 -58.54 -26.85
N HIS C 99 -22.14 -57.24 -27.00
CA HIS C 99 -22.87 -56.41 -27.95
C HIS C 99 -24.40 -56.51 -27.80
N GLY C 100 -24.89 -56.24 -26.60
CA GLY C 100 -26.33 -56.34 -26.30
C GLY C 100 -27.11 -55.07 -26.58
N SER C 101 -26.43 -54.08 -27.16
CA SER C 101 -27.08 -52.83 -27.54
C SER C 101 -26.65 -52.40 -28.93
N GLN C 102 -27.62 -52.05 -29.76
CA GLN C 102 -27.33 -51.43 -31.05
C GLN C 102 -27.67 -49.95 -30.97
N CYS C 103 -28.96 -49.62 -31.06
CA CYS C 103 -29.37 -48.23 -30.94
C CYS C 103 -29.27 -47.75 -29.49
N GLY C 104 -29.42 -48.70 -28.56
CA GLY C 104 -29.20 -48.45 -27.15
C GLY C 104 -30.37 -47.90 -26.35
N PHE C 105 -31.52 -47.70 -27.00
CA PHE C 105 -32.68 -47.11 -26.36
C PHE C 105 -33.36 -48.06 -25.37
N CYS C 106 -33.38 -49.34 -25.70
CA CYS C 106 -33.99 -50.35 -24.84
C CYS C 106 -33.04 -50.84 -23.75
N THR C 107 -31.77 -50.46 -23.85
CA THR C 107 -30.72 -50.94 -22.96
C THR C 107 -30.92 -50.63 -21.47
N PRO C 108 -31.35 -49.39 -21.13
CA PRO C 108 -31.53 -49.14 -19.69
C PRO C 108 -32.56 -50.08 -19.11
N GLY C 109 -33.70 -50.21 -19.80
CA GLY C 109 -34.75 -51.15 -19.44
C GLY C 109 -34.23 -52.56 -19.23
N PHE C 110 -33.43 -53.05 -20.19
CA PHE C 110 -32.84 -54.39 -20.13
C PHE C 110 -31.86 -54.53 -18.97
N ILE C 111 -30.99 -53.55 -18.78
CA ILE C 111 -29.98 -53.59 -17.73
C ILE C 111 -30.63 -53.66 -16.36
N VAL C 112 -31.63 -52.82 -16.12
CA VAL C 112 -32.35 -52.83 -14.84
C VAL C 112 -33.02 -54.20 -14.63
N SER C 113 -33.74 -54.68 -15.63
CA SER C 113 -34.32 -56.02 -15.58
C SER C 113 -33.28 -57.09 -15.22
N MET C 114 -32.14 -57.06 -15.89
CA MET C 114 -31.09 -58.05 -15.69
C MET C 114 -30.43 -57.92 -14.32
N ALA C 115 -30.14 -56.69 -13.92
CA ALA C 115 -29.53 -56.40 -12.62
C ALA C 115 -30.43 -56.89 -11.50
N ALA C 116 -31.74 -56.68 -11.65
CA ALA C 116 -32.73 -57.17 -10.69
C ALA C 116 -32.70 -58.70 -10.65
N ALA C 117 -32.70 -59.32 -11.83
CA ALA C 117 -32.64 -60.77 -11.94
C ALA C 117 -31.35 -61.31 -11.33
N HIS C 118 -30.24 -60.60 -11.55
CA HIS C 118 -28.93 -60.94 -11.01
C HIS C 118 -28.93 -60.86 -9.48
N ASP C 119 -29.59 -59.83 -8.95
CA ASP C 119 -29.70 -59.59 -7.52
C ASP C 119 -30.36 -60.78 -6.81
N ARG C 120 -31.36 -61.36 -7.47
CA ARG C 120 -32.11 -62.49 -6.93
C ARG C 120 -31.61 -63.83 -7.45
N ASP C 121 -30.49 -63.81 -8.18
CA ASP C 121 -29.93 -65.01 -8.83
C ASP C 121 -30.99 -65.81 -9.60
N ARG C 122 -31.79 -65.10 -10.39
CA ARG C 122 -32.80 -65.74 -11.24
C ARG C 122 -32.23 -65.98 -12.63
N LYS C 123 -32.59 -67.11 -13.24
CA LYS C 123 -31.96 -67.53 -14.50
C LYS C 123 -32.92 -67.85 -15.65
N ASP C 124 -34.22 -67.75 -15.41
CA ASP C 124 -35.21 -67.90 -16.48
C ASP C 124 -35.34 -66.58 -17.26
N TYR C 125 -34.32 -66.28 -18.05
CA TYR C 125 -34.23 -65.01 -18.78
C TYR C 125 -35.29 -64.85 -19.86
N ASP C 126 -35.82 -65.97 -20.37
CA ASP C 126 -36.90 -65.91 -21.35
C ASP C 126 -38.16 -65.31 -20.73
N ASP C 127 -38.46 -65.73 -19.52
CA ASP C 127 -39.64 -65.24 -18.82
C ASP C 127 -39.38 -63.86 -18.22
N LEU C 128 -38.21 -63.71 -17.60
CA LEU C 128 -37.82 -62.46 -16.96
C LEU C 128 -37.86 -61.29 -17.93
N LEU C 129 -37.26 -61.48 -19.10
CA LEU C 129 -37.04 -60.40 -20.05
C LEU C 129 -38.11 -60.32 -21.16
N ALA C 130 -39.16 -61.14 -21.06
CA ALA C 130 -40.26 -61.10 -22.03
C ALA C 130 -40.88 -59.69 -22.13
N GLY C 131 -40.97 -59.01 -21.00
CA GLY C 131 -41.47 -57.65 -20.94
C GLY C 131 -40.51 -56.59 -21.46
N ASN C 132 -39.30 -56.99 -21.82
CA ASN C 132 -38.35 -56.08 -22.45
C ASN C 132 -38.27 -56.28 -23.95
N LEU C 133 -38.75 -55.30 -24.71
CA LEU C 133 -38.76 -55.36 -26.17
C LEU C 133 -37.52 -54.72 -26.79
N CYS C 134 -36.95 -55.40 -27.77
CA CYS C 134 -35.82 -54.87 -28.52
C CYS C 134 -36.06 -55.06 -30.02
N ARG C 135 -35.80 -54.02 -30.81
CA ARG C 135 -35.99 -54.10 -32.25
C ARG C 135 -34.70 -54.41 -33.04
N CYS C 136 -33.55 -54.17 -32.41
CA CYS C 136 -32.25 -54.26 -33.08
C CYS C 136 -31.52 -55.59 -32.91
N THR C 137 -31.20 -55.94 -31.67
CA THR C 137 -30.21 -56.96 -31.38
C THR C 137 -30.58 -58.38 -31.81
N GLY C 138 -31.87 -58.69 -31.81
CA GLY C 138 -32.32 -60.05 -32.10
C GLY C 138 -32.31 -60.92 -30.86
N TYR C 139 -32.10 -60.26 -29.72
CA TYR C 139 -32.17 -60.86 -28.38
C TYR C 139 -31.02 -61.79 -28.01
N ALA C 140 -30.55 -62.56 -28.99
CA ALA C 140 -29.47 -63.55 -28.78
C ALA C 140 -28.19 -63.01 -28.11
N PRO C 141 -27.75 -61.78 -28.47
CA PRO C 141 -26.62 -61.18 -27.74
C PRO C 141 -26.91 -60.85 -26.27
N ILE C 142 -28.14 -60.45 -25.98
CA ILE C 142 -28.55 -60.13 -24.60
C ILE C 142 -28.58 -61.37 -23.72
N LEU C 143 -29.00 -62.50 -24.29
CA LEU C 143 -28.96 -63.78 -23.59
C LEU C 143 -27.51 -64.13 -23.22
N ARG C 144 -26.61 -63.98 -24.19
CA ARG C 144 -25.17 -64.20 -23.97
C ARG C 144 -24.64 -63.33 -22.84
N ALA C 145 -25.09 -62.07 -22.82
CA ALA C 145 -24.69 -61.12 -21.78
C ALA C 145 -25.19 -61.58 -20.41
N ALA C 146 -26.49 -61.87 -20.33
CA ALA C 146 -27.12 -62.32 -19.09
C ALA C 146 -26.43 -63.58 -18.52
N GLU C 147 -26.14 -64.54 -19.40
CA GLU C 147 -25.50 -65.80 -19.03
C GLU C 147 -24.08 -65.64 -18.49
N ALA C 148 -23.33 -64.72 -19.09
CA ALA C 148 -21.95 -64.45 -18.69
C ALA C 148 -21.91 -63.71 -17.36
N ALA C 149 -22.88 -62.81 -17.16
CA ALA C 149 -22.97 -62.01 -15.95
C ALA C 149 -23.36 -62.84 -14.74
N ALA C 150 -24.09 -63.94 -15.00
CA ALA C 150 -24.58 -64.83 -13.96
C ALA C 150 -23.45 -65.47 -13.16
N GLY C 151 -22.28 -65.59 -13.79
CA GLY C 151 -21.10 -66.12 -13.13
C GLY C 151 -20.52 -65.19 -12.06
N GLU C 152 -20.74 -63.89 -12.23
CA GLU C 152 -20.18 -62.88 -11.33
C GLU C 152 -20.96 -62.76 -10.02
N PRO C 153 -20.25 -62.48 -8.91
CA PRO C 153 -20.91 -62.29 -7.60
C PRO C 153 -21.81 -61.04 -7.58
N PRO C 154 -22.87 -61.07 -6.74
CA PRO C 154 -23.82 -59.95 -6.67
C PRO C 154 -23.19 -58.60 -6.33
N ALA C 155 -23.81 -57.52 -6.81
CA ALA C 155 -23.39 -56.18 -6.49
C ALA C 155 -23.81 -55.86 -5.06
N ASP C 156 -22.83 -55.58 -4.21
CA ASP C 156 -23.10 -55.30 -2.80
C ASP C 156 -23.76 -53.93 -2.58
N TRP C 157 -23.52 -52.99 -3.50
CA TRP C 157 -24.07 -51.65 -3.39
C TRP C 157 -25.57 -51.60 -3.66
N LEU C 158 -26.06 -52.55 -4.45
CA LEU C 158 -27.49 -52.71 -4.72
C LEU C 158 -28.21 -53.37 -3.54
N GLN C 159 -27.50 -54.26 -2.85
CA GLN C 159 -28.04 -54.97 -1.69
C GLN C 159 -28.05 -54.10 -0.43
N ALA C 160 -27.23 -53.05 -0.44
CA ALA C 160 -27.13 -52.08 0.65
C ALA C 160 -28.47 -51.42 0.99
N ASP C 161 -29.36 -51.37 0.00
CA ASP C 161 -30.67 -50.74 0.13
C ASP C 161 -31.64 -51.48 1.04
N ALA C 162 -31.35 -52.75 1.29
CA ALA C 162 -32.16 -53.59 2.19
C ALA C 162 -32.23 -53.00 3.60
N ALA C 163 -31.24 -52.19 3.96
CA ALA C 163 -31.18 -51.56 5.28
C ALA C 163 -32.19 -50.42 5.45
N PHE C 164 -32.75 -49.94 4.33
CA PHE C 164 -33.68 -48.81 4.36
C PHE C 164 -35.02 -49.16 5.02
N THR C 165 -35.59 -48.16 5.70
CA THR C 165 -36.90 -48.21 6.40
C THR C 165 -36.97 -49.06 7.68
N LEU C 166 -36.07 -50.04 7.78
CA LEU C 166 -36.05 -50.99 8.90
C LEU C 166 -35.31 -50.41 10.10
N PRO C 179 -55.68 -36.17 -0.14
CA PRO C 179 -54.88 -36.23 -1.37
C PRO C 179 -54.98 -37.60 -2.04
N ALA C 180 -54.87 -38.66 -1.24
CA ALA C 180 -55.00 -40.05 -1.67
C ALA C 180 -54.92 -40.97 -0.45
N PHE C 181 -55.87 -41.87 -0.32
CA PHE C 181 -55.91 -42.74 0.85
C PHE C 181 -54.98 -43.94 0.69
N LEU C 182 -54.23 -44.23 1.76
CA LEU C 182 -53.36 -45.40 1.80
C LEU C 182 -53.66 -46.24 3.05
N PRO C 183 -54.62 -47.18 2.93
CA PRO C 183 -55.01 -48.01 4.06
C PRO C 183 -53.91 -48.97 4.51
N GLU C 184 -53.74 -49.09 5.83
CA GLU C 184 -52.77 -50.00 6.41
C GLU C 184 -53.36 -51.41 6.51
N THR C 185 -54.62 -51.49 6.94
CA THR C 185 -55.31 -52.75 7.13
C THR C 185 -56.59 -52.83 6.30
N SER C 186 -57.09 -54.05 6.12
CA SER C 186 -58.35 -54.31 5.41
C SER C 186 -59.53 -53.58 6.06
N ASP C 187 -59.44 -53.37 7.37
CA ASP C 187 -60.45 -52.66 8.14
C ASP C 187 -60.51 -51.18 7.77
N ALA C 188 -59.35 -50.51 7.87
CA ALA C 188 -59.22 -49.09 7.51
C ALA C 188 -59.79 -48.82 6.12
N LEU C 189 -59.53 -49.73 5.20
CA LEU C 189 -60.05 -49.66 3.83
C LEU C 189 -61.57 -49.83 3.78
N ALA C 190 -62.08 -50.91 4.38
CA ALA C 190 -63.50 -51.22 4.35
C ALA C 190 -64.34 -50.11 4.96
N ASP C 191 -63.76 -49.43 5.96
CA ASP C 191 -64.40 -48.28 6.60
C ASP C 191 -64.48 -47.11 5.62
N TRP C 192 -63.36 -46.83 4.97
CA TRP C 192 -63.21 -45.66 4.11
C TRP C 192 -64.01 -45.80 2.80
N TYR C 193 -63.86 -46.93 2.12
CA TYR C 193 -64.52 -47.19 0.84
C TYR C 193 -66.03 -47.29 1.01
N LEU C 194 -66.48 -47.58 2.23
CA LEU C 194 -67.90 -47.54 2.55
C LEU C 194 -68.39 -46.08 2.53
N ALA C 195 -67.64 -45.21 3.18
CA ALA C 195 -67.96 -43.78 3.26
C ALA C 195 -67.71 -43.04 1.94
N HIS C 196 -66.87 -43.63 1.08
CA HIS C 196 -66.61 -43.10 -0.25
C HIS C 196 -66.79 -44.20 -1.29
N PRO C 197 -68.06 -44.53 -1.60
CA PRO C 197 -68.35 -45.66 -2.49
C PRO C 197 -67.92 -45.40 -3.94
N GLU C 198 -67.79 -44.13 -4.29
CA GLU C 198 -67.49 -43.72 -5.66
C GLU C 198 -65.99 -43.64 -5.96
N ALA C 199 -65.17 -44.10 -5.01
CA ALA C 199 -63.72 -43.95 -5.07
C ALA C 199 -63.04 -44.91 -6.04
N THR C 200 -61.99 -44.41 -6.70
CA THR C 200 -61.13 -45.22 -7.55
C THR C 200 -60.12 -45.96 -6.68
N LEU C 201 -60.33 -47.26 -6.51
CA LEU C 201 -59.36 -48.10 -5.82
C LEU C 201 -58.22 -48.40 -6.78
N ILE C 202 -56.99 -48.33 -6.31
CA ILE C 202 -55.83 -48.67 -7.13
C ILE C 202 -54.97 -49.66 -6.39
N ALA C 203 -54.89 -50.88 -6.93
CA ALA C 203 -54.05 -51.91 -6.36
C ALA C 203 -52.68 -51.89 -7.02
N GLY C 204 -52.52 -52.67 -8.10
CA GLY C 204 -51.32 -52.63 -8.91
C GLY C 204 -51.35 -51.48 -9.89
N GLY C 205 -52.56 -51.07 -10.29
CA GLY C 205 -52.75 -49.95 -11.20
C GLY C 205 -52.20 -50.15 -12.58
N THR C 206 -52.17 -51.39 -13.05
CA THR C 206 -51.70 -51.71 -14.39
C THR C 206 -52.86 -51.67 -15.39
N ASP C 207 -54.09 -51.62 -14.86
CA ASP C 207 -55.26 -51.36 -15.67
C ASP C 207 -55.65 -49.89 -15.55
N VAL C 208 -55.64 -49.40 -14.31
CA VAL C 208 -56.08 -48.04 -13.98
C VAL C 208 -55.19 -46.96 -14.60
N SER C 209 -53.88 -47.20 -14.65
CA SER C 209 -52.95 -46.19 -15.15
C SER C 209 -53.09 -45.90 -16.65
N LEU C 210 -53.62 -46.86 -17.40
CA LEU C 210 -53.87 -46.64 -18.83
C LEU C 210 -55.08 -45.72 -19.07
N TRP C 211 -55.89 -45.52 -18.03
CA TRP C 211 -56.98 -44.54 -18.09
C TRP C 211 -56.41 -43.13 -18.05
N VAL C 212 -55.33 -42.94 -17.30
CA VAL C 212 -54.69 -41.63 -17.19
C VAL C 212 -53.71 -41.35 -18.34
N THR C 213 -52.87 -42.32 -18.68
CA THR C 213 -51.88 -42.15 -19.75
C THR C 213 -52.47 -42.19 -21.16
N LYS C 214 -53.24 -43.24 -21.46
CA LYS C 214 -53.74 -43.45 -22.81
C LYS C 214 -55.11 -42.84 -23.08
N ALA C 215 -56.06 -43.05 -22.17
CA ALA C 215 -57.40 -42.46 -22.28
C ALA C 215 -57.42 -40.98 -21.90
N LEU C 216 -56.34 -40.52 -21.24
CA LEU C 216 -56.21 -39.15 -20.74
C LEU C 216 -57.30 -38.77 -19.72
N ARG C 217 -57.90 -39.77 -19.08
CA ARG C 217 -58.94 -39.54 -18.08
C ARG C 217 -58.32 -38.98 -16.79
N ASP C 218 -59.18 -38.42 -15.94
CA ASP C 218 -58.78 -37.86 -14.65
C ASP C 218 -59.48 -38.61 -13.51
N LEU C 219 -58.72 -38.97 -12.48
CA LEU C 219 -59.26 -39.75 -11.37
C LEU C 219 -59.22 -39.00 -10.05
N PRO C 220 -60.37 -38.45 -9.60
CA PRO C 220 -60.49 -37.97 -8.22
C PRO C 220 -60.96 -39.10 -7.28
N GLU C 221 -60.78 -38.89 -5.97
CA GLU C 221 -61.12 -39.89 -4.93
C GLU C 221 -60.37 -41.21 -5.14
N VAL C 222 -59.14 -41.27 -4.63
CA VAL C 222 -58.22 -42.38 -4.95
C VAL C 222 -57.69 -43.08 -3.69
N ALA C 223 -57.67 -44.42 -3.73
CA ALA C 223 -57.12 -45.22 -2.63
C ALA C 223 -56.13 -46.29 -3.12
N PHE C 224 -54.97 -46.36 -2.47
CA PHE C 224 -53.94 -47.33 -2.84
C PHE C 224 -53.91 -48.54 -1.91
N LEU C 225 -54.36 -49.68 -2.44
CA LEU C 225 -54.45 -50.92 -1.68
C LEU C 225 -53.11 -51.64 -1.53
N SER C 226 -52.15 -51.29 -2.39
CA SER C 226 -50.83 -51.93 -2.40
C SER C 226 -50.04 -51.87 -1.09
N HIS C 227 -50.60 -51.22 -0.06
CA HIS C 227 -49.95 -51.11 1.23
C HIS C 227 -50.69 -51.85 2.36
N CYS C 228 -51.72 -52.62 2.00
CA CYS C 228 -52.48 -53.44 2.93
C CYS C 228 -51.90 -54.84 3.08
N LYS C 229 -51.07 -55.03 4.10
CA LYS C 229 -50.34 -56.29 4.26
C LYS C 229 -51.27 -57.51 4.39
N ASP C 230 -52.28 -57.39 5.23
CA ASP C 230 -53.21 -58.50 5.49
C ASP C 230 -54.15 -58.81 4.33
N LEU C 231 -54.26 -57.88 3.39
CA LEU C 231 -55.10 -58.05 2.19
C LEU C 231 -54.39 -58.89 1.14
N ALA C 232 -53.07 -58.99 1.24
CA ALA C 232 -52.24 -59.62 0.21
C ALA C 232 -51.54 -60.88 0.72
N GLN C 233 -52.31 -61.79 1.29
CA GLN C 233 -51.77 -63.00 1.92
C GLN C 233 -52.29 -64.29 1.29
N ILE C 234 -51.44 -65.30 1.29
CA ILE C 234 -51.85 -66.65 0.95
C ILE C 234 -51.93 -67.40 2.26
N ARG C 235 -53.14 -67.78 2.65
CA ARG C 235 -53.37 -68.49 3.89
C ARG C 235 -54.01 -69.83 3.62
N GLU C 236 -53.80 -70.78 4.53
CA GLU C 236 -54.30 -72.13 4.37
C GLU C 236 -55.56 -72.34 5.19
N THR C 237 -56.66 -72.62 4.48
CA THR C 237 -57.96 -72.88 5.09
C THR C 237 -58.16 -74.41 5.19
N PRO C 238 -59.10 -74.88 6.05
CA PRO C 238 -59.36 -76.32 6.19
C PRO C 238 -59.66 -77.08 4.89
N ASP C 239 -59.97 -76.35 3.83
CA ASP C 239 -60.39 -76.95 2.55
C ASP C 239 -60.03 -76.04 1.37
N GLY C 240 -58.74 -75.76 1.24
CA GLY C 240 -58.23 -74.94 0.15
C GLY C 240 -57.28 -73.84 0.61
N TYR C 241 -57.19 -72.80 -0.20
CA TYR C 241 -56.30 -71.68 0.08
C TYR C 241 -57.03 -70.35 -0.06
N GLY C 242 -56.84 -69.48 0.92
CA GLY C 242 -57.46 -68.16 0.90
C GLY C 242 -56.51 -67.12 0.36
N ILE C 243 -56.56 -66.90 -0.95
CA ILE C 243 -55.67 -65.96 -1.63
C ILE C 243 -56.29 -64.56 -1.64
N GLY C 244 -55.61 -63.64 -0.95
CA GLY C 244 -56.11 -62.27 -0.80
C GLY C 244 -56.07 -61.50 -2.10
N ALA C 245 -56.92 -60.47 -2.18
CA ALA C 245 -57.03 -59.66 -3.40
C ALA C 245 -55.75 -58.89 -3.74
N GLY C 246 -54.90 -58.67 -2.73
CA GLY C 246 -53.67 -57.92 -2.92
C GLY C 246 -52.49 -58.74 -3.41
N VAL C 247 -52.68 -60.06 -3.45
CA VAL C 247 -51.63 -60.98 -3.89
C VAL C 247 -51.33 -60.73 -5.36
N THR C 248 -50.06 -60.43 -5.66
CA THR C 248 -49.62 -60.17 -7.02
C THR C 248 -49.62 -61.46 -7.84
N ILE C 249 -49.78 -61.32 -9.16
CA ILE C 249 -49.83 -62.46 -10.08
C ILE C 249 -48.52 -63.26 -10.07
N ALA C 250 -47.41 -62.57 -9.79
CA ALA C 250 -46.12 -63.22 -9.69
C ALA C 250 -46.06 -64.04 -8.42
N ALA C 251 -46.70 -63.53 -7.37
CA ALA C 251 -46.80 -64.22 -6.08
C ALA C 251 -47.73 -65.42 -6.16
N LEU C 252 -48.86 -65.25 -6.83
CA LEU C 252 -49.81 -66.34 -7.05
C LEU C 252 -49.17 -67.47 -7.84
N ARG C 253 -48.56 -67.12 -8.97
CA ARG C 253 -47.89 -68.08 -9.83
C ARG C 253 -46.81 -68.85 -9.08
N ALA C 254 -46.08 -68.15 -8.22
CA ALA C 254 -45.00 -68.74 -7.43
C ALA C 254 -45.53 -69.80 -6.48
N PHE C 255 -46.58 -69.43 -5.75
CA PHE C 255 -47.26 -70.36 -4.83
C PHE C 255 -47.89 -71.54 -5.58
N ALA C 256 -48.54 -71.25 -6.69
CA ALA C 256 -49.26 -72.26 -7.48
C ALA C 256 -48.35 -73.28 -8.15
N GLU C 257 -47.04 -73.00 -8.18
CA GLU C 257 -46.08 -73.89 -8.80
C GLU C 257 -46.16 -75.31 -8.21
N GLY C 258 -46.57 -75.41 -6.95
CA GLY C 258 -46.73 -76.69 -6.25
C GLY C 258 -48.10 -77.34 -6.36
N PRO C 259 -49.12 -76.79 -5.67
CA PRO C 259 -50.46 -77.37 -5.64
C PRO C 259 -51.25 -77.26 -6.95
N HIS C 260 -50.98 -76.22 -7.74
CA HIS C 260 -51.74 -75.96 -8.97
C HIS C 260 -50.84 -75.65 -10.18
N PRO C 261 -50.04 -76.64 -10.62
CA PRO C 261 -49.09 -76.38 -11.71
C PRO C 261 -49.76 -75.87 -13.00
N ALA C 262 -51.01 -76.28 -13.21
CA ALA C 262 -51.79 -75.80 -14.35
C ALA C 262 -51.97 -74.29 -14.30
N LEU C 263 -52.35 -73.77 -13.13
CA LEU C 263 -52.51 -72.33 -12.95
C LEU C 263 -51.17 -71.61 -13.11
N ALA C 264 -50.14 -72.14 -12.44
CA ALA C 264 -48.79 -71.58 -12.53
C ALA C 264 -48.30 -71.52 -13.97
N GLY C 265 -48.58 -72.58 -14.73
CA GLY C 265 -48.20 -72.67 -16.15
C GLY C 265 -48.79 -71.57 -16.99
N LEU C 266 -50.08 -71.33 -16.82
CA LEU C 266 -50.79 -70.26 -17.52
C LEU C 266 -50.26 -68.89 -17.12
N LEU C 267 -50.12 -68.65 -15.82
CA LEU C 267 -49.71 -67.34 -15.33
C LEU C 267 -48.30 -66.92 -15.74
N ARG C 268 -47.49 -67.87 -16.21
CA ARG C 268 -46.19 -67.55 -16.81
C ARG C 268 -46.42 -66.71 -18.06
N ARG C 269 -47.49 -67.03 -18.78
CA ARG C 269 -47.90 -66.29 -19.96
C ARG C 269 -48.96 -65.23 -19.65
N PHE C 270 -49.06 -64.84 -18.39
CA PHE C 270 -49.89 -63.70 -18.00
C PHE C 270 -49.02 -62.46 -18.04
N ALA C 271 -49.40 -61.50 -18.88
CA ALA C 271 -48.64 -60.26 -19.09
C ALA C 271 -47.12 -60.50 -19.19
N SER C 272 -46.36 -59.69 -18.46
CA SER C 272 -44.91 -59.78 -18.43
C SER C 272 -44.42 -59.82 -17.00
N GLU C 273 -43.18 -60.23 -16.81
CA GLU C 273 -42.58 -60.30 -15.49
C GLU C 273 -42.75 -58.99 -14.69
N GLN C 274 -42.62 -57.86 -15.36
CA GLN C 274 -42.71 -56.56 -14.71
C GLN C 274 -44.14 -56.20 -14.29
N VAL C 275 -45.10 -56.61 -15.09
CA VAL C 275 -46.51 -56.38 -14.77
C VAL C 275 -46.95 -57.34 -13.67
N ARG C 276 -46.54 -58.60 -13.80
CA ARG C 276 -46.84 -59.63 -12.82
C ARG C 276 -46.36 -59.28 -11.40
N GLN C 277 -45.28 -58.53 -11.31
CA GLN C 277 -44.70 -58.15 -10.02
C GLN C 277 -45.53 -57.14 -9.23
N VAL C 278 -46.41 -56.43 -9.92
CA VAL C 278 -47.23 -55.39 -9.28
C VAL C 278 -48.74 -55.63 -9.43
N ALA C 279 -49.12 -56.29 -10.53
CA ALA C 279 -50.53 -56.56 -10.83
C ALA C 279 -51.12 -57.59 -9.88
N THR C 280 -52.28 -57.27 -9.32
CA THR C 280 -52.94 -58.13 -8.34
C THR C 280 -54.02 -58.99 -8.97
N ILE C 281 -54.39 -60.07 -8.27
CA ILE C 281 -55.45 -60.96 -8.72
C ILE C 281 -56.85 -60.41 -8.40
N GLY C 282 -56.93 -59.63 -7.33
CA GLY C 282 -58.17 -58.98 -6.95
C GLY C 282 -58.55 -57.95 -7.99
N GLY C 283 -57.56 -57.15 -8.39
CA GLY C 283 -57.72 -56.18 -9.46
C GLY C 283 -58.09 -56.82 -10.79
N ASN C 284 -57.54 -58.02 -11.05
CA ASN C 284 -57.84 -58.78 -12.26
C ASN C 284 -59.30 -59.22 -12.30
N ILE C 285 -59.80 -59.72 -11.18
CA ILE C 285 -61.19 -60.13 -11.09
C ILE C 285 -62.09 -58.89 -11.05
N ALA C 286 -61.65 -57.86 -10.31
CA ALA C 286 -62.38 -56.61 -10.19
C ALA C 286 -62.43 -55.82 -11.50
N ASN C 287 -61.47 -56.07 -12.39
CA ASN C 287 -61.46 -55.47 -13.71
C ASN C 287 -62.63 -55.97 -14.56
N GLY C 288 -62.95 -57.26 -14.43
CA GLY C 288 -64.08 -57.86 -15.12
C GLY C 288 -63.94 -57.93 -16.63
N SER C 289 -62.70 -58.06 -17.11
CA SER C 289 -62.44 -58.16 -18.54
C SER C 289 -62.66 -59.57 -19.04
N PRO C 290 -63.42 -59.71 -20.15
CA PRO C 290 -63.67 -61.02 -20.77
C PRO C 290 -62.38 -61.70 -21.25
N ILE C 291 -61.38 -60.90 -21.60
CA ILE C 291 -60.08 -61.43 -22.01
C ILE C 291 -59.12 -61.70 -20.83
N GLY C 292 -59.54 -61.34 -19.62
CA GLY C 292 -58.75 -61.61 -18.41
C GLY C 292 -58.47 -63.09 -18.23
N ASP C 293 -57.23 -63.41 -17.88
CA ASP C 293 -56.77 -64.82 -17.83
C ASP C 293 -56.93 -65.49 -16.47
N GLY C 294 -57.07 -64.68 -15.42
CA GLY C 294 -57.33 -65.19 -14.08
C GLY C 294 -58.64 -65.95 -13.97
N PRO C 295 -59.79 -65.28 -14.27
CA PRO C 295 -61.11 -65.87 -14.05
C PRO C 295 -61.36 -67.24 -14.70
N PRO C 296 -61.09 -67.42 -16.01
CA PRO C 296 -61.40 -68.73 -16.57
C PRO C 296 -60.65 -69.87 -15.86
N ALA C 297 -59.40 -69.59 -15.50
CA ALA C 297 -58.55 -70.57 -14.82
C ALA C 297 -59.12 -70.96 -13.48
N LEU C 298 -59.56 -69.97 -12.71
CA LEU C 298 -60.11 -70.21 -11.38
C LEU C 298 -61.51 -70.83 -11.44
N ILE C 299 -62.34 -70.33 -12.37
CA ILE C 299 -63.67 -70.89 -12.60
C ILE C 299 -63.58 -72.37 -12.95
N ALA C 300 -62.58 -72.74 -13.73
CA ALA C 300 -62.40 -74.13 -14.13
C ALA C 300 -62.06 -75.05 -12.97
N MET C 301 -61.31 -74.55 -11.98
CA MET C 301 -61.01 -75.37 -10.80
C MET C 301 -62.00 -75.14 -9.65
N GLY C 302 -63.00 -74.30 -9.90
CA GLY C 302 -64.11 -74.09 -8.98
C GLY C 302 -63.82 -73.22 -7.78
N ALA C 303 -63.01 -72.19 -7.98
CA ALA C 303 -62.68 -71.23 -6.93
C ALA C 303 -63.89 -70.41 -6.51
N SER C 304 -63.92 -69.99 -5.24
CA SER C 304 -64.98 -69.13 -4.74
C SER C 304 -64.44 -67.73 -4.42
N LEU C 305 -65.31 -66.73 -4.53
CA LEU C 305 -64.94 -65.34 -4.32
C LEU C 305 -65.55 -64.76 -3.04
N THR C 306 -64.77 -63.97 -2.33
CA THR C 306 -65.24 -63.29 -1.13
C THR C 306 -65.21 -61.78 -1.33
N LEU C 307 -66.37 -61.16 -1.15
CA LEU C 307 -66.50 -59.70 -1.24
C LEU C 307 -66.77 -59.13 0.15
N ARG C 308 -66.47 -57.86 0.34
CA ARG C 308 -66.64 -57.23 1.66
C ARG C 308 -67.15 -55.79 1.53
N ARG C 309 -68.19 -55.48 2.31
CA ARG C 309 -68.66 -54.10 2.45
C ARG C 309 -68.67 -53.72 3.93
N GLY C 310 -67.63 -53.04 4.37
CA GLY C 310 -67.48 -52.68 5.78
C GLY C 310 -67.15 -53.88 6.64
N GLN C 311 -68.17 -54.41 7.32
CA GLN C 311 -68.02 -55.64 8.10
C GLN C 311 -68.84 -56.78 7.51
N GLU C 312 -69.59 -56.49 6.45
CA GLU C 312 -70.33 -57.50 5.69
C GLU C 312 -69.35 -58.32 4.85
N ARG C 313 -69.70 -59.57 4.55
CA ARG C 313 -68.82 -60.45 3.80
C ARG C 313 -69.60 -61.48 2.97
N ARG C 314 -69.78 -61.19 1.69
CA ARG C 314 -70.46 -62.09 0.76
C ARG C 314 -69.52 -63.17 0.22
N ARG C 315 -70.11 -64.24 -0.29
CA ARG C 315 -69.33 -65.37 -0.80
C ARG C 315 -70.10 -66.03 -1.94
N MET C 316 -69.40 -66.38 -3.02
CA MET C 316 -70.02 -66.97 -4.21
C MET C 316 -69.01 -67.67 -5.11
N PRO C 317 -69.47 -68.66 -5.91
CA PRO C 317 -68.61 -69.22 -6.95
C PRO C 317 -68.22 -68.13 -7.96
N LEU C 318 -66.94 -68.10 -8.33
CA LEU C 318 -66.37 -66.97 -9.06
C LEU C 318 -67.13 -66.53 -10.33
N GLU C 319 -67.62 -67.50 -11.09
CA GLU C 319 -68.34 -67.22 -12.35
C GLU C 319 -69.63 -66.40 -12.16
N ASP C 320 -70.22 -66.48 -10.95
CA ASP C 320 -71.47 -65.77 -10.65
C ASP C 320 -71.26 -64.27 -10.42
N PHE C 321 -70.00 -63.86 -10.27
CA PHE C 321 -69.63 -62.46 -10.08
C PHE C 321 -69.76 -61.65 -11.37
N PHE C 322 -69.51 -62.30 -12.51
CA PHE C 322 -69.54 -61.64 -13.81
C PHE C 322 -70.91 -61.76 -14.46
N LEU C 323 -71.66 -60.65 -14.47
CA LEU C 323 -73.04 -60.66 -14.94
C LEU C 323 -73.12 -60.46 -16.45
N GLU C 324 -72.76 -59.25 -16.89
CA GLU C 324 -72.72 -58.90 -18.30
C GLU C 324 -71.36 -58.28 -18.61
N TYR C 325 -71.07 -58.05 -19.88
CA TYR C 325 -69.87 -57.30 -20.25
C TYR C 325 -69.92 -55.92 -19.58
N ARG C 326 -68.85 -55.59 -18.86
CA ARG C 326 -68.73 -54.32 -18.14
C ARG C 326 -69.69 -54.17 -16.95
N LYS C 327 -70.24 -55.30 -16.48
CA LYS C 327 -71.09 -55.29 -15.30
C LYS C 327 -70.81 -56.49 -14.39
N GLN C 328 -70.46 -56.21 -13.14
CA GLN C 328 -70.17 -57.24 -12.15
C GLN C 328 -71.18 -57.19 -11.02
N ASP C 329 -71.17 -58.23 -10.19
CA ASP C 329 -72.04 -58.31 -9.02
C ASP C 329 -71.36 -57.62 -7.83
N ARG C 330 -71.27 -56.30 -7.91
CA ARG C 330 -70.55 -55.50 -6.95
C ARG C 330 -71.42 -54.38 -6.42
N ARG C 331 -71.61 -54.34 -5.11
CA ARG C 331 -72.46 -53.35 -4.46
C ARG C 331 -71.70 -52.04 -4.33
N PRO C 332 -72.43 -50.91 -4.17
CA PRO C 332 -71.78 -49.65 -3.81
C PRO C 332 -70.99 -49.77 -2.50
N GLY C 333 -69.69 -49.47 -2.55
CA GLY C 333 -68.82 -49.55 -1.38
C GLY C 333 -68.35 -50.95 -1.04
N GLU C 334 -68.60 -51.90 -1.94
CA GLU C 334 -68.16 -53.28 -1.76
C GLU C 334 -66.93 -53.55 -2.61
N PHE C 335 -65.94 -54.19 -2.00
CA PHE C 335 -64.70 -54.53 -2.71
C PHE C 335 -64.38 -56.02 -2.68
N VAL C 336 -63.54 -56.46 -3.62
CA VAL C 336 -63.06 -57.84 -3.69
C VAL C 336 -62.01 -58.04 -2.60
N GLU C 337 -62.24 -59.04 -1.75
CA GLU C 337 -61.36 -59.29 -0.59
C GLU C 337 -60.39 -60.45 -0.80
N SER C 338 -60.90 -61.58 -1.29
CA SER C 338 -60.09 -62.79 -1.49
C SER C 338 -60.74 -63.80 -2.43
N VAL C 339 -59.97 -64.81 -2.81
CA VAL C 339 -60.48 -65.97 -3.53
C VAL C 339 -60.00 -67.26 -2.88
N THR C 340 -60.84 -68.29 -2.91
CA THR C 340 -60.50 -69.57 -2.28
C THR C 340 -60.35 -70.66 -3.32
N LEU C 341 -59.15 -71.23 -3.41
CA LEU C 341 -58.89 -72.34 -4.34
C LEU C 341 -58.90 -73.66 -3.57
N PRO C 342 -59.36 -74.75 -4.21
CA PRO C 342 -59.29 -76.06 -3.56
C PRO C 342 -57.84 -76.47 -3.32
N LYS C 343 -57.63 -77.38 -2.37
CA LYS C 343 -56.29 -77.90 -2.09
C LYS C 343 -55.67 -78.55 -3.33
N SER C 344 -56.50 -79.26 -4.08
CA SER C 344 -56.05 -80.02 -5.24
C SER C 344 -57.05 -79.92 -6.41
N ALA C 345 -56.52 -79.89 -7.63
CA ALA C 345 -57.34 -79.87 -8.85
C ALA C 345 -56.62 -80.48 -10.05
N PRO C 346 -56.28 -81.79 -9.98
CA PRO C 346 -55.36 -82.44 -10.91
C PRO C 346 -55.80 -82.40 -12.36
N GLY C 347 -57.10 -82.50 -12.60
CA GLY C 347 -57.64 -82.54 -13.96
C GLY C 347 -57.62 -81.21 -14.70
N LEU C 348 -57.20 -80.15 -14.02
CA LEU C 348 -57.18 -78.81 -14.60
C LEU C 348 -56.12 -78.68 -15.69
N ARG C 349 -56.50 -78.03 -16.78
CA ARG C 349 -55.58 -77.74 -17.87
C ARG C 349 -55.93 -76.38 -18.48
N CYS C 350 -54.91 -75.56 -18.73
CA CYS C 350 -55.12 -74.21 -19.22
C CYS C 350 -54.51 -73.98 -20.59
N TYR C 351 -55.29 -73.38 -21.48
CA TYR C 351 -54.81 -73.09 -22.81
C TYR C 351 -55.03 -71.63 -23.14
N LYS C 352 -53.94 -70.92 -23.36
CA LYS C 352 -53.99 -69.55 -23.83
C LYS C 352 -53.62 -69.53 -25.31
N LEU C 353 -54.44 -68.87 -26.11
CA LEU C 353 -54.18 -68.72 -27.52
C LEU C 353 -54.11 -67.25 -27.90
N SER C 354 -52.99 -66.85 -28.49
CA SER C 354 -52.73 -65.47 -28.87
C SER C 354 -51.80 -65.43 -30.09
N LYS C 355 -51.66 -64.26 -30.72
CA LYS C 355 -50.77 -64.10 -31.89
C LYS C 355 -49.31 -64.45 -31.58
N ARG C 356 -48.86 -64.05 -30.40
CA ARG C 356 -47.51 -64.26 -29.92
C ARG C 356 -47.60 -64.96 -28.57
N PHE C 357 -46.64 -65.84 -28.26
CA PHE C 357 -46.67 -66.61 -27.01
C PHE C 357 -46.57 -65.74 -25.76
N ASP C 358 -45.44 -65.06 -25.60
CA ASP C 358 -45.15 -64.26 -24.40
C ASP C 358 -45.71 -62.84 -24.50
N GLN C 359 -46.14 -62.32 -23.35
CA GLN C 359 -46.81 -61.01 -23.25
C GLN C 359 -47.81 -60.76 -24.37
N ASP C 360 -48.99 -61.31 -24.22
CA ASP C 360 -50.04 -61.13 -25.20
C ASP C 360 -51.41 -61.31 -24.59
N ILE C 361 -52.39 -60.65 -25.18
CA ILE C 361 -53.77 -60.77 -24.73
C ILE C 361 -54.44 -61.93 -25.49
N SER C 362 -55.11 -62.80 -24.75
CA SER C 362 -55.74 -63.99 -25.32
C SER C 362 -56.81 -63.63 -26.34
N ALA C 363 -56.87 -64.39 -27.42
CA ALA C 363 -58.00 -64.37 -28.33
C ALA C 363 -59.03 -65.35 -27.78
N VAL C 364 -58.57 -66.57 -27.49
CA VAL C 364 -59.36 -67.56 -26.79
C VAL C 364 -58.53 -68.07 -25.63
N CYS C 365 -59.16 -68.17 -24.47
CA CYS C 365 -58.52 -68.68 -23.29
C CYS C 365 -59.39 -69.77 -22.67
N GLY C 366 -58.99 -71.02 -22.85
CA GLY C 366 -59.82 -72.15 -22.44
C GLY C 366 -59.26 -73.00 -21.33
N CYS C 367 -60.06 -73.21 -20.29
CA CYS C 367 -59.69 -74.07 -19.19
C CYS C 367 -60.63 -75.24 -19.02
N LEU C 368 -60.06 -76.43 -19.00
CA LEU C 368 -60.83 -77.66 -18.88
C LEU C 368 -60.44 -78.44 -17.63
N ASN C 369 -61.44 -78.91 -16.91
CA ASN C 369 -61.24 -79.66 -15.69
C ASN C 369 -62.29 -80.76 -15.58
N LEU C 370 -61.87 -81.97 -15.92
CA LEU C 370 -62.76 -83.13 -15.84
C LEU C 370 -62.32 -84.08 -14.73
N THR C 371 -63.30 -84.58 -13.99
CA THR C 371 -63.10 -85.64 -13.02
C THR C 371 -63.58 -86.93 -13.67
N LEU C 372 -62.97 -88.05 -13.29
CA LEU C 372 -63.28 -89.33 -13.92
C LEU C 372 -63.62 -90.43 -12.94
N LYS C 373 -64.77 -91.08 -13.17
CA LYS C 373 -65.10 -92.32 -12.49
C LYS C 373 -64.60 -93.44 -13.39
N GLY C 374 -63.28 -93.54 -13.52
CA GLY C 374 -62.62 -94.53 -14.36
C GLY C 374 -63.17 -94.63 -15.78
N SER C 375 -62.55 -93.86 -16.69
CA SER C 375 -62.94 -93.87 -18.11
C SER C 375 -64.29 -93.21 -18.40
N LYS C 376 -65.06 -92.90 -17.36
CA LYS C 376 -66.32 -92.17 -17.52
C LYS C 376 -66.28 -90.81 -16.82
N ILE C 377 -66.80 -89.79 -17.50
CA ILE C 377 -66.76 -88.42 -17.00
C ILE C 377 -67.76 -88.18 -15.86
N GLU C 378 -67.23 -87.86 -14.69
CA GLU C 378 -68.03 -87.51 -13.52
C GLU C 378 -68.49 -86.07 -13.62
N THR C 379 -67.53 -85.15 -13.49
CA THR C 379 -67.80 -83.72 -13.50
C THR C 379 -67.10 -83.09 -14.71
N ALA C 380 -67.66 -81.98 -15.19
CA ALA C 380 -67.05 -81.21 -16.26
C ALA C 380 -67.06 -79.73 -15.89
N ARG C 381 -65.87 -79.18 -15.71
CA ARG C 381 -65.71 -77.73 -15.51
C ARG C 381 -64.88 -77.13 -16.66
N ILE C 382 -65.60 -76.57 -17.63
CA ILE C 382 -65.00 -76.00 -18.84
C ILE C 382 -65.41 -74.53 -18.97
N ALA C 383 -64.44 -73.64 -18.87
CA ALA C 383 -64.71 -72.20 -18.83
C ALA C 383 -63.81 -71.43 -19.78
N PHE C 384 -64.37 -70.40 -20.39
CA PHE C 384 -63.69 -69.67 -21.45
C PHE C 384 -63.54 -68.16 -21.23
N GLY C 385 -62.39 -67.64 -21.61
CA GLY C 385 -62.17 -66.21 -21.71
C GLY C 385 -62.13 -65.79 -23.17
N GLY C 386 -62.52 -64.54 -23.43
CA GLY C 386 -62.48 -63.96 -24.77
C GLY C 386 -63.50 -64.54 -25.74
N MET C 387 -64.47 -65.28 -25.23
CA MET C 387 -65.47 -65.97 -26.05
C MET C 387 -66.86 -65.34 -25.94
N ALA C 388 -67.04 -64.55 -24.90
CA ALA C 388 -68.29 -63.81 -24.66
C ALA C 388 -67.97 -62.58 -23.82
N GLY C 389 -68.97 -61.73 -23.58
CA GLY C 389 -68.78 -60.51 -22.80
C GLY C 389 -68.33 -60.78 -21.37
N VAL C 390 -68.41 -62.04 -20.98
CA VAL C 390 -68.13 -62.48 -19.62
C VAL C 390 -67.40 -63.82 -19.65
N PRO C 391 -66.42 -64.01 -18.74
CA PRO C 391 -65.83 -65.34 -18.55
C PRO C 391 -66.88 -66.31 -18.00
N LYS C 392 -67.30 -67.27 -18.82
CA LYS C 392 -68.39 -68.18 -18.46
C LYS C 392 -68.08 -69.63 -18.81
N ARG C 393 -68.89 -70.54 -18.26
CA ARG C 393 -68.72 -71.98 -18.46
C ARG C 393 -69.51 -72.46 -19.67
N ALA C 394 -68.98 -73.49 -20.34
CA ALA C 394 -69.63 -74.09 -21.50
C ALA C 394 -70.79 -74.97 -21.06
N ALA C 395 -71.93 -74.34 -20.78
CA ALA C 395 -73.09 -75.00 -20.20
C ALA C 395 -73.51 -76.28 -20.93
N ALA C 396 -73.82 -76.13 -22.22
CA ALA C 396 -74.32 -77.24 -23.03
C ALA C 396 -73.25 -78.30 -23.28
N PHE C 397 -72.01 -77.85 -23.45
CA PHE C 397 -70.89 -78.75 -23.71
C PHE C 397 -70.56 -79.62 -22.49
N GLU C 398 -70.57 -79.01 -21.31
CA GLU C 398 -70.37 -79.73 -20.05
C GLU C 398 -71.47 -80.74 -19.82
N ALA C 399 -72.72 -80.31 -20.04
CA ALA C 399 -73.90 -81.15 -19.83
C ALA C 399 -73.86 -82.40 -20.69
N ALA C 400 -73.45 -82.24 -21.94
CA ALA C 400 -73.38 -83.34 -22.92
C ALA C 400 -72.30 -84.34 -22.57
N LEU C 401 -71.22 -83.83 -21.98
CA LEU C 401 -70.01 -84.62 -21.75
C LEU C 401 -70.13 -85.60 -20.60
N ILE C 402 -71.00 -85.26 -19.63
CA ILE C 402 -71.12 -86.02 -18.38
C ILE C 402 -71.74 -87.40 -18.60
N GLY C 403 -71.10 -88.43 -18.05
CA GLY C 403 -71.55 -89.82 -18.19
C GLY C 403 -70.92 -90.54 -19.36
N GLN C 404 -70.43 -89.77 -20.32
CA GLN C 404 -69.81 -90.30 -21.53
C GLN C 404 -68.40 -90.82 -21.27
N ASP C 405 -67.91 -91.66 -22.18
CA ASP C 405 -66.55 -92.18 -22.09
C ASP C 405 -65.54 -91.14 -22.54
N PHE C 406 -64.52 -90.94 -21.70
CA PHE C 406 -63.46 -89.96 -21.98
C PHE C 406 -62.54 -90.44 -23.10
N ARG C 407 -62.97 -90.21 -24.34
CA ARG C 407 -62.23 -90.57 -25.54
C ARG C 407 -62.43 -89.44 -26.54
N GLU C 408 -61.54 -89.35 -27.52
CA GLU C 408 -61.62 -88.29 -28.51
C GLU C 408 -62.95 -88.28 -29.30
N ASP C 409 -63.34 -89.45 -29.80
CA ASP C 409 -64.53 -89.56 -30.67
C ASP C 409 -65.83 -89.06 -30.02
N THR C 410 -65.96 -89.22 -28.70
CA THR C 410 -67.12 -88.72 -27.97
C THR C 410 -67.05 -87.19 -27.82
N ILE C 411 -65.88 -86.70 -27.42
CA ILE C 411 -65.63 -85.25 -27.32
C ILE C 411 -65.86 -84.57 -28.67
N ALA C 412 -65.37 -85.21 -29.73
CA ALA C 412 -65.52 -84.73 -31.10
C ALA C 412 -66.98 -84.52 -31.49
N ALA C 413 -67.83 -85.48 -31.14
CA ALA C 413 -69.27 -85.41 -31.44
C ALA C 413 -69.99 -84.35 -30.62
N ALA C 414 -69.43 -84.00 -29.47
CA ALA C 414 -70.02 -83.01 -28.57
C ALA C 414 -69.61 -81.57 -28.90
N LEU C 415 -68.63 -81.43 -29.79
CA LEU C 415 -68.07 -80.12 -30.17
C LEU C 415 -69.07 -79.08 -30.70
N PRO C 416 -70.08 -79.50 -31.50
CA PRO C 416 -71.02 -78.51 -32.02
C PRO C 416 -71.75 -77.71 -30.93
N LEU C 417 -71.83 -78.26 -29.72
CA LEU C 417 -72.55 -77.63 -28.61
C LEU C 417 -71.86 -76.38 -28.08
N LEU C 418 -70.55 -76.27 -28.31
CA LEU C 418 -69.80 -75.07 -27.97
C LEU C 418 -70.26 -73.87 -28.80
N ALA C 419 -70.73 -74.15 -30.02
CA ALA C 419 -71.32 -73.13 -30.88
C ALA C 419 -72.65 -72.63 -30.32
N GLN C 420 -73.36 -73.51 -29.63
CA GLN C 420 -74.58 -73.12 -28.93
C GLN C 420 -74.24 -72.32 -27.68
N ASP C 421 -73.11 -72.63 -27.07
CA ASP C 421 -72.68 -71.96 -25.83
C ASP C 421 -72.11 -70.56 -26.07
N PHE C 422 -71.39 -70.37 -27.16
CA PHE C 422 -70.77 -69.08 -27.47
C PHE C 422 -71.00 -68.62 -28.90
N THR C 423 -71.11 -67.30 -29.07
CA THR C 423 -71.14 -66.68 -30.38
C THR C 423 -70.08 -65.58 -30.39
N PRO C 424 -68.82 -65.95 -30.65
CA PRO C 424 -67.70 -65.03 -30.45
C PRO C 424 -67.69 -63.91 -31.49
N LEU C 425 -67.01 -62.81 -31.17
CA LEU C 425 -66.88 -61.67 -32.06
C LEU C 425 -65.56 -61.74 -32.82
N SER C 426 -65.40 -60.85 -33.80
CA SER C 426 -64.12 -60.70 -34.47
C SER C 426 -63.52 -59.35 -34.12
N ASP C 427 -62.19 -59.27 -34.17
CA ASP C 427 -61.47 -58.01 -34.02
C ASP C 427 -60.09 -58.16 -34.63
N MET C 428 -59.18 -57.26 -34.28
CA MET C 428 -57.83 -57.30 -34.81
C MET C 428 -57.05 -58.53 -34.35
N ARG C 429 -57.44 -59.09 -33.21
CA ARG C 429 -56.72 -60.23 -32.62
C ARG C 429 -57.04 -61.54 -33.30
N ALA C 430 -58.31 -61.74 -33.62
CA ALA C 430 -58.78 -62.95 -34.29
C ALA C 430 -60.22 -62.80 -34.79
N SER C 431 -60.56 -63.62 -35.78
CA SER C 431 -61.91 -63.68 -36.29
C SER C 431 -62.76 -64.61 -35.44
N ALA C 432 -64.07 -64.37 -35.43
CA ALA C 432 -65.04 -65.21 -34.73
C ALA C 432 -64.91 -66.67 -35.15
N ALA C 433 -64.72 -66.89 -36.45
CA ALA C 433 -64.48 -68.21 -37.01
C ALA C 433 -63.30 -68.90 -36.35
N TYR C 434 -62.20 -68.17 -36.20
CA TYR C 434 -61.00 -68.71 -35.54
C TYR C 434 -61.24 -68.94 -34.06
N ARG C 435 -61.81 -67.95 -33.37
CA ARG C 435 -62.13 -68.07 -31.95
C ARG C 435 -62.98 -69.29 -31.64
N MET C 436 -64.07 -69.46 -32.40
CA MET C 436 -64.93 -70.61 -32.25
C MET C 436 -64.14 -71.89 -32.48
N ASN C 437 -63.48 -71.97 -33.63
CA ASN C 437 -62.70 -73.14 -34.00
C ASN C 437 -61.63 -73.49 -32.95
N ALA C 438 -60.99 -72.46 -32.40
CA ALA C 438 -59.94 -72.63 -31.40
C ALA C 438 -60.48 -73.19 -30.10
N ALA C 439 -61.68 -72.77 -29.73
CA ALA C 439 -62.33 -73.26 -28.51
C ALA C 439 -62.60 -74.75 -28.60
N GLN C 440 -63.05 -75.20 -29.77
CA GLN C 440 -63.27 -76.59 -30.04
C GLN C 440 -61.96 -77.37 -30.08
N ALA C 441 -60.94 -76.74 -30.66
CA ALA C 441 -59.62 -77.36 -30.78
C ALA C 441 -59.03 -77.68 -29.41
N MET C 442 -59.35 -76.86 -28.42
CA MET C 442 -58.85 -77.02 -27.05
C MET C 442 -59.42 -78.27 -26.37
N ALA C 443 -60.68 -78.57 -26.66
CA ALA C 443 -61.32 -79.78 -26.16
C ALA C 443 -60.57 -81.03 -26.63
N LEU C 444 -60.31 -81.09 -27.93
CA LEU C 444 -59.56 -82.19 -28.53
C LEU C 444 -58.12 -82.21 -28.04
N ARG C 445 -57.56 -81.03 -27.79
CA ARG C 445 -56.22 -80.91 -27.23
C ARG C 445 -56.17 -81.51 -25.82
N TYR C 446 -57.24 -81.29 -25.06
CA TYR C 446 -57.35 -81.74 -23.67
C TYR C 446 -57.34 -83.27 -23.53
N VAL C 447 -58.19 -83.93 -24.31
CA VAL C 447 -58.25 -85.40 -24.34
C VAL C 447 -56.90 -85.98 -24.75
N ARG C 448 -56.34 -85.44 -25.83
CA ARG C 448 -55.06 -85.91 -26.37
C ARG C 448 -53.92 -85.70 -25.38
N GLU C 449 -53.98 -84.62 -24.63
CA GLU C 449 -52.95 -84.34 -23.64
C GLU C 449 -53.03 -85.31 -22.48
N LEU C 450 -54.25 -85.52 -21.95
CA LEU C 450 -54.47 -86.40 -20.81
C LEU C 450 -54.23 -87.87 -21.14
N SER C 451 -54.37 -88.24 -22.41
CA SER C 451 -54.07 -89.59 -22.85
C SER C 451 -52.62 -89.74 -23.33
N GLY C 452 -51.75 -88.85 -22.85
CA GLY C 452 -50.30 -88.97 -23.01
C GLY C 452 -49.71 -88.68 -24.39
N GLU C 453 -50.37 -87.81 -25.14
CA GLU C 453 -49.91 -87.44 -26.48
C GLU C 453 -49.23 -86.07 -26.45
N ALA C 454 -48.24 -85.88 -27.32
CA ALA C 454 -47.55 -84.60 -27.45
C ALA C 454 -48.43 -83.62 -28.22
N VAL C 455 -48.64 -82.45 -27.63
CA VAL C 455 -49.57 -81.45 -28.16
C VAL C 455 -49.01 -80.03 -28.06
N ALA C 456 -48.21 -79.77 -27.03
CA ALA C 456 -47.65 -78.44 -26.81
C ALA C 456 -46.43 -78.17 -27.68
N VAL C 457 -46.51 -77.07 -28.44
CA VAL C 457 -45.42 -76.58 -29.28
C VAL C 457 -44.25 -76.12 -28.42
N LEU C 458 -44.57 -75.46 -27.31
CA LEU C 458 -43.57 -74.85 -26.43
C LEU C 458 -42.74 -75.86 -25.63
N GLU C 459 -43.05 -77.14 -25.77
CA GLU C 459 -42.31 -78.21 -25.10
C GLU C 459 -41.35 -78.93 -26.05
N VAL C 460 -41.48 -78.66 -27.34
CA VAL C 460 -40.62 -79.25 -28.37
C VAL C 460 -39.21 -78.66 -28.26
N MET C 461 -38.23 -79.54 -28.12
CA MET C 461 -36.84 -79.11 -28.03
C MET C 461 -36.26 -78.75 -29.40
N PRO C 462 -35.56 -77.59 -29.48
CA PRO C 462 -34.88 -77.03 -30.65
C PRO C 462 -34.58 -78.00 -31.79
N SER D 2 -7.11 -50.91 -37.60
CA SER D 2 -8.31 -50.87 -36.73
C SER D 2 -9.51 -51.55 -37.40
N VAL D 3 -9.65 -51.33 -38.71
CA VAL D 3 -10.65 -51.99 -39.54
C VAL D 3 -10.55 -53.51 -39.42
N GLY D 4 -11.69 -54.18 -39.38
CA GLY D 4 -11.73 -55.65 -39.36
C GLY D 4 -11.75 -56.26 -37.98
N LYS D 5 -11.45 -55.46 -36.97
CA LYS D 5 -11.52 -55.90 -35.58
C LYS D 5 -12.97 -55.95 -35.11
N PRO D 6 -13.30 -56.88 -34.19
CA PRO D 6 -14.65 -56.93 -33.66
C PRO D 6 -14.83 -55.99 -32.48
N LEU D 7 -14.75 -54.68 -32.75
CA LEU D 7 -14.85 -53.66 -31.71
C LEU D 7 -16.31 -53.34 -31.35
N PRO D 8 -16.56 -52.93 -30.08
CA PRO D 8 -17.92 -52.58 -29.64
C PRO D 8 -18.45 -51.29 -30.26
N HIS D 9 -19.78 -51.14 -30.24
CA HIS D 9 -20.47 -49.93 -30.69
C HIS D 9 -19.91 -48.69 -30.01
N ASP D 10 -19.86 -47.57 -30.74
CA ASP D 10 -19.25 -46.33 -30.26
C ASP D 10 -19.80 -45.82 -28.93
N SER D 11 -21.08 -46.07 -28.68
CA SER D 11 -21.75 -45.59 -27.47
C SER D 11 -22.19 -46.72 -26.55
N ALA D 12 -21.58 -47.89 -26.71
CA ALA D 12 -21.94 -49.08 -25.93
C ALA D 12 -21.99 -48.86 -24.42
N ARG D 13 -21.04 -48.07 -23.90
CA ARG D 13 -21.02 -47.80 -22.46
C ARG D 13 -22.04 -46.73 -22.08
N ALA D 14 -22.21 -45.74 -22.96
CA ALA D 14 -23.22 -44.70 -22.75
C ALA D 14 -24.64 -45.27 -22.79
N HIS D 15 -24.84 -46.33 -23.60
CA HIS D 15 -26.11 -47.06 -23.63
C HIS D 15 -26.34 -47.78 -22.31
N VAL D 16 -25.33 -48.52 -21.88
CA VAL D 16 -25.39 -49.39 -20.72
C VAL D 16 -25.62 -48.69 -19.36
N THR D 17 -25.33 -47.39 -19.31
CA THR D 17 -25.47 -46.61 -18.08
C THR D 17 -26.53 -45.52 -18.21
N GLY D 18 -27.33 -45.60 -19.26
CA GLY D 18 -28.39 -44.62 -19.53
C GLY D 18 -27.92 -43.19 -19.77
N GLN D 19 -26.62 -43.02 -19.96
CA GLN D 19 -26.00 -41.70 -20.15
C GLN D 19 -26.13 -41.16 -21.58
N ALA D 20 -26.33 -42.05 -22.54
CA ALA D 20 -26.61 -41.65 -23.91
C ALA D 20 -27.93 -40.89 -23.95
N ARG D 21 -27.88 -39.70 -24.52
CA ARG D 21 -29.06 -38.87 -24.69
C ARG D 21 -29.70 -39.12 -26.03
N TYR D 22 -31.03 -39.08 -26.05
CA TYR D 22 -31.78 -39.07 -27.28
C TYR D 22 -32.49 -37.72 -27.29
N LEU D 23 -33.32 -37.44 -28.28
CA LEU D 23 -33.85 -36.08 -28.40
C LEU D 23 -34.55 -35.59 -27.13
N ASP D 24 -35.48 -36.40 -26.62
CA ASP D 24 -36.29 -36.01 -25.47
C ASP D 24 -35.46 -35.84 -24.21
N ASP D 25 -34.30 -36.50 -24.17
CA ASP D 25 -33.37 -36.44 -23.05
C ASP D 25 -32.64 -35.11 -22.97
N LEU D 26 -32.44 -34.44 -24.11
CA LEU D 26 -31.73 -33.16 -24.16
C LEU D 26 -32.39 -32.11 -23.28
N PRO D 27 -31.59 -31.44 -22.43
CA PRO D 27 -32.09 -30.36 -21.58
C PRO D 27 -32.37 -29.14 -22.42
N CYS D 28 -33.39 -28.37 -22.06
CA CYS D 28 -33.71 -27.14 -22.81
C CYS D 28 -34.40 -26.10 -21.92
N PRO D 29 -34.42 -24.82 -22.36
CA PRO D 29 -34.86 -23.72 -21.50
C PRO D 29 -36.26 -23.89 -20.92
N ALA D 30 -36.52 -23.24 -19.79
CA ALA D 30 -37.78 -23.39 -19.05
C ALA D 30 -39.01 -23.11 -19.91
N ASN D 31 -38.90 -22.16 -20.83
CA ASN D 31 -40.01 -21.73 -21.67
C ASN D 31 -40.36 -22.67 -22.83
N THR D 32 -39.53 -23.69 -23.08
CA THR D 32 -39.76 -24.65 -24.17
C THR D 32 -41.22 -25.09 -24.24
N LEU D 33 -41.81 -24.96 -25.43
CA LEU D 33 -43.19 -25.38 -25.65
C LEU D 33 -43.25 -26.78 -26.23
N HIS D 34 -44.41 -27.41 -26.06
CA HIS D 34 -44.58 -28.80 -26.45
C HIS D 34 -45.78 -28.93 -27.37
N LEU D 35 -45.60 -29.68 -28.45
CA LEU D 35 -46.58 -29.73 -29.52
C LEU D 35 -47.25 -31.09 -29.64
N ALA D 36 -48.49 -31.05 -30.12
CA ALA D 36 -49.25 -32.23 -30.51
C ALA D 36 -50.14 -31.86 -31.68
N PHE D 37 -50.31 -32.79 -32.61
CA PHE D 37 -51.22 -32.63 -33.73
C PHE D 37 -52.64 -32.96 -33.29
N GLY D 38 -53.61 -32.30 -33.92
CA GLY D 38 -55.01 -32.69 -33.81
C GLY D 38 -55.31 -33.49 -35.07
N LEU D 39 -55.68 -34.75 -34.90
CA LEU D 39 -55.80 -35.67 -36.04
C LEU D 39 -57.19 -35.78 -36.65
N SER D 40 -57.21 -36.25 -37.91
CA SER D 40 -58.44 -36.51 -38.63
C SER D 40 -59.09 -37.79 -38.12
N THR D 41 -60.41 -37.75 -37.98
CA THR D 41 -61.19 -38.92 -37.62
C THR D 41 -61.80 -39.57 -38.86
N GLU D 42 -61.75 -38.85 -39.98
CA GLU D 42 -62.32 -39.32 -41.25
C GLU D 42 -61.28 -39.88 -42.22
N ALA D 43 -61.67 -40.90 -42.96
CA ALA D 43 -60.81 -41.54 -43.94
C ALA D 43 -60.68 -40.70 -45.21
N SER D 44 -61.79 -40.11 -45.65
CA SER D 44 -61.82 -39.29 -46.84
C SER D 44 -62.99 -38.33 -46.72
N ALA D 45 -62.69 -37.06 -46.45
CA ALA D 45 -63.72 -36.05 -46.24
C ALA D 45 -63.19 -34.65 -46.49
N ALA D 46 -64.12 -33.72 -46.69
CA ALA D 46 -63.80 -32.30 -46.73
C ALA D 46 -64.10 -31.71 -45.35
N ILE D 47 -63.30 -30.74 -44.92
CA ILE D 47 -63.53 -30.10 -43.63
C ILE D 47 -64.48 -28.92 -43.79
N THR D 48 -65.72 -29.11 -43.35
CA THR D 48 -66.80 -28.14 -43.52
C THR D 48 -66.74 -27.01 -42.49
N GLY D 49 -66.23 -27.32 -41.30
CA GLY D 49 -66.10 -26.35 -40.23
C GLY D 49 -65.09 -26.84 -39.21
N LEU D 50 -64.40 -25.91 -38.56
CA LEU D 50 -63.31 -26.22 -37.65
C LEU D 50 -63.28 -25.31 -36.41
N ASP D 51 -63.83 -25.80 -35.30
CA ASP D 51 -63.86 -25.03 -34.05
C ASP D 51 -62.64 -25.36 -33.20
N LEU D 52 -61.76 -24.37 -33.04
CA LEU D 52 -60.54 -24.54 -32.27
C LEU D 52 -60.60 -23.74 -30.98
N GLU D 53 -61.79 -23.26 -30.66
CA GLU D 53 -62.03 -22.49 -29.45
C GLU D 53 -61.77 -23.30 -28.16
N PRO D 54 -62.35 -24.52 -28.05
CA PRO D 54 -62.09 -25.32 -26.85
C PRO D 54 -60.64 -25.76 -26.72
N VAL D 55 -59.95 -25.83 -27.86
CA VAL D 55 -58.52 -26.15 -27.90
C VAL D 55 -57.69 -25.01 -27.30
N ARG D 56 -58.04 -23.78 -27.66
CA ARG D 56 -57.34 -22.60 -27.16
C ARG D 56 -57.56 -22.37 -25.68
N GLU D 57 -58.79 -22.68 -25.22
CA GLU D 57 -59.18 -22.49 -23.83
C GLU D 57 -58.63 -23.57 -22.88
N SER D 58 -58.24 -24.71 -23.44
CA SER D 58 -57.66 -25.81 -22.67
C SER D 58 -56.40 -25.34 -21.92
N PRO D 59 -56.13 -25.91 -20.72
CA PRO D 59 -55.01 -25.51 -19.87
C PRO D 59 -53.64 -25.56 -20.55
N GLY D 60 -52.86 -24.50 -20.37
CA GLY D 60 -51.47 -24.48 -20.80
C GLY D 60 -51.22 -24.30 -22.28
N VAL D 61 -52.27 -24.01 -23.05
CA VAL D 61 -52.11 -23.79 -24.49
C VAL D 61 -51.66 -22.36 -24.81
N ILE D 62 -50.60 -22.26 -25.61
CA ILE D 62 -49.97 -20.97 -25.94
C ILE D 62 -50.34 -20.51 -27.36
N ALA D 63 -50.39 -21.45 -28.29
CA ALA D 63 -50.74 -21.17 -29.68
C ALA D 63 -51.42 -22.38 -30.33
N VAL D 64 -52.29 -22.11 -31.31
CA VAL D 64 -52.92 -23.16 -32.11
C VAL D 64 -52.77 -22.81 -33.58
N PHE D 65 -52.35 -23.78 -34.39
CA PHE D 65 -52.03 -23.53 -35.79
C PHE D 65 -52.84 -24.35 -36.78
N THR D 66 -53.40 -23.69 -37.77
CA THR D 66 -54.08 -24.32 -38.89
C THR D 66 -53.19 -24.23 -40.13
N ALA D 67 -53.52 -25.00 -41.16
CA ALA D 67 -52.83 -24.88 -42.46
C ALA D 67 -52.86 -23.45 -42.97
N ALA D 68 -53.89 -22.71 -42.56
CA ALA D 68 -54.03 -21.28 -42.87
C ALA D 68 -52.94 -20.44 -42.20
N ASP D 69 -52.50 -20.88 -41.03
CA ASP D 69 -51.57 -20.11 -40.21
C ASP D 69 -50.09 -20.29 -40.61
N LEU D 70 -49.83 -21.21 -41.54
CA LEU D 70 -48.47 -21.45 -42.01
C LEU D 70 -47.95 -20.29 -42.85
N PRO D 71 -46.70 -19.85 -42.58
CA PRO D 71 -46.15 -18.66 -43.25
C PRO D 71 -45.94 -18.86 -44.75
N HIS D 72 -45.43 -20.03 -45.13
CA HIS D 72 -45.14 -20.33 -46.54
C HIS D 72 -45.58 -21.74 -46.92
N ASP D 73 -44.63 -22.59 -47.32
CA ASP D 73 -44.90 -23.96 -47.76
C ASP D 73 -45.65 -24.81 -46.73
N ASN D 74 -46.51 -25.69 -47.25
CA ASN D 74 -47.15 -26.75 -46.47
C ASN D 74 -46.83 -28.08 -47.13
N ASP D 75 -45.55 -28.42 -47.16
CA ASP D 75 -45.10 -29.62 -47.86
C ASP D 75 -44.02 -30.35 -47.07
N ALA D 76 -44.30 -31.61 -46.74
CA ALA D 76 -43.37 -32.46 -46.00
C ALA D 76 -42.88 -33.62 -46.86
N SER D 77 -43.37 -33.66 -48.11
CA SER D 77 -43.14 -34.81 -48.98
C SER D 77 -41.68 -34.97 -49.45
N PRO D 78 -41.16 -36.21 -49.40
CA PRO D 78 -39.87 -36.50 -50.04
C PRO D 78 -39.99 -36.55 -51.57
N ALA D 79 -41.22 -36.73 -52.06
CA ALA D 79 -41.51 -36.72 -53.50
C ALA D 79 -41.72 -35.27 -53.98
N PRO D 80 -41.62 -35.04 -55.32
CA PRO D 80 -41.89 -33.70 -55.86
C PRO D 80 -43.35 -33.26 -55.67
N SER D 81 -44.26 -34.24 -55.56
CA SER D 81 -45.69 -33.97 -55.34
C SER D 81 -45.96 -33.51 -53.90
N PRO D 82 -46.89 -32.55 -53.72
CA PRO D 82 -47.10 -31.99 -52.39
C PRO D 82 -47.90 -32.90 -51.44
N GLU D 83 -47.41 -33.01 -50.21
CA GLU D 83 -48.11 -33.67 -49.11
C GLU D 83 -48.10 -32.71 -47.92
N PRO D 84 -49.29 -32.18 -47.55
CA PRO D 84 -49.35 -31.12 -46.53
C PRO D 84 -49.05 -31.61 -45.12
N VAL D 85 -48.43 -30.74 -44.33
CA VAL D 85 -48.17 -31.02 -42.91
C VAL D 85 -49.48 -30.93 -42.14
N LEU D 86 -50.18 -29.81 -42.30
CA LEU D 86 -51.53 -29.65 -41.76
C LEU D 86 -52.52 -29.67 -42.91
N ALA D 87 -53.58 -30.46 -42.76
CA ALA D 87 -54.58 -30.66 -43.81
C ALA D 87 -55.10 -29.33 -44.36
N THR D 88 -55.23 -29.27 -45.68
CA THR D 88 -55.69 -28.07 -46.36
C THR D 88 -57.15 -28.22 -46.83
N GLY D 89 -58.08 -28.16 -45.88
CA GLY D 89 -59.51 -28.16 -46.20
C GLY D 89 -60.14 -29.51 -46.42
N GLU D 90 -59.31 -30.55 -46.47
CA GLU D 90 -59.79 -31.93 -46.63
C GLU D 90 -58.83 -32.94 -46.02
N VAL D 91 -59.36 -34.12 -45.70
CA VAL D 91 -58.59 -35.18 -45.06
C VAL D 91 -58.55 -36.44 -45.93
N HIS D 92 -57.42 -37.14 -45.90
CA HIS D 92 -57.19 -38.27 -46.79
C HIS D 92 -56.96 -39.61 -46.09
N PHE D 93 -56.81 -39.58 -44.77
CA PHE D 93 -56.78 -40.80 -43.97
C PHE D 93 -57.09 -40.53 -42.51
N VAL D 94 -57.53 -41.57 -41.79
CA VAL D 94 -57.76 -41.47 -40.35
C VAL D 94 -56.44 -41.33 -39.62
N GLY D 95 -56.15 -40.10 -39.20
CA GLY D 95 -54.89 -39.78 -38.52
C GLY D 95 -54.09 -38.67 -39.18
N GLN D 96 -54.69 -37.99 -40.15
CA GLN D 96 -54.01 -36.89 -40.81
C GLN D 96 -54.06 -35.66 -39.94
N PRO D 97 -52.91 -35.02 -39.71
CA PRO D 97 -52.88 -33.78 -38.93
C PRO D 97 -53.71 -32.68 -39.58
N ILE D 98 -54.56 -32.04 -38.78
CA ILE D 98 -55.39 -30.92 -39.24
C ILE D 98 -54.89 -29.63 -38.61
N PHE D 99 -54.58 -29.68 -37.32
CA PHE D 99 -54.06 -28.52 -36.60
C PHE D 99 -52.90 -28.87 -35.66
N LEU D 100 -52.31 -27.85 -35.04
CA LEU D 100 -51.13 -28.01 -34.20
C LEU D 100 -51.25 -27.24 -32.90
N VAL D 101 -51.11 -27.95 -31.77
CA VAL D 101 -51.20 -27.31 -30.45
C VAL D 101 -49.82 -27.11 -29.83
N ALA D 102 -49.53 -25.88 -29.43
CA ALA D 102 -48.32 -25.54 -28.71
C ALA D 102 -48.66 -25.26 -27.26
N ALA D 103 -48.40 -26.22 -26.38
CA ALA D 103 -48.74 -26.09 -24.97
C ALA D 103 -47.49 -26.04 -24.09
N THR D 104 -47.66 -25.74 -22.81
CA THR D 104 -46.55 -25.64 -21.86
C THR D 104 -46.10 -26.99 -21.31
N SER D 105 -46.80 -28.05 -21.69
CA SER D 105 -46.39 -29.42 -21.35
C SER D 105 -46.83 -30.37 -22.45
N HIS D 106 -46.18 -31.53 -22.50
CA HIS D 106 -46.53 -32.55 -23.50
C HIS D 106 -47.92 -33.10 -23.22
N ARG D 107 -48.26 -33.20 -21.94
CA ARG D 107 -49.57 -33.71 -21.52
C ARG D 107 -50.67 -32.73 -21.86
N ALA D 108 -50.42 -31.43 -21.61
CA ALA D 108 -51.39 -30.38 -21.92
C ALA D 108 -51.66 -30.30 -23.41
N ALA D 109 -50.64 -30.59 -24.20
CA ALA D 109 -50.72 -30.55 -25.65
C ALA D 109 -51.68 -31.61 -26.17
N ARG D 110 -51.49 -32.86 -25.74
CA ARG D 110 -52.33 -33.96 -26.21
C ARG D 110 -53.75 -33.86 -25.67
N ILE D 111 -53.89 -33.36 -24.45
CA ILE D 111 -55.20 -33.13 -23.86
C ILE D 111 -55.96 -32.11 -24.70
N ALA D 112 -55.28 -31.02 -25.05
CA ALA D 112 -55.88 -29.95 -25.86
C ALA D 112 -56.20 -30.41 -27.28
N ALA D 113 -55.37 -31.31 -27.81
CA ALA D 113 -55.52 -31.81 -29.18
C ALA D 113 -56.91 -32.40 -29.43
N ARG D 114 -57.41 -33.16 -28.46
CA ARG D 114 -58.68 -33.87 -28.62
C ARG D 114 -59.91 -32.95 -28.55
N LYS D 115 -59.73 -31.77 -27.97
CA LYS D 115 -60.85 -30.89 -27.64
C LYS D 115 -61.40 -30.07 -28.83
N ALA D 116 -61.03 -30.44 -30.06
CA ALA D 116 -61.53 -29.74 -31.24
C ALA D 116 -62.92 -30.19 -31.64
N ARG D 117 -63.68 -29.30 -32.25
CA ARG D 117 -64.97 -29.64 -32.83
C ARG D 117 -64.94 -29.44 -34.33
N ILE D 118 -64.68 -30.54 -35.05
CA ILE D 118 -64.52 -30.50 -36.50
C ILE D 118 -65.74 -31.15 -37.16
N THR D 119 -66.32 -30.46 -38.13
CA THR D 119 -67.38 -31.05 -38.95
C THR D 119 -66.81 -31.44 -40.31
N TYR D 120 -67.25 -32.58 -40.83
CA TYR D 120 -66.73 -33.11 -42.08
C TYR D 120 -67.85 -33.27 -43.11
N ALA D 121 -67.48 -33.28 -44.38
CA ALA D 121 -68.36 -33.72 -45.45
C ALA D 121 -67.77 -35.02 -46.01
N PRO D 122 -68.21 -36.16 -45.47
CA PRO D 122 -67.63 -37.48 -45.80
C PRO D 122 -67.78 -37.87 -47.27
N ARG D 123 -66.70 -38.44 -47.82
CA ARG D 123 -66.69 -38.99 -49.16
C ARG D 123 -66.37 -40.48 -49.08
N PRO D 124 -66.70 -41.26 -50.13
CA PRO D 124 -66.31 -42.68 -50.13
C PRO D 124 -64.80 -42.85 -50.10
N ALA D 125 -64.31 -43.58 -49.11
CA ALA D 125 -62.88 -43.83 -48.97
C ALA D 125 -62.48 -45.03 -49.80
N ILE D 126 -61.22 -45.07 -50.20
CA ILE D 126 -60.67 -46.16 -50.99
C ILE D 126 -59.67 -46.92 -50.11
N LEU D 127 -60.13 -47.98 -49.45
CA LEU D 127 -59.34 -48.61 -48.39
C LEU D 127 -58.63 -49.90 -48.79
N THR D 128 -59.25 -50.68 -49.67
CA THR D 128 -58.65 -51.95 -50.10
C THR D 128 -57.96 -51.83 -51.46
N LEU D 129 -57.02 -52.76 -51.70
CA LEU D 129 -56.38 -52.90 -53.01
C LEU D 129 -57.40 -53.07 -54.12
N ASP D 130 -58.40 -53.91 -53.88
CA ASP D 130 -59.48 -54.16 -54.82
C ASP D 130 -60.15 -52.84 -55.20
N GLN D 131 -60.48 -52.04 -54.19
CA GLN D 131 -61.12 -50.75 -54.40
C GLN D 131 -60.23 -49.82 -55.19
N ALA D 132 -58.98 -49.70 -54.77
CA ALA D 132 -58.01 -48.81 -55.41
C ALA D 132 -57.82 -49.18 -56.87
N LEU D 133 -57.79 -50.49 -57.12
CA LEU D 133 -57.63 -51.01 -58.47
C LEU D 133 -58.88 -50.77 -59.30
N ALA D 134 -60.05 -51.00 -58.70
CA ALA D 134 -61.33 -50.85 -59.38
C ALA D 134 -61.72 -49.39 -59.62
N ALA D 135 -61.22 -48.50 -58.76
CA ALA D 135 -61.48 -47.07 -58.88
C ALA D 135 -60.43 -46.38 -59.74
N ASP D 136 -59.34 -47.11 -60.04
CA ASP D 136 -58.15 -46.56 -60.69
C ASP D 136 -57.45 -45.51 -59.83
N SER D 137 -57.49 -45.74 -58.50
CA SER D 137 -56.79 -44.89 -57.55
C SER D 137 -55.34 -45.33 -57.46
N ARG D 138 -54.43 -44.52 -58.02
CA ARG D 138 -53.04 -44.92 -58.17
C ARG D 138 -52.06 -43.76 -58.30
N PHE D 139 -50.78 -44.11 -58.32
CA PHE D 139 -49.71 -43.16 -58.56
C PHE D 139 -48.97 -43.50 -59.86
N GLU D 140 -48.35 -42.48 -60.45
CA GLU D 140 -47.62 -42.58 -61.74
C GLU D 140 -48.55 -42.81 -62.95
N GLY D 141 -49.85 -42.77 -62.70
CA GLY D 141 -50.87 -42.85 -63.76
C GLY D 141 -50.73 -44.05 -64.68
N GLY D 142 -50.80 -45.24 -64.09
CA GLY D 142 -50.71 -46.48 -64.86
C GLY D 142 -49.64 -47.38 -64.30
N PRO D 143 -49.73 -48.70 -64.59
CA PRO D 143 -48.75 -49.65 -64.06
C PRO D 143 -47.40 -49.54 -64.77
N VAL D 144 -46.33 -49.69 -64.01
CA VAL D 144 -44.98 -49.77 -64.57
C VAL D 144 -44.75 -51.20 -65.04
N ILE D 145 -44.30 -51.36 -66.28
CA ILE D 145 -44.08 -52.69 -66.87
C ILE D 145 -42.66 -52.83 -67.44
N TRP D 146 -41.95 -53.85 -66.96
CA TRP D 146 -40.65 -54.23 -67.53
C TRP D 146 -40.72 -55.66 -68.05
N ALA D 147 -40.12 -55.89 -69.21
CA ALA D 147 -40.08 -57.22 -69.81
C ALA D 147 -38.69 -57.55 -70.32
N ARG D 148 -38.27 -58.79 -70.13
CA ARG D 148 -37.01 -59.28 -70.64
C ARG D 148 -37.26 -60.63 -71.29
N GLY D 149 -37.10 -60.67 -72.61
CA GLY D 149 -37.46 -61.85 -73.39
C GLY D 149 -38.96 -61.87 -73.60
N ASP D 150 -39.50 -63.05 -73.86
CA ASP D 150 -40.93 -63.22 -74.12
C ASP D 150 -41.55 -64.25 -73.16
N VAL D 151 -42.14 -63.77 -72.07
CA VAL D 151 -42.76 -64.65 -71.07
C VAL D 151 -43.86 -65.54 -71.65
N GLU D 152 -44.77 -64.94 -72.41
CA GLU D 152 -45.90 -65.66 -73.00
C GLU D 152 -45.44 -66.87 -73.78
N THR D 153 -44.50 -66.68 -74.69
CA THR D 153 -43.90 -67.77 -75.47
C THR D 153 -43.31 -68.85 -74.57
N ALA D 154 -42.41 -68.42 -73.68
CA ALA D 154 -41.72 -69.34 -72.76
C ALA D 154 -42.67 -70.18 -71.94
N LEU D 155 -43.60 -69.51 -71.24
CA LEU D 155 -44.57 -70.18 -70.37
C LEU D 155 -45.52 -71.10 -71.14
N ALA D 156 -45.94 -70.69 -72.32
CA ALA D 156 -46.87 -71.46 -73.15
C ALA D 156 -46.33 -72.86 -73.45
N GLY D 157 -45.06 -72.93 -73.81
CA GLY D 157 -44.40 -74.20 -74.11
C GLY D 157 -43.52 -74.69 -72.98
N ALA D 158 -43.87 -74.33 -71.75
CA ALA D 158 -43.13 -74.78 -70.57
C ALA D 158 -43.53 -76.20 -70.16
N ALA D 159 -42.55 -76.99 -69.72
CA ALA D 159 -42.79 -78.36 -69.29
C ALA D 159 -43.54 -78.41 -67.96
N HIS D 160 -43.24 -77.45 -67.08
CA HIS D 160 -43.92 -77.31 -65.79
C HIS D 160 -44.32 -75.86 -65.55
N LEU D 161 -45.57 -75.66 -65.16
CA LEU D 161 -46.11 -74.33 -64.91
C LEU D 161 -46.68 -74.23 -63.50
N ALA D 162 -46.60 -73.04 -62.90
CA ALA D 162 -47.18 -72.82 -61.58
C ALA D 162 -47.79 -71.43 -61.45
N GLU D 163 -49.12 -71.38 -61.39
CA GLU D 163 -49.85 -70.13 -61.20
C GLU D 163 -50.29 -70.02 -59.76
N GLY D 164 -50.02 -68.86 -59.16
CA GLY D 164 -50.42 -68.61 -57.79
C GLY D 164 -50.57 -67.12 -57.51
N CYS D 165 -51.08 -66.83 -56.32
CA CYS D 165 -51.41 -65.48 -55.92
C CYS D 165 -51.48 -65.47 -54.40
N PHE D 166 -50.81 -64.50 -53.77
CA PHE D 166 -50.79 -64.40 -52.31
C PHE D 166 -50.57 -62.99 -51.75
N GLU D 167 -51.16 -62.73 -50.59
CA GLU D 167 -51.08 -61.43 -49.93
C GLU D 167 -49.84 -61.37 -49.05
N ILE D 168 -49.13 -60.24 -49.10
CA ILE D 168 -48.02 -59.98 -48.19
C ILE D 168 -48.32 -58.70 -47.41
N GLY D 169 -48.60 -58.85 -46.11
CA GLY D 169 -48.95 -57.73 -45.27
C GLY D 169 -47.82 -56.74 -45.06
N GLY D 170 -48.16 -55.53 -44.66
CA GLY D 170 -47.19 -54.48 -44.38
C GLY D 170 -46.46 -54.72 -43.06
N GLN D 171 -45.88 -53.65 -42.51
CA GLN D 171 -45.11 -53.74 -41.29
C GLN D 171 -44.86 -52.37 -40.66
N GLU D 172 -45.12 -52.29 -39.37
CA GLU D 172 -44.84 -51.10 -38.58
C GLU D 172 -43.43 -51.19 -38.01
N HIS D 173 -42.68 -50.09 -38.14
CA HIS D 173 -41.26 -50.07 -37.78
C HIS D 173 -41.04 -50.42 -36.33
N PHE D 174 -41.79 -49.76 -35.46
CA PHE D 174 -41.63 -49.87 -34.02
C PHE D 174 -40.17 -49.69 -33.58
N TYR D 175 -39.63 -48.52 -33.91
CA TYR D 175 -38.41 -48.03 -33.29
C TYR D 175 -38.73 -47.68 -31.84
N LEU D 176 -37.92 -48.13 -30.90
CA LEU D 176 -38.23 -47.92 -29.50
C LEU D 176 -38.24 -46.43 -29.10
N GLU D 177 -37.43 -45.61 -29.76
CA GLU D 177 -37.58 -44.15 -29.66
C GLU D 177 -38.48 -43.67 -30.78
N GLY D 178 -39.60 -43.06 -30.41
CA GLY D 178 -40.58 -42.56 -31.37
C GLY D 178 -40.11 -41.26 -32.00
N GLN D 179 -40.84 -40.81 -33.02
CA GLN D 179 -40.52 -39.58 -33.75
C GLN D 179 -40.33 -38.41 -32.80
N ALA D 180 -39.26 -37.65 -32.99
CA ALA D 180 -38.95 -36.51 -32.13
C ALA D 180 -38.24 -35.39 -32.85
N ALA D 181 -38.59 -34.15 -32.50
CA ALA D 181 -38.00 -32.95 -33.08
C ALA D 181 -37.99 -31.81 -32.08
N LEU D 182 -36.99 -30.95 -32.21
CA LEU D 182 -36.80 -29.80 -31.34
C LEU D 182 -36.32 -28.62 -32.19
N ALA D 183 -36.93 -27.45 -32.01
CA ALA D 183 -36.56 -26.27 -32.80
C ALA D 183 -36.22 -25.07 -31.93
N LEU D 184 -34.94 -24.70 -31.96
CA LEU D 184 -34.46 -23.55 -31.21
C LEU D 184 -34.26 -22.37 -32.17
N PRO D 185 -35.03 -21.28 -32.00
CA PRO D 185 -34.85 -20.14 -32.89
C PRO D 185 -33.58 -19.36 -32.55
N ALA D 186 -32.60 -19.43 -33.43
CA ALA D 186 -31.33 -18.73 -33.22
C ALA D 186 -31.21 -17.50 -34.13
N GLU D 187 -31.78 -16.40 -33.65
CA GLU D 187 -31.74 -15.08 -34.30
C GLU D 187 -31.58 -15.07 -35.82
N GLY D 188 -32.70 -14.94 -36.52
CA GLY D 188 -32.70 -14.92 -37.97
C GLY D 188 -32.99 -16.26 -38.60
N GLY D 189 -32.64 -17.34 -37.90
CA GLY D 189 -32.89 -18.69 -38.39
C GLY D 189 -33.18 -19.64 -37.26
N VAL D 190 -33.22 -20.93 -37.56
CA VAL D 190 -33.45 -21.97 -36.55
C VAL D 190 -32.35 -23.02 -36.49
N VAL D 191 -32.21 -23.62 -35.31
CA VAL D 191 -31.42 -24.84 -35.15
C VAL D 191 -32.38 -25.98 -34.88
N ILE D 192 -32.26 -27.05 -35.66
CA ILE D 192 -33.10 -28.24 -35.50
C ILE D 192 -32.29 -29.40 -34.93
N HIS D 193 -32.79 -29.93 -33.82
CA HIS D 193 -32.36 -31.21 -33.29
C HIS D 193 -33.52 -32.13 -33.55
N CYS D 194 -33.23 -33.35 -34.02
CA CYS D 194 -34.30 -34.31 -34.32
C CYS D 194 -33.79 -35.73 -34.48
N SER D 195 -34.71 -36.67 -34.25
CA SER D 195 -34.46 -38.08 -34.51
C SER D 195 -34.80 -38.34 -35.99
N SER D 196 -33.77 -38.42 -36.84
CA SER D 196 -33.97 -38.50 -38.28
C SER D 196 -32.79 -39.14 -39.02
N GLN D 197 -33.09 -39.90 -40.08
CA GLN D 197 -32.07 -40.52 -40.91
C GLN D 197 -31.62 -39.59 -42.01
N HIS D 198 -32.23 -38.41 -42.08
CA HIS D 198 -31.98 -37.47 -43.17
C HIS D 198 -32.01 -36.02 -42.67
N PRO D 199 -30.90 -35.55 -42.09
CA PRO D 199 -30.86 -34.18 -41.56
C PRO D 199 -30.92 -33.12 -42.66
N SER D 200 -30.38 -33.44 -43.83
CA SER D 200 -30.35 -32.51 -44.96
C SER D 200 -31.74 -32.22 -45.49
N GLU D 201 -32.58 -33.25 -45.57
CA GLU D 201 -33.97 -33.07 -45.97
C GLU D 201 -34.74 -32.28 -44.91
N ILE D 202 -34.43 -32.51 -43.64
CA ILE D 202 -35.05 -31.74 -42.56
C ILE D 202 -34.78 -30.25 -42.82
N GLN D 203 -33.50 -29.91 -42.99
CA GLN D 203 -33.06 -28.56 -43.33
C GLN D 203 -33.81 -28.00 -44.53
N HIS D 204 -33.82 -28.78 -45.62
CA HIS D 204 -34.53 -28.46 -46.85
C HIS D 204 -35.99 -28.08 -46.59
N LYS D 205 -36.70 -28.97 -45.89
CA LYS D 205 -38.13 -28.82 -45.63
C LYS D 205 -38.45 -27.68 -44.66
N VAL D 206 -37.71 -27.62 -43.56
CA VAL D 206 -37.87 -26.56 -42.56
C VAL D 206 -37.62 -25.20 -43.19
N ALA D 207 -36.59 -25.13 -44.05
CA ALA D 207 -36.28 -23.90 -44.78
C ALA D 207 -37.46 -23.42 -45.60
N HIS D 208 -38.04 -24.31 -46.39
CA HIS D 208 -39.18 -23.97 -47.23
C HIS D 208 -40.40 -23.60 -46.38
N ALA D 209 -40.58 -24.30 -45.27
CA ALA D 209 -41.66 -24.03 -44.33
C ALA D 209 -41.59 -22.61 -43.80
N LEU D 210 -40.38 -22.21 -43.42
CA LEU D 210 -40.14 -20.91 -42.79
C LEU D 210 -39.95 -19.78 -43.79
N GLY D 211 -39.70 -20.12 -45.05
CA GLY D 211 -39.35 -19.14 -46.07
C GLY D 211 -37.98 -18.58 -45.78
N LEU D 212 -37.03 -19.49 -45.56
CA LEU D 212 -35.64 -19.14 -45.27
C LEU D 212 -34.70 -19.81 -46.26
N ALA D 213 -33.54 -19.20 -46.47
CA ALA D 213 -32.48 -19.83 -47.25
C ALA D 213 -31.86 -20.96 -46.44
N PHE D 214 -31.42 -21.99 -47.15
CA PHE D 214 -30.88 -23.20 -46.52
C PHE D 214 -29.79 -22.96 -45.48
N HIS D 215 -29.05 -21.86 -45.62
CA HIS D 215 -27.96 -21.54 -44.70
C HIS D 215 -28.46 -20.97 -43.37
N ASP D 216 -29.76 -20.68 -43.30
CA ASP D 216 -30.37 -20.18 -42.07
C ASP D 216 -31.01 -21.30 -41.26
N VAL D 217 -30.86 -22.53 -41.74
CA VAL D 217 -31.37 -23.69 -41.06
C VAL D 217 -30.22 -24.67 -40.84
N ARG D 218 -29.96 -24.98 -39.57
CA ARG D 218 -28.92 -25.91 -39.20
C ARG D 218 -29.56 -27.09 -38.49
N VAL D 219 -29.23 -28.31 -38.93
CA VAL D 219 -29.83 -29.51 -38.36
C VAL D 219 -28.76 -30.42 -37.77
N GLU D 220 -28.83 -30.61 -36.45
CA GLU D 220 -27.91 -31.48 -35.75
C GLU D 220 -28.64 -32.74 -35.34
N MET D 221 -27.98 -33.88 -35.49
CA MET D 221 -28.62 -35.17 -35.25
C MET D 221 -27.60 -36.20 -34.75
N ARG D 222 -27.57 -36.38 -33.43
CA ARG D 222 -26.55 -37.19 -32.78
C ARG D 222 -26.83 -38.69 -32.89
N ARG D 223 -28.03 -39.12 -32.51
CA ARG D 223 -28.37 -40.53 -32.54
C ARG D 223 -29.88 -40.76 -32.56
N MET D 224 -30.28 -41.89 -33.13
CA MET D 224 -31.66 -42.33 -33.10
C MET D 224 -31.77 -43.59 -32.27
N GLY D 225 -32.94 -43.78 -31.66
CA GLY D 225 -33.28 -45.04 -31.02
C GLY D 225 -33.89 -45.97 -32.04
N GLY D 226 -33.17 -46.16 -33.15
CA GLY D 226 -33.68 -46.94 -34.28
C GLY D 226 -34.43 -46.08 -35.27
N GLY D 227 -34.28 -46.41 -36.55
CA GLY D 227 -34.96 -45.72 -37.65
C GLY D 227 -35.63 -46.70 -38.59
N PHE D 228 -34.86 -47.68 -39.05
CA PHE D 228 -35.34 -48.76 -39.93
C PHE D 228 -36.03 -48.30 -41.21
N GLY D 229 -35.74 -47.06 -41.62
CA GLY D 229 -36.36 -46.48 -42.80
C GLY D 229 -37.50 -45.56 -42.44
N GLY D 230 -37.97 -45.66 -41.21
CA GLY D 230 -39.14 -44.91 -40.75
C GLY D 230 -38.85 -43.51 -40.26
N LYS D 231 -37.59 -43.09 -40.35
CA LYS D 231 -37.21 -41.72 -40.02
C LYS D 231 -36.43 -41.07 -41.17
N GLU D 232 -36.58 -41.66 -42.36
CA GLU D 232 -36.01 -41.13 -43.59
C GLU D 232 -36.79 -39.91 -44.10
N SER D 233 -38.11 -39.95 -43.93
CA SER D 233 -38.98 -38.88 -44.43
C SER D 233 -40.05 -38.50 -43.42
N GLN D 234 -40.37 -39.43 -42.51
CA GLN D 234 -41.43 -39.21 -41.52
C GLN D 234 -41.04 -38.19 -40.47
N GLY D 235 -39.75 -37.89 -40.38
CA GLY D 235 -39.25 -36.86 -39.47
C GLY D 235 -39.78 -35.49 -39.82
N ASN D 236 -39.86 -35.19 -41.12
CA ASN D 236 -40.19 -33.86 -41.61
C ASN D 236 -41.33 -33.18 -40.85
N HIS D 237 -42.48 -33.85 -40.79
CA HIS D 237 -43.68 -33.34 -40.11
C HIS D 237 -43.43 -32.65 -38.77
N LEU D 238 -42.67 -33.31 -37.90
CA LEU D 238 -42.39 -32.80 -36.56
C LEU D 238 -41.46 -31.59 -36.59
N ALA D 239 -40.40 -31.67 -37.39
CA ALA D 239 -39.44 -30.59 -37.55
C ALA D 239 -40.09 -29.31 -38.10
N ILE D 240 -40.92 -29.47 -39.14
CA ILE D 240 -41.66 -28.36 -39.72
C ILE D 240 -42.60 -27.74 -38.68
N ALA D 241 -43.35 -28.58 -37.96
CA ALA D 241 -44.26 -28.12 -36.92
C ALA D 241 -43.54 -27.29 -35.86
N CYS D 242 -42.38 -27.79 -35.42
CA CYS D 242 -41.56 -27.11 -34.43
C CYS D 242 -41.02 -25.77 -34.91
N ALA D 243 -40.39 -25.78 -36.08
CA ALA D 243 -39.85 -24.55 -36.66
C ALA D 243 -40.94 -23.50 -36.81
N VAL D 244 -42.12 -23.92 -37.27
CA VAL D 244 -43.25 -23.01 -37.44
C VAL D 244 -43.67 -22.41 -36.10
N ALA D 245 -43.85 -23.27 -35.11
CA ALA D 245 -44.36 -22.85 -33.80
C ALA D 245 -43.32 -22.04 -33.03
N ALA D 246 -42.06 -22.41 -33.16
CA ALA D 246 -40.97 -21.67 -32.54
C ALA D 246 -40.87 -20.27 -33.13
N ARG D 247 -40.94 -20.15 -34.46
CA ARG D 247 -40.91 -18.87 -35.14
C ARG D 247 -42.05 -17.96 -34.66
N ALA D 248 -43.25 -18.52 -34.58
CA ALA D 248 -44.43 -17.77 -34.14
C ALA D 248 -44.39 -17.35 -32.67
N THR D 249 -44.12 -18.30 -31.78
CA THR D 249 -44.11 -18.02 -30.33
C THR D 249 -42.82 -17.36 -29.88
N GLY D 250 -41.77 -17.48 -30.68
CA GLY D 250 -40.49 -16.85 -30.36
C GLY D 250 -39.68 -17.63 -29.36
N ARG D 251 -40.13 -18.83 -29.01
CA ARG D 251 -39.45 -19.66 -28.03
C ARG D 251 -39.36 -21.14 -28.44
N PRO D 252 -38.45 -21.90 -27.80
CA PRO D 252 -38.09 -23.26 -28.25
C PRO D 252 -39.29 -24.19 -28.30
N CYS D 253 -39.30 -25.08 -29.29
CA CYS D 253 -40.42 -26.00 -29.47
C CYS D 253 -39.99 -27.43 -29.66
N LYS D 254 -40.47 -28.28 -28.76
CA LYS D 254 -40.24 -29.71 -28.81
C LYS D 254 -41.53 -30.42 -29.24
N MET D 255 -41.39 -31.48 -30.02
CA MET D 255 -42.52 -32.34 -30.36
C MET D 255 -42.08 -33.79 -30.47
N ARG D 256 -42.78 -34.65 -29.74
CA ARG D 256 -42.56 -36.08 -29.86
C ARG D 256 -43.89 -36.80 -29.89
N TYR D 257 -44.03 -37.72 -30.84
CA TYR D 257 -45.24 -38.52 -30.98
C TYR D 257 -45.38 -39.45 -29.81
N ASP D 258 -46.62 -39.58 -29.32
CA ASP D 258 -46.97 -40.62 -28.40
C ASP D 258 -47.01 -41.89 -29.22
N ARG D 259 -46.65 -43.03 -28.64
CA ARG D 259 -46.64 -44.29 -29.38
C ARG D 259 -47.94 -44.53 -30.15
N ASP D 260 -49.06 -44.11 -29.55
CA ASP D 260 -50.37 -44.26 -30.17
C ASP D 260 -50.54 -43.35 -31.37
N ASP D 261 -50.03 -42.12 -31.26
CA ASP D 261 -50.01 -41.17 -32.38
C ASP D 261 -49.06 -41.66 -33.45
N ASP D 262 -47.85 -42.02 -33.02
CA ASP D 262 -46.79 -42.45 -33.90
C ASP D 262 -47.34 -43.42 -34.95
N MET D 263 -47.98 -44.50 -34.50
CA MET D 263 -48.45 -45.55 -35.39
C MET D 263 -49.63 -45.13 -36.26
N VAL D 264 -50.46 -44.25 -35.72
CA VAL D 264 -51.62 -43.73 -36.45
C VAL D 264 -51.22 -42.72 -37.53
N ILE D 265 -50.24 -41.86 -37.22
CA ILE D 265 -49.82 -40.79 -38.13
C ILE D 265 -48.87 -41.29 -39.21
N THR D 266 -47.82 -42.00 -38.81
CA THR D 266 -46.72 -42.31 -39.74
C THR D 266 -46.99 -43.52 -40.64
N GLY D 267 -46.21 -43.63 -41.71
CA GLY D 267 -46.42 -44.68 -42.72
C GLY D 267 -45.89 -46.02 -42.30
N LYS D 268 -46.03 -47.01 -43.17
CA LYS D 268 -45.58 -48.37 -42.89
C LYS D 268 -44.92 -49.02 -44.11
N ARG D 269 -44.43 -50.24 -43.95
CA ARG D 269 -43.94 -50.99 -45.08
C ARG D 269 -45.10 -51.20 -46.04
N HIS D 270 -44.85 -51.02 -47.33
CA HIS D 270 -45.84 -51.27 -48.37
C HIS D 270 -46.27 -52.74 -48.36
N ASP D 271 -47.54 -52.98 -48.10
CA ASP D 271 -48.09 -54.33 -48.26
C ASP D 271 -48.38 -54.59 -49.73
N PHE D 272 -48.16 -55.83 -50.15
CA PHE D 272 -48.26 -56.20 -51.55
C PHE D 272 -49.28 -57.31 -51.75
N ARG D 273 -49.83 -57.36 -52.96
CA ARG D 273 -50.42 -58.57 -53.47
C ARG D 273 -49.61 -58.96 -54.69
N ILE D 274 -49.07 -60.18 -54.66
CA ILE D 274 -48.21 -60.65 -55.74
C ILE D 274 -48.83 -61.88 -56.40
N ARG D 275 -49.27 -61.66 -57.64
CA ARG D 275 -49.79 -62.72 -58.49
C ARG D 275 -48.64 -63.12 -59.42
N TYR D 276 -48.43 -64.41 -59.57
CA TYR D 276 -47.30 -64.92 -60.34
C TYR D 276 -47.65 -66.07 -61.26
N ARG D 277 -46.85 -66.24 -62.30
CA ARG D 277 -46.93 -67.39 -63.20
C ARG D 277 -45.50 -67.78 -63.55
N ILE D 278 -45.07 -68.96 -63.08
CA ILE D 278 -43.68 -69.39 -63.27
C ILE D 278 -43.61 -70.73 -63.99
N GLY D 279 -42.59 -70.87 -64.85
CA GLY D 279 -42.44 -72.07 -65.66
C GLY D 279 -41.00 -72.55 -65.74
N ALA D 280 -40.84 -73.87 -65.83
CA ALA D 280 -39.52 -74.50 -65.98
C ALA D 280 -39.59 -75.63 -67.00
N ASP D 281 -38.44 -76.15 -67.39
CA ASP D 281 -38.38 -77.27 -68.34
C ASP D 281 -38.28 -78.63 -67.63
N ALA D 282 -38.20 -79.69 -68.44
CA ALA D 282 -38.10 -81.06 -67.93
C ALA D 282 -36.96 -81.23 -66.92
N SER D 283 -35.79 -80.69 -67.24
CA SER D 283 -34.61 -80.81 -66.37
C SER D 283 -34.72 -79.98 -65.10
N GLY D 284 -35.59 -78.96 -65.12
CA GLY D 284 -35.85 -78.14 -63.95
C GLY D 284 -35.21 -76.76 -63.98
N LYS D 285 -34.83 -76.31 -65.18
CA LYS D 285 -34.30 -74.96 -65.36
C LYS D 285 -35.43 -74.00 -65.70
N LEU D 286 -35.40 -72.81 -65.10
CA LEU D 286 -36.43 -71.81 -65.28
C LEU D 286 -36.50 -71.34 -66.73
N LEU D 287 -37.71 -71.30 -67.27
CA LEU D 287 -37.92 -70.82 -68.63
C LEU D 287 -38.48 -69.41 -68.63
N GLY D 288 -39.31 -69.09 -67.64
CA GLY D 288 -39.95 -67.79 -67.58
C GLY D 288 -40.69 -67.53 -66.29
N ALA D 289 -40.92 -66.26 -66.01
CA ALA D 289 -41.64 -65.84 -64.82
C ALA D 289 -42.37 -64.52 -65.07
N ASP D 290 -43.69 -64.52 -64.83
CA ASP D 290 -44.49 -63.32 -64.99
C ASP D 290 -45.13 -62.91 -63.67
N PHE D 291 -44.76 -61.73 -63.19
CA PHE D 291 -45.23 -61.22 -61.89
C PHE D 291 -46.13 -60.00 -62.03
N VAL D 292 -47.13 -59.92 -61.17
CA VAL D 292 -47.94 -58.71 -61.03
C VAL D 292 -47.87 -58.22 -59.59
N HIS D 293 -47.39 -56.99 -59.43
CA HIS D 293 -47.26 -56.37 -58.12
C HIS D 293 -48.37 -55.35 -57.93
N LEU D 294 -49.14 -55.51 -56.87
CA LEU D 294 -50.11 -54.50 -56.45
C LEU D 294 -49.68 -53.99 -55.08
N ALA D 295 -49.10 -52.79 -55.04
CA ALA D 295 -48.62 -52.22 -53.79
C ALA D 295 -49.57 -51.16 -53.25
N ARG D 296 -49.86 -51.25 -51.95
CA ARG D 296 -50.67 -50.26 -51.25
C ARG D 296 -49.77 -49.12 -50.77
N CYS D 297 -50.07 -47.90 -51.21
CA CYS D 297 -49.15 -46.79 -50.99
C CYS D 297 -49.65 -45.76 -49.98
N GLY D 298 -50.95 -45.78 -49.72
CA GLY D 298 -51.56 -44.81 -48.83
C GLY D 298 -51.93 -43.56 -49.59
N TRP D 299 -52.33 -42.53 -48.83
CA TRP D 299 -52.91 -41.31 -49.39
C TRP D 299 -51.95 -40.46 -50.22
N SER D 300 -50.65 -40.58 -49.95
CA SER D 300 -49.64 -39.73 -50.55
C SER D 300 -48.45 -40.50 -51.10
N ALA D 301 -47.81 -39.94 -52.13
CA ALA D 301 -46.70 -40.57 -52.85
C ALA D 301 -45.53 -41.01 -51.97
N ASP D 302 -45.05 -40.09 -51.12
CA ASP D 302 -43.90 -40.34 -50.23
C ASP D 302 -42.71 -40.97 -50.96
N LEU D 303 -42.36 -42.21 -50.58
CA LEU D 303 -41.26 -42.94 -51.20
C LEU D 303 -41.73 -44.21 -51.91
N SER D 304 -42.98 -44.21 -52.37
CA SER D 304 -43.56 -45.38 -53.01
C SER D 304 -42.86 -45.73 -54.32
N LEU D 305 -42.60 -44.70 -55.14
CA LEU D 305 -41.98 -44.88 -56.45
C LEU D 305 -40.67 -45.68 -56.35
N PRO D 306 -39.68 -45.19 -55.56
CA PRO D 306 -38.41 -45.93 -55.46
C PRO D 306 -38.54 -47.31 -54.80
N VAL D 307 -39.45 -47.45 -53.83
CA VAL D 307 -39.71 -48.74 -53.17
C VAL D 307 -40.15 -49.78 -54.19
N CYS D 308 -41.16 -49.45 -54.97
CA CYS D 308 -41.72 -50.36 -55.97
C CYS D 308 -40.77 -50.58 -57.14
N ASP D 309 -39.86 -49.64 -57.36
CA ASP D 309 -38.78 -49.81 -58.34
C ASP D 309 -37.85 -50.93 -57.86
N ARG D 310 -37.47 -50.87 -56.59
CA ARG D 310 -36.60 -51.86 -55.99
C ARG D 310 -37.28 -53.23 -55.89
N ALA D 311 -38.60 -53.22 -55.65
CA ALA D 311 -39.39 -54.44 -55.65
C ALA D 311 -39.25 -55.18 -56.98
N MET D 312 -39.47 -54.45 -58.06
CA MET D 312 -39.31 -55.00 -59.41
C MET D 312 -37.88 -55.43 -59.67
N LEU D 313 -36.93 -54.60 -59.25
CA LEU D 313 -35.50 -54.89 -59.37
C LEU D 313 -35.12 -56.24 -58.75
N HIS D 314 -35.82 -56.61 -57.67
CA HIS D 314 -35.49 -57.83 -56.95
C HIS D 314 -36.42 -58.99 -57.26
N ALA D 315 -37.34 -58.77 -58.20
CA ALA D 315 -38.32 -59.80 -58.58
C ALA D 315 -37.72 -61.05 -59.22
N ASP D 316 -36.40 -61.04 -59.45
CA ASP D 316 -35.71 -62.21 -59.97
C ASP D 316 -35.20 -63.11 -58.85
N GLY D 317 -35.34 -62.64 -57.61
CA GLY D 317 -34.82 -63.35 -56.45
C GLY D 317 -33.33 -63.61 -56.62
N SER D 318 -32.94 -64.88 -56.46
CA SER D 318 -31.55 -65.28 -56.58
C SER D 318 -31.26 -65.97 -57.91
N TYR D 319 -32.25 -65.95 -58.80
CA TYR D 319 -32.25 -66.87 -59.92
C TYR D 319 -32.24 -66.20 -61.30
N PHE D 320 -31.39 -66.73 -62.18
CA PHE D 320 -31.39 -66.32 -63.59
C PHE D 320 -32.65 -66.83 -64.27
N VAL D 321 -33.40 -65.90 -64.86
CA VAL D 321 -34.61 -66.23 -65.59
C VAL D 321 -34.52 -65.67 -67.00
N PRO D 322 -34.55 -66.55 -68.01
CA PRO D 322 -34.44 -66.14 -69.42
C PRO D 322 -35.54 -65.18 -69.83
N ALA D 323 -36.77 -65.45 -69.39
CA ALA D 323 -37.91 -64.56 -69.66
C ALA D 323 -38.54 -64.12 -68.35
N LEU D 324 -38.66 -62.81 -68.16
CA LEU D 324 -39.19 -62.26 -66.93
C LEU D 324 -39.93 -60.95 -67.17
N ARG D 325 -41.18 -60.88 -66.73
CA ARG D 325 -42.01 -59.69 -66.89
C ARG D 325 -42.68 -59.26 -65.59
N ILE D 326 -42.47 -58.01 -65.19
CA ILE D 326 -43.14 -57.46 -64.01
C ILE D 326 -44.09 -56.32 -64.38
N GLU D 327 -45.26 -56.32 -63.74
CA GLU D 327 -46.27 -55.28 -63.88
C GLU D 327 -46.58 -54.76 -62.48
N SER D 328 -46.12 -53.54 -62.18
CA SER D 328 -46.19 -52.98 -60.84
C SER D 328 -47.20 -51.83 -60.74
N HIS D 329 -48.31 -52.10 -60.06
CA HIS D 329 -49.35 -51.09 -59.82
C HIS D 329 -49.14 -50.47 -58.46
N ARG D 330 -48.75 -49.19 -58.43
CA ARG D 330 -48.63 -48.46 -57.17
C ARG D 330 -49.91 -47.70 -56.86
N LEU D 331 -50.79 -48.37 -56.10
CA LEU D 331 -52.17 -47.91 -55.87
C LEU D 331 -52.30 -46.97 -54.68
N ARG D 332 -53.16 -45.97 -54.83
CA ARG D 332 -53.40 -44.97 -53.79
C ARG D 332 -54.59 -45.39 -52.94
N THR D 333 -54.43 -45.36 -51.62
CA THR D 333 -55.51 -45.68 -50.68
C THR D 333 -55.67 -44.59 -49.62
N ASN D 334 -56.83 -44.56 -48.96
CA ASN D 334 -57.08 -43.63 -47.87
C ASN D 334 -56.54 -44.13 -46.53
N THR D 335 -55.26 -44.49 -46.54
CA THR D 335 -54.58 -45.01 -45.37
C THR D 335 -53.24 -44.29 -45.22
N GLN D 336 -52.48 -44.68 -44.19
CA GLN D 336 -51.16 -44.12 -43.92
C GLN D 336 -50.30 -44.13 -45.19
N SER D 337 -49.61 -43.02 -45.43
CA SER D 337 -48.70 -42.90 -46.58
C SER D 337 -47.48 -43.80 -46.37
N ASN D 338 -47.57 -45.02 -46.87
CA ASN D 338 -46.51 -46.02 -46.71
C ASN D 338 -45.15 -45.52 -47.19
N THR D 339 -44.09 -45.95 -46.51
CA THR D 339 -42.78 -45.33 -46.66
C THR D 339 -41.64 -46.36 -46.70
N ALA D 340 -40.41 -45.89 -46.49
CA ALA D 340 -39.23 -46.73 -46.44
C ALA D 340 -39.24 -47.66 -45.24
N PHE D 341 -38.81 -48.91 -45.46
CA PHE D 341 -38.61 -49.90 -44.39
C PHE D 341 -37.56 -50.92 -44.82
N ARG D 342 -36.54 -51.08 -43.96
CA ARG D 342 -35.45 -52.05 -44.15
C ARG D 342 -35.69 -53.08 -45.26
N GLY D 343 -34.96 -52.93 -46.36
CA GLY D 343 -35.16 -53.77 -47.53
C GLY D 343 -35.75 -52.97 -48.67
N PHE D 344 -36.52 -51.94 -48.33
CA PHE D 344 -37.03 -50.94 -49.28
C PHE D 344 -37.73 -51.56 -50.50
N GLY D 345 -38.72 -52.42 -50.27
CA GLY D 345 -39.45 -53.05 -51.35
C GLY D 345 -38.79 -54.32 -51.87
N GLY D 346 -37.49 -54.44 -51.63
CA GLY D 346 -36.70 -55.61 -52.01
C GLY D 346 -37.24 -56.93 -51.48
N PRO D 347 -37.55 -57.01 -50.16
CA PRO D 347 -38.06 -58.23 -49.54
C PRO D 347 -39.38 -58.70 -50.14
N GLN D 348 -40.28 -57.76 -50.44
CA GLN D 348 -41.54 -58.07 -51.10
C GLN D 348 -41.27 -58.69 -52.47
N GLY D 349 -40.49 -57.99 -53.29
CA GLY D 349 -40.16 -58.45 -54.62
C GLY D 349 -39.50 -59.81 -54.66
N ALA D 350 -38.66 -60.09 -53.66
CA ALA D 350 -37.94 -61.35 -53.56
C ALA D 350 -38.85 -62.48 -53.08
N LEU D 351 -39.74 -62.15 -52.15
CA LEU D 351 -40.71 -63.12 -51.62
C LEU D 351 -41.67 -63.56 -52.72
N GLY D 352 -41.94 -62.66 -53.66
CA GLY D 352 -42.71 -62.99 -54.84
C GLY D 352 -42.06 -64.10 -55.63
N MET D 353 -40.74 -64.00 -55.84
CA MET D 353 -39.99 -65.00 -56.58
C MET D 353 -39.85 -66.30 -55.79
N GLU D 354 -39.65 -66.17 -54.47
CA GLU D 354 -39.46 -67.32 -53.59
C GLU D 354 -40.72 -68.18 -53.46
N ARG D 355 -41.88 -67.53 -53.34
CA ARG D 355 -43.16 -68.22 -53.26
C ARG D 355 -43.44 -68.94 -54.57
N ALA D 356 -43.07 -68.28 -55.67
CA ALA D 356 -43.30 -68.80 -57.02
C ALA D 356 -42.50 -70.07 -57.27
N ILE D 357 -41.20 -70.00 -57.01
CA ILE D 357 -40.30 -71.13 -57.22
C ILE D 357 -40.61 -72.27 -56.25
N GLU D 358 -41.12 -71.91 -55.07
CA GLU D 358 -41.59 -72.88 -54.08
C GLU D 358 -42.80 -73.64 -54.60
N HIS D 359 -43.78 -72.90 -55.10
CA HIS D 359 -45.00 -73.45 -55.69
C HIS D 359 -44.63 -74.38 -56.84
N LEU D 360 -43.69 -73.95 -57.66
CA LEU D 360 -43.24 -74.70 -58.82
C LEU D 360 -42.55 -76.01 -58.42
N ALA D 361 -41.78 -75.96 -57.34
CA ALA D 361 -41.11 -77.14 -56.80
C ALA D 361 -42.11 -78.21 -56.38
N ARG D 362 -43.08 -77.82 -55.55
CA ARG D 362 -44.13 -78.73 -55.07
C ARG D 362 -44.96 -79.28 -56.24
N GLY D 363 -45.20 -78.42 -57.23
CA GLY D 363 -45.93 -78.80 -58.44
C GLY D 363 -45.28 -79.97 -59.16
N MET D 364 -43.97 -79.89 -59.38
CA MET D 364 -43.25 -80.93 -60.12
C MET D 364 -42.63 -82.00 -59.21
N GLY D 365 -42.94 -81.93 -57.93
CA GLY D 365 -42.53 -82.94 -56.95
C GLY D 365 -41.03 -83.08 -56.76
N ARG D 366 -40.33 -81.94 -56.76
CA ARG D 366 -38.89 -81.92 -56.51
C ARG D 366 -38.57 -81.08 -55.28
N ASP D 367 -37.47 -81.43 -54.59
CA ASP D 367 -37.03 -80.69 -53.41
C ASP D 367 -36.66 -79.25 -53.79
N PRO D 368 -37.34 -78.26 -53.17
CA PRO D 368 -37.16 -76.85 -53.47
C PRO D 368 -35.71 -76.39 -53.33
N ALA D 369 -34.96 -77.01 -52.43
CA ALA D 369 -33.56 -76.66 -52.22
C ALA D 369 -32.70 -77.00 -53.43
N GLU D 370 -33.13 -78.01 -54.17
CA GLU D 370 -32.38 -78.47 -55.34
C GLU D 370 -32.81 -77.75 -56.60
N LEU D 371 -34.08 -77.35 -56.65
CA LEU D 371 -34.60 -76.53 -57.74
C LEU D 371 -33.92 -75.16 -57.75
N ARG D 372 -33.77 -74.59 -56.55
CA ARG D 372 -33.08 -73.30 -56.36
C ARG D 372 -31.59 -73.39 -56.69
N ALA D 373 -30.95 -74.46 -56.21
CA ALA D 373 -29.54 -74.70 -56.47
C ALA D 373 -29.26 -74.70 -57.97
N LEU D 374 -30.19 -75.28 -58.73
CA LEU D 374 -30.08 -75.42 -60.19
C LEU D 374 -30.24 -74.10 -60.96
N ASN D 375 -30.83 -73.09 -60.31
CA ASN D 375 -31.22 -71.87 -61.01
C ASN D 375 -30.55 -70.56 -60.56
N PHE D 376 -29.57 -70.66 -59.68
CA PHE D 376 -28.77 -69.49 -59.28
C PHE D 376 -28.00 -68.93 -60.47
N TYR D 377 -27.60 -67.67 -60.37
CA TYR D 377 -26.64 -67.09 -61.31
C TYR D 377 -25.29 -67.83 -61.24
N ASP D 378 -24.59 -67.88 -62.36
CA ASP D 378 -23.30 -68.59 -62.46
C ASP D 378 -22.21 -67.90 -61.66
N PRO D 379 -21.26 -68.69 -61.09
CA PRO D 379 -20.15 -68.11 -60.34
C PRO D 379 -19.15 -67.45 -61.29
N PRO D 380 -18.49 -66.37 -60.84
CA PRO D 380 -17.44 -65.71 -61.63
C PRO D 380 -16.39 -66.71 -62.17
N GLU D 381 -16.02 -66.55 -63.44
CA GLU D 381 -15.20 -67.54 -64.20
C GLU D 381 -15.97 -68.84 -64.49
N LYS D 398 -16.48 -65.08 -72.38
CA LYS D 398 -17.68 -65.64 -73.02
C LYS D 398 -18.95 -65.51 -72.14
N LYS D 399 -19.66 -64.41 -72.37
CA LYS D 399 -20.99 -64.09 -71.79
C LYS D 399 -21.27 -64.40 -70.28
N THR D 400 -21.28 -63.35 -69.46
CA THR D 400 -21.82 -63.47 -68.09
C THR D 400 -23.27 -63.03 -68.08
N GLN D 401 -24.11 -63.79 -67.38
CA GLN D 401 -25.56 -63.57 -67.33
C GLN D 401 -25.92 -62.18 -66.86
N THR D 402 -27.10 -61.72 -67.26
CA THR D 402 -27.63 -60.43 -66.82
C THR D 402 -28.93 -60.65 -66.07
N THR D 403 -29.28 -59.71 -65.20
CA THR D 403 -30.60 -59.69 -64.58
C THR D 403 -31.65 -59.28 -65.61
N HIS D 404 -32.91 -59.26 -65.20
CA HIS D 404 -34.00 -58.85 -66.08
C HIS D 404 -33.94 -57.35 -66.39
N TYR D 405 -33.15 -56.62 -65.60
CA TYR D 405 -32.87 -55.21 -65.92
C TYR D 405 -31.52 -55.04 -66.63
N GLY D 406 -30.94 -56.15 -67.05
CA GLY D 406 -29.79 -56.14 -67.94
C GLY D 406 -28.44 -55.89 -67.32
N GLN D 407 -28.36 -55.93 -66.00
CA GLN D 407 -27.09 -55.79 -65.30
C GLN D 407 -26.41 -57.15 -65.12
N GLU D 408 -25.13 -57.22 -65.50
CA GLU D 408 -24.35 -58.44 -65.34
C GLU D 408 -24.13 -58.81 -63.88
N VAL D 409 -24.28 -60.09 -63.56
CA VAL D 409 -24.07 -60.59 -62.21
C VAL D 409 -22.75 -61.37 -62.17
N ALA D 410 -21.65 -60.65 -61.95
CA ALA D 410 -20.32 -61.24 -62.01
C ALA D 410 -19.74 -61.56 -60.64
N ASP D 411 -20.59 -61.52 -59.61
CA ASP D 411 -20.11 -61.73 -58.25
C ASP D 411 -20.93 -62.72 -57.44
N CYS D 412 -21.62 -63.62 -58.14
CA CYS D 412 -22.53 -64.54 -57.47
C CYS D 412 -21.83 -65.70 -56.77
N VAL D 413 -21.79 -65.63 -55.44
CA VAL D 413 -21.16 -66.64 -54.60
C VAL D 413 -22.15 -67.72 -54.13
N LEU D 414 -23.44 -67.46 -54.34
CA LEU D 414 -24.54 -68.29 -53.84
C LEU D 414 -24.36 -69.80 -53.94
N GLY D 415 -23.96 -70.29 -55.11
CA GLY D 415 -23.74 -71.71 -55.32
C GLY D 415 -22.92 -72.34 -54.21
N GLU D 416 -21.68 -71.89 -54.05
CA GLU D 416 -20.78 -72.42 -53.03
C GLU D 416 -21.27 -72.08 -51.62
N LEU D 417 -21.75 -70.85 -51.44
CA LEU D 417 -22.25 -70.37 -50.16
C LEU D 417 -23.35 -71.27 -49.59
N VAL D 418 -24.35 -71.58 -50.41
CA VAL D 418 -25.45 -72.45 -49.99
C VAL D 418 -24.93 -73.85 -49.64
N THR D 419 -24.11 -74.42 -50.52
CA THR D 419 -23.56 -75.76 -50.33
C THR D 419 -22.81 -75.88 -49.00
N ARG D 420 -22.09 -74.82 -48.65
CA ARG D 420 -21.38 -74.75 -47.38
C ARG D 420 -22.38 -74.74 -46.22
N LEU D 421 -23.40 -73.88 -46.34
CA LEU D 421 -24.38 -73.71 -45.27
C LEU D 421 -25.19 -74.97 -45.02
N GLN D 422 -25.65 -75.60 -46.10
CA GLN D 422 -26.38 -76.87 -45.99
C GLN D 422 -25.59 -77.92 -45.25
N LYS D 423 -24.32 -78.07 -45.62
CA LYS D 423 -23.41 -79.02 -44.98
C LYS D 423 -23.21 -78.71 -43.50
N SER D 424 -22.90 -77.46 -43.18
CA SER D 424 -22.65 -77.05 -41.80
C SER D 424 -23.93 -77.04 -40.94
N ALA D 425 -25.07 -76.75 -41.56
CA ALA D 425 -26.35 -76.74 -40.85
C ALA D 425 -26.94 -78.14 -40.75
N ASN D 426 -26.23 -79.11 -41.33
CA ASN D 426 -26.62 -80.51 -41.34
C ASN D 426 -27.97 -80.74 -41.99
N PHE D 427 -28.16 -80.09 -43.13
CA PHE D 427 -29.46 -79.94 -43.78
C PHE D 427 -30.12 -81.25 -44.19
N THR D 428 -29.38 -82.10 -44.87
CA THR D 428 -29.91 -83.37 -45.39
C THR D 428 -30.42 -84.29 -44.28
N THR D 429 -29.55 -84.58 -43.31
CA THR D 429 -29.89 -85.43 -42.17
C THR D 429 -31.06 -84.86 -41.38
N ARG D 430 -31.04 -83.55 -41.12
CA ARG D 430 -32.13 -82.87 -40.42
C ARG D 430 -33.46 -82.95 -41.16
N ARG D 431 -33.42 -82.81 -42.47
CA ARG D 431 -34.61 -82.87 -43.31
C ARG D 431 -35.22 -84.28 -43.28
N ALA D 432 -34.36 -85.29 -43.24
CA ALA D 432 -34.79 -86.69 -43.17
C ALA D 432 -35.34 -87.04 -41.78
N GLU D 433 -34.67 -86.55 -40.74
CA GLU D 433 -35.09 -86.74 -39.35
C GLU D 433 -36.48 -86.17 -39.09
N ILE D 434 -36.74 -84.98 -39.64
CA ILE D 434 -38.06 -84.32 -39.57
C ILE D 434 -39.17 -85.18 -40.15
N ALA D 435 -38.95 -85.70 -41.36
CA ALA D 435 -39.91 -86.55 -42.07
C ALA D 435 -40.40 -87.66 -41.16
N ALA D 436 -39.44 -88.35 -40.51
CA ALA D 436 -39.72 -89.41 -39.56
C ALA D 436 -40.56 -88.91 -38.39
N TRP D 437 -40.15 -87.79 -37.81
CA TRP D 437 -40.81 -87.18 -36.66
C TRP D 437 -42.26 -86.81 -36.97
N ASN D 438 -42.49 -86.31 -38.19
CA ASN D 438 -43.83 -85.91 -38.61
C ASN D 438 -44.83 -87.05 -38.67
N SER D 439 -44.37 -88.23 -39.10
CA SER D 439 -45.22 -89.41 -39.17
C SER D 439 -45.62 -89.95 -37.78
N THR D 440 -44.83 -89.63 -36.76
CA THR D 440 -45.13 -90.02 -35.38
C THR D 440 -46.19 -89.10 -34.77
N ASN D 441 -46.09 -87.80 -35.04
CA ASN D 441 -47.05 -86.83 -34.53
C ASN D 441 -48.26 -86.68 -35.44
N ARG D 442 -49.34 -86.14 -34.90
CA ARG D 442 -50.51 -85.79 -35.70
C ARG D 442 -51.13 -84.46 -35.23
N THR D 443 -50.67 -83.99 -34.08
CA THR D 443 -51.05 -82.67 -33.59
C THR D 443 -49.93 -81.69 -33.89
N LEU D 444 -48.69 -82.18 -33.85
CA LEU D 444 -47.55 -81.33 -34.14
C LEU D 444 -46.93 -81.65 -35.49
N ALA D 445 -46.27 -80.66 -36.08
CA ALA D 445 -45.64 -80.81 -37.40
C ALA D 445 -44.42 -79.92 -37.50
N ARG D 446 -43.31 -80.49 -37.95
CA ARG D 446 -42.09 -79.73 -38.14
C ARG D 446 -41.83 -79.42 -39.62
N GLY D 447 -41.21 -78.26 -39.87
CA GLY D 447 -40.87 -77.85 -41.20
C GLY D 447 -39.50 -77.19 -41.23
N ILE D 448 -38.75 -77.48 -42.29
CA ILE D 448 -37.45 -76.86 -42.51
C ILE D 448 -37.39 -76.28 -43.92
N ALA D 449 -36.70 -75.16 -44.09
CA ALA D 449 -36.54 -74.56 -45.41
C ALA D 449 -35.30 -73.68 -45.53
N LEU D 450 -34.77 -73.61 -46.74
CA LEU D 450 -33.60 -72.81 -47.05
C LEU D 450 -33.97 -71.68 -48.01
N SER D 451 -33.65 -70.45 -47.61
CA SER D 451 -33.91 -69.29 -48.46
C SER D 451 -32.64 -68.49 -48.72
N PRO D 452 -32.38 -68.14 -50.00
CA PRO D 452 -31.21 -67.36 -50.38
C PRO D 452 -31.51 -65.88 -50.53
N VAL D 453 -30.47 -65.05 -50.44
CA VAL D 453 -30.60 -63.61 -50.66
C VAL D 453 -29.60 -63.10 -51.69
N LYS D 454 -30.12 -62.34 -52.66
CA LYS D 454 -29.31 -61.54 -53.55
C LYS D 454 -29.88 -60.13 -53.47
N PHE D 455 -29.09 -59.20 -52.94
CA PHE D 455 -29.56 -57.84 -52.69
C PHE D 455 -28.63 -56.80 -53.32
N GLY D 456 -29.17 -56.03 -54.26
CA GLY D 456 -28.41 -54.96 -54.92
C GLY D 456 -28.12 -53.80 -54.02
N ILE D 457 -26.91 -53.26 -54.12
CA ILE D 457 -26.45 -52.19 -53.23
C ILE D 457 -26.25 -50.88 -53.99
N SER D 458 -26.91 -49.83 -53.50
CA SER D 458 -26.85 -48.46 -54.05
C SER D 458 -28.25 -47.87 -54.17
N PHE D 459 -28.36 -46.56 -53.99
CA PHE D 459 -29.61 -45.84 -54.29
C PHE D 459 -29.95 -45.98 -55.78
N THR D 460 -31.20 -46.32 -56.06
CA THR D 460 -31.68 -46.41 -57.45
C THR D 460 -31.72 -45.02 -58.09
N LEU D 461 -32.01 -44.00 -57.27
CA LEU D 461 -31.88 -42.62 -57.69
C LEU D 461 -30.40 -42.29 -57.61
N THR D 462 -29.73 -42.35 -58.76
CA THR D 462 -28.28 -42.46 -58.82
C THR D 462 -27.49 -41.33 -58.18
N HIS D 463 -27.96 -40.10 -58.32
CA HIS D 463 -27.21 -38.93 -57.81
C HIS D 463 -27.16 -38.88 -56.27
N LEU D 464 -27.93 -39.76 -55.62
CA LEU D 464 -27.94 -39.83 -54.16
C LEU D 464 -26.76 -40.64 -53.61
N ASN D 465 -26.04 -41.31 -54.50
CA ASN D 465 -24.88 -42.10 -54.10
C ASN D 465 -23.64 -41.25 -53.90
N GLN D 466 -23.78 -40.22 -53.07
CA GLN D 466 -22.67 -39.36 -52.67
C GLN D 466 -22.59 -39.23 -51.15
N ALA D 467 -21.40 -38.97 -50.62
CA ALA D 467 -21.18 -38.82 -49.18
C ALA D 467 -20.00 -37.91 -48.88
N GLY D 468 -19.98 -37.31 -47.69
CA GLY D 468 -18.94 -36.36 -47.32
C GLY D 468 -18.54 -36.40 -45.87
N ALA D 469 -17.27 -36.05 -45.60
CA ALA D 469 -16.74 -36.05 -44.24
C ALA D 469 -15.90 -34.81 -43.98
N LEU D 470 -15.71 -34.48 -42.71
CA LEU D 470 -14.84 -33.39 -42.27
C LEU D 470 -14.05 -33.85 -41.05
N VAL D 471 -12.73 -33.88 -41.18
CA VAL D 471 -11.86 -34.41 -40.13
C VAL D 471 -10.95 -33.32 -39.57
N GLN D 472 -10.83 -33.28 -38.24
CA GLN D 472 -9.99 -32.31 -37.54
C GLN D 472 -8.90 -33.03 -36.76
N ILE D 473 -7.69 -32.49 -36.77
CA ILE D 473 -6.63 -32.98 -35.89
C ILE D 473 -6.14 -31.83 -35.01
N TYR D 474 -6.28 -31.99 -33.70
CA TYR D 474 -5.86 -30.96 -32.74
C TYR D 474 -4.41 -31.18 -32.30
N THR D 475 -3.81 -30.12 -31.76
CA THR D 475 -2.36 -30.08 -31.52
C THR D 475 -1.86 -31.07 -30.47
N ASP D 476 -2.78 -31.69 -29.74
CA ASP D 476 -2.42 -32.73 -28.78
C ASP D 476 -2.40 -34.11 -29.45
N GLY D 477 -2.90 -34.17 -30.68
CA GLY D 477 -2.90 -35.41 -31.44
C GLY D 477 -4.28 -36.02 -31.58
N SER D 478 -5.25 -35.49 -30.85
CA SER D 478 -6.60 -36.01 -30.88
C SER D 478 -7.32 -35.62 -32.17
N VAL D 479 -8.14 -36.54 -32.67
CA VAL D 479 -8.83 -36.38 -33.95
C VAL D 479 -10.33 -36.28 -33.73
N ALA D 480 -10.96 -35.32 -34.41
CA ALA D 480 -12.40 -35.14 -34.37
C ALA D 480 -13.00 -35.47 -35.73
N LEU D 481 -13.74 -36.57 -35.79
CA LEU D 481 -14.32 -37.07 -37.04
C LEU D 481 -15.78 -36.67 -37.20
N ASN D 482 -16.16 -36.30 -38.42
CA ASN D 482 -17.53 -35.94 -38.73
C ASN D 482 -17.91 -36.33 -40.15
N HIS D 483 -18.89 -37.21 -40.29
CA HIS D 483 -19.41 -37.58 -41.62
C HIS D 483 -20.91 -37.28 -41.74
N GLY D 484 -21.50 -37.68 -42.87
CA GLY D 484 -22.87 -37.32 -43.18
C GLY D 484 -23.91 -38.34 -42.75
N GLY D 485 -23.45 -39.57 -42.54
CA GLY D 485 -24.30 -40.66 -42.11
C GLY D 485 -24.75 -40.48 -40.69
N THR D 486 -25.96 -40.94 -40.41
CA THR D 486 -26.58 -40.81 -39.10
C THR D 486 -26.55 -42.15 -38.37
N GLU D 487 -26.23 -42.10 -37.09
CA GLU D 487 -26.21 -43.29 -36.24
C GLU D 487 -27.61 -43.62 -35.74
N MET D 488 -28.08 -44.81 -36.10
CA MET D 488 -29.38 -45.30 -35.63
C MET D 488 -29.27 -46.66 -34.95
N GLY D 489 -28.02 -47.10 -34.72
CA GLY D 489 -27.78 -48.37 -34.04
C GLY D 489 -26.95 -49.36 -34.81
N GLN D 490 -26.92 -49.20 -36.13
CA GLN D 490 -26.19 -50.10 -37.03
C GLN D 490 -24.67 -50.06 -36.81
N GLY D 491 -24.23 -49.22 -35.89
CA GLY D 491 -22.81 -49.09 -35.55
C GLY D 491 -22.03 -48.35 -36.62
N LEU D 492 -22.66 -47.35 -37.23
CA LEU D 492 -22.05 -46.58 -38.31
C LEU D 492 -20.82 -45.81 -37.84
N HIS D 493 -20.97 -45.08 -36.73
CA HIS D 493 -19.87 -44.29 -36.18
C HIS D 493 -18.69 -45.15 -35.76
N ALA D 494 -18.96 -46.31 -35.16
CA ALA D 494 -17.91 -47.24 -34.74
C ALA D 494 -17.00 -47.60 -35.91
N LYS D 495 -17.64 -47.93 -37.04
CA LYS D 495 -16.94 -48.30 -38.27
C LYS D 495 -16.21 -47.11 -38.90
N MET D 496 -16.82 -45.94 -38.85
CA MET D 496 -16.18 -44.73 -39.38
C MET D 496 -14.96 -44.34 -38.56
N VAL D 497 -15.04 -44.53 -37.24
CA VAL D 497 -13.90 -44.34 -36.36
C VAL D 497 -12.81 -45.36 -36.72
N GLN D 498 -13.23 -46.60 -36.98
CA GLN D 498 -12.29 -47.66 -37.35
C GLN D 498 -11.54 -47.38 -38.64
N VAL D 499 -12.24 -46.82 -39.63
CA VAL D 499 -11.64 -46.44 -40.91
C VAL D 499 -10.67 -45.28 -40.72
N ALA D 500 -11.16 -44.22 -40.07
CA ALA D 500 -10.35 -43.03 -39.80
C ALA D 500 -9.05 -43.35 -39.05
N ALA D 501 -9.15 -44.20 -38.04
CA ALA D 501 -7.99 -44.60 -37.23
C ALA D 501 -7.01 -45.42 -38.07
N ALA D 502 -7.54 -46.33 -38.87
CA ALA D 502 -6.74 -47.18 -39.75
C ALA D 502 -5.94 -46.33 -40.74
N VAL D 503 -6.64 -45.44 -41.45
CA VAL D 503 -6.03 -44.58 -42.47
C VAL D 503 -4.98 -43.61 -41.91
N LEU D 504 -5.19 -43.15 -40.68
CA LEU D 504 -4.24 -42.25 -40.02
C LEU D 504 -3.11 -42.99 -39.31
N GLY D 505 -3.32 -44.28 -39.03
CA GLY D 505 -2.33 -45.11 -38.35
C GLY D 505 -2.25 -44.83 -36.86
N ILE D 506 -3.40 -44.60 -36.25
CA ILE D 506 -3.52 -44.27 -34.83
C ILE D 506 -4.54 -45.15 -34.10
N ASP D 507 -4.49 -45.15 -32.77
CA ASP D 507 -5.45 -45.85 -31.93
C ASP D 507 -6.82 -45.21 -32.08
N PRO D 508 -7.88 -46.03 -32.30
CA PRO D 508 -9.26 -45.54 -32.40
C PRO D 508 -9.72 -44.72 -31.19
N VAL D 509 -8.97 -44.81 -30.10
CA VAL D 509 -9.21 -44.00 -28.90
C VAL D 509 -9.02 -42.52 -29.23
N GLN D 510 -8.02 -42.23 -30.06
CA GLN D 510 -7.68 -40.86 -30.46
C GLN D 510 -8.73 -40.19 -31.36
N VAL D 511 -9.59 -41.00 -31.98
CA VAL D 511 -10.66 -40.48 -32.83
C VAL D 511 -11.94 -40.32 -32.01
N ARG D 512 -12.60 -39.18 -32.16
CA ARG D 512 -13.89 -38.92 -31.53
C ARG D 512 -14.92 -38.55 -32.58
N ILE D 513 -16.08 -39.18 -32.51
CA ILE D 513 -17.17 -38.86 -33.45
C ILE D 513 -18.04 -37.70 -32.96
N THR D 514 -18.26 -36.74 -33.84
CA THR D 514 -19.19 -35.65 -33.56
C THR D 514 -20.54 -35.94 -34.20
N ALA D 515 -21.58 -35.34 -33.65
CA ALA D 515 -22.95 -35.51 -34.13
C ALA D 515 -23.11 -35.02 -35.57
N THR D 516 -23.96 -35.69 -36.34
CA THR D 516 -24.28 -35.27 -37.70
C THR D 516 -24.83 -33.86 -37.65
N ASP D 517 -24.37 -33.04 -38.59
CA ASP D 517 -24.63 -31.61 -38.60
C ASP D 517 -24.59 -31.15 -40.03
N THR D 518 -25.64 -30.44 -40.46
CA THR D 518 -25.73 -29.98 -41.85
C THR D 518 -24.74 -28.87 -42.17
N SER D 519 -24.32 -28.13 -41.16
CA SER D 519 -23.38 -27.02 -41.37
C SER D 519 -21.91 -27.47 -41.36
N LYS D 520 -21.68 -28.77 -41.18
CA LYS D 520 -20.34 -29.33 -41.24
C LYS D 520 -20.16 -30.17 -42.51
N VAL D 521 -21.11 -31.04 -42.79
CA VAL D 521 -21.15 -31.77 -44.05
C VAL D 521 -22.51 -31.51 -44.71
N PRO D 522 -22.50 -30.77 -45.82
CA PRO D 522 -23.73 -30.33 -46.47
C PRO D 522 -24.23 -31.29 -47.54
N ASN D 523 -25.50 -31.12 -47.92
CA ASN D 523 -26.07 -31.79 -49.10
C ASN D 523 -26.05 -33.32 -49.04
N THR D 524 -26.11 -33.87 -47.83
CA THR D 524 -26.03 -35.31 -47.61
C THR D 524 -27.33 -36.05 -47.96
N SER D 525 -27.19 -37.27 -48.49
CA SER D 525 -28.36 -38.12 -48.73
C SER D 525 -28.81 -38.75 -47.41
N ALA D 526 -29.99 -39.35 -47.43
CA ALA D 526 -30.48 -40.08 -46.25
C ALA D 526 -29.57 -41.27 -45.98
N THR D 527 -29.40 -41.61 -44.71
CA THR D 527 -28.68 -42.82 -44.35
C THR D 527 -29.58 -44.02 -44.63
N ALA D 528 -29.44 -44.55 -45.85
CA ALA D 528 -30.29 -45.61 -46.35
C ALA D 528 -29.56 -46.42 -47.42
N ALA D 529 -30.30 -47.33 -48.07
CA ALA D 529 -29.76 -48.20 -49.13
C ALA D 529 -28.55 -49.06 -48.72
N SER D 530 -28.40 -49.27 -47.40
CA SER D 530 -27.27 -49.99 -46.81
C SER D 530 -25.92 -49.34 -47.15
N SER D 531 -25.98 -48.13 -47.70
CA SER D 531 -24.79 -47.45 -48.20
C SER D 531 -24.17 -46.51 -47.16
N GLY D 532 -24.64 -46.59 -45.92
CA GLY D 532 -24.14 -45.74 -44.82
C GLY D 532 -22.64 -45.78 -44.65
N ALA D 533 -22.11 -46.97 -44.35
CA ALA D 533 -20.68 -47.14 -44.16
C ALA D 533 -19.94 -47.26 -45.47
N ASP D 534 -20.63 -47.73 -46.49
CA ASP D 534 -20.07 -47.87 -47.84
C ASP D 534 -19.50 -46.57 -48.38
N MET D 535 -20.32 -45.52 -48.36
CA MET D 535 -19.97 -44.24 -48.97
C MET D 535 -19.25 -43.32 -47.99
N ASN D 536 -19.77 -43.23 -46.77
CA ASN D 536 -19.15 -42.39 -45.75
C ASN D 536 -17.75 -42.88 -45.38
N GLY D 537 -17.58 -44.20 -45.35
CA GLY D 537 -16.27 -44.81 -45.11
C GLY D 537 -15.22 -44.34 -46.11
N MET D 538 -15.63 -44.23 -47.37
CA MET D 538 -14.78 -43.73 -48.44
C MET D 538 -14.51 -42.23 -48.26
N ALA D 539 -15.56 -41.47 -48.01
CA ALA D 539 -15.47 -40.04 -47.77
C ALA D 539 -14.51 -39.73 -46.61
N VAL D 540 -14.64 -40.51 -45.54
CA VAL D 540 -13.76 -40.41 -44.37
C VAL D 540 -12.30 -40.71 -44.75
N LYS D 541 -12.09 -41.84 -45.43
CA LYS D 541 -10.77 -42.25 -45.91
C LYS D 541 -10.15 -41.19 -46.81
N ASP D 542 -11.01 -40.50 -47.58
CA ASP D 542 -10.60 -39.41 -48.46
C ASP D 542 -10.00 -38.23 -47.67
N ALA D 543 -10.67 -37.86 -46.58
CA ALA D 543 -10.23 -36.77 -45.73
C ALA D 543 -8.94 -37.10 -44.98
N CYS D 544 -8.79 -38.37 -44.60
CA CYS D 544 -7.64 -38.81 -43.81
C CYS D 544 -6.36 -38.92 -44.62
N GLU D 545 -6.48 -39.49 -45.81
CA GLU D 545 -5.37 -39.61 -46.75
C GLU D 545 -4.85 -38.23 -47.15
N THR D 546 -5.76 -37.26 -47.25
CA THR D 546 -5.40 -35.85 -47.45
C THR D 546 -4.55 -35.38 -46.27
N LEU D 547 -5.06 -35.60 -45.07
CA LEU D 547 -4.37 -35.20 -43.85
C LEU D 547 -3.06 -35.95 -43.63
N ARG D 548 -3.09 -37.28 -43.80
CA ARG D 548 -1.89 -38.10 -43.68
C ARG D 548 -0.84 -37.69 -44.71
N GLY D 549 -1.32 -37.35 -45.92
CA GLY D 549 -0.48 -36.82 -46.98
C GLY D 549 0.23 -35.55 -46.56
N ARG D 550 -0.51 -34.62 -45.98
CA ARG D 550 0.06 -33.36 -45.49
C ARG D 550 1.14 -33.57 -44.44
N LEU D 551 0.89 -34.51 -43.51
CA LEU D 551 1.87 -34.83 -42.47
C LEU D 551 3.07 -35.58 -43.02
N ALA D 552 2.83 -36.55 -43.89
CA ALA D 552 3.91 -37.30 -44.54
C ALA D 552 4.82 -36.37 -45.35
N GLY D 553 4.21 -35.44 -46.08
CA GLY D 553 4.93 -34.44 -46.86
C GLY D 553 5.77 -33.52 -45.97
N PHE D 554 5.21 -33.11 -44.85
CA PHE D 554 5.91 -32.29 -43.86
C PHE D 554 7.14 -33.00 -43.32
N VAL D 555 6.97 -34.25 -42.88
CA VAL D 555 8.06 -35.05 -42.35
C VAL D 555 9.15 -35.25 -43.42
N ALA D 556 8.72 -35.60 -44.63
CA ALA D 556 9.64 -35.87 -45.74
C ALA D 556 10.51 -34.67 -46.09
N ALA D 557 9.91 -33.47 -46.07
CA ALA D 557 10.63 -32.23 -46.33
C ALA D 557 11.65 -31.96 -45.22
N ARG D 558 11.14 -31.94 -43.99
CA ARG D 558 11.94 -31.65 -42.80
C ARG D 558 13.07 -32.66 -42.60
N GLU D 559 12.78 -33.93 -42.86
CA GLU D 559 13.77 -35.00 -42.75
C GLU D 559 14.50 -35.27 -44.07
N GLY D 560 14.12 -34.52 -45.11
CA GLY D 560 14.79 -34.56 -46.42
C GLY D 560 14.79 -35.90 -47.14
N CYS D 561 13.61 -36.33 -47.60
CA CYS D 561 13.47 -37.59 -48.33
C CYS D 561 12.09 -37.72 -48.98
N ALA D 562 11.82 -38.89 -49.56
CA ALA D 562 10.54 -39.18 -50.20
C ALA D 562 9.38 -39.15 -49.21
N ALA D 563 8.20 -38.76 -49.70
CA ALA D 563 7.00 -38.71 -48.88
C ALA D 563 6.46 -40.10 -48.58
N ARG D 564 6.57 -40.99 -49.55
CA ARG D 564 6.08 -42.36 -49.42
C ARG D 564 6.92 -43.21 -48.47
N ASP D 565 8.03 -42.65 -47.98
CA ASP D 565 8.90 -43.33 -47.03
C ASP D 565 8.54 -43.04 -45.58
N VAL D 566 7.53 -42.21 -45.37
CA VAL D 566 7.02 -41.91 -44.04
C VAL D 566 5.91 -42.92 -43.74
N ILE D 567 6.08 -43.66 -42.64
CA ILE D 567 5.13 -44.70 -42.25
C ILE D 567 4.35 -44.26 -41.01
N PHE D 568 3.03 -44.40 -41.07
CA PHE D 568 2.14 -44.09 -39.96
C PHE D 568 1.54 -45.38 -39.46
N ASP D 569 1.99 -45.85 -38.31
CA ASP D 569 1.51 -47.11 -37.75
C ASP D 569 1.48 -47.14 -36.22
N ALA D 570 0.29 -47.40 -35.68
CA ALA D 570 0.09 -47.57 -34.23
C ALA D 570 0.64 -46.39 -33.43
N GLY D 571 0.10 -45.21 -33.68
CA GLY D 571 0.50 -44.00 -32.97
C GLY D 571 1.96 -43.59 -33.11
N GLN D 572 2.67 -44.21 -34.05
CA GLN D 572 4.08 -43.93 -34.30
C GLN D 572 4.25 -43.42 -35.72
N VAL D 573 5.13 -42.45 -35.91
CA VAL D 573 5.44 -41.94 -37.23
C VAL D 573 6.91 -42.20 -37.49
N GLN D 574 7.22 -42.81 -38.63
CA GLN D 574 8.57 -43.30 -38.89
C GLN D 574 9.11 -42.88 -40.26
N ALA D 575 10.33 -42.34 -40.26
CA ALA D 575 11.02 -41.93 -41.49
C ALA D 575 12.50 -41.69 -41.24
N SER D 576 13.33 -42.03 -42.22
CA SER D 576 14.79 -41.83 -42.16
C SER D 576 15.46 -42.57 -40.99
N GLY D 577 14.89 -43.71 -40.60
CA GLY D 577 15.38 -44.47 -39.44
C GLY D 577 15.26 -43.71 -38.14
N LYS D 578 14.18 -42.93 -38.01
CA LYS D 578 13.86 -42.19 -36.80
C LYS D 578 12.37 -42.33 -36.56
N SER D 579 11.94 -42.29 -35.30
CA SER D 579 10.52 -42.36 -35.01
C SER D 579 10.05 -41.34 -33.99
N TRP D 580 8.81 -40.91 -34.15
CA TRP D 580 8.16 -39.95 -33.26
C TRP D 580 6.77 -40.49 -32.97
N ARG D 581 6.14 -39.94 -31.94
CA ARG D 581 4.73 -40.21 -31.72
C ARG D 581 3.89 -39.31 -32.63
N PHE D 582 2.67 -39.78 -32.94
CA PHE D 582 1.77 -39.05 -33.83
C PHE D 582 1.48 -37.65 -33.32
N ALA D 583 1.36 -37.52 -32.00
CA ALA D 583 1.15 -36.22 -31.36
C ALA D 583 2.35 -35.29 -31.57
N GLU D 584 3.56 -35.86 -31.53
CA GLU D 584 4.80 -35.10 -31.74
C GLU D 584 4.90 -34.52 -33.14
N ILE D 585 4.46 -35.30 -34.13
CA ILE D 585 4.48 -34.87 -35.52
C ILE D 585 3.41 -33.83 -35.79
N VAL D 586 2.23 -34.03 -35.21
CA VAL D 586 1.10 -33.11 -35.37
C VAL D 586 1.43 -31.73 -34.81
N ALA D 587 1.96 -31.68 -33.59
CA ALA D 587 2.36 -30.43 -32.94
C ALA D 587 3.47 -29.74 -33.70
N ALA D 588 4.38 -30.53 -34.27
CA ALA D 588 5.47 -30.02 -35.11
C ALA D 588 4.93 -29.43 -36.41
N ALA D 589 3.93 -30.12 -36.99
CA ALA D 589 3.29 -29.67 -38.23
C ALA D 589 2.49 -28.40 -38.02
N TYR D 590 1.87 -28.25 -36.84
CA TYR D 590 1.18 -27.02 -36.47
C TYR D 590 2.16 -25.85 -36.43
N MET D 591 3.31 -26.07 -35.78
CA MET D 591 4.39 -25.08 -35.71
C MET D 591 4.89 -24.69 -37.09
N ALA D 592 4.95 -25.68 -37.99
CA ALA D 592 5.34 -25.48 -39.39
C ALA D 592 4.22 -24.87 -40.22
N ARG D 593 3.10 -24.56 -39.57
CA ARG D 593 1.90 -23.94 -40.19
C ARG D 593 1.30 -24.72 -41.35
N ILE D 594 0.99 -25.99 -41.08
CA ILE D 594 0.30 -26.86 -42.04
C ILE D 594 -1.13 -27.11 -41.55
N SER D 595 -2.09 -26.98 -42.46
CA SER D 595 -3.50 -27.20 -42.13
C SER D 595 -3.76 -28.63 -41.70
N LEU D 596 -4.40 -28.79 -40.54
CA LEU D 596 -4.76 -30.10 -40.00
C LEU D 596 -6.27 -30.33 -40.08
N SER D 597 -6.87 -29.81 -41.14
CA SER D 597 -8.30 -29.87 -41.36
C SER D 597 -8.56 -30.19 -42.82
N ALA D 598 -9.37 -31.21 -43.08
CA ALA D 598 -9.66 -31.64 -44.44
C ALA D 598 -11.07 -32.18 -44.58
N THR D 599 -11.69 -31.87 -45.71
CA THR D 599 -12.97 -32.47 -46.06
C THR D 599 -12.72 -33.73 -46.90
N GLY D 600 -13.78 -34.49 -47.16
CA GLY D 600 -13.68 -35.73 -47.91
C GLY D 600 -14.97 -36.05 -48.62
N PHE D 601 -14.86 -36.52 -49.85
CA PHE D 601 -16.05 -36.74 -50.66
C PHE D 601 -15.93 -38.03 -51.47
N TYR D 602 -17.05 -38.74 -51.58
CA TYR D 602 -17.13 -39.94 -52.38
C TYR D 602 -18.43 -39.98 -53.18
N ALA D 603 -18.31 -40.38 -54.45
CA ALA D 603 -19.46 -40.68 -55.29
C ALA D 603 -19.24 -42.06 -55.93
N THR D 604 -20.28 -42.89 -55.92
CA THR D 604 -20.14 -44.27 -56.37
C THR D 604 -20.01 -44.35 -57.90
N PRO D 605 -18.90 -44.96 -58.37
CA PRO D 605 -18.69 -45.13 -59.81
C PRO D 605 -19.55 -46.25 -60.39
N LYS D 606 -19.63 -46.29 -61.72
CA LYS D 606 -20.23 -47.40 -62.47
C LYS D 606 -21.76 -47.43 -62.53
N LEU D 607 -22.41 -46.56 -61.77
CA LEU D 607 -23.88 -46.54 -61.71
C LEU D 607 -24.47 -45.70 -62.83
N SER D 608 -25.42 -46.28 -63.55
CA SER D 608 -26.10 -45.63 -64.66
C SER D 608 -27.22 -46.54 -65.18
N TRP D 609 -28.48 -46.17 -64.91
CA TRP D 609 -29.61 -46.95 -65.39
C TRP D 609 -30.83 -46.09 -65.71
N ASP D 610 -31.60 -46.53 -66.72
CA ASP D 610 -32.84 -45.85 -67.10
C ASP D 610 -34.05 -46.49 -66.41
N ARG D 611 -34.66 -45.74 -65.51
CA ARG D 611 -35.78 -46.21 -64.71
C ARG D 611 -36.96 -46.72 -65.55
N LEU D 612 -37.31 -45.97 -66.60
CA LEU D 612 -38.55 -46.20 -67.34
C LEU D 612 -38.50 -47.42 -68.26
N ARG D 613 -37.38 -47.60 -68.96
CA ARG D 613 -37.19 -48.80 -69.77
C ARG D 613 -36.86 -50.00 -68.90
N GLY D 614 -36.29 -49.74 -67.72
CA GLY D 614 -35.89 -50.79 -66.79
C GLY D 614 -34.65 -51.50 -67.27
N GLN D 615 -33.66 -50.71 -67.68
CA GLN D 615 -32.38 -51.21 -68.19
C GLN D 615 -31.22 -50.43 -67.57
N GLY D 616 -30.08 -51.09 -67.40
CA GLY D 616 -28.87 -50.42 -66.96
C GLY D 616 -28.19 -51.08 -65.77
N ARG D 617 -27.35 -50.33 -65.08
CA ARG D 617 -26.70 -50.80 -63.87
C ARG D 617 -27.07 -49.89 -62.70
N PRO D 618 -28.15 -50.25 -61.96
CA PRO D 618 -28.52 -49.48 -60.78
C PRO D 618 -27.64 -49.78 -59.56
N PHE D 619 -27.04 -50.97 -59.50
CA PHE D 619 -26.28 -51.38 -58.31
C PHE D 619 -24.79 -51.59 -58.58
N LEU D 620 -23.96 -51.15 -57.64
CA LEU D 620 -22.51 -51.33 -57.74
C LEU D 620 -22.14 -52.80 -57.56
N TYR D 621 -22.77 -53.46 -56.59
CA TYR D 621 -22.56 -54.88 -56.34
C TYR D 621 -23.79 -55.52 -55.71
N PHE D 622 -23.71 -56.82 -55.46
CA PHE D 622 -24.78 -57.55 -54.78
C PHE D 622 -24.29 -58.23 -53.51
N ALA D 623 -25.03 -58.04 -52.44
CA ALA D 623 -24.81 -58.78 -51.20
C ALA D 623 -25.44 -60.16 -51.33
N TYR D 624 -24.86 -61.15 -50.67
CA TYR D 624 -25.39 -62.51 -50.72
C TYR D 624 -25.53 -63.12 -49.34
N GLY D 625 -26.28 -64.21 -49.26
CA GLY D 625 -26.52 -64.89 -47.99
C GLY D 625 -27.58 -65.98 -48.10
N ALA D 626 -27.60 -66.86 -47.11
CA ALA D 626 -28.58 -67.94 -47.04
C ALA D 626 -28.93 -68.30 -45.59
N ALA D 627 -30.17 -68.73 -45.37
CA ALA D 627 -30.65 -69.11 -44.03
C ALA D 627 -31.50 -70.36 -44.07
N ILE D 628 -31.16 -71.32 -43.22
CA ILE D 628 -31.99 -72.52 -43.05
C ILE D 628 -32.75 -72.42 -41.73
N THR D 629 -34.09 -72.39 -41.83
CA THR D 629 -34.95 -72.27 -40.65
C THR D 629 -35.77 -73.53 -40.40
N GLU D 630 -35.80 -73.97 -39.14
CA GLU D 630 -36.62 -75.09 -38.69
C GLU D 630 -37.73 -74.58 -37.74
N VAL D 631 -38.94 -75.12 -37.90
CA VAL D 631 -40.11 -74.68 -37.13
C VAL D 631 -41.04 -75.82 -36.69
N VAL D 632 -41.87 -75.55 -35.68
CA VAL D 632 -42.96 -76.44 -35.26
C VAL D 632 -44.28 -75.69 -35.33
N ILE D 633 -45.31 -76.35 -35.85
CA ILE D 633 -46.66 -75.78 -35.86
C ILE D 633 -47.64 -76.72 -35.16
N ASP D 634 -48.56 -76.14 -34.40
CA ASP D 634 -49.61 -76.90 -33.73
C ASP D 634 -50.79 -76.99 -34.67
N ARG D 635 -51.12 -78.21 -35.09
CA ARG D 635 -52.14 -78.44 -36.10
C ARG D 635 -53.55 -78.07 -35.66
N LEU D 636 -53.77 -77.97 -34.36
CA LEU D 636 -55.09 -77.64 -33.84
C LEU D 636 -55.36 -76.15 -33.88
N THR D 637 -54.43 -75.35 -33.37
CA THR D 637 -54.66 -73.90 -33.20
C THR D 637 -53.84 -73.03 -34.16
N GLY D 638 -52.75 -73.58 -34.68
CA GLY D 638 -51.88 -72.85 -35.57
C GLY D 638 -50.71 -72.18 -34.86
N GLU D 639 -50.65 -72.38 -33.54
CA GLU D 639 -49.53 -71.88 -32.71
C GLU D 639 -48.21 -72.47 -33.22
N ASN D 640 -47.16 -71.66 -33.21
CA ASN D 640 -45.88 -72.06 -33.81
C ASN D 640 -44.67 -71.33 -33.28
N ARG D 641 -43.49 -71.92 -33.42
CA ARG D 641 -42.24 -71.23 -33.10
C ARG D 641 -41.05 -71.68 -33.95
N ILE D 642 -40.04 -70.81 -34.04
CA ILE D 642 -38.81 -71.05 -34.78
C ILE D 642 -37.81 -71.78 -33.87
N LEU D 643 -37.61 -73.06 -34.13
CA LEU D 643 -36.76 -73.87 -33.28
C LEU D 643 -35.27 -73.54 -33.48
N ARG D 644 -34.83 -73.54 -34.74
CA ARG D 644 -33.43 -73.34 -35.05
C ARG D 644 -33.23 -72.64 -36.39
N THR D 645 -32.26 -71.73 -36.43
CA THR D 645 -31.86 -71.05 -37.65
C THR D 645 -30.35 -71.11 -37.82
N ASP D 646 -29.91 -71.40 -39.03
CA ASP D 646 -28.51 -71.29 -39.42
C ASP D 646 -28.38 -70.30 -40.57
N ILE D 647 -27.48 -69.34 -40.41
CA ILE D 647 -27.27 -68.27 -41.38
C ILE D 647 -25.80 -68.19 -41.83
N LEU D 648 -25.59 -68.19 -43.14
CA LEU D 648 -24.29 -67.85 -43.72
C LEU D 648 -24.45 -66.64 -44.65
N HIS D 649 -24.20 -65.45 -44.12
CA HIS D 649 -24.38 -64.22 -44.86
C HIS D 649 -23.03 -63.64 -45.27
N ASP D 650 -23.00 -63.01 -46.44
CA ASP D 650 -21.79 -62.41 -46.98
C ASP D 650 -21.74 -60.91 -46.71
N ALA D 651 -20.71 -60.52 -45.96
CA ALA D 651 -20.47 -59.11 -45.64
C ALA D 651 -19.15 -58.66 -46.27
N GLY D 652 -18.72 -59.41 -47.27
CA GLY D 652 -17.47 -59.14 -47.98
C GLY D 652 -16.27 -59.29 -47.07
N ALA D 653 -15.45 -58.25 -47.03
CA ALA D 653 -14.34 -58.15 -46.09
C ALA D 653 -14.73 -57.19 -44.96
N SER D 654 -15.65 -57.68 -44.12
CA SER D 654 -16.26 -56.94 -43.00
C SER D 654 -15.39 -55.85 -42.36
N LEU D 655 -15.97 -54.66 -42.14
CA LEU D 655 -15.28 -53.60 -41.41
C LEU D 655 -15.22 -53.88 -39.91
N ASN D 656 -16.21 -54.63 -39.42
CA ASN D 656 -16.31 -55.01 -38.00
C ASN D 656 -17.19 -56.25 -37.87
N PRO D 657 -16.56 -57.44 -37.78
CA PRO D 657 -17.30 -58.71 -37.73
C PRO D 657 -18.37 -58.75 -36.65
N ALA D 658 -18.03 -58.27 -35.44
CA ALA D 658 -18.97 -58.22 -34.32
C ALA D 658 -20.24 -57.47 -34.67
N LEU D 659 -20.09 -56.20 -35.06
CA LEU D 659 -21.22 -55.36 -35.44
C LEU D 659 -22.06 -55.98 -36.58
N ASP D 660 -21.36 -56.61 -37.52
CA ASP D 660 -21.98 -57.22 -38.70
C ASP D 660 -22.86 -58.41 -38.36
N ILE D 661 -22.34 -59.31 -37.52
CA ILE D 661 -23.12 -60.45 -37.04
C ILE D 661 -24.37 -59.94 -36.33
N GLY D 662 -24.20 -58.87 -35.55
CA GLY D 662 -25.30 -58.22 -34.85
C GLY D 662 -26.42 -57.78 -35.79
N GLN D 663 -26.03 -57.13 -36.89
CA GLN D 663 -26.97 -56.68 -37.91
C GLN D 663 -27.72 -57.84 -38.55
N ILE D 664 -27.01 -58.92 -38.85
CA ILE D 664 -27.61 -60.12 -39.41
C ILE D 664 -28.59 -60.75 -38.41
N GLU D 665 -28.18 -60.84 -37.15
CA GLU D 665 -29.02 -61.39 -36.10
C GLU D 665 -30.34 -60.63 -35.98
N GLY D 666 -30.25 -59.31 -35.86
CA GLY D 666 -31.42 -58.46 -35.74
C GLY D 666 -32.25 -58.41 -37.00
N ALA D 667 -31.59 -58.36 -38.15
CA ALA D 667 -32.28 -58.31 -39.43
C ALA D 667 -33.14 -59.55 -39.63
N TYR D 668 -32.63 -60.71 -39.24
CA TYR D 668 -33.38 -61.97 -39.35
C TYR D 668 -34.61 -61.97 -38.45
N VAL D 669 -34.42 -61.59 -37.19
CA VAL D 669 -35.48 -61.59 -36.19
C VAL D 669 -36.61 -60.66 -36.60
N GLN D 670 -36.23 -59.51 -37.15
CA GLN D 670 -37.16 -58.54 -37.71
C GLN D 670 -37.76 -59.04 -39.03
N GLY D 671 -36.97 -59.76 -39.82
CA GLY D 671 -37.42 -60.33 -41.08
C GLY D 671 -38.47 -61.40 -40.88
N ALA D 672 -38.14 -62.38 -40.05
CA ALA D 672 -39.07 -63.45 -39.67
C ALA D 672 -40.31 -62.86 -39.02
N GLY D 673 -40.12 -61.89 -38.12
CA GLY D 673 -41.21 -61.21 -37.42
C GLY D 673 -42.24 -60.61 -38.34
N TRP D 674 -41.77 -60.01 -39.43
CA TRP D 674 -42.61 -59.42 -40.47
C TRP D 674 -43.55 -60.43 -41.14
N LEU D 675 -43.09 -61.68 -41.23
CA LEU D 675 -43.86 -62.71 -41.91
C LEU D 675 -44.56 -63.65 -40.95
N THR D 676 -44.46 -63.39 -39.65
CA THR D 676 -45.10 -64.25 -38.65
C THR D 676 -46.14 -63.53 -37.79
N THR D 677 -45.72 -62.83 -36.73
CA THR D 677 -46.66 -62.27 -35.74
C THR D 677 -47.10 -60.83 -35.99
N GLU D 678 -46.30 -60.08 -36.73
CA GLU D 678 -46.60 -58.67 -36.99
C GLU D 678 -47.71 -58.55 -38.03
N GLU D 679 -48.82 -57.92 -37.64
CA GLU D 679 -49.98 -57.77 -38.52
C GLU D 679 -50.69 -56.43 -38.33
N LEU D 680 -50.98 -55.77 -39.44
CA LEU D 680 -51.68 -54.49 -39.43
C LEU D 680 -53.15 -54.66 -39.79
N VAL D 681 -54.04 -54.23 -38.90
CA VAL D 681 -55.48 -54.36 -39.11
C VAL D 681 -56.17 -53.00 -39.11
N TRP D 682 -56.88 -52.69 -40.19
CA TRP D 682 -57.75 -51.51 -40.28
C TRP D 682 -59.18 -51.98 -40.14
N ASP D 683 -60.06 -51.11 -39.63
CA ASP D 683 -61.48 -51.47 -39.60
C ASP D 683 -62.20 -50.97 -40.86
N HIS D 684 -63.53 -51.00 -40.84
CA HIS D 684 -64.35 -50.57 -41.97
C HIS D 684 -64.23 -49.07 -42.31
N CYS D 685 -63.76 -48.30 -41.34
CA CYS D 685 -63.60 -46.85 -41.50
C CYS D 685 -62.18 -46.45 -41.85
N GLY D 686 -61.33 -47.44 -42.08
CA GLY D 686 -59.92 -47.20 -42.36
C GLY D 686 -59.11 -46.81 -41.14
N ARG D 687 -59.73 -46.90 -39.96
CA ARG D 687 -59.05 -46.63 -38.69
C ARG D 687 -58.15 -47.81 -38.34
N LEU D 688 -56.91 -47.49 -37.99
CA LEU D 688 -55.91 -48.50 -37.63
C LEU D 688 -56.20 -49.10 -36.25
N MET D 689 -56.59 -50.37 -36.24
CA MET D 689 -56.94 -51.06 -35.01
C MET D 689 -55.71 -51.49 -34.23
N THR D 690 -54.69 -51.93 -34.96
CA THR D 690 -53.40 -52.29 -34.36
C THR D 690 -52.49 -51.06 -34.32
N HIS D 691 -52.60 -50.27 -33.25
CA HIS D 691 -51.87 -48.99 -33.16
C HIS D 691 -51.09 -48.81 -31.85
N ALA D 692 -50.82 -49.93 -31.17
CA ALA D 692 -50.07 -49.95 -29.93
C ALA D 692 -49.32 -51.27 -29.83
N PRO D 693 -48.33 -51.37 -28.93
CA PRO D 693 -47.63 -52.65 -28.79
C PRO D 693 -48.48 -53.74 -28.13
N SER D 694 -49.68 -53.37 -27.66
CA SER D 694 -50.63 -54.34 -27.12
C SER D 694 -51.53 -54.96 -28.20
N THR D 695 -51.40 -54.46 -29.43
CA THR D 695 -52.19 -54.97 -30.56
C THR D 695 -51.32 -55.30 -31.79
N TYR D 696 -50.16 -54.66 -31.87
CA TYR D 696 -49.17 -54.98 -32.90
C TYR D 696 -48.02 -55.73 -32.25
N LYS D 697 -47.82 -56.98 -32.66
CA LYS D 697 -46.90 -57.88 -31.96
C LYS D 697 -45.56 -58.17 -32.66
N ILE D 698 -44.55 -57.38 -32.30
CA ILE D 698 -43.17 -57.58 -32.76
C ILE D 698 -42.51 -58.72 -31.96
N PRO D 699 -41.46 -59.35 -32.52
CA PRO D 699 -40.83 -60.47 -31.82
C PRO D 699 -40.39 -60.14 -30.39
N ALA D 700 -40.87 -60.95 -29.44
CA ALA D 700 -40.52 -60.83 -28.02
C ALA D 700 -39.29 -61.68 -27.73
N PHE D 701 -38.70 -61.50 -26.55
CA PHE D 701 -37.45 -62.17 -26.22
C PHE D 701 -37.44 -63.66 -26.55
N SER D 702 -38.50 -64.37 -26.15
CA SER D 702 -38.56 -65.82 -26.34
C SER D 702 -38.76 -66.27 -27.78
N ASP D 703 -39.12 -65.33 -28.66
CA ASP D 703 -39.38 -65.64 -30.07
C ASP D 703 -38.11 -65.93 -30.87
N ARG D 704 -36.96 -65.57 -30.29
CA ARG D 704 -35.66 -65.84 -30.91
C ARG D 704 -35.48 -67.35 -31.17
N PRO D 705 -34.80 -67.71 -32.27
CA PRO D 705 -34.50 -69.12 -32.51
C PRO D 705 -33.80 -69.73 -31.30
N ARG D 706 -34.24 -70.90 -30.87
CA ARG D 706 -33.61 -71.58 -29.73
C ARG D 706 -32.14 -71.83 -30.04
N ILE D 707 -31.87 -72.25 -31.27
CA ILE D 707 -30.49 -72.36 -31.76
C ILE D 707 -30.31 -71.34 -32.88
N PHE D 708 -29.45 -70.36 -32.63
CA PHE D 708 -29.19 -69.27 -33.55
C PHE D 708 -27.73 -69.32 -33.96
N ASN D 709 -27.46 -69.74 -35.19
CA ASN D 709 -26.10 -69.79 -35.71
C ASN D 709 -25.91 -68.83 -36.86
N VAL D 710 -25.04 -67.84 -36.68
CA VAL D 710 -24.73 -66.90 -37.75
C VAL D 710 -23.23 -66.91 -38.04
N ALA D 711 -22.89 -67.15 -39.29
CA ALA D 711 -21.50 -67.18 -39.73
C ALA D 711 -21.32 -66.28 -40.94
N LEU D 712 -20.21 -65.53 -40.96
CA LEU D 712 -19.92 -64.63 -42.06
C LEU D 712 -19.15 -65.33 -43.18
N TRP D 713 -19.65 -65.18 -44.40
CA TRP D 713 -18.95 -65.62 -45.61
C TRP D 713 -17.88 -64.59 -45.87
N ASP D 714 -16.63 -64.92 -45.55
CA ASP D 714 -15.57 -63.93 -45.54
C ASP D 714 -14.73 -63.96 -46.80
N GLN D 715 -15.08 -63.07 -47.73
CA GLN D 715 -14.40 -62.93 -49.02
C GLN D 715 -14.48 -61.47 -49.48
N PRO D 716 -13.32 -60.88 -49.84
CA PRO D 716 -13.29 -59.48 -50.23
C PRO D 716 -14.27 -59.19 -51.35
N ASN D 717 -14.83 -57.98 -51.36
CA ASN D 717 -15.70 -57.54 -52.43
C ASN D 717 -14.91 -57.45 -53.74
N ARG D 718 -15.50 -57.89 -54.84
CA ARG D 718 -14.90 -57.71 -56.16
C ARG D 718 -14.75 -56.22 -56.47
N GLU D 719 -15.82 -55.45 -56.19
CA GLU D 719 -15.82 -54.01 -56.37
C GLU D 719 -14.99 -53.32 -55.28
N GLU D 720 -14.42 -52.17 -55.61
CA GLU D 720 -13.50 -51.48 -54.71
C GLU D 720 -14.22 -50.64 -53.68
N THR D 721 -14.85 -51.32 -52.72
CA THR D 721 -15.55 -50.65 -51.63
C THR D 721 -14.60 -50.39 -50.48
N ILE D 722 -15.07 -49.64 -49.48
CA ILE D 722 -14.24 -49.28 -48.34
C ILE D 722 -13.69 -50.53 -47.68
N PHE D 723 -12.39 -50.75 -47.85
CA PHE D 723 -11.68 -51.97 -47.40
C PHE D 723 -12.37 -53.25 -47.82
N ARG D 724 -12.83 -53.28 -49.07
CA ARG D 724 -13.42 -54.47 -49.70
C ARG D 724 -14.59 -55.09 -48.95
N SER D 725 -15.20 -54.30 -48.07
CA SER D 725 -16.35 -54.76 -47.30
C SER D 725 -17.61 -54.70 -48.14
N LYS D 726 -18.66 -55.40 -47.68
CA LYS D 726 -19.98 -55.31 -48.28
C LYS D 726 -20.99 -54.73 -47.30
N ALA D 727 -22.03 -54.09 -47.84
CA ALA D 727 -23.14 -53.58 -47.04
C ALA D 727 -23.92 -54.73 -46.40
N VAL D 728 -24.28 -54.55 -45.13
CA VAL D 728 -24.96 -55.60 -44.37
C VAL D 728 -26.21 -55.06 -43.64
N GLY D 729 -26.57 -53.81 -43.93
CA GLY D 729 -27.69 -53.14 -43.27
C GLY D 729 -29.04 -53.76 -43.55
N GLU D 730 -29.38 -53.89 -44.84
CA GLU D 730 -30.67 -54.41 -45.27
C GLU D 730 -30.64 -55.88 -45.75
N PRO D 731 -29.59 -56.26 -46.50
CA PRO D 731 -29.56 -57.58 -47.15
C PRO D 731 -30.03 -58.78 -46.29
N PRO D 732 -29.59 -58.86 -45.00
CA PRO D 732 -29.99 -60.03 -44.20
C PRO D 732 -31.44 -60.03 -43.69
N PHE D 733 -32.16 -58.91 -43.80
CA PHE D 733 -33.59 -58.89 -43.48
C PHE D 733 -34.34 -59.93 -44.32
N LEU D 734 -33.83 -60.17 -45.53
CA LEU D 734 -34.48 -61.08 -46.47
C LEU D 734 -34.21 -62.54 -46.14
N LEU D 735 -33.41 -62.79 -45.11
CA LEU D 735 -33.20 -64.14 -44.61
C LEU D 735 -34.40 -64.66 -43.83
N GLY D 736 -35.26 -63.73 -43.39
CA GLY D 736 -36.49 -64.07 -42.67
C GLY D 736 -37.47 -64.80 -43.57
N ILE D 737 -37.25 -64.72 -44.88
CA ILE D 737 -38.08 -65.41 -45.85
C ILE D 737 -38.00 -66.93 -45.65
N SER D 738 -36.87 -67.41 -45.14
CA SER D 738 -36.71 -68.83 -44.86
C SER D 738 -37.67 -69.29 -43.75
N ALA D 739 -37.90 -68.43 -42.77
CA ALA D 739 -38.82 -68.73 -41.68
C ALA D 739 -40.25 -68.94 -42.19
N PHE D 740 -40.67 -68.09 -43.13
CA PHE D 740 -41.99 -68.21 -43.74
C PHE D 740 -42.09 -69.44 -44.62
N LEU D 741 -41.02 -69.75 -45.34
CA LEU D 741 -40.94 -70.93 -46.19
C LEU D 741 -41.00 -72.23 -45.38
N ALA D 742 -40.39 -72.21 -44.20
CA ALA D 742 -40.39 -73.35 -43.29
C ALA D 742 -41.79 -73.61 -42.74
N LEU D 743 -42.45 -72.55 -42.28
CA LEU D 743 -43.86 -72.59 -41.88
C LEU D 743 -44.76 -73.21 -42.94
N HIS D 744 -44.51 -72.84 -44.19
CA HIS D 744 -45.20 -73.43 -45.34
C HIS D 744 -44.90 -74.93 -45.50
N ASP D 745 -43.62 -75.29 -45.36
CA ASP D 745 -43.16 -76.67 -45.45
C ASP D 745 -43.79 -77.53 -44.37
N ALA D 746 -43.95 -76.97 -43.18
CA ALA D 746 -44.61 -77.62 -42.06
C ALA D 746 -46.07 -77.91 -42.37
N CYS D 747 -46.75 -76.96 -43.00
CA CYS D 747 -48.14 -77.13 -43.43
C CYS D 747 -48.25 -78.19 -44.52
N ALA D 748 -47.27 -78.19 -45.42
CA ALA D 748 -47.21 -79.14 -46.52
C ALA D 748 -47.14 -80.57 -46.01
N ALA D 749 -46.68 -80.73 -44.77
CA ALA D 749 -46.52 -82.05 -44.16
C ALA D 749 -47.82 -82.61 -43.56
N CYS D 750 -48.95 -81.95 -43.83
CA CYS D 750 -50.23 -82.36 -43.23
C CYS D 750 -51.24 -82.89 -44.24
N GLY D 751 -50.91 -82.80 -45.53
CA GLY D 751 -51.79 -83.27 -46.59
C GLY D 751 -51.27 -82.99 -47.99
N PRO D 752 -51.84 -83.67 -48.99
CA PRO D 752 -51.37 -83.59 -50.38
C PRO D 752 -51.67 -82.25 -51.04
N HIS D 753 -52.58 -81.47 -50.46
CA HIS D 753 -53.01 -80.21 -51.04
C HIS D 753 -52.04 -79.07 -50.80
N TRP D 754 -52.06 -78.10 -51.71
CA TRP D 754 -51.23 -76.90 -51.62
C TRP D 754 -51.74 -76.00 -50.49
N PRO D 755 -50.91 -75.76 -49.47
CA PRO D 755 -51.34 -75.01 -48.29
C PRO D 755 -51.83 -73.60 -48.62
N ASP D 756 -51.10 -72.91 -49.50
CA ASP D 756 -51.39 -71.52 -49.88
C ASP D 756 -51.31 -70.55 -48.68
N LEU D 757 -50.22 -70.69 -47.92
CA LEU D 757 -49.99 -69.85 -46.74
C LEU D 757 -49.77 -68.39 -47.12
N GLN D 758 -50.46 -67.50 -46.40
CA GLN D 758 -50.37 -66.07 -46.68
C GLN D 758 -49.44 -65.38 -45.67
N ALA D 759 -48.92 -64.23 -46.05
CA ALA D 759 -48.13 -63.42 -45.14
C ALA D 759 -49.03 -62.32 -44.57
N PRO D 760 -48.92 -62.04 -43.26
CA PRO D 760 -48.06 -62.71 -42.29
C PRO D 760 -48.64 -64.06 -41.86
N ALA D 761 -47.77 -64.99 -41.50
CA ALA D 761 -48.17 -66.32 -41.07
C ALA D 761 -48.48 -66.39 -39.57
N THR D 762 -49.44 -65.56 -39.15
CA THR D 762 -49.97 -65.57 -37.80
C THR D 762 -50.57 -66.94 -37.49
N PRO D 763 -50.71 -67.29 -36.20
CA PRO D 763 -51.27 -68.60 -35.85
C PRO D 763 -52.57 -68.93 -36.60
N GLU D 764 -53.42 -67.93 -36.81
CA GLU D 764 -54.65 -68.13 -37.59
C GLU D 764 -54.34 -68.44 -39.05
N ALA D 765 -53.40 -67.71 -39.61
CA ALA D 765 -53.00 -67.86 -41.01
C ALA D 765 -52.38 -69.24 -41.26
N VAL D 766 -51.62 -69.73 -40.29
CA VAL D 766 -51.04 -71.07 -40.34
C VAL D 766 -52.13 -72.14 -40.26
N LEU D 767 -53.04 -72.02 -39.30
CA LEU D 767 -54.14 -72.98 -39.16
C LEU D 767 -55.00 -73.02 -40.41
N ALA D 768 -55.22 -71.85 -41.02
CA ALA D 768 -55.93 -71.76 -42.28
C ALA D 768 -55.23 -72.57 -43.36
N ALA D 769 -53.91 -72.41 -43.43
CA ALA D 769 -53.07 -73.11 -44.40
C ALA D 769 -53.04 -74.62 -44.15
N VAL D 770 -52.93 -75.00 -42.87
CA VAL D 770 -52.97 -76.42 -42.47
C VAL D 770 -54.20 -77.11 -43.03
N ARG D 771 -55.36 -76.52 -42.77
CA ARG D 771 -56.64 -77.10 -43.15
C ARG D 771 -56.85 -77.17 -44.67
N ARG D 772 -56.14 -76.32 -45.41
CA ARG D 772 -56.17 -76.40 -46.87
C ARG D 772 -55.37 -77.61 -47.35
N ALA D 773 -54.18 -77.78 -46.78
CA ALA D 773 -53.36 -78.96 -47.04
C ALA D 773 -54.13 -80.22 -46.66
N GLU D 774 -54.80 -80.17 -45.50
CA GLU D 774 -55.64 -81.26 -45.02
C GLU D 774 -56.94 -81.42 -45.80
N GLY D 775 -57.28 -80.42 -46.60
CA GLY D 775 -58.52 -80.44 -47.38
C GLY D 775 -59.76 -80.37 -46.52
N ARG D 776 -59.74 -79.51 -45.51
CA ARG D 776 -60.86 -79.33 -44.59
C ARG D 776 -61.60 -78.03 -44.86
N ALA D 777 -62.37 -78.00 -45.95
CA ALA D 777 -63.15 -76.82 -46.38
C ALA D 777 -62.38 -75.49 -46.27
N MET E 1 47.55 57.23 20.99
CA MET E 1 47.24 57.15 19.54
C MET E 1 46.00 56.30 19.26
N GLU E 2 44.98 56.95 18.69
CA GLU E 2 43.70 56.30 18.44
C GLU E 2 43.34 56.44 16.96
N ILE E 3 42.83 55.36 16.37
CA ILE E 3 42.41 55.35 14.97
C ILE E 3 40.90 55.24 14.81
N ALA E 4 40.40 55.69 13.65
CA ALA E 4 38.99 55.55 13.30
C ALA E 4 38.84 54.78 11.99
N PHE E 5 37.82 53.93 11.93
CA PHE E 5 37.54 53.13 10.73
C PHE E 5 36.10 52.65 10.72
N LEU E 6 35.60 52.32 9.54
CA LEU E 6 34.22 51.87 9.36
C LEU E 6 34.13 50.35 9.33
N LEU E 7 33.67 49.77 10.43
CA LEU E 7 33.51 48.32 10.54
C LEU E 7 32.07 47.93 10.18
N ASN E 8 31.95 47.25 9.04
CA ASN E 8 30.65 46.79 8.51
C ASN E 8 29.57 47.87 8.38
N GLY E 9 29.98 49.05 7.90
CA GLY E 9 29.05 50.16 7.69
C GLY E 9 28.75 50.95 8.96
N GLU E 10 29.53 50.71 10.00
CA GLU E 10 29.36 51.41 11.26
C GLU E 10 30.70 51.98 11.72
N THR E 11 30.70 53.28 12.03
CA THR E 11 31.91 53.99 12.46
C THR E 11 32.43 53.48 13.80
N ARG E 12 33.75 53.31 13.87
CA ARG E 12 34.40 52.70 15.04
C ARG E 12 35.74 53.35 15.35
N ARG E 13 35.89 53.81 16.59
CA ARG E 13 37.14 54.39 17.07
C ARG E 13 37.79 53.46 18.08
N VAL E 14 39.07 53.17 17.90
CA VAL E 14 39.79 52.23 18.75
C VAL E 14 41.17 52.79 19.15
N ARG E 15 41.41 52.85 20.45
CA ARG E 15 42.74 53.20 20.97
C ARG E 15 43.71 52.05 20.70
N ILE E 16 44.92 52.39 20.27
CA ILE E 16 45.95 51.39 20.01
C ILE E 16 47.05 51.44 21.07
N GLU E 17 47.19 50.34 21.80
CA GLU E 17 48.24 50.20 22.80
C GLU E 17 49.25 49.14 22.37
N ASP E 18 48.92 48.44 21.29
CA ASP E 18 49.84 47.52 20.64
C ASP E 18 49.71 47.62 19.13
N PRO E 19 50.72 48.23 18.46
CA PRO E 19 50.65 48.51 17.03
C PRO E 19 50.85 47.27 16.18
N THR E 20 51.45 46.24 16.74
CA THR E 20 51.82 45.04 16.00
C THR E 20 50.68 44.04 15.87
N GLN E 21 49.65 44.21 16.71
CA GLN E 21 48.49 43.31 16.75
C GLN E 21 47.80 43.22 15.38
N SER E 22 47.42 42.01 15.00
CA SER E 22 46.80 41.78 13.70
C SER E 22 45.28 42.00 13.73
N LEU E 23 44.74 42.39 12.57
CA LEU E 23 43.30 42.61 12.39
C LEU E 23 42.48 41.37 12.75
N LEU E 24 42.92 40.20 12.28
CA LEU E 24 42.29 38.91 12.60
C LEU E 24 42.15 38.72 14.11
N GLU E 25 43.25 38.94 14.85
CA GLU E 25 43.24 38.83 16.31
C GLU E 25 42.21 39.79 16.91
N TRP E 26 42.17 41.01 16.37
CA TRP E 26 41.29 42.04 16.90
C TRP E 26 39.81 41.78 16.63
N LEU E 27 39.48 41.35 15.41
CA LEU E 27 38.10 41.04 15.04
C LEU E 27 37.53 39.93 15.92
N ARG E 28 38.35 38.90 16.15
CA ARG E 28 37.95 37.75 16.96
C ARG E 28 37.88 38.12 18.44
N ALA E 29 38.76 39.03 18.87
CA ALA E 29 38.72 39.57 20.23
C ALA E 29 37.41 40.33 20.48
N GLU E 30 36.92 41.01 19.45
CA GLU E 30 35.67 41.76 19.51
C GLU E 30 34.46 40.84 19.63
N GLY E 31 34.52 39.72 18.93
CA GLY E 31 33.41 38.76 18.92
C GLY E 31 33.01 38.39 17.52
N LEU E 32 33.58 39.08 16.53
CA LEU E 32 33.30 38.83 15.12
C LEU E 32 33.97 37.53 14.68
N THR E 33 33.48 36.43 15.24
CA THR E 33 34.11 35.12 15.14
C THR E 33 33.83 34.44 13.79
N GLY E 34 33.48 35.23 12.79
CA GLY E 34 33.23 34.73 11.44
C GLY E 34 34.48 34.71 10.60
N THR E 35 35.44 35.57 10.92
CA THR E 35 36.71 35.61 10.22
C THR E 35 37.63 34.57 10.85
N LYS E 36 37.96 33.54 10.07
CA LYS E 36 38.64 32.34 10.57
C LYS E 36 40.17 32.42 10.47
N GLU E 37 40.86 31.82 11.44
CA GLU E 37 42.30 31.62 11.33
C GLU E 37 42.56 30.21 10.82
N GLY E 38 43.17 30.12 9.65
CA GLY E 38 43.47 28.83 9.05
C GLY E 38 44.93 28.45 9.15
N CYS E 39 45.81 29.45 9.04
CA CYS E 39 47.26 29.21 9.03
C CYS E 39 48.09 30.34 9.63
N ASN E 40 47.48 31.53 9.71
CA ASN E 40 48.11 32.75 10.27
C ASN E 40 49.44 33.13 9.58
N GLU E 41 49.49 32.91 8.28
CA GLU E 41 50.73 32.98 7.52
C GLU E 41 50.50 33.63 6.13
N GLY E 42 49.23 33.79 5.77
CA GLY E 42 48.84 34.45 4.52
C GLY E 42 48.54 33.51 3.37
N ASP E 43 48.57 32.20 3.66
CA ASP E 43 48.52 31.16 2.62
C ASP E 43 47.13 30.65 2.26
N CYS E 44 46.31 30.39 3.27
CA CYS E 44 45.02 29.73 3.06
C CYS E 44 43.89 30.70 2.72
N GLY E 45 43.99 31.94 3.19
CA GLY E 45 43.01 32.98 2.91
C GLY E 45 41.67 32.83 3.62
N ALA E 46 41.64 32.02 4.68
CA ALA E 46 40.42 31.82 5.45
C ALA E 46 39.98 33.10 6.17
N CYS E 47 40.94 33.98 6.40
CA CYS E 47 40.70 35.22 7.13
C CYS E 47 40.55 36.40 6.18
N THR E 48 40.16 36.13 4.94
CA THR E 48 40.00 37.20 3.97
C THR E 48 39.01 38.24 4.52
N VAL E 49 39.46 39.49 4.53
CA VAL E 49 38.57 40.63 4.80
C VAL E 49 38.61 41.57 3.59
N MET E 50 37.63 42.46 3.50
CA MET E 50 37.56 43.41 2.40
C MET E 50 37.66 44.84 2.93
N ILE E 51 38.63 45.58 2.41
CA ILE E 51 38.81 46.99 2.79
C ILE E 51 38.49 47.92 1.63
N ARG E 52 38.17 49.18 1.96
CA ARG E 52 37.84 50.20 0.98
C ARG E 52 38.42 51.54 1.40
N ASP E 53 38.96 52.28 0.43
CA ASP E 53 39.42 53.65 0.63
C ASP E 53 39.18 54.47 -0.63
N ALA E 54 39.88 55.60 -0.76
CA ALA E 54 39.75 56.47 -1.93
C ALA E 54 40.19 55.77 -3.22
N ALA E 55 41.04 54.76 -3.10
CA ALA E 55 41.56 54.03 -4.25
C ALA E 55 40.72 52.79 -4.64
N GLY E 56 39.57 52.63 -4.01
CA GLY E 56 38.67 51.52 -4.31
C GLY E 56 38.63 50.45 -3.24
N SER E 57 38.03 49.32 -3.56
CA SER E 57 37.85 48.23 -2.60
C SER E 57 38.59 46.96 -3.01
N ARG E 58 39.15 46.26 -2.03
CA ARG E 58 39.99 45.08 -2.29
C ARG E 58 39.89 44.03 -1.18
N ALA E 59 40.27 42.79 -1.52
CA ALA E 59 40.31 41.69 -0.56
C ALA E 59 41.73 41.46 -0.06
N VAL E 60 41.88 41.34 1.27
CA VAL E 60 43.18 41.19 1.92
C VAL E 60 43.15 40.14 3.04
N ASN E 61 44.33 39.61 3.40
CA ASN E 61 44.45 38.70 4.54
C ASN E 61 44.46 39.48 5.86
N ALA E 62 43.52 39.15 6.74
CA ALA E 62 43.39 39.85 8.03
C ALA E 62 44.54 39.56 9.00
N CYS E 63 45.23 38.43 8.79
CA CYS E 63 46.30 38.01 9.69
C CYS E 63 47.62 38.73 9.41
N LEU E 64 47.85 39.07 8.14
CA LEU E 64 49.04 39.81 7.73
C LEU E 64 48.88 41.31 7.98
N MET E 65 47.62 41.76 8.01
CA MET E 65 47.30 43.15 8.18
C MET E 65 47.26 43.56 9.65
N MET E 66 48.05 44.57 10.00
CA MET E 66 48.09 45.11 11.35
C MET E 66 47.07 46.24 11.51
N LEU E 67 46.64 46.48 12.75
CA LEU E 67 45.49 47.35 13.04
C LEU E 67 45.61 48.80 12.57
N PRO E 68 46.76 49.47 12.81
CA PRO E 68 46.88 50.87 12.36
C PRO E 68 46.75 51.07 10.85
N GLN E 69 46.79 49.97 10.09
CA GLN E 69 46.76 50.04 8.63
C GLN E 69 45.36 50.27 8.05
N ILE E 70 44.32 49.94 8.82
CA ILE E 70 42.94 50.15 8.37
C ILE E 70 42.41 51.54 8.76
N ALA E 71 43.31 52.39 9.24
CA ALA E 71 42.96 53.76 9.65
C ALA E 71 42.38 54.54 8.49
N GLY E 72 41.23 55.17 8.73
CA GLY E 72 40.56 56.01 7.73
C GLY E 72 39.88 55.22 6.62
N LYS E 73 39.95 53.89 6.71
CA LYS E 73 39.42 53.00 5.69
C LYS E 73 38.12 52.32 6.12
N ALA E 74 37.38 51.81 5.14
CA ALA E 74 36.11 51.12 5.38
C ALA E 74 36.29 49.61 5.28
N LEU E 75 36.15 48.94 6.42
CA LEU E 75 36.42 47.51 6.54
C LEU E 75 35.15 46.66 6.58
N ARG E 76 35.10 45.66 5.71
CA ARG E 76 33.96 44.76 5.66
C ARG E 76 34.40 43.31 5.89
N THR E 77 33.74 42.65 6.84
CA THR E 77 34.03 41.26 7.16
C THR E 77 32.91 40.37 6.65
N ILE E 78 33.01 39.07 6.89
CA ILE E 78 31.99 38.12 6.46
C ILE E 78 30.61 38.42 7.06
N GLU E 79 30.58 38.77 8.34
CA GLU E 79 29.30 39.07 9.02
C GLU E 79 28.60 40.32 8.47
N GLY E 80 29.29 41.05 7.59
CA GLY E 80 28.73 42.26 6.99
C GLY E 80 28.48 42.20 5.49
N ILE E 81 28.64 41.01 4.91
CA ILE E 81 28.42 40.80 3.47
C ILE E 81 26.92 40.79 3.12
N ALA E 82 26.11 40.20 4.01
CA ALA E 82 24.67 40.19 3.85
C ALA E 82 24.08 41.56 4.13
N ALA E 83 23.01 41.89 3.42
CA ALA E 83 22.31 43.17 3.53
C ALA E 83 21.84 43.43 4.97
N PRO E 84 21.85 44.71 5.40
CA PRO E 84 21.35 45.11 6.72
C PRO E 84 19.97 44.53 7.07
N ASP E 85 19.05 44.51 6.11
CA ASP E 85 17.69 43.98 6.33
C ASP E 85 17.63 42.45 6.40
N GLY E 86 18.78 41.79 6.27
CA GLY E 86 18.87 40.34 6.40
C GLY E 86 19.12 39.59 5.10
N ARG E 87 18.76 40.20 3.98
CA ARG E 87 18.90 39.59 2.65
C ARG E 87 20.36 39.23 2.35
N LEU E 88 20.57 38.05 1.77
CA LEU E 88 21.91 37.55 1.44
C LEU E 88 22.51 38.28 0.24
N HIS E 89 23.79 38.02 -0.02
CA HIS E 89 24.49 38.60 -1.17
C HIS E 89 24.32 37.68 -2.38
N PRO E 90 24.25 38.25 -3.59
CA PRO E 90 24.24 37.45 -4.83
C PRO E 90 25.27 36.33 -4.81
N VAL E 91 26.44 36.60 -4.24
CA VAL E 91 27.52 35.63 -4.06
C VAL E 91 27.15 34.55 -3.03
N GLN E 92 26.58 34.99 -1.91
CA GLN E 92 26.16 34.10 -0.82
C GLN E 92 25.11 33.09 -1.29
N GLN E 93 24.02 33.59 -1.90
CA GLN E 93 22.99 32.73 -2.49
C GLN E 93 23.56 31.77 -3.53
N ALA E 94 24.45 32.28 -4.38
CA ALA E 94 25.08 31.47 -5.42
C ALA E 94 25.80 30.26 -4.86
N MET E 95 26.45 30.45 -3.71
CA MET E 95 27.20 29.37 -3.06
C MET E 95 26.30 28.33 -2.41
N ILE E 96 25.14 28.75 -1.93
CA ILE E 96 24.16 27.80 -1.39
C ILE E 96 23.55 26.96 -2.53
N ASP E 97 23.25 27.64 -3.64
CA ASP E 97 22.65 27.00 -4.82
C ASP E 97 23.58 25.98 -5.49
N HIS E 98 24.86 26.30 -5.55
CA HIS E 98 25.82 25.48 -6.29
C HIS E 98 26.74 24.63 -5.41
N HIS E 99 26.43 24.58 -4.12
CA HIS E 99 27.13 23.73 -3.14
C HIS E 99 28.64 24.05 -3.04
N GLY E 100 28.97 25.33 -2.93
CA GLY E 100 30.35 25.78 -2.87
C GLY E 100 31.02 25.62 -1.51
N SER E 101 30.30 25.00 -0.58
CA SER E 101 30.86 24.73 0.74
C SER E 101 30.48 23.33 1.21
N GLN E 102 31.41 22.68 1.92
CA GLN E 102 31.14 21.39 2.56
C GLN E 102 31.28 21.47 4.07
N CYS E 103 32.51 21.60 4.56
CA CYS E 103 32.72 21.79 6.00
C CYS E 103 32.38 23.22 6.43
N GLY E 104 32.57 24.16 5.50
CA GLY E 104 32.15 25.56 5.67
C GLY E 104 33.18 26.54 6.23
N PHE E 105 34.33 26.01 6.66
CA PHE E 105 35.36 26.81 7.32
C PHE E 105 36.04 27.82 6.41
N CYS E 106 36.31 27.42 5.16
CA CYS E 106 36.99 28.30 4.20
C CYS E 106 36.03 29.28 3.55
N THR E 107 34.74 28.96 3.63
CA THR E 107 33.68 29.72 2.97
C THR E 107 33.66 31.23 3.26
N PRO E 108 33.76 31.64 4.56
CA PRO E 108 33.83 33.08 4.83
C PRO E 108 34.92 33.79 4.03
N GLY E 109 36.10 33.19 3.96
CA GLY E 109 37.21 33.74 3.18
C GLY E 109 36.88 33.87 1.71
N PHE E 110 36.24 32.84 1.15
CA PHE E 110 35.80 32.84 -0.24
C PHE E 110 34.73 33.90 -0.51
N ILE E 111 33.66 33.89 0.29
CA ILE E 111 32.54 34.84 0.15
C ILE E 111 33.06 36.28 0.09
N VAL E 112 33.90 36.64 1.05
CA VAL E 112 34.52 37.98 1.11
C VAL E 112 35.36 38.26 -0.14
N SER E 113 36.14 37.27 -0.56
CA SER E 113 37.01 37.40 -1.73
C SER E 113 36.20 37.51 -3.03
N MET E 114 35.10 36.76 -3.11
CA MET E 114 34.19 36.79 -4.25
C MET E 114 33.41 38.09 -4.30
N ALA E 115 32.89 38.51 -3.14
CA ALA E 115 32.14 39.76 -3.02
C ALA E 115 32.98 40.97 -3.43
N ALA E 116 34.26 40.97 -3.02
CA ALA E 116 35.21 42.00 -3.44
C ALA E 116 35.42 41.97 -4.95
N ALA E 117 35.48 40.76 -5.51
CA ALA E 117 35.58 40.56 -6.95
C ALA E 117 34.30 41.00 -7.65
N HIS E 118 33.18 40.80 -6.99
CA HIS E 118 31.87 41.19 -7.51
C HIS E 118 31.70 42.70 -7.44
N ASP E 119 32.28 43.32 -6.42
CA ASP E 119 32.21 44.77 -6.23
C ASP E 119 33.01 45.53 -7.29
N ARG E 120 34.14 44.96 -7.70
CA ARG E 120 34.99 45.54 -8.74
C ARG E 120 34.62 45.03 -10.13
N ASP E 121 33.67 44.10 -10.18
CA ASP E 121 33.29 43.35 -11.38
C ASP E 121 34.49 42.67 -12.05
N ARG E 122 35.29 41.98 -11.24
CA ARG E 122 36.41 41.21 -11.73
C ARG E 122 35.98 39.77 -12.01
N LYS E 123 36.52 39.17 -13.07
CA LYS E 123 36.06 37.85 -13.51
C LYS E 123 37.15 36.78 -13.66
N ASP E 124 38.40 37.13 -13.34
CA ASP E 124 39.49 36.13 -13.38
C ASP E 124 39.61 35.38 -12.05
N TYR E 125 38.63 34.49 -11.83
CA TYR E 125 38.44 33.80 -10.55
C TYR E 125 39.60 32.88 -10.15
N ASP E 126 40.41 32.49 -11.13
CA ASP E 126 41.57 31.64 -10.86
C ASP E 126 42.68 32.41 -10.17
N ASP E 127 42.80 33.69 -10.48
CA ASP E 127 43.84 34.54 -9.91
C ASP E 127 43.35 35.19 -8.61
N LEU E 128 42.12 35.72 -8.65
CA LEU E 128 41.47 36.32 -7.49
C LEU E 128 41.36 35.35 -6.31
N LEU E 129 40.97 34.11 -6.62
CA LEU E 129 40.73 33.11 -5.60
C LEU E 129 41.90 32.16 -5.37
N ALA E 130 42.98 32.33 -6.14
CA ALA E 130 44.20 31.51 -5.98
C ALA E 130 44.54 31.33 -4.50
N GLY E 131 44.56 32.44 -3.77
CA GLY E 131 44.92 32.45 -2.35
C GLY E 131 43.81 32.08 -1.39
N ASN E 132 42.72 31.52 -1.90
CA ASN E 132 41.69 30.94 -1.06
C ASN E 132 41.74 29.43 -1.20
N LEU E 133 42.24 28.75 -0.16
CA LEU E 133 42.38 27.29 -0.18
C LEU E 133 41.15 26.61 0.37
N CYS E 134 40.71 25.58 -0.35
CA CYS E 134 39.63 24.72 0.10
C CYS E 134 40.08 23.27 -0.01
N ARG E 135 39.86 22.49 1.05
CA ARG E 135 40.25 21.09 1.06
C ARG E 135 39.13 20.15 0.60
N CYS E 136 37.88 20.65 0.63
CA CYS E 136 36.69 19.81 0.46
C CYS E 136 36.08 19.76 -0.93
N THR E 137 35.79 20.92 -1.49
CA THR E 137 34.87 21.04 -2.61
C THR E 137 35.48 20.59 -3.94
N GLY E 138 36.77 20.82 -4.11
CA GLY E 138 37.43 20.58 -5.39
C GLY E 138 37.37 21.81 -6.28
N TYR E 139 36.89 22.91 -5.70
CA TYR E 139 36.85 24.23 -6.34
C TYR E 139 35.81 24.39 -7.46
N ALA E 140 35.51 23.31 -8.16
CA ALA E 140 34.54 23.32 -9.26
C ALA E 140 33.19 24.01 -8.92
N PRO E 141 32.59 23.66 -7.76
CA PRO E 141 31.32 24.29 -7.41
C PRO E 141 31.44 25.78 -7.08
N ILE E 142 32.59 26.17 -6.54
CA ILE E 142 32.83 27.56 -6.17
C ILE E 142 32.89 28.44 -7.42
N LEU E 143 33.50 27.92 -8.48
CA LEU E 143 33.52 28.58 -9.78
C LEU E 143 32.10 28.76 -10.32
N ARG E 144 31.30 27.70 -10.23
CA ARG E 144 29.90 27.72 -10.67
C ARG E 144 29.10 28.81 -9.94
N ALA E 145 29.34 28.93 -8.64
CA ALA E 145 28.71 29.96 -7.82
C ALA E 145 29.19 31.35 -8.23
N ALA E 146 30.49 31.47 -8.48
CA ALA E 146 31.10 32.74 -8.83
C ALA E 146 30.59 33.27 -10.17
N GLU E 147 30.35 32.36 -11.11
CA GLU E 147 29.86 32.72 -12.43
C GLU E 147 28.38 33.09 -12.43
N ALA E 148 27.60 32.37 -11.61
CA ALA E 148 26.17 32.64 -11.45
C ALA E 148 25.95 34.03 -10.84
N ALA E 149 26.70 34.31 -9.77
CA ALA E 149 26.62 35.59 -9.07
C ALA E 149 27.05 36.78 -9.91
N ALA E 150 27.89 36.52 -10.92
CA ALA E 150 28.40 37.57 -11.80
C ALA E 150 27.27 38.25 -12.58
N GLY E 151 26.23 37.50 -12.90
CA GLY E 151 25.07 38.02 -13.64
C GLY E 151 24.07 38.80 -12.81
N GLU E 152 24.44 39.08 -11.55
CA GLU E 152 23.58 39.82 -10.62
C GLU E 152 24.08 41.24 -10.34
N PRO E 153 23.15 42.20 -10.16
CA PRO E 153 23.53 43.58 -9.85
C PRO E 153 24.27 43.67 -8.51
N PRO E 154 25.30 44.54 -8.43
CA PRO E 154 26.14 44.69 -7.23
C PRO E 154 25.34 45.12 -6.00
N ALA E 155 25.85 44.73 -4.83
CA ALA E 155 25.22 45.06 -3.55
C ALA E 155 25.36 46.56 -3.26
N ASP E 156 24.23 47.25 -3.18
CA ASP E 156 24.23 48.69 -2.91
C ASP E 156 24.71 49.04 -1.49
N TRP E 157 24.53 48.12 -0.55
CA TRP E 157 24.94 48.33 0.83
C TRP E 157 26.45 48.25 1.04
N LEU E 158 27.11 47.39 0.27
CA LEU E 158 28.57 47.27 0.32
C LEU E 158 29.23 48.48 -0.33
N GLN E 159 28.60 49.01 -1.37
CA GLN E 159 29.12 50.17 -2.09
C GLN E 159 28.93 51.46 -1.31
N ALA E 160 27.94 51.48 -0.42
CA ALA E 160 27.60 52.67 0.37
C ALA E 160 28.75 53.15 1.27
N ASP E 161 29.72 52.27 1.50
CA ASP E 161 30.89 52.58 2.34
C ASP E 161 31.86 53.58 1.71
N ALA E 162 31.67 53.85 0.41
CA ALA E 162 32.52 54.76 -0.35
C ALA E 162 32.54 56.19 0.19
N ALA E 163 31.42 56.60 0.81
CA ALA E 163 31.27 57.97 1.31
C ALA E 163 32.01 58.24 2.65
N PHE E 164 32.71 57.24 3.17
CA PHE E 164 33.43 57.37 4.45
C PHE E 164 34.73 58.18 4.34
N THR E 165 35.06 58.87 5.43
CA THR E 165 36.28 59.71 5.61
C THR E 165 36.40 60.95 4.70
N LEU E 166 35.65 60.96 3.60
CA LEU E 166 35.71 62.04 2.61
C LEU E 166 35.08 63.34 3.14
N PRO E 179 53.31 55.72 20.14
CA PRO E 179 52.95 54.30 20.17
C PRO E 179 53.39 53.56 18.90
N ALA E 180 53.29 54.26 17.77
CA ALA E 180 53.81 53.80 16.47
C ALA E 180 53.67 54.95 15.48
N PHE E 181 54.70 55.15 14.67
CA PHE E 181 54.74 56.30 13.75
C PHE E 181 54.03 56.04 12.43
N LEU E 182 53.20 57.00 12.02
CA LEU E 182 52.52 56.97 10.74
C LEU E 182 52.80 58.24 9.95
N PRO E 183 53.85 58.21 9.11
CA PRO E 183 54.22 59.39 8.33
C PRO E 183 53.15 59.78 7.31
N GLU E 184 53.11 61.07 6.97
CA GLU E 184 52.17 61.60 5.97
C GLU E 184 52.84 61.66 4.61
N THR E 185 54.02 62.27 4.55
CA THR E 185 54.81 62.34 3.33
C THR E 185 56.19 61.72 3.54
N SER E 186 56.86 61.40 2.45
CA SER E 186 58.21 60.82 2.47
C SER E 186 59.20 61.71 3.21
N ASP E 187 58.99 63.02 3.16
CA ASP E 187 59.80 64.00 3.89
C ASP E 187 59.68 63.81 5.40
N ALA E 188 58.46 63.58 5.86
CA ALA E 188 58.18 63.33 7.27
C ALA E 188 58.87 62.05 7.74
N LEU E 189 58.84 61.03 6.88
CA LEU E 189 59.49 59.74 7.16
C LEU E 189 61.01 59.88 7.21
N ALA E 190 61.59 60.50 6.17
CA ALA E 190 63.02 60.67 6.05
C ALA E 190 63.64 61.28 7.31
N ASP E 191 62.94 62.27 7.88
CA ASP E 191 63.36 62.91 9.12
C ASP E 191 63.37 61.93 10.28
N TRP E 192 62.21 61.29 10.50
CA TRP E 192 62.00 60.40 11.63
C TRP E 192 62.89 59.16 11.60
N TYR E 193 63.05 58.58 10.41
CA TYR E 193 63.83 57.35 10.25
C TYR E 193 65.33 57.61 10.33
N LEU E 194 65.75 58.85 10.06
CA LEU E 194 67.13 59.25 10.27
C LEU E 194 67.42 59.35 11.76
N ALA E 195 66.46 59.90 12.51
CA ALA E 195 66.58 60.06 13.96
C ALA E 195 66.44 58.73 14.70
N HIS E 196 65.70 57.80 14.09
CA HIS E 196 65.56 56.45 14.64
C HIS E 196 66.07 55.42 13.64
N PRO E 197 67.41 55.27 13.54
CA PRO E 197 67.99 54.38 12.52
C PRO E 197 67.65 52.92 12.77
N GLU E 198 67.29 52.59 14.01
CA GLU E 198 67.01 51.23 14.42
C GLU E 198 65.50 50.92 14.38
N ALA E 199 64.79 51.57 13.46
CA ALA E 199 63.33 51.45 13.38
C ALA E 199 62.86 50.31 12.49
N THR E 200 61.74 49.70 12.87
CA THR E 200 61.06 48.68 12.07
C THR E 200 60.11 49.35 11.08
N LEU E 201 60.51 49.39 9.82
CA LEU E 201 59.64 49.94 8.77
C LEU E 201 58.64 48.89 8.31
N ILE E 202 57.35 49.23 8.38
CA ILE E 202 56.29 48.33 7.93
C ILE E 202 55.50 48.94 6.78
N ALA E 203 55.64 48.34 5.59
CA ALA E 203 54.88 48.76 4.43
C ALA E 203 53.59 47.93 4.34
N GLY E 204 53.67 46.79 3.66
CA GLY E 204 52.54 45.88 3.54
C GLY E 204 52.49 44.89 4.69
N GLY E 205 53.65 44.68 5.31
CA GLY E 205 53.76 43.82 6.49
C GLY E 205 53.37 42.39 6.25
N THR E 206 53.73 41.86 5.08
CA THR E 206 53.46 40.45 4.75
C THR E 206 54.70 39.59 5.03
N ASP E 207 55.85 40.24 5.18
CA ASP E 207 57.07 39.59 5.64
C ASP E 207 57.24 39.82 7.15
N VAL E 208 57.02 41.07 7.56
CA VAL E 208 57.16 41.52 8.94
C VAL E 208 56.21 40.82 9.90
N SER E 209 54.95 40.65 9.48
CA SER E 209 53.92 40.05 10.35
C SER E 209 54.15 38.58 10.64
N LEU E 210 55.01 37.94 9.85
CA LEU E 210 55.41 36.56 10.13
C LEU E 210 56.41 36.49 11.27
N TRP E 211 57.14 37.58 11.49
CA TRP E 211 58.07 37.68 12.63
C TRP E 211 57.29 37.67 13.93
N VAL E 212 56.15 38.37 13.95
CA VAL E 212 55.31 38.41 15.14
C VAL E 212 54.46 37.13 15.31
N THR E 213 53.81 36.66 14.24
CA THR E 213 52.90 35.52 14.35
C THR E 213 53.56 34.13 14.41
N LYS E 214 54.62 33.92 13.63
CA LYS E 214 55.26 32.60 13.57
C LYS E 214 56.59 32.50 14.29
N ALA E 215 57.42 33.54 14.17
CA ALA E 215 58.69 33.61 14.87
C ALA E 215 58.51 34.06 16.33
N LEU E 216 57.31 34.57 16.63
CA LEU E 216 56.96 35.10 17.96
C LEU E 216 57.92 36.18 18.47
N ARG E 217 58.51 36.92 17.53
CA ARG E 217 59.42 38.00 17.85
C ARG E 217 58.63 39.23 18.30
N ASP E 218 59.33 40.16 18.94
CA ASP E 218 58.75 41.44 19.33
C ASP E 218 59.37 42.53 18.44
N LEU E 219 58.61 43.60 18.20
CA LEU E 219 59.11 44.70 17.37
C LEU E 219 58.85 46.06 18.01
N PRO E 220 59.90 46.65 18.62
CA PRO E 220 59.83 48.03 19.09
C PRO E 220 60.18 49.01 17.95
N GLU E 221 59.95 50.30 18.18
CA GLU E 221 60.24 51.36 17.20
C GLU E 221 59.68 51.02 15.81
N VAL E 222 58.39 51.30 15.62
CA VAL E 222 57.65 50.85 14.45
C VAL E 222 57.14 52.04 13.62
N ALA E 223 57.21 51.91 12.30
CA ALA E 223 56.67 52.92 11.38
C ALA E 223 55.89 52.28 10.24
N PHE E 224 54.69 52.80 9.98
CA PHE E 224 53.84 52.30 8.89
C PHE E 224 53.89 53.21 7.66
N LEU E 225 54.49 52.70 6.59
CA LEU E 225 54.72 53.49 5.37
C LEU E 225 53.49 53.62 4.48
N SER E 226 52.61 52.61 4.54
CA SER E 226 51.45 52.49 3.64
C SER E 226 50.45 53.65 3.70
N HIS E 227 50.76 54.69 4.48
CA HIS E 227 49.90 55.88 4.56
C HIS E 227 50.50 57.10 3.85
N CYS E 228 51.61 56.92 3.14
CA CYS E 228 52.24 58.00 2.38
C CYS E 228 51.88 57.96 0.92
N LYS E 229 51.17 58.98 0.46
CA LYS E 229 50.73 59.05 -0.92
C LYS E 229 51.91 59.14 -1.89
N ASP E 230 52.77 60.14 -1.69
CA ASP E 230 53.89 60.42 -2.61
C ASP E 230 54.97 59.34 -2.65
N LEU E 231 54.91 58.41 -1.70
CA LEU E 231 55.83 57.27 -1.64
C LEU E 231 55.34 56.10 -2.50
N ALA E 232 54.05 56.11 -2.82
CA ALA E 232 53.40 55.01 -3.52
C ALA E 232 52.96 55.40 -4.94
N GLN E 233 53.79 56.17 -5.63
CA GLN E 233 53.42 56.78 -6.92
C GLN E 233 54.17 56.22 -8.14
N ILE E 234 53.40 55.92 -9.19
CA ILE E 234 53.98 55.55 -10.48
C ILE E 234 53.99 56.79 -11.37
N ARG E 235 55.19 57.33 -11.59
CA ARG E 235 55.38 58.55 -12.36
C ARG E 235 56.23 58.28 -13.60
N GLU E 236 56.00 59.07 -14.64
CA GLU E 236 56.74 58.91 -15.88
C GLU E 236 57.90 59.91 -15.98
N THR E 237 59.12 59.38 -16.07
CA THR E 237 60.35 60.17 -16.22
C THR E 237 60.80 60.14 -17.70
N PRO E 238 61.63 61.11 -18.16
CA PRO E 238 61.99 61.17 -19.59
C PRO E 238 62.80 59.98 -20.13
N ASP E 239 63.04 58.98 -19.29
CA ASP E 239 63.87 57.82 -19.66
C ASP E 239 63.29 56.47 -19.22
N GLY E 240 62.39 56.51 -18.24
CA GLY E 240 61.72 55.30 -17.75
C GLY E 240 60.51 55.58 -16.88
N TYR E 241 60.23 54.65 -15.97
CA TYR E 241 59.08 54.77 -15.07
C TYR E 241 59.50 54.77 -13.61
N GLY E 242 59.26 55.88 -12.93
CA GLY E 242 59.50 56.00 -11.50
C GLY E 242 58.40 55.31 -10.71
N ILE E 243 58.72 54.17 -10.12
CA ILE E 243 57.78 53.42 -9.30
C ILE E 243 58.19 53.54 -7.84
N GLY E 244 57.33 54.19 -7.06
CA GLY E 244 57.56 54.41 -5.63
C GLY E 244 57.59 53.11 -4.85
N ALA E 245 58.22 53.14 -3.69
CA ALA E 245 58.39 51.94 -2.86
C ALA E 245 57.07 51.44 -2.27
N GLY E 246 56.10 52.34 -2.14
CA GLY E 246 54.79 52.00 -1.56
C GLY E 246 53.78 51.47 -2.56
N VAL E 247 54.17 51.37 -3.83
CA VAL E 247 53.31 50.82 -4.87
C VAL E 247 53.14 49.32 -4.64
N THR E 248 51.88 48.88 -4.55
CA THR E 248 51.59 47.46 -4.31
C THR E 248 51.79 46.60 -5.55
N ILE E 249 52.16 45.34 -5.33
CA ILE E 249 52.42 44.39 -6.42
C ILE E 249 51.27 44.37 -7.44
N ALA E 250 50.04 44.33 -6.95
CA ALA E 250 48.84 44.34 -7.80
C ALA E 250 48.76 45.57 -8.69
N ALA E 251 49.07 46.73 -8.09
CA ALA E 251 49.07 48.02 -8.80
C ALA E 251 50.20 48.11 -9.82
N LEU E 252 51.37 47.59 -9.44
CA LEU E 252 52.54 47.53 -10.32
C LEU E 252 52.29 46.56 -11.48
N ARG E 253 51.68 45.42 -11.17
CA ARG E 253 51.30 44.43 -12.18
C ARG E 253 50.25 45.01 -13.12
N ALA E 254 49.29 45.73 -12.54
CA ALA E 254 48.27 46.44 -13.32
C ALA E 254 48.93 47.41 -14.29
N PHE E 255 49.84 48.24 -13.78
CA PHE E 255 50.57 49.19 -14.60
C PHE E 255 51.49 48.51 -15.63
N ALA E 256 52.10 47.39 -15.22
CA ALA E 256 53.04 46.66 -16.07
C ALA E 256 52.36 46.04 -17.29
N GLU E 257 51.07 45.74 -17.15
CA GLU E 257 50.29 45.08 -18.21
C GLU E 257 50.37 45.78 -19.58
N GLY E 258 50.61 47.09 -19.56
CA GLY E 258 50.78 47.88 -20.77
C GLY E 258 52.20 47.85 -21.34
N PRO E 259 53.15 48.53 -20.68
CA PRO E 259 54.54 48.63 -21.15
C PRO E 259 55.36 47.34 -21.02
N HIS E 260 55.21 46.59 -19.93
CA HIS E 260 56.01 45.38 -19.68
C HIS E 260 55.14 44.15 -19.38
N PRO E 261 54.52 43.55 -20.42
CA PRO E 261 53.65 42.39 -20.20
C PRO E 261 54.40 41.21 -19.58
N ALA E 262 55.72 41.20 -19.76
CA ALA E 262 56.58 40.17 -19.18
C ALA E 262 56.53 40.23 -17.65
N LEU E 263 56.74 41.43 -17.10
CA LEU E 263 56.68 41.65 -15.66
C LEU E 263 55.28 41.37 -15.14
N ALA E 264 54.27 41.85 -15.86
CA ALA E 264 52.86 41.62 -15.52
C ALA E 264 52.57 40.12 -15.43
N GLY E 265 52.98 39.39 -16.47
CA GLY E 265 52.84 37.94 -16.53
C GLY E 265 53.43 37.23 -15.32
N LEU E 266 54.65 37.63 -14.95
CA LEU E 266 55.32 37.08 -13.77
C LEU E 266 54.63 37.44 -12.47
N LEU E 267 54.31 38.73 -12.31
CA LEU E 267 53.68 39.24 -11.08
C LEU E 267 52.27 38.68 -10.83
N ARG E 268 51.72 37.98 -11.82
CA ARG E 268 50.46 37.26 -11.67
C ARG E 268 50.67 36.03 -10.77
N ARG E 269 51.84 35.43 -10.87
CA ARG E 269 52.20 34.27 -10.07
C ARG E 269 52.96 34.65 -8.79
N PHE E 270 53.02 35.96 -8.53
CA PHE E 270 53.59 36.49 -7.29
C PHE E 270 52.55 36.35 -6.20
N ALA E 271 52.85 35.55 -5.18
CA ALA E 271 51.95 35.29 -4.05
C ALA E 271 50.50 35.03 -4.48
N SER E 272 49.56 35.67 -3.79
CA SER E 272 48.14 35.57 -4.09
C SER E 272 47.58 36.96 -4.36
N GLU E 273 46.33 37.01 -4.81
CA GLU E 273 45.64 38.28 -5.05
C GLU E 273 45.57 39.13 -3.77
N GLN E 274 45.28 38.48 -2.64
CA GLN E 274 45.12 39.17 -1.36
C GLN E 274 46.42 39.75 -0.83
N VAL E 275 47.52 39.03 -1.06
CA VAL E 275 48.85 39.49 -0.65
C VAL E 275 49.31 40.61 -1.58
N ARG E 276 49.08 40.44 -2.88
CA ARG E 276 49.44 41.44 -3.89
C ARG E 276 48.76 42.78 -3.66
N GLN E 277 47.61 42.74 -2.99
CA GLN E 277 46.84 43.94 -2.66
C GLN E 277 47.52 44.82 -1.61
N VAL E 278 48.36 44.22 -0.76
CA VAL E 278 49.03 44.96 0.29
C VAL E 278 50.56 45.03 0.17
N ALA E 279 51.18 43.92 -0.24
CA ALA E 279 52.62 43.82 -0.42
C ALA E 279 53.15 44.88 -1.40
N THR E 280 54.29 45.47 -1.07
CA THR E 280 54.87 46.54 -1.87
C THR E 280 56.14 46.08 -2.56
N ILE E 281 56.54 46.78 -3.62
CA ILE E 281 57.78 46.47 -4.34
C ILE E 281 59.02 46.91 -3.54
N GLY E 282 58.91 48.05 -2.87
CA GLY E 282 59.98 48.57 -2.01
C GLY E 282 60.20 47.70 -0.80
N GLY E 283 59.14 47.07 -0.31
CA GLY E 283 59.24 46.09 0.78
C GLY E 283 59.80 44.76 0.29
N ASN E 284 59.55 44.45 -0.98
CA ASN E 284 60.05 43.22 -1.60
C ASN E 284 61.57 43.26 -1.76
N ILE E 285 62.05 44.36 -2.33
CA ILE E 285 63.48 44.57 -2.58
C ILE E 285 64.26 44.69 -1.26
N ALA E 286 63.76 45.54 -0.37
CA ALA E 286 64.41 45.81 0.92
C ALA E 286 64.46 44.59 1.82
N ASN E 287 63.51 43.68 1.62
CA ASN E 287 63.51 42.39 2.29
C ASN E 287 64.77 41.61 1.98
N GLY E 288 65.23 41.70 0.72
CA GLY E 288 66.49 41.11 0.28
C GLY E 288 66.50 39.59 0.22
N SER E 289 65.36 39.01 -0.14
CA SER E 289 65.24 37.57 -0.27
C SER E 289 65.86 37.08 -1.59
N PRO E 290 66.73 36.05 -1.52
CA PRO E 290 67.24 35.41 -2.73
C PRO E 290 66.13 34.72 -3.50
N ILE E 291 65.06 34.33 -2.80
CA ILE E 291 63.93 33.65 -3.40
C ILE E 291 62.88 34.64 -3.90
N GLY E 292 63.12 35.93 -3.67
CA GLY E 292 62.21 36.99 -4.14
C GLY E 292 62.05 37.00 -5.64
N ASP E 293 60.83 37.26 -6.11
CA ASP E 293 60.52 37.24 -7.53
C ASP E 293 60.59 38.63 -8.17
N GLY E 294 60.62 39.67 -7.34
CA GLY E 294 60.75 41.04 -7.80
C GLY E 294 62.08 41.30 -8.48
N PRO E 295 63.20 41.21 -7.73
CA PRO E 295 64.54 41.52 -8.22
C PRO E 295 64.96 40.92 -9.57
N PRO E 296 64.88 39.57 -9.74
CA PRO E 296 65.37 38.99 -10.98
C PRO E 296 64.74 39.59 -12.23
N ALA E 297 63.45 39.93 -12.14
CA ALA E 297 62.73 40.56 -13.22
C ALA E 297 63.30 41.93 -13.56
N LEU E 298 63.40 42.80 -12.55
CA LEU E 298 63.88 44.15 -12.73
C LEU E 298 65.33 44.22 -13.19
N ILE E 299 66.17 43.35 -12.61
CA ILE E 299 67.60 43.26 -12.96
C ILE E 299 67.77 42.87 -14.43
N ALA E 300 66.95 41.92 -14.89
CA ALA E 300 66.98 41.47 -16.28
C ALA E 300 66.64 42.59 -17.25
N MET E 301 65.65 43.41 -16.91
CA MET E 301 65.33 44.59 -17.73
C MET E 301 66.15 45.81 -17.33
N GLY E 302 67.10 45.62 -16.41
CA GLY E 302 68.06 46.65 -16.04
C GLY E 302 67.50 47.86 -15.31
N ALA E 303 66.63 47.60 -14.34
CA ALA E 303 66.07 48.65 -13.52
C ALA E 303 67.11 49.18 -12.53
N SER E 304 66.98 50.46 -12.18
CA SER E 304 67.86 51.07 -11.17
C SER E 304 67.09 51.40 -9.90
N LEU E 305 67.75 51.29 -8.75
CA LEU E 305 67.16 51.56 -7.46
C LEU E 305 67.61 52.90 -6.89
N THR E 306 66.68 53.64 -6.31
CA THR E 306 66.94 54.95 -5.71
C THR E 306 66.69 54.93 -4.20
N LEU E 307 67.74 55.20 -3.43
CA LEU E 307 67.66 55.18 -1.97
C LEU E 307 67.66 56.60 -1.38
N ARG E 308 66.90 56.77 -0.31
CA ARG E 308 66.74 58.07 0.35
C ARG E 308 67.22 58.00 1.80
N ARG E 309 67.97 59.03 2.20
CA ARG E 309 68.49 59.12 3.57
C ARG E 309 68.43 60.58 4.03
N GLY E 310 67.28 60.97 4.58
CA GLY E 310 67.03 62.37 4.96
C GLY E 310 66.73 63.20 3.72
N GLN E 311 67.65 64.07 3.35
CA GLN E 311 67.57 64.82 2.09
C GLN E 311 68.50 64.21 1.04
N GLU E 312 69.41 63.34 1.50
CA GLU E 312 70.37 62.65 0.64
C GLU E 312 69.66 61.62 -0.25
N ARG E 313 70.16 61.46 -1.47
CA ARG E 313 69.59 60.50 -2.41
C ARG E 313 70.66 59.78 -3.23
N ARG E 314 70.60 58.45 -3.22
CA ARG E 314 71.57 57.61 -3.93
C ARG E 314 70.88 56.80 -5.03
N ARG E 315 71.64 56.45 -6.07
CA ARG E 315 71.10 55.73 -7.21
C ARG E 315 72.10 54.69 -7.74
N MET E 316 71.59 53.48 -8.01
CA MET E 316 72.43 52.41 -8.58
C MET E 316 71.59 51.30 -9.22
N PRO E 317 72.19 50.55 -10.18
CA PRO E 317 71.63 49.31 -10.72
C PRO E 317 71.18 48.34 -9.61
N LEU E 318 69.99 47.77 -9.78
CA LEU E 318 69.33 47.01 -8.73
C LEU E 318 70.14 45.84 -8.16
N GLU E 319 70.88 45.15 -9.03
CA GLU E 319 71.70 44.01 -8.59
C GLU E 319 72.80 44.39 -7.60
N ASP E 320 73.29 45.62 -7.72
CA ASP E 320 74.37 46.14 -6.85
C ASP E 320 73.90 46.46 -5.44
N PHE E 321 72.58 46.47 -5.22
CA PHE E 321 72.01 46.69 -3.89
C PHE E 321 72.11 45.43 -3.03
N PHE E 322 72.08 44.27 -3.70
CA PHE E 322 72.18 42.98 -3.03
C PHE E 322 73.64 42.51 -3.00
N LEU E 323 74.23 42.52 -1.80
CA LEU E 323 75.63 42.14 -1.63
C LEU E 323 75.76 40.64 -1.38
N GLU E 324 75.54 40.23 -0.13
CA GLU E 324 75.56 38.82 0.25
C GLU E 324 74.24 38.45 0.94
N TYR E 325 73.98 37.15 1.09
CA TYR E 325 72.76 36.69 1.76
C TYR E 325 72.53 37.43 3.07
N ARG E 326 71.35 38.03 3.19
CA ARG E 326 70.95 38.79 4.39
C ARG E 326 71.75 40.08 4.61
N LYS E 327 72.48 40.52 3.60
CA LYS E 327 73.19 41.79 3.64
C LYS E 327 72.85 42.64 2.44
N GLN E 328 72.42 43.87 2.69
CA GLN E 328 72.07 44.82 1.63
C GLN E 328 73.01 46.01 1.65
N ASP E 329 73.07 46.73 0.53
CA ASP E 329 73.86 47.96 0.44
C ASP E 329 73.02 49.14 0.95
N ARG E 330 72.88 49.20 2.27
CA ARG E 330 71.98 50.16 2.91
C ARG E 330 72.62 50.74 4.17
N ARG E 331 72.70 52.06 4.21
CA ARG E 331 73.33 52.77 5.32
C ARG E 331 72.42 52.76 6.54
N PRO E 332 72.98 53.10 7.72
CA PRO E 332 72.14 53.36 8.89
C PRO E 332 71.19 54.53 8.64
N GLY E 333 69.88 54.28 8.80
CA GLY E 333 68.86 55.30 8.62
C GLY E 333 68.52 55.64 7.18
N GLU E 334 68.75 54.69 6.28
CA GLU E 334 68.47 54.85 4.86
C GLU E 334 67.35 53.91 4.43
N PHE E 335 66.48 54.38 3.54
CA PHE E 335 65.34 53.57 3.08
C PHE E 335 65.17 53.52 1.55
N VAL E 336 64.48 52.49 1.08
CA VAL E 336 64.14 52.32 -0.34
C VAL E 336 62.99 53.28 -0.68
N GLU E 337 63.21 54.11 -1.69
CA GLU E 337 62.25 55.15 -2.06
C GLU E 337 61.53 54.84 -3.37
N SER E 338 62.30 54.46 -4.39
CA SER E 338 61.74 54.21 -5.72
C SER E 338 62.65 53.34 -6.59
N VAL E 339 62.08 52.87 -7.70
CA VAL E 339 62.82 52.17 -8.74
C VAL E 339 62.49 52.76 -10.10
N THR E 340 63.47 52.80 -10.98
CA THR E 340 63.27 53.23 -12.36
C THR E 340 63.34 52.01 -13.29
N LEU E 341 62.41 51.92 -14.21
CA LEU E 341 62.43 50.89 -15.24
C LEU E 341 62.73 51.55 -16.59
N PRO E 342 63.08 50.74 -17.62
CA PRO E 342 63.13 51.34 -18.94
C PRO E 342 61.71 51.43 -19.51
N LYS E 343 61.50 52.33 -20.48
CA LYS E 343 60.21 52.43 -21.15
C LYS E 343 59.92 51.14 -21.90
N SER E 344 60.91 50.67 -22.66
CA SER E 344 60.80 49.48 -23.48
C SER E 344 61.69 48.36 -22.96
N ALA E 345 61.21 47.12 -23.07
CA ALA E 345 62.00 45.92 -22.76
C ALA E 345 61.39 44.69 -23.44
N PRO E 346 61.44 44.65 -24.80
CA PRO E 346 60.73 43.62 -25.57
C PRO E 346 61.28 42.22 -25.33
N GLY E 347 62.60 42.09 -25.27
CA GLY E 347 63.25 40.79 -25.12
C GLY E 347 63.11 40.16 -23.73
N LEU E 348 62.45 40.85 -22.82
CA LEU E 348 62.28 40.38 -21.44
C LEU E 348 61.36 39.18 -21.39
N ARG E 349 61.76 38.16 -20.62
CA ARG E 349 60.96 36.97 -20.37
C ARG E 349 61.17 36.54 -18.91
N CYS E 350 60.15 35.92 -18.31
CA CYS E 350 60.21 35.58 -16.88
C CYS E 350 59.65 34.20 -16.55
N TYR E 351 60.51 33.30 -16.08
CA TYR E 351 60.08 31.95 -15.77
C TYR E 351 60.16 31.67 -14.26
N LYS E 352 58.98 31.46 -13.67
CA LYS E 352 58.89 31.05 -12.27
C LYS E 352 58.65 29.55 -12.20
N LEU E 353 59.57 28.86 -11.52
CA LEU E 353 59.45 27.43 -11.34
C LEU E 353 59.20 27.11 -9.87
N SER E 354 58.14 26.36 -9.62
CA SER E 354 57.77 25.94 -8.26
C SER E 354 57.11 24.56 -8.29
N LYS E 355 56.73 24.03 -7.13
CA LYS E 355 55.98 22.77 -7.06
C LYS E 355 54.56 22.93 -7.62
N ARG E 356 53.99 24.11 -7.37
CA ARG E 356 52.62 24.43 -7.74
C ARG E 356 52.64 25.79 -8.45
N PHE E 357 51.76 25.98 -9.42
CA PHE E 357 51.73 27.20 -10.21
C PHE E 357 51.31 28.43 -9.40
N ASP E 358 50.15 28.34 -8.77
CA ASP E 358 49.59 29.44 -7.99
C ASP E 358 50.12 29.47 -6.55
N GLN E 359 50.20 30.66 -5.99
CA GLN E 359 50.51 30.88 -4.57
C GLN E 359 51.69 29.99 -4.11
N ASP E 360 52.87 30.23 -4.68
CA ASP E 360 54.03 29.43 -4.35
C ASP E 360 55.31 30.26 -4.43
N ILE E 361 56.33 29.81 -3.71
CA ILE E 361 57.65 30.44 -3.72
C ILE E 361 58.54 29.70 -4.72
N SER E 362 59.35 30.46 -5.46
CA SER E 362 60.19 29.92 -6.53
C SER E 362 61.25 28.92 -6.05
N ALA E 363 61.48 27.89 -6.85
CA ALA E 363 62.65 27.05 -6.68
C ALA E 363 63.78 27.66 -7.51
N VAL E 364 63.45 28.02 -8.75
CA VAL E 364 64.33 28.76 -9.65
C VAL E 364 63.49 29.84 -10.31
N CYS E 365 64.09 31.02 -10.49
CA CYS E 365 63.38 32.18 -11.01
C CYS E 365 64.21 32.84 -12.12
N GLY E 366 64.09 32.31 -13.34
CA GLY E 366 64.92 32.75 -14.44
C GLY E 366 64.31 33.88 -15.24
N CYS E 367 65.08 34.95 -15.42
CA CYS E 367 64.70 36.07 -16.27
C CYS E 367 65.77 36.36 -17.31
N LEU E 368 65.40 36.23 -18.58
CA LEU E 368 66.34 36.48 -19.65
C LEU E 368 65.89 37.65 -20.52
N ASN E 369 66.88 38.41 -21.01
CA ASN E 369 66.62 39.59 -21.81
C ASN E 369 67.76 39.83 -22.82
N LEU E 370 67.56 39.38 -24.05
CA LEU E 370 68.57 39.53 -25.09
C LEU E 370 68.13 40.49 -26.19
N THR E 371 68.99 41.45 -26.51
CA THR E 371 68.80 42.32 -27.66
C THR E 371 69.53 41.70 -28.83
N LEU E 372 69.05 41.94 -30.04
CA LEU E 372 69.64 41.34 -31.22
C LEU E 372 70.08 42.36 -32.27
N LYS E 373 71.24 42.11 -32.88
CA LYS E 373 71.72 42.88 -34.01
C LYS E 373 71.34 42.15 -35.30
N GLY E 374 70.23 41.42 -35.25
CA GLY E 374 69.78 40.57 -36.35
C GLY E 374 70.64 39.33 -36.46
N SER E 375 70.08 38.20 -36.05
CA SER E 375 70.78 36.90 -36.07
C SER E 375 71.85 36.75 -34.97
N LYS E 376 72.48 37.86 -34.59
CA LYS E 376 73.52 37.86 -33.57
C LYS E 376 73.10 38.60 -32.29
N ILE E 377 73.60 38.12 -31.15
CA ILE E 377 73.22 38.64 -29.83
C ILE E 377 73.97 39.93 -29.48
N GLU E 378 73.22 40.96 -29.12
CA GLU E 378 73.77 42.25 -28.70
C GLU E 378 74.05 42.32 -27.20
N THR E 379 72.97 42.27 -26.42
CA THR E 379 73.06 42.34 -24.97
C THR E 379 72.44 41.09 -24.35
N ALA E 380 73.04 40.64 -23.25
CA ALA E 380 72.52 39.51 -22.50
C ALA E 380 72.33 39.91 -21.04
N ARG E 381 71.09 40.19 -20.66
CA ARG E 381 70.77 40.39 -19.26
C ARG E 381 69.99 39.19 -18.75
N ILE E 382 70.68 38.32 -18.03
CA ILE E 382 70.12 37.08 -17.53
C ILE E 382 70.33 37.04 -16.02
N ALA E 383 69.24 37.07 -15.27
CA ALA E 383 69.30 37.11 -13.80
C ALA E 383 68.51 35.97 -13.16
N PHE E 384 68.94 35.53 -11.99
CA PHE E 384 68.32 34.39 -11.32
C PHE E 384 67.95 34.63 -9.85
N GLY E 385 66.85 34.02 -9.44
CA GLY E 385 66.44 34.01 -8.05
C GLY E 385 66.47 32.59 -7.51
N GLY E 386 66.84 32.45 -6.24
CA GLY E 386 66.91 31.14 -5.59
C GLY E 386 68.05 30.26 -6.09
N MET E 387 68.98 30.85 -6.83
CA MET E 387 70.13 30.13 -7.37
C MET E 387 71.42 30.41 -6.59
N ALA E 388 71.37 31.42 -5.72
CA ALA E 388 72.48 31.82 -4.85
C ALA E 388 71.94 32.47 -3.58
N GLY E 389 72.84 33.04 -2.77
CA GLY E 389 72.43 33.76 -1.57
C GLY E 389 71.96 35.16 -1.87
N VAL E 390 71.88 35.49 -3.16
CA VAL E 390 71.60 36.84 -3.63
C VAL E 390 71.07 36.76 -5.06
N PRO E 391 70.02 37.53 -5.40
CA PRO E 391 69.58 37.60 -6.80
C PRO E 391 70.67 38.22 -7.67
N LYS E 392 71.25 37.42 -8.56
CA LYS E 392 72.39 37.89 -9.37
C LYS E 392 72.33 37.48 -10.85
N ARG E 393 73.12 38.17 -11.66
CA ARG E 393 73.22 37.89 -13.10
C ARG E 393 74.18 36.74 -13.38
N ALA E 394 74.02 36.11 -14.54
CA ALA E 394 74.88 35.00 -14.94
C ALA E 394 76.09 35.49 -15.74
N ALA E 395 77.03 36.12 -15.03
CA ALA E 395 78.18 36.81 -15.63
C ALA E 395 78.91 36.02 -16.72
N ALA E 396 79.24 34.76 -16.42
CA ALA E 396 79.98 33.90 -17.36
C ALA E 396 79.11 33.44 -18.52
N PHE E 397 77.85 33.16 -18.22
CA PHE E 397 76.88 32.73 -19.23
C PHE E 397 76.46 33.87 -20.16
N GLU E 398 76.40 35.09 -19.63
CA GLU E 398 76.11 36.27 -20.43
C GLU E 398 77.25 36.59 -21.40
N ALA E 399 78.46 36.72 -20.85
CA ALA E 399 79.64 37.14 -21.61
C ALA E 399 80.03 36.18 -22.72
N ALA E 400 79.77 34.90 -22.51
CA ALA E 400 80.05 33.87 -23.51
C ALA E 400 79.04 33.93 -24.66
N LEU E 401 77.84 34.43 -24.35
CA LEU E 401 76.74 34.48 -25.29
C LEU E 401 76.86 35.60 -26.33
N ILE E 402 77.45 36.73 -25.93
CA ILE E 402 77.55 37.92 -26.77
C ILE E 402 78.31 37.62 -28.06
N GLY E 403 77.79 38.11 -29.19
CA GLY E 403 78.43 37.94 -30.49
C GLY E 403 78.02 36.67 -31.22
N GLN E 404 77.55 35.68 -30.46
CA GLN E 404 77.15 34.39 -31.00
C GLN E 404 75.81 34.45 -31.75
N ASP E 405 75.51 33.39 -32.49
CA ASP E 405 74.22 33.25 -33.16
C ASP E 405 73.13 32.92 -32.15
N PHE E 406 71.95 33.47 -32.36
CA PHE E 406 70.82 33.21 -31.46
C PHE E 406 70.02 31.97 -31.90
N ARG E 407 70.65 30.80 -31.78
CA ARG E 407 70.01 29.54 -32.11
C ARG E 407 70.02 28.58 -30.92
N GLU E 408 69.33 27.45 -31.10
CA GLU E 408 69.27 26.38 -30.10
C GLU E 408 70.68 25.89 -29.71
N ASP E 409 71.49 25.57 -30.73
CA ASP E 409 72.77 24.90 -30.54
C ASP E 409 73.84 25.71 -29.80
N THR E 410 73.92 27.01 -30.11
CA THR E 410 74.91 27.90 -29.50
C THR E 410 74.65 28.09 -28.00
N ILE E 411 73.38 28.32 -27.66
CA ILE E 411 72.95 28.39 -26.26
C ILE E 411 73.25 27.07 -25.56
N ALA E 412 72.91 25.96 -26.24
CA ALA E 412 73.13 24.61 -25.73
C ALA E 412 74.59 24.35 -25.34
N ALA E 413 75.51 24.86 -26.16
CA ALA E 413 76.94 24.71 -25.89
C ALA E 413 77.41 25.62 -24.76
N ALA E 414 76.68 26.71 -24.51
CA ALA E 414 77.04 27.69 -23.49
C ALA E 414 76.54 27.30 -22.09
N LEU E 415 75.66 26.29 -22.03
CA LEU E 415 74.97 25.89 -20.80
C LEU E 415 75.86 25.51 -19.61
N PRO E 416 76.99 24.81 -19.86
CA PRO E 416 77.87 24.44 -18.74
C PRO E 416 78.40 25.63 -17.95
N LEU E 417 78.44 26.80 -18.57
CA LEU E 417 78.95 28.02 -17.94
C LEU E 417 78.06 28.53 -16.81
N LEU E 418 76.79 28.14 -16.82
CA LEU E 418 75.86 28.45 -15.73
C LEU E 418 76.24 27.73 -14.44
N ALA E 419 76.90 26.58 -14.59
CA ALA E 419 77.45 25.84 -13.44
C ALA E 419 78.64 26.57 -12.84
N GLN E 420 79.32 27.36 -13.66
CA GLN E 420 80.39 28.23 -13.19
C GLN E 420 79.86 29.44 -12.42
N ASP E 421 78.63 29.84 -12.72
CA ASP E 421 78.02 31.03 -12.12
C ASP E 421 77.31 30.76 -10.80
N PHE E 422 76.82 29.53 -10.63
CA PHE E 422 76.03 29.17 -9.44
C PHE E 422 76.41 27.81 -8.88
N THR E 423 76.33 27.71 -7.56
CA THR E 423 76.35 26.43 -6.87
C THR E 423 75.09 26.41 -6.00
N PRO E 424 73.96 25.97 -6.60
CA PRO E 424 72.66 26.05 -5.93
C PRO E 424 72.53 25.05 -4.79
N LEU E 425 71.69 25.37 -3.81
CA LEU E 425 71.46 24.52 -2.64
C LEU E 425 70.31 23.55 -2.88
N SER E 426 70.02 22.74 -1.87
CA SER E 426 68.85 21.89 -1.87
C SER E 426 68.05 22.21 -0.64
N ASP E 427 66.72 22.22 -0.79
CA ASP E 427 65.82 22.33 0.36
C ASP E 427 64.58 21.47 0.11
N MET E 428 63.54 21.68 0.91
CA MET E 428 62.30 20.91 0.78
C MET E 428 61.58 21.19 -0.54
N ARG E 429 61.94 22.30 -1.18
CA ARG E 429 61.30 22.68 -2.43
C ARG E 429 61.89 22.00 -3.66
N ALA E 430 63.22 21.85 -3.68
CA ALA E 430 63.91 21.21 -4.79
C ALA E 430 65.34 20.81 -4.43
N SER E 431 65.87 19.83 -5.15
CA SER E 431 67.27 19.45 -5.03
C SER E 431 68.14 20.43 -5.80
N ALA E 432 69.43 20.45 -5.49
CA ALA E 432 70.40 21.27 -6.23
C ALA E 432 70.49 20.83 -7.68
N ALA E 433 70.46 19.51 -7.89
CA ALA E 433 70.43 18.92 -9.23
C ALA E 433 69.34 19.57 -10.07
N TYR E 434 68.09 19.45 -9.60
CA TYR E 434 66.93 20.04 -10.26
C TYR E 434 67.10 21.54 -10.46
N ARG E 435 67.52 22.24 -9.40
CA ARG E 435 67.66 23.68 -9.42
C ARG E 435 68.61 24.15 -10.53
N MET E 436 69.84 23.62 -10.51
CA MET E 436 70.84 23.92 -11.53
C MET E 436 70.33 23.55 -12.93
N ASN E 437 69.82 22.33 -13.07
CA ASN E 437 69.28 21.86 -14.34
C ASN E 437 68.17 22.76 -14.87
N ALA E 438 67.33 23.24 -13.97
CA ALA E 438 66.18 24.09 -14.30
C ALA E 438 66.59 25.42 -14.93
N ALA E 439 67.70 25.98 -14.47
CA ALA E 439 68.24 27.22 -15.02
C ALA E 439 68.58 27.03 -16.49
N GLN E 440 69.28 25.94 -16.80
CA GLN E 440 69.69 25.64 -18.17
C GLN E 440 68.49 25.32 -19.07
N ALA E 441 67.45 24.75 -18.47
CA ALA E 441 66.19 24.53 -19.16
C ALA E 441 65.57 25.86 -19.62
N MET E 442 65.61 26.86 -18.74
CA MET E 442 65.09 28.20 -19.03
C MET E 442 65.84 28.89 -20.15
N ALA E 443 67.14 28.58 -20.29
CA ALA E 443 67.95 29.12 -21.37
C ALA E 443 67.46 28.56 -22.70
N LEU E 444 67.34 27.24 -22.78
CA LEU E 444 66.84 26.57 -23.98
C LEU E 444 65.41 27.03 -24.30
N ARG E 445 64.55 27.09 -23.28
CA ARG E 445 63.17 27.53 -23.43
C ARG E 445 63.05 28.93 -24.03
N TYR E 446 63.93 29.83 -23.60
CA TYR E 446 63.92 31.23 -24.05
C TYR E 446 64.19 31.36 -25.55
N VAL E 447 65.12 30.54 -26.05
CA VAL E 447 65.38 30.47 -27.49
C VAL E 447 64.12 29.97 -28.18
N ARG E 448 63.60 28.85 -27.67
CA ARG E 448 62.44 28.17 -28.24
C ARG E 448 61.17 29.03 -28.26
N GLU E 449 60.96 29.80 -27.20
CA GLU E 449 59.80 30.68 -27.10
C GLU E 449 59.90 31.85 -28.07
N LEU E 450 61.09 32.44 -28.17
CA LEU E 450 61.33 33.57 -29.06
C LEU E 450 61.31 33.20 -30.53
N SER E 451 61.52 31.91 -30.83
CA SER E 451 61.41 31.42 -32.20
C SER E 451 60.05 30.76 -32.49
N GLY E 452 59.09 31.02 -31.61
CA GLY E 452 57.67 30.71 -31.87
C GLY E 452 57.20 29.28 -31.61
N GLU E 453 57.95 28.54 -30.80
CA GLU E 453 57.60 27.16 -30.46
C GLU E 453 56.70 27.12 -29.22
N ALA E 454 55.88 26.07 -29.12
CA ALA E 454 55.03 25.86 -27.96
C ALA E 454 55.87 25.33 -26.79
N VAL E 455 55.86 26.08 -25.69
CA VAL E 455 56.75 25.80 -24.56
C VAL E 455 56.05 25.90 -23.19
N ALA E 456 55.12 26.84 -23.05
CA ALA E 456 54.43 27.05 -21.77
C ALA E 456 53.26 26.10 -21.58
N VAL E 457 53.25 25.41 -20.44
CA VAL E 457 52.19 24.45 -20.07
C VAL E 457 50.88 25.16 -19.72
N LEU E 458 50.99 26.32 -19.08
CA LEU E 458 49.83 27.11 -18.64
C LEU E 458 49.04 27.76 -19.77
N GLU E 459 49.58 27.69 -20.99
CA GLU E 459 48.90 28.23 -22.17
C GLU E 459 48.14 27.17 -22.96
N VAL E 460 48.24 25.91 -22.55
CA VAL E 460 47.60 24.79 -23.25
C VAL E 460 46.11 24.70 -22.94
N MET E 461 45.29 24.69 -23.99
CA MET E 461 43.84 24.57 -23.88
C MET E 461 43.41 23.13 -23.55
N PRO E 462 42.44 22.98 -22.63
CA PRO E 462 41.93 21.67 -22.17
C PRO E 462 41.56 20.70 -23.30
N SER F 2 11.88 12.32 0.70
CA SER F 2 12.90 13.42 0.70
C SER F 2 14.29 12.89 0.32
N VAL F 3 14.50 11.60 0.55
CA VAL F 3 15.71 10.90 0.13
C VAL F 3 15.83 10.91 -1.41
N GLY F 4 17.01 11.25 -1.90
CA GLY F 4 17.27 11.24 -3.35
C GLY F 4 17.23 12.62 -3.97
N LYS F 5 16.72 13.59 -3.22
CA LYS F 5 16.65 14.98 -3.66
C LYS F 5 18.07 15.59 -3.61
N PRO F 6 18.37 16.52 -4.54
CA PRO F 6 19.64 17.23 -4.49
C PRO F 6 19.60 18.47 -3.59
N LEU F 7 19.32 18.24 -2.30
CA LEU F 7 19.21 19.31 -1.30
C LEU F 7 20.58 19.77 -0.80
N PRO F 8 20.69 21.04 -0.32
CA PRO F 8 21.98 21.56 0.09
C PRO F 8 22.38 21.12 1.50
N HIS F 9 23.67 21.29 1.84
CA HIS F 9 24.20 20.98 3.17
C HIS F 9 23.36 21.60 4.28
N ASP F 10 23.26 20.89 5.41
CA ASP F 10 22.38 21.31 6.52
C ASP F 10 22.69 22.70 7.06
N SER F 11 23.95 23.14 6.92
CA SER F 11 24.37 24.43 7.47
C SER F 11 24.93 25.36 6.39
N ALA F 12 24.55 25.11 5.14
CA ALA F 12 25.06 25.85 3.99
C ALA F 12 24.83 27.37 4.09
N ARG F 13 23.71 27.75 4.70
CA ARG F 13 23.40 29.17 4.89
C ARG F 13 24.25 29.75 6.00
N ALA F 14 24.53 28.94 7.02
CA ALA F 14 25.36 29.36 8.14
C ALA F 14 26.84 29.49 7.75
N HIS F 15 27.31 28.57 6.91
CA HIS F 15 28.66 28.65 6.33
C HIS F 15 28.84 29.95 5.56
N VAL F 16 27.86 30.23 4.70
CA VAL F 16 27.85 31.37 3.80
C VAL F 16 27.86 32.75 4.52
N THR F 17 27.24 32.82 5.69
CA THR F 17 27.20 34.06 6.48
C THR F 17 28.28 34.09 7.55
N GLY F 18 28.92 32.95 7.77
CA GLY F 18 29.94 32.83 8.82
C GLY F 18 29.36 32.69 10.20
N GLN F 19 28.05 32.42 10.27
CA GLN F 19 27.38 32.19 11.55
C GLN F 19 27.65 30.79 12.09
N ALA F 20 28.11 29.89 11.22
CA ALA F 20 28.48 28.54 11.61
C ALA F 20 29.59 28.60 12.65
N ARG F 21 29.36 27.94 13.78
CA ARG F 21 30.32 27.94 14.90
C ARG F 21 31.22 26.72 14.87
N TYR F 22 32.52 26.97 14.96
CA TYR F 22 33.50 25.91 15.16
C TYR F 22 34.05 26.09 16.56
N LEU F 23 34.82 25.12 17.05
CA LEU F 23 35.22 25.10 18.46
C LEU F 23 35.71 26.45 18.99
N ASP F 24 36.70 27.02 18.30
CA ASP F 24 37.29 28.29 18.74
C ASP F 24 36.28 29.43 18.73
N ASP F 25 35.28 29.33 17.86
CA ASP F 25 34.21 30.32 17.75
C ASP F 25 33.32 30.37 18.98
N LEU F 26 33.13 29.22 19.63
CA LEU F 26 32.28 29.13 20.82
C LEU F 26 32.73 30.11 21.90
N PRO F 27 31.78 30.87 22.47
CA PRO F 27 32.12 31.80 23.55
C PRO F 27 32.32 31.03 24.86
N CYS F 28 33.18 31.54 25.73
CA CYS F 28 33.41 30.94 27.05
C CYS F 28 33.94 31.96 28.07
N PRO F 29 33.71 31.71 29.38
CA PRO F 29 33.92 32.68 30.46
C PRO F 29 35.29 33.35 30.44
N ALA F 30 35.35 34.56 30.99
CA ALA F 30 36.57 35.38 30.97
C ALA F 30 37.80 34.63 31.48
N ASN F 31 37.62 33.80 32.50
CA ASN F 31 38.75 33.09 33.12
C ASN F 31 39.41 32.00 32.27
N THR F 32 38.71 31.54 31.22
CA THR F 32 39.20 30.48 30.33
C THR F 32 40.68 30.59 29.97
N LEU F 33 41.42 29.53 30.27
CA LEU F 33 42.84 29.46 29.99
C LEU F 33 43.12 28.85 28.61
N HIS F 34 44.30 29.12 28.08
CA HIS F 34 44.68 28.65 26.76
C HIS F 34 45.98 27.85 26.82
N LEU F 35 45.99 26.71 26.14
CA LEU F 35 47.06 25.73 26.28
C LEU F 35 47.98 25.61 25.07
N ALA F 36 49.23 25.27 25.33
CA ALA F 36 50.21 24.96 24.29
C ALA F 36 51.20 23.91 24.79
N PHE F 37 51.57 23.00 23.89
CA PHE F 37 52.57 21.99 24.20
C PHE F 37 53.95 22.58 24.03
N GLY F 38 54.89 22.09 24.83
CA GLY F 38 56.31 22.34 24.61
C GLY F 38 56.85 21.10 23.94
N LEU F 39 57.36 21.27 22.72
CA LEU F 39 57.70 20.11 21.88
C LEU F 39 59.17 19.69 21.94
N SER F 40 59.41 18.41 21.67
CA SER F 40 60.74 17.82 21.62
C SER F 40 61.51 18.31 20.39
N THR F 41 62.77 18.65 20.59
CA THR F 41 63.65 19.02 19.49
C THR F 41 64.50 17.83 19.05
N GLU F 42 64.42 16.74 19.81
CA GLU F 42 65.20 15.53 19.54
C GLU F 42 64.38 14.42 18.89
N ALA F 43 64.95 13.81 17.85
CA ALA F 43 64.31 12.71 17.13
C ALA F 43 64.22 11.45 17.99
N SER F 44 65.26 11.21 18.79
CA SER F 44 65.31 10.07 19.68
C SER F 44 66.37 10.36 20.73
N ALA F 45 65.92 10.53 21.97
CA ALA F 45 66.80 10.88 23.10
C ALA F 45 66.11 10.61 24.42
N ALA F 46 66.90 10.56 25.49
CA ALA F 46 66.36 10.51 26.84
C ALA F 46 66.40 11.91 27.42
N ILE F 47 65.41 12.27 28.22
CA ILE F 47 65.38 13.58 28.87
C ILE F 47 66.15 13.55 30.18
N THR F 48 67.26 14.29 30.21
CA THR F 48 68.20 14.33 31.34
C THR F 48 67.80 15.37 32.38
N GLY F 49 67.45 16.56 31.90
CA GLY F 49 67.02 17.66 32.74
C GLY F 49 65.96 18.48 32.03
N LEU F 50 65.03 19.02 32.82
CA LEU F 50 63.88 19.74 32.30
C LEU F 50 63.59 20.96 33.16
N ASP F 51 64.14 22.10 32.76
CA ASP F 51 63.94 23.36 33.50
C ASP F 51 62.74 24.13 32.98
N LEU F 52 61.67 24.13 33.78
CA LEU F 52 60.43 24.79 33.42
C LEU F 52 60.25 26.11 34.17
N GLU F 53 61.35 26.62 34.72
CA GLU F 53 61.33 27.86 35.50
C GLU F 53 61.15 29.11 34.63
N PRO F 54 61.86 29.20 33.48
CA PRO F 54 61.61 30.33 32.57
C PRO F 54 60.24 30.22 31.89
N VAL F 55 59.60 29.06 32.01
CA VAL F 55 58.25 28.86 31.50
C VAL F 55 57.22 29.44 32.47
N ARG F 56 57.40 29.15 33.75
CA ARG F 56 56.48 29.62 34.79
C ARG F 56 56.51 31.14 34.93
N GLU F 57 57.70 31.71 34.75
CA GLU F 57 57.89 33.15 34.86
C GLU F 57 57.33 33.91 33.66
N SER F 58 57.28 33.25 32.50
CA SER F 58 56.74 33.84 31.28
C SER F 58 55.35 34.42 31.53
N PRO F 59 55.08 35.64 30.99
CA PRO F 59 53.83 36.38 31.21
C PRO F 59 52.57 35.58 30.90
N GLY F 60 51.57 35.72 31.77
CA GLY F 60 50.26 35.11 31.55
C GLY F 60 50.10 33.66 31.95
N VAL F 61 51.19 32.99 32.30
CA VAL F 61 51.17 31.56 32.64
C VAL F 61 50.53 31.33 33.99
N ILE F 62 49.61 30.36 34.04
CA ILE F 62 48.91 30.00 35.27
C ILE F 62 49.38 28.63 35.79
N ALA F 63 49.57 27.69 34.86
CA ALA F 63 50.00 26.34 35.22
C ALA F 63 50.95 25.76 34.18
N VAL F 64 51.84 24.88 34.63
CA VAL F 64 52.72 24.13 33.74
C VAL F 64 52.60 22.65 34.10
N PHE F 65 52.61 21.76 33.11
CA PHE F 65 52.36 20.35 33.37
C PHE F 65 53.40 19.40 32.80
N THR F 66 53.77 18.41 33.62
CA THR F 66 54.70 17.36 33.25
C THR F 66 53.91 16.05 33.15
N ALA F 67 54.53 15.02 32.58
CA ALA F 67 53.97 13.66 32.61
C ALA F 67 53.76 13.24 34.06
N ALA F 68 54.74 13.57 34.90
CA ALA F 68 54.68 13.36 36.35
C ALA F 68 53.48 14.08 36.98
N ASP F 69 52.96 15.09 36.29
CA ASP F 69 51.84 15.88 36.80
C ASP F 69 50.48 15.30 36.42
N LEU F 70 50.47 14.21 35.65
CA LEU F 70 49.20 13.57 35.27
C LEU F 70 48.68 12.69 36.39
N PRO F 71 47.47 12.98 36.90
CA PRO F 71 46.94 12.32 38.10
C PRO F 71 46.71 10.81 37.91
N HIS F 72 46.39 10.40 36.69
CA HIS F 72 46.13 9.00 36.37
C HIS F 72 46.82 8.61 35.06
N ASP F 73 46.02 8.19 34.06
CA ASP F 73 46.53 7.71 32.78
C ASP F 73 47.33 8.74 31.98
N ASN F 74 48.37 8.27 31.29
CA ASN F 74 49.12 9.07 30.32
C ASN F 74 49.10 8.37 28.96
N ASP F 75 47.90 8.21 28.40
CA ASP F 75 47.73 7.45 27.15
C ASP F 75 46.64 8.03 26.26
N ALA F 76 47.03 8.45 25.07
CA ALA F 76 46.10 8.97 24.08
C ALA F 76 45.96 8.03 22.87
N SER F 77 46.57 6.85 22.97
CA SER F 77 46.63 5.89 21.85
C SER F 77 45.34 5.12 21.62
N PRO F 78 44.83 5.15 20.36
CA PRO F 78 43.64 4.37 20.00
C PRO F 78 43.93 2.86 20.05
N ALA F 79 45.18 2.48 19.80
CA ALA F 79 45.63 1.09 19.91
C ALA F 79 45.72 0.66 21.38
N PRO F 80 45.66 -0.66 21.64
CA PRO F 80 45.81 -1.24 22.98
C PRO F 80 47.13 -0.85 23.68
N SER F 81 48.23 -0.80 22.93
CA SER F 81 49.53 -0.38 23.47
C SER F 81 49.55 1.13 23.82
N PRO F 82 50.43 1.53 24.76
CA PRO F 82 50.45 2.93 25.20
C PRO F 82 51.11 3.92 24.22
N GLU F 83 50.72 5.19 24.35
CA GLU F 83 51.34 6.32 23.65
C GLU F 83 51.09 7.56 24.52
N PRO F 84 52.15 8.09 25.15
CA PRO F 84 52.01 9.14 26.17
C PRO F 84 51.55 10.49 25.64
N VAL F 85 50.68 11.16 26.41
CA VAL F 85 50.23 12.51 26.08
C VAL F 85 51.37 13.50 26.34
N LEU F 86 52.06 13.31 27.46
CA LEU F 86 53.27 14.07 27.76
C LEU F 86 54.44 13.10 27.92
N ALA F 87 55.57 13.44 27.30
CA ALA F 87 56.76 12.59 27.25
C ALA F 87 57.18 12.07 28.62
N THR F 88 57.39 10.77 28.69
CA THR F 88 57.77 10.10 29.94
C THR F 88 59.25 9.78 29.97
N GLY F 89 60.06 10.81 30.21
CA GLY F 89 61.50 10.64 30.42
C GLY F 89 62.34 10.48 29.17
N GLU F 90 61.69 10.24 28.03
CA GLU F 90 62.37 10.10 26.75
C GLU F 90 61.50 10.62 25.61
N VAL F 91 62.12 10.88 24.46
CA VAL F 91 61.39 11.39 23.31
C VAL F 91 61.57 10.48 22.09
N HIS F 92 60.56 10.43 21.23
CA HIS F 92 60.54 9.48 20.12
C HIS F 92 60.41 10.09 18.72
N PHE F 93 60.15 11.39 18.65
CA PHE F 93 60.20 12.14 17.38
C PHE F 93 60.32 13.65 17.61
N VAL F 94 60.71 14.38 16.58
CA VAL F 94 60.84 15.84 16.69
C VAL F 94 59.45 16.48 16.66
N GLY F 95 59.04 16.99 17.81
CA GLY F 95 57.72 17.59 17.97
C GLY F 95 56.83 16.84 18.94
N GLN F 96 57.42 15.94 19.72
CA GLN F 96 56.66 15.21 20.73
C GLN F 96 56.43 16.12 21.92
N PRO F 97 55.15 16.22 22.36
CA PRO F 97 54.81 17.00 23.54
C PRO F 97 55.54 16.49 24.78
N ILE F 98 56.32 17.37 25.40
CA ILE F 98 57.03 17.07 26.63
C ILE F 98 56.28 17.64 27.83
N PHE F 99 55.95 18.93 27.77
CA PHE F 99 55.19 19.60 28.82
C PHE F 99 53.98 20.37 28.27
N LEU F 100 53.15 20.88 29.18
CA LEU F 100 51.92 21.58 28.83
C LEU F 100 51.80 22.91 29.57
N VAL F 101 51.60 24.00 28.82
CA VAL F 101 51.48 25.33 29.41
C VAL F 101 50.03 25.82 29.40
N ALA F 102 49.57 26.30 30.54
CA ALA F 102 48.25 26.90 30.68
C ALA F 102 48.37 28.40 30.96
N ALA F 103 48.12 29.22 29.95
CA ALA F 103 48.24 30.66 30.07
C ALA F 103 46.91 31.40 29.88
N THR F 104 46.92 32.71 30.12
CA THR F 104 45.74 33.55 29.96
C THR F 104 45.42 33.90 28.50
N SER F 105 46.41 33.73 27.62
CA SER F 105 46.17 33.87 26.19
C SER F 105 46.80 32.72 25.41
N HIS F 106 46.27 32.45 24.22
CA HIS F 106 46.84 31.49 23.29
C HIS F 106 48.27 31.90 22.91
N ARG F 107 48.46 33.21 22.71
CA ARG F 107 49.78 33.76 22.42
C ARG F 107 50.76 33.49 23.55
N ALA F 108 50.38 33.88 24.76
CA ALA F 108 51.22 33.73 25.95
C ALA F 108 51.66 32.29 26.18
N ALA F 109 50.73 31.36 25.96
CA ALA F 109 50.99 29.94 26.10
C ALA F 109 52.07 29.48 25.11
N ARG F 110 51.89 29.86 23.85
CA ARG F 110 52.85 29.52 22.81
C ARG F 110 54.22 30.13 23.09
N ILE F 111 54.21 31.41 23.50
CA ILE F 111 55.41 32.12 23.91
C ILE F 111 56.14 31.35 25.02
N ALA F 112 55.38 30.93 26.03
CA ALA F 112 55.93 30.24 27.20
C ALA F 112 56.42 28.83 26.89
N ALA F 113 55.82 28.19 25.89
CA ALA F 113 56.19 26.85 25.50
C ALA F 113 57.62 26.75 24.94
N ARG F 114 58.09 27.85 24.33
CA ARG F 114 59.43 27.90 23.77
C ARG F 114 60.53 28.32 24.76
N LYS F 115 60.16 28.56 26.01
CA LYS F 115 61.10 29.12 26.98
C LYS F 115 61.71 28.10 27.94
N ALA F 116 61.49 26.82 27.67
CA ALA F 116 62.03 25.76 28.52
C ALA F 116 63.47 25.43 28.14
N ARG F 117 64.24 24.97 29.12
CA ARG F 117 65.59 24.47 28.88
C ARG F 117 65.63 22.99 29.20
N ILE F 118 65.74 22.19 28.15
CA ILE F 118 65.73 20.74 28.28
C ILE F 118 67.09 20.21 27.84
N THR F 119 67.64 19.30 28.65
CA THR F 119 68.84 18.56 28.23
C THR F 119 68.44 17.15 27.87
N TYR F 120 68.95 16.66 26.74
CA TYR F 120 68.67 15.31 26.28
C TYR F 120 69.95 14.48 26.31
N ALA F 121 69.80 13.16 26.32
CA ALA F 121 70.91 12.24 26.02
C ALA F 121 70.58 11.52 24.70
N PRO F 122 71.05 12.09 23.57
CA PRO F 122 70.65 11.63 22.23
C PRO F 122 71.02 10.18 21.90
N ARG F 123 70.09 9.50 21.23
CA ARG F 123 70.28 8.15 20.73
C ARG F 123 70.28 8.16 19.19
N PRO F 124 70.65 7.03 18.55
CA PRO F 124 70.45 6.92 17.10
C PRO F 124 68.97 6.89 16.73
N ALA F 125 68.57 7.77 15.82
CA ALA F 125 67.18 7.81 15.36
C ALA F 125 67.02 6.90 14.15
N ILE F 126 65.84 6.29 14.03
CA ILE F 126 65.50 5.43 12.90
C ILE F 126 64.54 6.17 11.96
N LEU F 127 65.08 6.83 10.94
CA LEU F 127 64.31 7.79 10.14
C LEU F 127 63.86 7.28 8.78
N THR F 128 64.75 6.60 8.05
CA THR F 128 64.39 6.04 6.74
C THR F 128 63.73 4.67 6.90
N LEU F 129 63.09 4.23 5.82
CA LEU F 129 62.41 2.94 5.80
C LEU F 129 63.42 1.81 5.80
N ASP F 130 64.52 2.00 5.07
CA ASP F 130 65.61 1.02 5.02
C ASP F 130 66.19 0.85 6.41
N GLN F 131 66.39 1.95 7.11
CA GLN F 131 66.91 1.94 8.47
C GLN F 131 66.06 1.07 9.39
N ALA F 132 64.77 1.34 9.40
CA ALA F 132 63.82 0.60 10.23
C ALA F 132 63.84 -0.87 9.87
N LEU F 133 63.84 -1.14 8.57
CA LEU F 133 63.88 -2.50 8.05
C LEU F 133 65.17 -3.20 8.45
N ALA F 134 66.29 -2.49 8.33
CA ALA F 134 67.61 -3.03 8.66
C ALA F 134 67.81 -3.25 10.15
N ALA F 135 67.25 -2.35 10.96
CA ALA F 135 67.34 -2.43 12.42
C ALA F 135 66.27 -3.34 13.01
N ASP F 136 65.31 -3.74 12.16
CA ASP F 136 64.14 -4.52 12.58
C ASP F 136 63.17 -3.70 13.46
N SER F 137 63.24 -2.38 13.34
CA SER F 137 62.31 -1.48 14.02
C SER F 137 60.93 -1.59 13.38
N ARG F 138 60.02 -2.28 14.06
CA ARG F 138 58.69 -2.55 13.51
C ARG F 138 57.59 -2.67 14.57
N PHE F 139 56.35 -2.78 14.10
CA PHE F 139 55.22 -3.17 14.93
C PHE F 139 54.79 -4.59 14.57
N GLU F 140 53.94 -5.18 15.40
CA GLU F 140 53.40 -6.53 15.19
C GLU F 140 54.47 -7.62 15.08
N GLY F 141 55.71 -7.29 15.46
CA GLY F 141 56.82 -8.23 15.49
C GLY F 141 56.91 -9.15 14.29
N GLY F 142 57.27 -8.59 13.14
CA GLY F 142 57.37 -9.35 11.90
C GLY F 142 56.35 -8.87 10.89
N PRO F 143 56.55 -9.22 9.60
CA PRO F 143 55.59 -8.85 8.57
C PRO F 143 54.36 -9.74 8.60
N VAL F 144 53.20 -9.17 8.27
CA VAL F 144 51.97 -9.94 8.07
C VAL F 144 51.98 -10.45 6.63
N ILE F 145 51.67 -11.73 6.44
CA ILE F 145 51.71 -12.33 5.12
C ILE F 145 50.41 -13.08 4.74
N TRP F 146 49.80 -12.67 3.63
CA TRP F 146 48.66 -13.38 3.05
C TRP F 146 49.01 -13.93 1.67
N ALA F 147 48.44 -15.08 1.33
CA ALA F 147 48.74 -15.77 0.08
C ALA F 147 47.54 -16.56 -0.43
N ARG F 148 47.22 -16.36 -1.70
CA ARG F 148 46.19 -17.14 -2.38
C ARG F 148 46.86 -17.91 -3.53
N GLY F 149 46.63 -19.22 -3.58
CA GLY F 149 47.25 -20.07 -4.60
C GLY F 149 48.76 -20.08 -4.47
N ASP F 150 49.44 -20.33 -5.59
CA ASP F 150 50.90 -20.36 -5.61
C ASP F 150 51.48 -19.34 -6.60
N VAL F 151 51.96 -18.21 -6.07
CA VAL F 151 52.55 -17.14 -6.90
C VAL F 151 53.85 -17.57 -7.58
N GLU F 152 54.74 -18.19 -6.81
CA GLU F 152 56.00 -18.71 -7.33
C GLU F 152 55.78 -19.56 -8.58
N THR F 153 54.83 -20.50 -8.49
CA THR F 153 54.51 -21.41 -9.59
C THR F 153 53.89 -20.66 -10.78
N ALA F 154 52.95 -19.76 -10.48
CA ALA F 154 52.27 -18.98 -11.52
C ALA F 154 53.25 -18.07 -12.26
N LEU F 155 54.06 -17.34 -11.51
CA LEU F 155 55.03 -16.42 -12.08
C LEU F 155 56.17 -17.14 -12.79
N ALA F 156 56.49 -18.36 -12.34
CA ALA F 156 57.53 -19.18 -12.95
C ALA F 156 57.25 -19.42 -14.43
N GLY F 157 56.05 -19.92 -14.72
CA GLY F 157 55.60 -20.11 -16.09
C GLY F 157 54.67 -18.99 -16.55
N ALA F 158 55.08 -17.75 -16.33
CA ALA F 158 54.32 -16.59 -16.78
C ALA F 158 54.77 -16.20 -18.19
N ALA F 159 53.81 -16.04 -19.10
CA ALA F 159 54.08 -15.63 -20.47
C ALA F 159 54.65 -14.22 -20.53
N HIS F 160 54.21 -13.38 -19.60
CA HIS F 160 54.78 -12.05 -19.42
C HIS F 160 54.92 -11.76 -17.94
N LEU F 161 56.09 -11.25 -17.56
CA LEU F 161 56.38 -10.86 -16.18
C LEU F 161 56.74 -9.38 -16.12
N ALA F 162 56.36 -8.73 -15.03
CA ALA F 162 56.79 -7.37 -14.76
C ALA F 162 57.20 -7.21 -13.31
N GLU F 163 58.46 -6.86 -13.10
CA GLU F 163 58.97 -6.59 -11.77
C GLU F 163 59.37 -5.13 -11.70
N GLY F 164 58.86 -4.46 -10.68
CA GLY F 164 59.18 -3.05 -10.45
C GLY F 164 59.15 -2.76 -8.97
N CYS F 165 59.23 -1.47 -8.66
CA CYS F 165 59.41 -1.01 -7.29
C CYS F 165 59.34 0.50 -7.29
N PHE F 166 58.46 1.07 -6.47
CA PHE F 166 58.29 2.53 -6.41
C PHE F 166 57.87 3.08 -5.05
N GLU F 167 58.26 4.33 -4.81
CA GLU F 167 57.96 5.04 -3.58
C GLU F 167 56.61 5.74 -3.69
N ILE F 168 55.82 5.64 -2.63
CA ILE F 168 54.58 6.41 -2.50
C ILE F 168 54.70 7.30 -1.27
N GLY F 169 54.66 8.62 -1.49
CA GLY F 169 54.77 9.58 -0.40
C GLY F 169 53.53 9.62 0.48
N GLY F 170 53.71 10.10 1.70
CA GLY F 170 52.61 10.28 2.64
C GLY F 170 51.74 11.45 2.23
N GLN F 171 50.98 11.98 3.20
CA GLN F 171 50.04 13.08 2.95
C GLN F 171 49.58 13.73 4.24
N GLU F 172 49.73 15.05 4.29
CA GLU F 172 49.21 15.85 5.38
C GLU F 172 47.75 16.20 5.11
N HIS F 173 46.88 16.03 6.12
CA HIS F 173 45.44 16.25 5.96
C HIS F 173 45.14 17.67 5.54
N PHE F 174 45.69 18.62 6.28
CA PHE F 174 45.40 20.04 6.10
C PHE F 174 43.89 20.32 6.08
N TYR F 175 43.23 19.97 7.18
CA TYR F 175 41.88 20.46 7.44
C TYR F 175 42.01 21.95 7.75
N LEU F 176 41.16 22.76 7.12
CA LEU F 176 41.26 24.22 7.27
C LEU F 176 41.09 24.68 8.72
N GLU F 177 40.16 24.05 9.46
CA GLU F 177 40.10 24.19 10.92
C GLU F 177 41.06 23.17 11.53
N GLY F 178 42.04 23.67 12.28
CA GLY F 178 43.01 22.80 12.95
C GLY F 178 42.45 22.02 14.11
N GLN F 179 43.31 21.27 14.79
CA GLN F 179 42.94 20.51 15.97
C GLN F 179 42.50 21.45 17.08
N ALA F 180 41.42 21.12 17.77
CA ALA F 180 40.85 21.98 18.82
C ALA F 180 40.03 21.22 19.85
N ALA F 181 40.16 21.63 21.10
CA ALA F 181 39.36 21.05 22.20
C ALA F 181 39.09 22.09 23.29
N LEU F 182 38.08 21.81 24.10
CA LEU F 182 37.64 22.72 25.16
C LEU F 182 37.03 21.94 26.31
N ALA F 183 37.56 22.13 27.52
CA ALA F 183 37.03 21.44 28.70
C ALA F 183 36.39 22.42 29.68
N LEU F 184 35.15 22.10 30.07
CA LEU F 184 34.44 22.86 31.09
C LEU F 184 34.23 21.97 32.32
N PRO F 185 34.90 22.29 33.44
CA PRO F 185 34.67 21.53 34.67
C PRO F 185 33.23 21.74 35.13
N ALA F 186 32.50 20.64 35.26
CA ALA F 186 31.07 20.70 35.55
C ALA F 186 30.70 19.88 36.78
N GLU F 187 31.12 20.36 37.94
CA GLU F 187 30.89 19.71 39.25
C GLU F 187 30.93 18.17 39.25
N GLY F 188 32.10 17.64 39.60
CA GLY F 188 32.29 16.19 39.66
C GLY F 188 32.94 15.62 38.42
N GLY F 189 32.56 16.15 37.25
CA GLY F 189 33.11 15.71 35.98
C GLY F 189 33.41 16.86 35.05
N VAL F 190 33.59 16.54 33.78
CA VAL F 190 33.90 17.55 32.76
C VAL F 190 33.02 17.44 31.53
N VAL F 191 32.90 18.55 30.80
CA VAL F 191 32.25 18.57 29.51
C VAL F 191 33.28 18.94 28.46
N ILE F 192 33.43 18.08 27.45
CA ILE F 192 34.36 18.37 26.36
C ILE F 192 33.60 18.78 25.10
N HIS F 193 34.02 19.90 24.54
CA HIS F 193 33.68 20.27 23.17
C HIS F 193 34.98 20.14 22.39
N CYS F 194 34.93 19.55 21.20
CA CYS F 194 36.16 19.30 20.43
C CYS F 194 35.92 19.02 18.95
N SER F 195 36.91 19.38 18.14
CA SER F 195 36.91 19.10 16.72
C SER F 195 37.34 17.64 16.49
N SER F 196 36.42 16.69 16.71
CA SER F 196 36.75 15.26 16.69
C SER F 196 35.77 14.38 15.92
N GLN F 197 36.31 13.43 15.15
CA GLN F 197 35.51 12.44 14.42
C GLN F 197 35.05 11.31 15.32
N HIS F 198 35.49 11.31 16.58
CA HIS F 198 35.23 10.20 17.48
C HIS F 198 35.02 10.68 18.92
N PRO F 199 33.86 11.30 19.19
CA PRO F 199 33.59 11.89 20.51
C PRO F 199 33.47 10.85 21.63
N SER F 200 33.13 9.62 21.27
CA SER F 200 33.07 8.51 22.22
C SER F 200 34.45 8.20 22.77
N GLU F 201 35.43 8.06 21.88
CA GLU F 201 36.81 7.81 22.27
C GLU F 201 37.34 8.93 23.15
N ILE F 202 37.10 10.18 22.73
CA ILE F 202 37.45 11.35 23.53
C ILE F 202 36.97 11.12 24.95
N GLN F 203 35.68 10.80 25.10
CA GLN F 203 35.09 10.49 26.40
C GLN F 203 35.93 9.45 27.14
N HIS F 204 36.07 8.27 26.52
CA HIS F 204 36.84 7.14 27.04
C HIS F 204 38.25 7.52 27.52
N LYS F 205 38.94 8.32 26.72
CA LYS F 205 40.30 8.77 27.02
C LYS F 205 40.33 9.77 28.16
N VAL F 206 39.49 10.80 28.08
CA VAL F 206 39.41 11.83 29.11
C VAL F 206 39.00 11.22 30.45
N ALA F 207 38.10 10.22 30.41
CA ALA F 207 37.68 9.49 31.60
C ALA F 207 38.84 8.81 32.32
N HIS F 208 39.68 8.09 31.55
CA HIS F 208 40.84 7.41 32.11
C HIS F 208 41.91 8.36 32.59
N ALA F 209 42.11 9.45 31.85
CA ALA F 209 43.11 10.48 32.18
C ALA F 209 42.78 11.22 33.48
N LEU F 210 41.50 11.51 33.68
CA LEU F 210 41.03 12.20 34.89
C LEU F 210 40.75 11.26 36.05
N GLY F 211 40.68 9.95 35.76
CA GLY F 211 40.33 8.96 36.78
C GLY F 211 38.86 9.08 37.16
N LEU F 212 38.02 9.14 36.14
CA LEU F 212 36.56 9.26 36.31
C LEU F 212 35.85 8.16 35.54
N ALA F 213 34.65 7.81 36.01
CA ALA F 213 33.79 6.89 35.27
C ALA F 213 33.29 7.58 34.00
N PHE F 214 32.96 6.77 33.00
CA PHE F 214 32.55 7.27 31.69
C PHE F 214 31.37 8.23 31.77
N HIS F 215 30.45 7.98 32.70
CA HIS F 215 29.26 8.83 32.86
C HIS F 215 29.57 10.20 33.50
N ASP F 216 30.84 10.45 33.77
CA ASP F 216 31.29 11.74 34.30
C ASP F 216 31.95 12.62 33.24
N VAL F 217 32.09 12.07 32.04
CA VAL F 217 32.65 12.81 30.92
C VAL F 217 31.64 12.86 29.80
N ARG F 218 31.22 14.07 29.46
CA ARG F 218 30.29 14.28 28.37
C ARG F 218 31.01 15.01 27.24
N VAL F 219 30.96 14.44 26.04
CA VAL F 219 31.61 15.05 24.89
C VAL F 219 30.57 15.52 23.88
N GLU F 220 30.61 16.80 23.54
CA GLU F 220 29.68 17.39 22.60
C GLU F 220 30.44 17.91 21.39
N MET F 221 30.10 17.36 20.22
CA MET F 221 30.77 17.71 18.99
C MET F 221 29.72 18.11 17.94
N ARG F 222 29.81 19.36 17.49
CA ARG F 222 28.84 19.88 16.52
C ARG F 222 29.30 19.68 15.09
N ARG F 223 30.41 20.31 14.72
CA ARG F 223 30.90 20.27 13.35
C ARG F 223 32.43 20.39 13.31
N MET F 224 33.03 19.90 12.24
CA MET F 224 34.46 20.07 12.02
C MET F 224 34.71 20.86 10.75
N GLY F 225 35.82 21.60 10.74
CA GLY F 225 36.28 22.24 9.51
C GLY F 225 37.16 21.27 8.73
N GLY F 226 36.65 20.05 8.55
CA GLY F 226 37.39 18.98 7.90
C GLY F 226 38.04 18.04 8.91
N GLY F 227 37.98 16.75 8.63
CA GLY F 227 38.66 15.72 9.43
C GLY F 227 39.53 14.84 8.55
N PHE F 228 38.94 14.31 7.48
CA PHE F 228 39.62 13.50 6.47
C PHE F 228 40.39 12.28 7.02
N GLY F 229 40.05 11.86 8.24
CA GLY F 229 40.77 10.77 8.91
C GLY F 229 41.65 11.30 10.03
N GLY F 230 42.06 12.56 9.91
CA GLY F 230 43.03 13.17 10.81
C GLY F 230 42.47 13.65 12.14
N LYS F 231 41.18 13.41 12.37
CA LYS F 231 40.55 13.73 13.64
C LYS F 231 39.82 12.53 14.22
N GLU F 232 40.20 11.33 13.75
CA GLU F 232 39.73 10.07 14.34
C GLU F 232 40.37 9.81 15.70
N SER F 233 41.67 10.09 15.84
CA SER F 233 42.39 9.81 17.08
C SER F 233 43.32 10.95 17.53
N GLN F 234 43.70 11.82 16.60
CA GLN F 234 44.62 12.92 16.91
C GLN F 234 43.99 13.99 17.82
N GLY F 235 42.67 13.93 17.97
CA GLY F 235 41.95 14.83 18.88
C GLY F 235 42.17 14.49 20.34
N ASN F 236 42.54 13.25 20.62
CA ASN F 236 42.74 12.76 21.99
C ASN F 236 43.68 13.62 22.82
N HIS F 237 44.81 14.00 22.22
CA HIS F 237 45.85 14.75 22.92
C HIS F 237 45.38 16.10 23.45
N LEU F 238 44.60 16.83 22.65
CA LEU F 238 44.08 18.12 23.05
C LEU F 238 43.04 17.98 24.15
N ALA F 239 42.13 17.02 23.98
CA ALA F 239 41.05 16.78 24.93
C ALA F 239 41.57 16.36 26.32
N ILE F 240 42.64 15.59 26.34
CA ILE F 240 43.25 15.15 27.60
C ILE F 240 43.99 16.34 28.25
N ALA F 241 44.76 17.06 27.43
CA ALA F 241 45.47 18.25 27.89
C ALA F 241 44.51 19.22 28.57
N CYS F 242 43.40 19.52 27.91
CA CYS F 242 42.38 20.43 28.44
C CYS F 242 41.74 19.95 29.74
N ALA F 243 41.23 18.72 29.72
CA ALA F 243 40.56 18.13 30.89
C ALA F 243 41.46 18.14 32.12
N VAL F 244 42.73 17.82 31.93
CA VAL F 244 43.71 17.76 33.02
C VAL F 244 43.97 19.16 33.59
N ALA F 245 44.23 20.13 32.70
CA ALA F 245 44.48 21.52 33.09
C ALA F 245 43.25 22.12 33.77
N ALA F 246 42.07 21.77 33.27
CA ALA F 246 40.80 22.24 33.83
C ALA F 246 40.54 21.66 35.22
N ARG F 247 40.89 20.39 35.40
CA ARG F 247 40.73 19.75 36.71
C ARG F 247 41.76 20.29 37.70
N ALA F 248 42.87 20.80 37.18
CA ALA F 248 43.97 21.30 38.01
C ALA F 248 43.83 22.77 38.38
N THR F 249 43.27 23.57 37.47
CA THR F 249 43.13 25.01 37.70
C THR F 249 41.72 25.40 38.14
N GLY F 250 40.77 24.48 37.99
CA GLY F 250 39.37 24.75 38.31
C GLY F 250 38.69 25.63 37.27
N ARG F 251 39.47 26.08 36.29
CA ARG F 251 38.99 26.97 35.23
C ARG F 251 38.63 26.19 33.97
N PRO F 252 37.82 26.79 33.07
CA PRO F 252 37.67 26.21 31.73
C PRO F 252 38.95 26.33 30.93
N CYS F 253 39.23 25.32 30.10
CA CYS F 253 40.47 25.25 29.34
C CYS F 253 40.26 24.95 27.87
N LYS F 254 40.85 25.79 27.03
CA LYS F 254 40.80 25.64 25.58
C LYS F 254 42.19 25.34 25.04
N MET F 255 42.25 24.48 24.03
CA MET F 255 43.48 24.22 23.28
C MET F 255 43.21 24.12 21.79
N ARG F 256 44.00 24.86 21.01
CA ARG F 256 44.00 24.73 19.56
C ARG F 256 45.43 24.79 19.06
N TYR F 257 45.81 23.83 18.23
CA TYR F 257 47.13 23.82 17.61
C TYR F 257 47.26 24.98 16.64
N ASP F 258 48.41 25.65 16.69
CA ASP F 258 48.82 26.57 15.66
C ASP F 258 49.12 25.72 14.42
N ARG F 259 48.76 26.22 13.25
CA ARG F 259 48.96 25.48 11.99
C ARG F 259 50.34 24.78 11.93
N ASP F 260 51.37 25.47 12.40
CA ASP F 260 52.73 24.95 12.39
C ASP F 260 52.94 23.82 13.38
N ASP F 261 52.49 24.02 14.63
CA ASP F 261 52.50 22.96 15.65
C ASP F 261 51.70 21.76 15.14
N ASP F 262 50.54 22.05 14.55
CA ASP F 262 49.60 21.04 14.07
C ASP F 262 50.29 19.99 13.19
N MET F 263 51.06 20.47 12.20
CA MET F 263 51.76 19.57 11.28
C MET F 263 52.96 18.87 11.91
N VAL F 264 53.57 19.53 12.89
CA VAL F 264 54.71 18.95 13.61
C VAL F 264 54.26 17.83 14.55
N ILE F 265 53.13 18.02 15.23
CA ILE F 265 52.66 17.07 16.25
C ILE F 265 51.94 15.85 15.65
N THR F 266 50.95 16.09 14.80
CA THR F 266 50.02 15.04 14.40
C THR F 266 50.54 14.12 13.30
N GLY F 267 49.86 12.98 13.12
CA GLY F 267 50.25 11.98 12.14
C GLY F 267 49.87 12.34 10.73
N LYS F 268 50.26 11.52 9.77
CA LYS F 268 49.96 11.76 8.35
C LYS F 268 49.59 10.44 7.66
N ARG F 269 49.30 10.50 6.37
CA ARG F 269 49.03 9.28 5.62
C ARG F 269 50.30 8.44 5.60
N HIS F 270 50.15 7.14 5.84
CA HIS F 270 51.27 6.20 5.79
C HIS F 270 51.91 6.18 4.41
N ASP F 271 53.17 6.60 4.34
CA ASP F 271 53.93 6.47 3.09
C ASP F 271 54.43 5.03 2.93
N PHE F 272 54.32 4.53 1.70
CA PHE F 272 54.64 3.14 1.39
C PHE F 272 55.82 3.01 0.43
N ARG F 273 56.52 1.88 0.54
CA ARG F 273 57.36 1.40 -0.53
C ARG F 273 56.74 0.09 -1.00
N ILE F 274 56.36 0.07 -2.27
CA ILE F 274 55.72 -1.11 -2.83
C ILE F 274 56.62 -1.75 -3.89
N ARG F 275 57.12 -2.94 -3.56
CA ARG F 275 57.88 -3.77 -4.47
C ARG F 275 56.93 -4.82 -5.02
N TYR F 276 56.88 -4.96 -6.34
CA TYR F 276 55.89 -5.84 -6.97
C TYR F 276 56.48 -6.78 -8.02
N ARG F 277 55.84 -7.94 -8.16
CA ARG F 277 56.13 -8.87 -9.24
C ARG F 277 54.81 -9.38 -9.81
N ILE F 278 54.46 -8.89 -11.00
CA ILE F 278 53.20 -9.24 -11.62
C ILE F 278 53.44 -10.04 -12.91
N GLY F 279 52.54 -10.99 -13.18
CA GLY F 279 52.65 -11.86 -14.35
C GLY F 279 51.30 -12.16 -14.97
N ALA F 280 51.30 -12.48 -16.27
CA ALA F 280 50.05 -12.74 -16.99
C ALA F 280 50.15 -13.82 -18.07
N ASP F 281 49.02 -14.02 -18.74
CA ASP F 281 48.81 -15.03 -19.76
C ASP F 281 49.46 -14.63 -21.08
N ALA F 282 49.36 -15.50 -22.08
CA ALA F 282 49.63 -15.12 -23.45
C ALA F 282 48.49 -14.22 -23.92
N SER F 283 47.27 -14.58 -23.52
CA SER F 283 46.06 -13.84 -23.86
C SER F 283 45.93 -12.51 -23.10
N GLY F 284 46.68 -12.38 -22.00
CA GLY F 284 46.67 -11.16 -21.20
C GLY F 284 45.90 -11.27 -19.90
N LYS F 285 45.44 -12.47 -19.59
CA LYS F 285 44.77 -12.75 -18.31
C LYS F 285 45.80 -12.90 -17.20
N LEU F 286 45.57 -12.23 -16.08
CA LEU F 286 46.50 -12.28 -14.95
C LEU F 286 46.64 -13.70 -14.40
N LEU F 287 47.88 -14.15 -14.25
CA LEU F 287 48.18 -15.45 -13.66
C LEU F 287 48.54 -15.34 -12.18
N GLY F 288 49.09 -14.19 -11.80
CA GLY F 288 49.51 -13.96 -10.43
C GLY F 288 50.27 -12.68 -10.19
N ALA F 289 50.16 -12.16 -8.97
CA ALA F 289 50.87 -10.96 -8.56
C ALA F 289 51.43 -11.13 -7.16
N ASP F 290 52.70 -10.77 -6.98
CA ASP F 290 53.35 -10.84 -5.68
C ASP F 290 53.77 -9.44 -5.21
N PHE F 291 53.22 -9.03 -4.07
CA PHE F 291 53.46 -7.70 -3.53
C PHE F 291 54.25 -7.74 -2.23
N VAL F 292 55.05 -6.69 -2.00
CA VAL F 292 55.65 -6.43 -0.70
C VAL F 292 55.38 -4.98 -0.29
N HIS F 293 54.63 -4.81 0.79
CA HIS F 293 54.33 -3.48 1.33
C HIS F 293 55.27 -3.15 2.46
N LEU F 294 55.89 -1.97 2.38
CA LEU F 294 56.70 -1.42 3.45
C LEU F 294 56.12 -0.08 3.89
N ALA F 295 55.41 -0.11 5.02
CA ALA F 295 54.75 1.07 5.55
C ALA F 295 55.61 1.78 6.59
N ARG F 296 55.55 3.11 6.54
CA ARG F 296 56.22 3.97 7.50
C ARG F 296 55.17 4.42 8.51
N CYS F 297 55.30 3.96 9.75
CA CYS F 297 54.20 4.06 10.73
C CYS F 297 54.37 5.16 11.77
N GLY F 298 55.61 5.54 12.04
CA GLY F 298 55.91 6.51 13.08
C GLY F 298 56.30 5.84 14.38
N TRP F 299 56.41 6.65 15.43
CA TRP F 299 56.95 6.21 16.71
C TRP F 299 56.03 5.30 17.53
N SER F 300 54.72 5.41 17.29
CA SER F 300 53.74 4.61 18.02
C SER F 300 52.72 4.01 17.08
N ALA F 301 52.09 2.92 17.51
CA ALA F 301 51.14 2.16 16.69
C ALA F 301 50.04 3.02 16.06
N ASP F 302 49.22 3.65 16.91
CA ASP F 302 48.02 4.38 16.46
C ASP F 302 47.09 3.44 15.68
N LEU F 303 46.70 3.83 14.48
CA LEU F 303 45.84 3.02 13.63
C LEU F 303 46.61 2.35 12.47
N SER F 304 47.90 2.09 12.69
CA SER F 304 48.74 1.53 11.63
C SER F 304 48.35 0.09 11.26
N LEU F 305 48.00 -0.70 12.28
CA LEU F 305 47.55 -2.08 12.07
C LEU F 305 46.34 -2.17 11.13
N PRO F 306 45.22 -1.49 11.46
CA PRO F 306 44.09 -1.56 10.54
C PRO F 306 44.35 -0.94 9.17
N VAL F 307 45.10 0.16 9.11
CA VAL F 307 45.41 0.84 7.83
C VAL F 307 46.08 -0.11 6.86
N CYS F 308 47.07 -0.86 7.36
CA CYS F 308 47.84 -1.78 6.54
C CYS F 308 47.11 -3.08 6.22
N ASP F 309 46.14 -3.45 7.04
CA ASP F 309 45.22 -4.53 6.70
C ASP F 309 44.39 -4.15 5.48
N ARG F 310 43.94 -2.90 5.45
CA ARG F 310 43.15 -2.39 4.34
C ARG F 310 43.98 -2.28 3.06
N ALA F 311 45.24 -1.88 3.21
CA ALA F 311 46.18 -1.83 2.08
C ALA F 311 46.33 -3.21 1.45
N MET F 312 46.37 -4.24 2.29
CA MET F 312 46.43 -5.61 1.82
C MET F 312 45.11 -6.05 1.20
N LEU F 313 44.02 -5.68 1.86
CA LEU F 313 42.66 -5.98 1.38
C LEU F 313 42.39 -5.42 -0.02
N HIS F 314 43.05 -4.31 -0.35
CA HIS F 314 42.82 -3.63 -1.63
C HIS F 314 43.97 -3.81 -2.62
N ALA F 315 44.91 -4.69 -2.27
CA ALA F 315 46.08 -4.97 -3.11
C ALA F 315 45.75 -5.75 -4.39
N ASP F 316 44.48 -6.12 -4.56
CA ASP F 316 44.03 -6.74 -5.80
C ASP F 316 43.48 -5.68 -6.77
N GLY F 317 43.34 -4.46 -6.27
CA GLY F 317 42.73 -3.38 -7.04
C GLY F 317 41.35 -3.77 -7.51
N SER F 318 41.13 -3.70 -8.82
CA SER F 318 39.84 -4.00 -9.42
C SER F 318 39.85 -5.33 -10.17
N TYR F 319 40.90 -6.11 -9.95
CA TYR F 319 41.19 -7.25 -10.83
C TYR F 319 41.20 -8.60 -10.13
N PHE F 320 40.63 -9.60 -10.81
CA PHE F 320 40.70 -10.97 -10.34
C PHE F 320 42.08 -11.55 -10.62
N VAL F 321 42.76 -11.95 -9.55
CA VAL F 321 44.08 -12.54 -9.63
C VAL F 321 44.04 -13.92 -8.97
N PRO F 322 44.26 -14.99 -9.76
CA PRO F 322 44.15 -16.36 -9.25
C PRO F 322 45.19 -16.66 -8.17
N ALA F 323 46.41 -16.12 -8.34
CA ALA F 323 47.48 -16.29 -7.37
C ALA F 323 48.03 -14.94 -6.92
N LEU F 324 47.90 -14.64 -5.64
CA LEU F 324 48.26 -13.32 -5.11
C LEU F 324 48.77 -13.40 -3.68
N ARG F 325 50.00 -12.94 -3.46
CA ARG F 325 50.64 -13.00 -2.14
C ARG F 325 51.16 -11.63 -1.71
N ILE F 326 50.71 -11.16 -0.53
CA ILE F 326 51.17 -9.88 0.03
C ILE F 326 52.00 -10.08 1.30
N GLU F 327 53.05 -9.27 1.45
CA GLU F 327 53.89 -9.27 2.64
C GLU F 327 53.97 -7.84 3.15
N SER F 328 53.40 -7.61 4.33
CA SER F 328 53.22 -6.25 4.85
C SER F 328 54.10 -5.99 6.08
N HIS F 329 55.08 -5.10 5.91
CA HIS F 329 55.94 -4.68 7.00
C HIS F 329 55.49 -3.32 7.50
N ARG F 330 55.00 -3.28 8.73
CA ARG F 330 54.63 -2.02 9.36
C ARG F 330 55.77 -1.58 10.26
N LEU F 331 56.60 -0.68 9.74
CA LEU F 331 57.89 -0.33 10.33
C LEU F 331 57.84 0.87 11.27
N ARG F 332 58.46 0.72 12.43
CA ARG F 332 58.51 1.81 13.42
C ARG F 332 59.66 2.74 13.10
N THR F 333 59.34 4.03 13.00
CA THR F 333 60.33 5.07 12.72
C THR F 333 60.20 6.19 13.76
N ASN F 334 61.30 6.91 13.98
CA ASN F 334 61.30 8.05 14.90
C ASN F 334 60.70 9.34 14.30
N THR F 335 59.59 9.18 13.59
CA THR F 335 58.85 10.30 13.01
C THR F 335 57.43 10.34 13.58
N GLN F 336 56.63 11.28 13.08
CA GLN F 336 55.23 11.41 13.47
C GLN F 336 54.49 10.08 13.35
N SER F 337 53.62 9.81 14.32
CA SER F 337 52.85 8.59 14.31
C SER F 337 51.77 8.67 13.24
N ASN F 338 52.01 8.02 12.12
CA ASN F 338 51.11 8.06 10.97
C ASN F 338 49.74 7.45 11.27
N THR F 339 48.69 8.11 10.77
CA THR F 339 47.31 7.87 11.21
C THR F 339 46.33 7.62 10.04
N ALA F 340 45.04 7.58 10.37
CA ALA F 340 43.96 7.47 9.39
C ALA F 340 43.94 8.64 8.39
N PHE F 341 43.60 8.35 7.14
CA PHE F 341 43.44 9.36 6.09
C PHE F 341 42.55 8.79 4.98
N ARG F 342 41.55 9.57 4.57
CA ARG F 342 40.62 9.22 3.49
C ARG F 342 41.16 8.14 2.56
N GLY F 343 40.60 6.94 2.70
CA GLY F 343 41.09 5.77 1.98
C GLY F 343 41.65 4.73 2.93
N PHE F 344 42.19 5.19 4.06
CA PHE F 344 42.65 4.34 5.16
C PHE F 344 43.52 3.16 4.69
N GLY F 345 44.51 3.45 3.84
CA GLY F 345 45.42 2.43 3.34
C GLY F 345 44.98 1.79 2.04
N GLY F 346 43.71 1.96 1.70
CA GLY F 346 43.14 1.47 0.44
C GLY F 346 43.80 2.02 -0.82
N PRO F 347 43.99 3.35 -0.90
CA PRO F 347 44.65 3.94 -2.06
C PRO F 347 46.08 3.43 -2.25
N GLN F 348 46.79 3.21 -1.15
CA GLN F 348 48.15 2.71 -1.20
C GLN F 348 48.20 1.32 -1.80
N GLY F 349 47.37 0.43 -1.28
CA GLY F 349 47.30 -0.95 -1.77
C GLY F 349 46.86 -1.04 -3.22
N ALA F 350 45.94 -0.16 -3.61
CA ALA F 350 45.39 -0.14 -4.97
C ALA F 350 46.39 0.41 -5.98
N LEU F 351 47.09 1.47 -5.59
CA LEU F 351 48.13 2.09 -6.43
C LEU F 351 49.27 1.09 -6.69
N GLY F 352 49.47 0.17 -5.76
CA GLY F 352 50.42 -0.92 -5.93
C GLY F 352 50.04 -1.78 -7.12
N MET F 353 48.77 -2.14 -7.20
CA MET F 353 48.25 -2.97 -8.28
C MET F 353 48.23 -2.23 -9.62
N GLU F 354 47.91 -0.94 -9.57
CA GLU F 354 47.79 -0.11 -10.76
C GLU F 354 49.12 0.16 -11.46
N ARG F 355 50.19 0.35 -10.68
CA ARG F 355 51.55 0.48 -11.22
C ARG F 355 52.00 -0.84 -11.81
N ALA F 356 51.74 -1.92 -11.08
CA ALA F 356 52.06 -3.27 -11.53
C ALA F 356 51.43 -3.57 -12.88
N ILE F 357 50.11 -3.38 -12.97
CA ILE F 357 49.37 -3.64 -14.21
C ILE F 357 49.83 -2.69 -15.34
N GLU F 358 50.20 -1.47 -14.98
CA GLU F 358 50.70 -0.49 -15.94
C GLU F 358 52.06 -0.92 -16.50
N HIS F 359 52.96 -1.36 -15.61
CA HIS F 359 54.27 -1.86 -15.98
C HIS F 359 54.10 -3.07 -16.89
N LEU F 360 53.21 -3.97 -16.50
CA LEU F 360 52.93 -5.18 -17.23
C LEU F 360 52.41 -4.90 -18.64
N ALA F 361 51.54 -3.90 -18.77
CA ALA F 361 50.95 -3.54 -20.07
C ALA F 361 52.00 -3.02 -21.06
N ARG F 362 52.84 -2.09 -20.62
CA ARG F 362 53.94 -1.55 -21.42
C ARG F 362 54.95 -2.63 -21.76
N GLY F 363 55.20 -3.52 -20.80
CA GLY F 363 56.11 -4.66 -20.98
C GLY F 363 55.73 -5.57 -22.13
N MET F 364 54.43 -5.78 -22.31
CA MET F 364 53.91 -6.60 -23.40
C MET F 364 53.28 -5.76 -24.52
N GLY F 365 53.45 -4.45 -24.42
CA GLY F 365 53.08 -3.51 -25.48
C GLY F 365 51.62 -3.46 -25.87
N ARG F 366 50.74 -3.69 -24.90
CA ARG F 366 49.29 -3.59 -25.13
C ARG F 366 48.73 -2.40 -24.38
N ASP F 367 47.67 -1.80 -24.94
CA ASP F 367 46.98 -0.68 -24.32
C ASP F 367 46.50 -1.06 -22.91
N PRO F 368 47.04 -0.38 -21.88
CA PRO F 368 46.70 -0.66 -20.49
C PRO F 368 45.21 -0.72 -20.21
N ALA F 369 44.43 0.10 -20.94
CA ALA F 369 42.96 0.12 -20.81
C ALA F 369 42.34 -1.21 -21.20
N GLU F 370 42.96 -1.92 -22.14
CA GLU F 370 42.47 -3.23 -22.59
C GLU F 370 42.93 -4.34 -21.67
N LEU F 371 44.12 -4.21 -21.11
CA LEU F 371 44.62 -5.18 -20.13
C LEU F 371 43.81 -5.14 -18.84
N ARG F 372 43.38 -3.93 -18.46
CA ARG F 372 42.53 -3.73 -17.29
C ARG F 372 41.12 -4.28 -17.51
N ALA F 373 40.56 -3.99 -18.67
CA ALA F 373 39.21 -4.45 -19.05
C ALA F 373 39.15 -5.97 -19.02
N LEU F 374 40.19 -6.60 -19.58
CA LEU F 374 40.30 -8.05 -19.66
C LEU F 374 40.41 -8.71 -18.28
N ASN F 375 40.76 -7.92 -17.27
CA ASN F 375 41.09 -8.46 -15.95
C ASN F 375 40.21 -7.98 -14.79
N PHE F 376 39.11 -7.31 -15.11
CA PHE F 376 38.11 -6.96 -14.09
C PHE F 376 37.41 -8.21 -13.53
N TYR F 377 36.87 -8.10 -12.32
CA TYR F 377 35.98 -9.13 -11.79
C TYR F 377 34.75 -9.26 -12.69
N ASP F 378 34.19 -10.47 -12.78
CA ASP F 378 33.04 -10.74 -13.63
C ASP F 378 31.80 -9.98 -13.17
N PRO F 379 30.94 -9.56 -14.12
CA PRO F 379 29.65 -8.96 -13.76
C PRO F 379 28.73 -9.99 -13.10
N PRO F 380 27.77 -9.53 -12.26
CA PRO F 380 26.80 -10.44 -11.63
C PRO F 380 26.01 -11.25 -12.66
N GLU F 381 25.83 -12.54 -12.40
CA GLU F 381 25.21 -13.52 -13.34
C GLU F 381 25.98 -13.66 -14.66
N LYS F 398 26.94 -21.55 -11.35
CA LYS F 398 28.14 -22.26 -10.91
C LYS F 398 29.33 -21.33 -10.63
N LYS F 399 29.57 -21.07 -9.34
CA LYS F 399 30.80 -20.41 -8.84
C LYS F 399 30.96 -18.92 -9.17
N THR F 400 31.22 -18.13 -8.13
CA THR F 400 31.49 -16.70 -8.24
C THR F 400 32.90 -16.45 -7.71
N GLN F 401 33.67 -15.64 -8.44
CA GLN F 401 35.04 -15.30 -8.05
C GLN F 401 35.11 -14.74 -6.64
N THR F 402 36.22 -14.99 -5.96
CA THR F 402 36.50 -14.40 -4.66
C THR F 402 37.76 -13.55 -4.75
N THR F 403 37.87 -12.56 -3.86
CA THR F 403 39.11 -11.81 -3.68
C THR F 403 40.16 -12.73 -3.06
N HIS F 404 41.40 -12.24 -2.97
CA HIS F 404 42.48 -13.01 -2.35
C HIS F 404 42.22 -13.29 -0.86
N TYR F 405 41.38 -12.46 -0.23
CA TYR F 405 40.93 -12.73 1.15
C TYR F 405 39.66 -13.58 1.19
N GLY F 406 39.28 -14.13 0.03
CA GLY F 406 38.23 -15.13 -0.04
C GLY F 406 36.80 -14.63 0.07
N GLN F 407 36.58 -13.36 -0.27
CA GLN F 407 35.23 -12.81 -0.29
C GLN F 407 34.69 -12.73 -1.72
N GLU F 408 33.48 -13.26 -1.94
CA GLU F 408 32.85 -13.23 -3.25
C GLU F 408 32.59 -11.79 -3.70
N VAL F 409 32.81 -11.53 -4.98
CA VAL F 409 32.52 -10.23 -5.57
C VAL F 409 31.31 -10.35 -6.50
N ALA F 410 30.12 -10.16 -5.92
CA ALA F 410 28.87 -10.40 -6.62
C ALA F 410 28.17 -9.10 -7.04
N ASP F 411 28.88 -7.98 -6.94
CA ASP F 411 28.30 -6.67 -7.24
C ASP F 411 29.14 -5.84 -8.22
N CYS F 412 30.05 -6.50 -8.92
CA CYS F 412 31.03 -5.83 -9.78
C CYS F 412 30.45 -5.28 -11.10
N VAL F 413 30.24 -3.97 -11.12
CA VAL F 413 29.66 -3.27 -12.27
C VAL F 413 30.71 -2.65 -13.20
N LEU F 414 31.99 -2.78 -12.81
CA LEU F 414 33.11 -2.11 -13.50
C LEU F 414 33.20 -2.33 -15.01
N GLY F 415 32.90 -3.55 -15.44
CA GLY F 415 32.90 -3.88 -16.87
C GLY F 415 32.13 -2.87 -17.68
N GLU F 416 30.82 -2.79 -17.44
CA GLU F 416 29.93 -1.89 -18.17
C GLU F 416 30.20 -0.43 -17.85
N LEU F 417 30.52 -0.16 -16.58
CA LEU F 417 30.77 1.20 -16.10
C LEU F 417 31.93 1.85 -16.82
N VAL F 418 33.02 1.10 -17.01
CA VAL F 418 34.17 1.60 -17.74
C VAL F 418 33.79 1.88 -19.20
N THR F 419 33.12 0.92 -19.84
CA THR F 419 32.70 1.04 -21.25
C THR F 419 31.82 2.27 -21.47
N ARG F 420 31.02 2.61 -20.46
CA ARG F 420 30.15 3.78 -20.53
C ARG F 420 30.97 5.05 -20.39
N LEU F 421 31.95 5.03 -19.48
CA LEU F 421 32.80 6.20 -19.26
C LEU F 421 33.67 6.53 -20.46
N GLN F 422 34.29 5.49 -21.04
CA GLN F 422 35.21 5.65 -22.17
C GLN F 422 34.52 6.32 -23.35
N LYS F 423 33.34 5.81 -23.70
CA LYS F 423 32.59 6.31 -24.85
C LYS F 423 32.08 7.72 -24.62
N SER F 424 31.62 8.01 -23.40
CA SER F 424 31.13 9.35 -23.06
C SER F 424 32.27 10.35 -22.92
N ALA F 425 33.46 9.87 -22.56
CA ALA F 425 34.64 10.73 -22.40
C ALA F 425 35.37 10.92 -23.72
N ASN F 426 34.94 10.18 -24.75
CA ASN F 426 35.54 10.23 -26.09
C ASN F 426 36.96 9.65 -26.09
N PHE F 427 37.14 8.58 -25.32
CA PHE F 427 38.46 8.04 -24.98
C PHE F 427 39.35 7.69 -26.17
N THR F 428 38.81 6.92 -27.11
CA THR F 428 39.58 6.43 -28.27
C THR F 428 40.03 7.58 -29.18
N THR F 429 39.09 8.45 -29.52
CA THR F 429 39.36 9.60 -30.38
C THR F 429 40.39 10.53 -29.73
N ARG F 430 40.16 10.86 -28.46
CA ARG F 430 41.07 11.72 -27.70
C ARG F 430 42.47 11.14 -27.60
N ARG F 431 42.55 9.83 -27.35
CA ARG F 431 43.82 9.13 -27.21
C ARG F 431 44.64 9.14 -28.51
N ALA F 432 43.93 9.00 -29.64
CA ALA F 432 44.53 9.05 -30.96
C ALA F 432 45.01 10.46 -31.31
N GLU F 433 44.21 11.46 -30.93
CA GLU F 433 44.54 12.87 -31.13
C GLU F 433 45.83 13.25 -30.41
N ILE F 434 45.94 12.81 -29.16
CA ILE F 434 47.12 13.06 -28.32
C ILE F 434 48.40 12.53 -28.96
N ALA F 435 48.31 11.34 -29.56
CA ALA F 435 49.42 10.72 -30.26
C ALA F 435 49.96 11.64 -31.36
N ALA F 436 49.05 12.17 -32.18
CA ALA F 436 49.38 13.11 -33.24
C ALA F 436 49.95 14.41 -32.69
N TRP F 437 49.28 14.96 -31.67
CA TRP F 437 49.70 16.20 -31.02
C TRP F 437 51.11 16.09 -30.45
N ASN F 438 51.42 14.95 -29.84
CA ASN F 438 52.75 14.71 -29.26
C ASN F 438 53.89 14.76 -30.27
N SER F 439 53.69 14.14 -31.43
CA SER F 439 54.71 14.11 -32.47
C SER F 439 54.98 15.48 -33.10
N THR F 440 54.13 16.46 -32.79
CA THR F 440 54.33 17.84 -33.25
C THR F 440 55.18 18.62 -32.25
N ASN F 441 54.87 18.46 -30.97
CA ASN F 441 55.58 19.18 -29.91
C ASN F 441 56.81 18.43 -29.42
N ARG F 442 57.82 19.17 -28.97
CA ARG F 442 59.03 18.55 -28.44
C ARG F 442 59.39 19.08 -27.05
N THR F 443 58.75 20.17 -26.65
CA THR F 443 58.89 20.71 -25.31
C THR F 443 57.68 20.30 -24.48
N LEU F 444 56.56 20.01 -25.15
CA LEU F 444 55.33 19.61 -24.48
C LEU F 444 54.93 18.18 -24.81
N ALA F 445 54.25 17.53 -23.86
CA ALA F 445 53.80 16.16 -24.04
C ALA F 445 52.50 15.92 -23.28
N ARG F 446 51.52 15.34 -23.97
CA ARG F 446 50.22 15.06 -23.35
C ARG F 446 50.03 13.59 -23.02
N GLY F 447 49.40 13.34 -21.86
CA GLY F 447 49.11 11.99 -21.41
C GLY F 447 47.67 11.82 -20.97
N ILE F 448 47.09 10.68 -21.31
CA ILE F 448 45.73 10.31 -20.91
C ILE F 448 45.73 8.92 -20.28
N ALA F 449 44.94 8.75 -19.22
CA ALA F 449 44.84 7.45 -18.56
C ALA F 449 43.49 7.21 -17.87
N LEU F 450 43.15 5.94 -17.72
CA LEU F 450 41.94 5.51 -17.03
C LEU F 450 42.27 4.67 -15.81
N SER F 451 41.72 5.07 -14.66
CA SER F 451 41.87 4.31 -13.43
C SER F 451 40.50 3.78 -12.95
N PRO F 452 40.47 2.51 -12.50
CA PRO F 452 39.27 1.94 -11.88
C PRO F 452 39.34 1.89 -10.36
N VAL F 453 38.18 1.92 -9.71
CA VAL F 453 38.08 1.87 -8.26
C VAL F 453 37.20 0.71 -7.80
N LYS F 454 37.73 -0.08 -6.87
CA LYS F 454 36.96 -1.09 -6.17
C LYS F 454 37.27 -0.90 -4.70
N PHE F 455 36.34 -0.33 -3.95
CA PHE F 455 36.57 -0.04 -2.54
C PHE F 455 35.60 -0.78 -1.62
N GLY F 456 36.15 -1.54 -0.67
CA GLY F 456 35.34 -2.26 0.31
C GLY F 456 34.78 -1.34 1.40
N ILE F 457 33.51 -1.54 1.72
CA ILE F 457 32.83 -0.70 2.71
C ILE F 457 32.53 -1.48 3.99
N SER F 458 32.93 -0.90 5.13
CA SER F 458 32.78 -1.48 6.48
C SER F 458 34.08 -1.33 7.27
N PHE F 459 33.99 -1.27 8.59
CA PHE F 459 35.18 -1.40 9.44
C PHE F 459 35.67 -2.84 9.37
N THR F 460 36.98 -3.01 9.26
CA THR F 460 37.58 -4.35 9.30
C THR F 460 37.49 -4.91 10.72
N LEU F 461 37.64 -4.04 11.71
CA LEU F 461 37.33 -4.39 13.09
C LEU F 461 35.81 -4.48 13.21
N THR F 462 35.31 -5.70 13.05
CA THR F 462 33.89 -5.97 12.81
C THR F 462 32.92 -5.36 13.84
N HIS F 463 33.24 -5.49 15.12
CA HIS F 463 32.33 -5.02 16.18
C HIS F 463 32.11 -3.50 16.20
N LEU F 464 32.91 -2.75 15.43
CA LEU F 464 32.72 -1.31 15.30
C LEU F 464 31.60 -0.95 14.30
N ASN F 465 31.11 -1.96 13.58
CA ASN F 465 30.04 -1.76 12.61
C ASN F 465 28.66 -1.64 13.29
N GLN F 466 28.56 -0.66 14.18
CA GLN F 466 27.31 -0.34 14.88
C GLN F 466 27.06 1.17 14.92
N ALA F 467 25.80 1.56 15.08
CA ALA F 467 25.40 2.97 15.15
C ALA F 467 24.09 3.16 15.93
N GLY F 468 23.87 4.37 16.43
CA GLY F 468 22.67 4.66 17.20
C GLY F 468 22.10 6.05 16.96
N ALA F 469 20.80 6.21 17.23
CA ALA F 469 20.11 7.48 17.05
C ALA F 469 19.05 7.72 18.12
N LEU F 470 18.70 9.00 18.33
CA LEU F 470 17.70 9.41 19.31
C LEU F 470 16.78 10.49 18.69
N VAL F 471 15.49 10.18 18.58
CA VAL F 471 14.56 11.08 17.87
C VAL F 471 13.41 11.59 18.75
N GLN F 472 13.25 12.91 18.78
CA GLN F 472 12.23 13.58 19.59
C GLN F 472 11.24 14.31 18.70
N ILE F 473 9.95 14.10 18.95
CA ILE F 473 8.91 14.88 18.29
C ILE F 473 8.18 15.73 19.32
N TYR F 474 8.29 17.05 19.17
CA TYR F 474 7.64 17.98 20.09
C TYR F 474 6.18 18.20 19.71
N THR F 475 5.37 18.64 20.69
CA THR F 475 3.91 18.68 20.55
C THR F 475 3.41 19.51 19.39
N ASP F 476 4.24 20.42 18.90
CA ASP F 476 3.87 21.25 17.76
C ASP F 476 4.13 20.56 16.41
N GLY F 477 4.76 19.40 16.44
CA GLY F 477 5.00 18.62 15.23
C GLY F 477 6.41 18.69 14.70
N SER F 478 7.21 19.61 15.24
CA SER F 478 8.62 19.73 14.87
C SER F 478 9.41 18.60 15.51
N VAL F 479 10.46 18.16 14.81
CA VAL F 479 11.24 16.99 15.22
C VAL F 479 12.69 17.39 15.44
N ALA F 480 13.29 16.84 16.50
CA ALA F 480 14.72 16.99 16.76
C ALA F 480 15.43 15.65 16.55
N LEU F 481 16.49 15.68 15.76
CA LEU F 481 17.22 14.46 15.38
C LEU F 481 18.64 14.43 15.93
N ASN F 482 18.98 13.33 16.60
CA ASN F 482 20.34 13.11 17.11
C ASN F 482 20.83 11.71 16.77
N HIS F 483 22.02 11.62 16.21
CA HIS F 483 22.62 10.33 15.84
C HIS F 483 24.12 10.30 16.15
N GLY F 484 24.72 9.12 16.02
CA GLY F 484 26.10 8.90 16.41
C GLY F 484 27.16 9.59 15.56
N GLY F 485 26.82 9.85 14.30
CA GLY F 485 27.77 10.39 13.34
C GLY F 485 28.14 11.84 13.59
N THR F 486 29.37 12.19 13.20
CA THR F 486 29.86 13.56 13.34
C THR F 486 29.94 14.25 11.97
N GLU F 487 29.57 15.52 11.93
CA GLU F 487 29.63 16.29 10.70
C GLU F 487 31.00 16.96 10.53
N MET F 488 31.70 16.58 9.47
CA MET F 488 32.99 17.18 9.14
C MET F 488 32.96 17.81 7.75
N GLY F 489 31.78 17.80 7.12
CA GLY F 489 31.60 18.41 5.80
C GLY F 489 31.00 17.50 4.75
N GLN F 490 30.99 16.20 5.03
CA GLN F 490 30.55 15.20 4.05
C GLN F 490 29.05 15.26 3.77
N GLY F 491 28.36 16.13 4.49
CA GLY F 491 26.91 16.31 4.34
C GLY F 491 26.13 15.20 5.03
N LEU F 492 26.68 14.70 6.14
CA LEU F 492 26.06 13.60 6.89
C LEU F 492 24.72 14.02 7.48
N HIS F 493 24.70 15.18 8.13
CA HIS F 493 23.49 15.68 8.78
C HIS F 493 22.37 15.94 7.79
N ALA F 494 22.72 16.40 6.60
CA ALA F 494 21.75 16.63 5.53
C ALA F 494 21.07 15.32 5.15
N LYS F 495 21.88 14.29 4.91
CA LYS F 495 21.37 12.95 4.56
C LYS F 495 20.53 12.34 5.68
N MET F 496 20.98 12.50 6.92
CA MET F 496 20.24 11.99 8.08
C MET F 496 18.88 12.67 8.25
N VAL F 497 18.84 13.99 8.03
CA VAL F 497 17.60 14.74 8.06
C VAL F 497 16.67 14.20 6.97
N GLN F 498 17.21 14.03 5.77
CA GLN F 498 16.44 13.53 4.63
C GLN F 498 15.82 12.16 4.89
N VAL F 499 16.60 11.25 5.50
CA VAL F 499 16.11 9.92 5.85
C VAL F 499 14.96 10.01 6.87
N ALA F 500 15.18 10.82 7.91
CA ALA F 500 14.17 11.06 8.96
C ALA F 500 12.86 11.59 8.38
N ALA F 501 12.97 12.67 7.61
CA ALA F 501 11.82 13.31 6.96
C ALA F 501 11.05 12.33 6.09
N ALA F 502 11.79 11.60 5.25
CA ALA F 502 11.20 10.60 4.37
C ALA F 502 10.45 9.51 5.16
N VAL F 503 11.11 8.96 6.18
CA VAL F 503 10.52 7.88 6.99
C VAL F 503 9.30 8.34 7.80
N LEU F 504 9.34 9.58 8.29
CA LEU F 504 8.22 10.14 9.04
C LEU F 504 7.12 10.69 8.12
N GLY F 505 7.45 10.89 6.85
CA GLY F 505 6.50 11.40 5.87
C GLY F 505 6.25 12.89 6.02
N ILE F 506 7.30 13.61 6.42
CA ILE F 506 7.22 15.05 6.67
C ILE F 506 8.22 15.87 5.85
N ASP F 507 8.07 17.18 5.87
CA ASP F 507 9.00 18.09 5.20
C ASP F 507 10.30 18.16 6.02
N PRO F 508 11.47 18.03 5.36
CA PRO F 508 12.78 18.11 6.03
C PRO F 508 13.04 19.42 6.80
N VAL F 509 12.18 20.41 6.59
CA VAL F 509 12.23 21.65 7.37
C VAL F 509 11.84 21.33 8.81
N GLN F 510 10.89 20.41 8.96
CA GLN F 510 10.39 19.99 10.26
C GLN F 510 11.39 19.21 11.11
N VAL F 511 12.49 18.78 10.50
CA VAL F 511 13.51 18.02 11.22
C VAL F 511 14.74 18.91 11.52
N ARG F 512 15.10 19.00 12.80
CA ARG F 512 16.27 19.76 13.23
C ARG F 512 17.39 18.84 13.68
N ILE F 513 18.60 19.09 13.18
CA ILE F 513 19.78 18.35 13.63
C ILE F 513 20.37 18.95 14.90
N THR F 514 20.56 18.09 15.90
CA THR F 514 21.21 18.47 17.13
C THR F 514 22.64 17.93 17.10
N ALA F 515 23.54 18.62 17.80
CA ALA F 515 24.96 18.25 17.80
C ALA F 515 25.20 16.86 18.38
N THR F 516 26.27 16.20 17.91
CA THR F 516 26.64 14.88 18.40
C THR F 516 26.97 14.98 19.88
N ASP F 517 26.37 14.10 20.67
CA ASP F 517 26.49 14.16 22.11
C ASP F 517 26.64 12.74 22.63
N THR F 518 27.60 12.54 23.53
CA THR F 518 27.84 11.22 24.09
C THR F 518 26.80 10.82 25.13
N SER F 519 26.10 11.81 25.69
CA SER F 519 25.06 11.56 26.68
C SER F 519 23.67 11.36 26.04
N LYS F 520 23.62 11.45 24.71
CA LYS F 520 22.41 11.20 23.93
C LYS F 520 22.48 9.85 23.22
N VAL F 521 23.58 9.64 22.48
CA VAL F 521 23.85 8.35 21.85
C VAL F 521 25.21 7.84 22.34
N PRO F 522 25.20 6.73 23.11
CA PRO F 522 26.41 6.21 23.74
C PRO F 522 27.18 5.20 22.90
N ASN F 523 28.46 5.04 23.19
CA ASN F 523 29.28 3.94 22.67
C ASN F 523 29.44 3.94 21.15
N THR F 524 29.37 5.13 20.54
CA THR F 524 29.49 5.28 19.08
C THR F 524 30.91 4.98 18.58
N SER F 525 30.99 4.45 17.37
CA SER F 525 32.29 4.23 16.71
C SER F 525 32.71 5.50 15.99
N ALA F 526 33.98 5.58 15.59
CA ALA F 526 34.49 6.72 14.85
C ALA F 526 33.76 6.91 13.52
N THR F 527 33.50 8.16 13.14
CA THR F 527 32.91 8.44 11.83
C THR F 527 33.99 8.25 10.77
N ALA F 528 34.05 7.01 10.28
CA ALA F 528 35.07 6.58 9.33
C ALA F 528 34.53 5.41 8.49
N ALA F 529 35.40 4.82 7.66
CA ALA F 529 35.03 3.71 6.78
C ALA F 529 33.85 4.02 5.85
N SER F 530 33.66 5.32 5.58
CA SER F 530 32.55 5.84 4.78
C SER F 530 31.16 5.37 5.27
N SER F 531 31.15 4.77 6.45
CA SER F 531 29.95 4.12 7.00
C SER F 531 29.09 5.06 7.86
N GLY F 532 29.43 6.35 7.86
CA GLY F 532 28.68 7.36 8.63
C GLY F 532 27.21 7.45 8.28
N ALA F 533 26.93 7.67 7.00
CA ALA F 533 25.56 7.72 6.50
C ALA F 533 24.96 6.33 6.45
N ASP F 534 25.75 5.36 5.98
CA ASP F 534 25.35 3.96 5.90
C ASP F 534 24.67 3.49 7.18
N MET F 535 25.37 3.60 8.30
CA MET F 535 24.94 3.00 9.57
C MET F 535 23.99 3.86 10.38
N ASN F 536 24.27 5.15 10.46
CA ASN F 536 23.40 6.08 11.17
C ASN F 536 22.09 6.29 10.42
N GLY F 537 22.13 6.19 9.09
CA GLY F 537 20.92 6.23 8.27
C GLY F 537 19.95 5.14 8.68
N MET F 538 20.48 3.94 8.88
CA MET F 538 19.71 2.78 9.34
C MET F 538 19.24 2.94 10.78
N ALA F 539 20.08 3.57 11.61
CA ALA F 539 19.75 3.84 13.00
C ALA F 539 18.61 4.86 13.10
N VAL F 540 18.72 5.94 12.33
CA VAL F 540 17.69 6.98 12.27
C VAL F 540 16.36 6.41 11.77
N LYS F 541 16.42 5.65 10.68
CA LYS F 541 15.24 4.98 10.14
C LYS F 541 14.59 4.07 11.19
N ASP F 542 15.42 3.41 12.00
CA ASP F 542 14.94 2.53 13.07
C ASP F 542 14.10 3.28 14.10
N ALA F 543 14.63 4.40 14.59
CA ALA F 543 13.93 5.23 15.57
C ALA F 543 12.67 5.86 14.99
N CYS F 544 12.75 6.29 13.72
CA CYS F 544 11.63 6.93 13.04
C CYS F 544 10.45 5.99 12.81
N GLU F 545 10.74 4.76 12.37
CA GLU F 545 9.72 3.75 12.16
C GLU F 545 9.02 3.40 13.47
N THR F 546 9.78 3.34 14.56
CA THR F 546 9.22 3.12 15.90
C THR F 546 8.21 4.21 16.22
N LEU F 547 8.61 5.45 15.96
CA LEU F 547 7.74 6.59 16.17
C LEU F 547 6.52 6.57 15.24
N ARG F 548 6.76 6.37 13.94
CA ARG F 548 5.66 6.26 12.98
C ARG F 548 4.71 5.13 13.38
N GLY F 549 5.29 4.03 13.85
CA GLY F 549 4.53 2.87 14.31
C GLY F 549 3.65 3.15 15.51
N ARG F 550 4.15 3.98 16.44
CA ARG F 550 3.36 4.43 17.59
C ARG F 550 2.21 5.33 17.15
N LEU F 551 2.53 6.29 16.27
CA LEU F 551 1.52 7.22 15.74
C LEU F 551 0.43 6.50 14.95
N ALA F 552 0.84 5.63 14.04
CA ALA F 552 -0.11 4.86 13.21
C ALA F 552 -1.03 3.99 14.06
N GLY F 553 -0.45 3.29 15.04
CA GLY F 553 -1.20 2.46 15.98
C GLY F 553 -2.23 3.25 16.77
N PHE F 554 -1.84 4.45 17.20
CA PHE F 554 -2.75 5.38 17.86
C PHE F 554 -3.92 5.77 16.95
N VAL F 555 -3.60 6.18 15.72
CA VAL F 555 -4.60 6.57 14.74
C VAL F 555 -5.52 5.39 14.40
N ALA F 556 -4.92 4.22 14.18
CA ALA F 556 -5.67 3.01 13.86
C ALA F 556 -6.69 2.64 14.94
N ALA F 557 -6.29 2.77 16.21
CA ALA F 557 -7.17 2.53 17.34
C ALA F 557 -8.26 3.59 17.40
N ARG F 558 -7.85 4.85 17.37
CA ARG F 558 -8.74 6.00 17.46
C ARG F 558 -9.72 6.11 16.28
N GLU F 559 -9.37 5.46 15.16
CA GLU F 559 -10.23 5.44 13.98
C GLU F 559 -10.67 4.02 13.62
N GLY F 560 -10.52 3.10 14.58
CA GLY F 560 -11.01 1.72 14.48
C GLY F 560 -10.71 0.98 13.18
N CYS F 561 -9.43 0.67 12.96
CA CYS F 561 -8.99 -0.10 11.77
C CYS F 561 -7.53 -0.55 11.89
N ALA F 562 -7.01 -1.15 10.82
CA ALA F 562 -5.64 -1.66 10.78
C ALA F 562 -4.59 -0.55 10.84
N ALA F 563 -3.45 -0.86 11.47
CA ALA F 563 -2.38 0.11 11.64
C ALA F 563 -1.65 0.44 10.34
N ARG F 564 -1.47 -0.58 9.49
CA ARG F 564 -0.75 -0.42 8.23
C ARG F 564 -1.52 0.38 7.18
N ASP F 565 -2.77 0.70 7.48
CA ASP F 565 -3.63 1.50 6.59
C ASP F 565 -3.55 2.99 6.86
N VAL F 566 -2.74 3.38 7.84
CA VAL F 566 -2.49 4.79 8.13
C VAL F 566 -1.30 5.26 7.30
N ILE F 567 -1.54 6.24 6.44
CA ILE F 567 -0.51 6.73 5.53
C ILE F 567 0.06 8.06 6.05
N PHE F 568 1.39 8.14 6.04
CA PHE F 568 2.11 9.37 6.38
C PHE F 568 2.81 9.85 5.13
N ASP F 569 2.40 11.01 4.61
CA ASP F 569 3.02 11.59 3.41
C ASP F 569 2.81 13.08 3.29
N ALA F 570 3.90 13.80 3.03
CA ALA F 570 3.87 15.25 2.80
C ALA F 570 3.24 16.04 3.96
N GLY F 571 3.54 15.63 5.18
CA GLY F 571 3.01 16.28 6.38
C GLY F 571 1.53 16.04 6.62
N GLN F 572 0.96 15.10 5.86
CA GLN F 572 -0.44 14.71 6.01
C GLN F 572 -0.51 13.30 6.61
N VAL F 573 -1.44 13.10 7.53
CA VAL F 573 -1.72 11.76 8.06
C VAL F 573 -3.10 11.38 7.57
N GLN F 574 -3.20 10.20 6.95
CA GLN F 574 -4.46 9.79 6.34
C GLN F 574 -4.86 8.37 6.76
N ALA F 575 -6.14 8.22 7.12
CA ALA F 575 -6.74 6.93 7.47
C ALA F 575 -8.26 7.05 7.48
N SER F 576 -8.95 5.95 7.15
CA SER F 576 -10.42 5.88 7.14
C SER F 576 -11.11 6.88 6.21
N GLY F 577 -10.42 7.28 5.14
CA GLY F 577 -10.92 8.32 4.23
C GLY F 577 -11.03 9.68 4.90
N LYS F 578 -10.09 9.98 5.79
CA LYS F 578 -10.04 11.22 6.54
C LYS F 578 -8.58 11.63 6.64
N SER F 579 -8.29 12.92 6.46
CA SER F 579 -6.92 13.40 6.57
C SER F 579 -6.73 14.45 7.66
N TRP F 580 -5.51 14.53 8.15
CA TRP F 580 -5.10 15.49 9.17
C TRP F 580 -3.73 16.01 8.80
N ARG F 581 -3.28 17.07 9.48
CA ARG F 581 -1.89 17.47 9.39
C ARG F 581 -1.08 16.68 10.43
N PHE F 582 0.21 16.50 10.16
CA PHE F 582 1.08 15.71 11.02
C PHE F 582 1.05 16.24 12.44
N ALA F 583 1.22 17.56 12.58
CA ALA F 583 1.15 18.24 13.86
C ALA F 583 -0.13 17.91 14.63
N GLU F 584 -1.26 17.85 13.92
CA GLU F 584 -2.55 17.53 14.53
C GLU F 584 -2.56 16.15 15.17
N ILE F 585 -1.95 15.18 14.48
CA ILE F 585 -1.89 13.81 14.97
C ILE F 585 -0.91 13.70 16.13
N VAL F 586 0.21 14.41 16.03
CA VAL F 586 1.21 14.43 17.10
C VAL F 586 0.59 15.01 18.37
N ALA F 587 -0.10 16.14 18.22
CA ALA F 587 -0.74 16.83 19.34
C ALA F 587 -1.80 15.95 20.00
N ALA F 588 -2.59 15.26 19.18
CA ALA F 588 -3.61 14.33 19.65
C ALA F 588 -3.00 13.12 20.36
N ALA F 589 -1.87 12.64 19.84
CA ALA F 589 -1.14 11.52 20.44
C ALA F 589 -0.58 11.88 21.81
N TYR F 590 -0.10 13.12 21.96
CA TYR F 590 0.39 13.62 23.24
C TYR F 590 -0.71 13.57 24.30
N MET F 591 -1.92 13.94 23.89
CA MET F 591 -3.11 13.92 24.76
C MET F 591 -3.47 12.50 25.17
N ALA F 592 -3.34 11.57 24.23
CA ALA F 592 -3.61 10.15 24.48
C ALA F 592 -2.47 9.49 25.25
N ARG F 593 -1.45 10.28 25.58
CA ARG F 593 -0.27 9.85 26.33
C ARG F 593 0.53 8.75 25.63
N ILE F 594 0.96 9.05 24.40
CA ILE F 594 1.85 8.19 23.63
C ILE F 594 3.24 8.83 23.68
N SER F 595 4.27 8.01 23.90
CA SER F 595 5.64 8.49 23.92
C SER F 595 6.10 8.93 22.54
N LEU F 596 6.65 10.14 22.46
CA LEU F 596 7.18 10.68 21.20
C LEU F 596 8.72 10.75 21.20
N SER F 597 9.32 9.90 22.03
CA SER F 597 10.76 9.77 22.15
C SER F 597 11.13 8.31 21.85
N ALA F 598 12.15 8.11 21.03
CA ALA F 598 12.58 6.78 20.62
C ALA F 598 14.05 6.74 20.23
N THR F 599 14.70 5.62 20.55
CA THR F 599 16.08 5.39 20.16
C THR F 599 16.14 4.42 18.99
N GLY F 600 17.20 4.52 18.20
CA GLY F 600 17.40 3.64 17.06
C GLY F 600 18.80 3.04 17.05
N PHE F 601 18.93 1.83 16.54
CA PHE F 601 20.21 1.15 16.50
C PHE F 601 20.33 0.29 15.26
N TYR F 602 21.54 0.24 14.70
CA TYR F 602 21.85 -0.64 13.58
C TYR F 602 23.23 -1.27 13.73
N ALA F 603 23.31 -2.56 13.38
CA ALA F 603 24.60 -3.27 13.31
C ALA F 603 24.71 -4.01 11.98
N THR F 604 25.75 -3.71 11.22
CA THR F 604 25.92 -4.26 9.87
C THR F 604 26.05 -5.78 9.88
N PRO F 605 25.12 -6.48 9.18
CA PRO F 605 25.13 -7.94 9.13
C PRO F 605 26.13 -8.50 8.12
N LYS F 606 26.30 -9.83 8.14
CA LYS F 606 27.12 -10.57 7.17
C LYS F 606 28.65 -10.50 7.36
N LEU F 607 29.11 -9.53 8.16
CA LEU F 607 30.55 -9.30 8.33
C LEU F 607 31.19 -10.29 9.28
N SER F 608 32.22 -10.98 8.80
CA SER F 608 32.97 -11.95 9.61
C SER F 608 34.25 -12.33 8.89
N TRP F 609 35.41 -12.05 9.50
CA TRP F 609 36.68 -12.42 8.89
C TRP F 609 37.83 -12.59 9.88
N ASP F 610 38.73 -13.51 9.58
CA ASP F 610 39.94 -13.72 10.37
C ASP F 610 41.07 -12.86 9.83
N ARG F 611 41.37 -11.80 10.57
CA ARG F 611 42.47 -10.88 10.25
C ARG F 611 43.80 -11.60 10.02
N LEU F 612 44.11 -12.55 10.90
CA LEU F 612 45.40 -13.25 10.88
C LEU F 612 45.57 -14.11 9.63
N ARG F 613 44.60 -14.99 9.38
CA ARG F 613 44.65 -15.88 8.22
C ARG F 613 44.39 -15.14 6.90
N GLY F 614 43.70 -14.00 6.98
CA GLY F 614 43.35 -13.23 5.79
C GLY F 614 42.24 -13.93 5.03
N GLN F 615 41.20 -14.32 5.76
CA GLN F 615 40.05 -15.05 5.21
C GLN F 615 38.73 -14.55 5.78
N GLY F 616 37.70 -14.50 4.94
CA GLY F 616 36.36 -14.12 5.37
C GLY F 616 35.74 -13.00 4.57
N ARG F 617 34.68 -12.41 5.11
CA ARG F 617 34.01 -11.27 4.52
C ARG F 617 34.14 -10.08 5.47
N PRO F 618 35.17 -9.24 5.25
CA PRO F 618 35.29 -8.01 6.03
C PRO F 618 34.28 -6.93 5.60
N PHE F 619 33.85 -6.99 4.34
CA PHE F 619 33.02 -5.92 3.77
C PHE F 619 31.59 -6.33 3.43
N LEU F 620 30.66 -5.39 3.59
CA LEU F 620 29.27 -5.62 3.21
C LEU F 620 29.12 -5.57 1.70
N TYR F 621 29.79 -4.61 1.07
CA TYR F 621 29.74 -4.42 -0.39
C TYR F 621 30.95 -3.63 -0.87
N PHE F 622 31.04 -3.47 -2.19
CA PHE F 622 32.10 -2.69 -2.82
C PHE F 622 31.55 -1.51 -3.60
N ALA F 623 32.11 -0.33 -3.36
CA ALA F 623 31.80 0.85 -4.17
C ALA F 623 32.70 0.85 -5.39
N TYR F 624 32.14 1.22 -6.54
CA TYR F 624 32.89 1.23 -7.80
C TYR F 624 32.94 2.62 -8.43
N GLY F 625 33.82 2.77 -9.42
CA GLY F 625 34.00 4.03 -10.10
C GLY F 625 35.21 3.98 -11.02
N ALA F 626 35.28 4.95 -11.93
CA ALA F 626 36.38 5.05 -12.85
C ALA F 626 36.61 6.50 -13.23
N ALA F 627 37.87 6.85 -13.52
CA ALA F 627 38.23 8.22 -13.90
C ALA F 627 39.18 8.25 -15.09
N ILE F 628 38.89 9.11 -16.05
CA ILE F 628 39.80 9.37 -17.16
C ILE F 628 40.36 10.78 -17.00
N THR F 629 41.69 10.86 -16.87
CA THR F 629 42.37 12.14 -16.70
C THR F 629 43.31 12.42 -17.87
N GLU F 630 43.36 13.69 -18.28
CA GLU F 630 44.28 14.15 -19.30
C GLU F 630 45.18 15.27 -18.77
N VAL F 631 46.47 15.20 -19.07
CA VAL F 631 47.48 16.13 -18.55
C VAL F 631 48.47 16.62 -19.62
N VAL F 632 49.20 17.68 -19.28
CA VAL F 632 50.34 18.17 -20.08
C VAL F 632 51.56 18.24 -19.19
N ILE F 633 52.74 17.96 -19.76
CA ILE F 633 54.00 18.13 -19.03
C ILE F 633 54.99 18.97 -19.82
N ASP F 634 55.77 19.77 -19.10
CA ASP F 634 56.83 20.59 -19.69
C ASP F 634 58.10 19.74 -19.68
N ARG F 635 58.53 19.32 -20.85
CA ARG F 635 59.64 18.39 -20.97
C ARG F 635 60.99 18.93 -20.48
N LEU F 636 61.08 20.24 -20.30
CA LEU F 636 62.31 20.87 -19.83
C LEU F 636 62.40 20.97 -18.30
N THR F 637 61.35 21.50 -17.68
CA THR F 637 61.37 21.76 -16.23
C THR F 637 60.64 20.67 -15.43
N GLY F 638 59.61 20.09 -16.03
CA GLY F 638 58.80 19.06 -15.38
C GLY F 638 57.44 19.56 -14.93
N GLU F 639 57.21 20.87 -15.09
CA GLU F 639 55.92 21.49 -14.78
C GLU F 639 54.77 20.79 -15.50
N ASN F 640 53.60 20.73 -14.86
CA ASN F 640 52.46 19.99 -15.40
C ASN F 640 51.13 20.49 -14.89
N ARG F 641 50.04 20.19 -15.60
CA ARG F 641 48.69 20.40 -15.07
C ARG F 641 47.60 19.54 -15.72
N ILE F 642 46.57 19.24 -14.92
CA ILE F 642 45.44 18.40 -15.34
C ILE F 642 44.48 19.20 -16.20
N LEU F 643 44.35 18.80 -17.46
CA LEU F 643 43.55 19.53 -18.44
C LEU F 643 42.06 19.20 -18.34
N ARG F 644 41.76 17.93 -18.12
CA ARG F 644 40.38 17.45 -18.12
C ARG F 644 40.24 16.11 -17.39
N THR F 645 39.14 15.97 -16.67
CA THR F 645 38.81 14.73 -15.97
C THR F 645 37.35 14.31 -16.25
N ASP F 646 37.17 13.02 -16.51
CA ASP F 646 35.85 12.43 -16.65
C ASP F 646 35.67 11.30 -15.64
N ILE F 647 34.71 11.47 -14.73
CA ILE F 647 34.45 10.50 -13.67
C ILE F 647 33.04 9.90 -13.78
N LEU F 648 32.98 8.58 -13.80
CA LEU F 648 31.72 7.88 -13.62
C LEU F 648 31.84 7.04 -12.35
N HIS F 649 31.26 7.54 -11.26
CA HIS F 649 31.40 6.90 -9.96
C HIS F 649 30.06 6.34 -9.48
N ASP F 650 30.12 5.21 -8.77
CA ASP F 650 28.93 4.56 -8.25
C ASP F 650 28.67 4.92 -6.78
N ALA F 651 27.53 5.55 -6.53
CA ALA F 651 27.06 5.82 -5.17
C ALA F 651 25.73 5.10 -4.93
N GLY F 652 25.59 3.94 -5.58
CA GLY F 652 24.36 3.15 -5.52
C GLY F 652 23.16 3.95 -5.95
N ALA F 653 22.10 3.88 -5.16
CA ALA F 653 20.95 4.77 -5.31
C ALA F 653 21.11 5.91 -4.31
N SER F 654 21.76 6.97 -4.77
CA SER F 654 22.20 8.09 -3.92
C SER F 654 21.11 8.67 -3.01
N LEU F 655 21.49 8.91 -1.74
CA LEU F 655 20.63 9.62 -0.78
C LEU F 655 20.49 11.10 -1.15
N ASN F 656 21.58 11.68 -1.65
CA ASN F 656 21.59 13.08 -2.08
C ASN F 656 22.63 13.27 -3.19
N PRO F 657 22.17 13.21 -4.45
CA PRO F 657 23.04 13.31 -5.63
C PRO F 657 23.95 14.53 -5.61
N ALA F 658 23.41 15.68 -5.20
CA ALA F 658 24.17 16.93 -5.14
C ALA F 658 25.39 16.79 -4.23
N LEU F 659 25.16 16.25 -3.03
CA LEU F 659 26.21 16.07 -2.03
C LEU F 659 27.25 15.04 -2.48
N ASP F 660 26.77 13.93 -3.05
CA ASP F 660 27.63 12.85 -3.53
C ASP F 660 28.53 13.28 -4.68
N ILE F 661 28.01 14.15 -5.55
CA ILE F 661 28.81 14.73 -6.64
C ILE F 661 29.90 15.62 -6.06
N GLY F 662 29.53 16.46 -5.09
CA GLY F 662 30.50 17.32 -4.40
C GLY F 662 31.60 16.52 -3.70
N GLN F 663 31.21 15.39 -3.10
CA GLN F 663 32.14 14.44 -2.50
C GLN F 663 33.14 13.92 -3.52
N ILE F 664 32.63 13.33 -4.60
CA ILE F 664 33.45 12.80 -5.69
C ILE F 664 34.42 13.85 -6.22
N GLU F 665 33.88 15.01 -6.61
CA GLU F 665 34.69 16.15 -7.05
C GLU F 665 35.89 16.37 -6.13
N GLY F 666 35.60 16.58 -4.85
CA GLY F 666 36.62 16.93 -3.87
C GLY F 666 37.61 15.81 -3.58
N ALA F 667 37.09 14.59 -3.49
CA ALA F 667 37.92 13.42 -3.22
C ALA F 667 38.90 13.18 -4.37
N TYR F 668 38.46 13.47 -5.59
CA TYR F 668 39.35 13.39 -6.75
C TYR F 668 40.48 14.41 -6.63
N VAL F 669 40.11 15.67 -6.40
CA VAL F 669 41.07 16.77 -6.29
C VAL F 669 42.06 16.53 -5.14
N GLN F 670 41.56 15.96 -4.04
CA GLN F 670 42.41 15.58 -2.91
C GLN F 670 43.26 14.35 -3.23
N GLY F 671 42.69 13.43 -4.02
CA GLY F 671 43.39 12.21 -4.44
C GLY F 671 44.55 12.47 -5.36
N ALA F 672 44.31 13.28 -6.40
CA ALA F 672 45.33 13.66 -7.36
C ALA F 672 46.41 14.52 -6.71
N GLY F 673 45.99 15.44 -5.85
CA GLY F 673 46.91 16.31 -5.10
C GLY F 673 47.93 15.51 -4.32
N TRP F 674 47.47 14.43 -3.69
CA TRP F 674 48.32 13.47 -2.98
C TRP F 674 49.45 12.96 -3.87
N LEU F 675 49.13 12.69 -5.14
CA LEU F 675 50.10 12.07 -6.06
C LEU F 675 50.79 13.07 -6.98
N THR F 676 50.69 14.36 -6.67
CA THR F 676 51.29 15.39 -7.53
C THR F 676 52.14 16.43 -6.79
N THR F 677 51.51 17.38 -6.10
CA THR F 677 52.27 18.49 -5.49
C THR F 677 52.48 18.37 -3.98
N GLU F 678 51.67 17.54 -3.33
CA GLU F 678 51.77 17.33 -1.90
C GLU F 678 52.97 16.43 -1.54
N GLU F 679 54.02 17.05 -0.99
CA GLU F 679 55.25 16.35 -0.65
C GLU F 679 55.75 16.63 0.76
N LEU F 680 55.89 15.57 1.55
CA LEU F 680 56.40 15.67 2.91
C LEU F 680 57.91 15.49 2.94
N VAL F 681 58.61 16.46 3.50
CA VAL F 681 60.06 16.39 3.62
C VAL F 681 60.49 16.46 5.10
N TRP F 682 61.36 15.52 5.50
CA TRP F 682 62.11 15.65 6.74
C TRP F 682 63.56 15.96 6.38
N ASP F 683 64.31 16.51 7.33
CA ASP F 683 65.74 16.70 7.12
C ASP F 683 66.54 15.56 7.76
N HIS F 684 67.84 15.75 7.90
CA HIS F 684 68.75 14.69 8.34
C HIS F 684 68.53 14.21 9.76
N CYS F 685 67.82 15.01 10.55
CA CYS F 685 67.58 14.69 11.96
C CYS F 685 66.09 14.59 12.32
N GLY F 686 65.26 14.29 11.33
CA GLY F 686 63.86 14.00 11.55
C GLY F 686 62.96 15.19 11.80
N ARG F 687 63.47 16.39 11.53
CA ARG F 687 62.65 17.61 11.63
C ARG F 687 61.88 17.79 10.34
N LEU F 688 60.56 17.91 10.47
CA LEU F 688 59.69 18.10 9.32
C LEU F 688 59.93 19.48 8.68
N MET F 689 60.54 19.47 7.51
CA MET F 689 60.84 20.71 6.78
C MET F 689 59.58 21.35 6.18
N THR F 690 58.65 20.52 5.72
CA THR F 690 57.35 20.97 5.22
C THR F 690 56.32 20.90 6.33
N HIS F 691 56.13 22.02 7.04
CA HIS F 691 55.26 22.06 8.21
C HIS F 691 54.31 23.27 8.20
N ALA F 692 54.09 23.83 7.02
CA ALA F 692 53.22 24.99 6.83
C ALA F 692 52.67 24.98 5.40
N PRO F 693 51.63 25.79 5.12
CA PRO F 693 51.15 25.84 3.74
C PRO F 693 52.10 26.61 2.83
N SER F 694 53.18 27.12 3.41
CA SER F 694 54.25 27.78 2.67
C SER F 694 55.14 26.75 1.99
N THR F 695 55.18 25.53 2.54
CA THR F 695 56.11 24.49 2.09
C THR F 695 55.42 23.18 1.72
N TYR F 696 54.25 22.94 2.30
CA TYR F 696 53.39 21.84 1.88
C TYR F 696 52.37 22.44 0.92
N LYS F 697 52.27 21.86 -0.27
CA LYS F 697 51.44 22.45 -1.32
C LYS F 697 50.24 21.58 -1.72
N ILE F 698 49.07 21.92 -1.17
CA ILE F 698 47.82 21.25 -1.57
C ILE F 698 47.27 21.88 -2.85
N PRO F 699 46.30 21.22 -3.52
CA PRO F 699 45.69 21.81 -4.72
C PRO F 699 45.07 23.19 -4.48
N ALA F 700 45.52 24.17 -5.27
CA ALA F 700 44.96 25.52 -5.25
C ALA F 700 43.77 25.61 -6.22
N PHE F 701 43.11 26.77 -6.26
CA PHE F 701 41.90 26.94 -7.07
C PHE F 701 42.13 26.60 -8.54
N SER F 702 43.27 27.03 -9.09
CA SER F 702 43.54 26.83 -10.51
C SER F 702 43.92 25.39 -10.86
N ASP F 703 44.38 24.63 -9.87
CA ASP F 703 44.87 23.27 -10.07
C ASP F 703 43.77 22.27 -10.44
N ARG F 704 42.51 22.67 -10.26
CA ARG F 704 41.35 21.88 -10.67
C ARG F 704 41.39 21.54 -12.17
N PRO F 705 40.84 20.38 -12.55
CA PRO F 705 40.72 20.05 -13.98
C PRO F 705 39.92 21.13 -14.70
N ARG F 706 40.45 21.63 -15.82
CA ARG F 706 39.77 22.66 -16.59
C ARG F 706 38.39 22.20 -17.03
N ILE F 707 38.33 20.97 -17.53
CA ILE F 707 37.06 20.31 -17.81
C ILE F 707 36.84 19.25 -16.75
N PHE F 708 35.78 19.41 -15.96
CA PHE F 708 35.51 18.53 -14.82
C PHE F 708 34.14 17.86 -14.97
N ASN F 709 34.15 16.63 -15.47
CA ASN F 709 32.91 15.89 -15.65
C ASN F 709 32.74 14.78 -14.63
N VAL F 710 31.68 14.87 -13.83
CA VAL F 710 31.38 13.85 -12.83
C VAL F 710 29.96 13.35 -13.00
N ALA F 711 29.82 12.04 -13.23
CA ALA F 711 28.52 11.41 -13.40
C ALA F 711 28.33 10.24 -12.43
N LEU F 712 27.15 10.18 -11.82
CA LEU F 712 26.78 9.09 -10.93
C LEU F 712 26.27 7.87 -11.71
N TRP F 713 26.75 6.70 -11.34
CA TRP F 713 26.24 5.44 -11.89
C TRP F 713 25.06 5.03 -11.02
N ASP F 714 23.86 5.21 -11.57
CA ASP F 714 22.65 5.04 -10.78
C ASP F 714 22.07 3.63 -10.89
N GLN F 715 22.24 2.86 -9.81
CA GLN F 715 21.70 1.52 -9.67
C GLN F 715 21.60 1.18 -8.19
N PRO F 716 20.45 0.62 -7.75
CA PRO F 716 20.29 0.26 -6.33
C PRO F 716 21.42 -0.63 -5.82
N ASN F 717 21.74 -0.52 -4.54
CA ASN F 717 22.74 -1.40 -3.93
C ASN F 717 22.18 -2.81 -3.79
N ARG F 718 22.95 -3.80 -4.21
CA ARG F 718 22.57 -5.21 -4.08
C ARG F 718 22.26 -5.58 -2.63
N GLU F 719 23.10 -5.10 -1.71
CA GLU F 719 22.92 -5.31 -0.29
C GLU F 719 21.90 -4.33 0.27
N GLU F 720 21.18 -4.75 1.31
CA GLU F 720 20.13 -3.93 1.91
C GLU F 720 20.67 -2.79 2.78
N THR F 721 21.17 -1.75 2.14
CA THR F 721 21.66 -0.57 2.84
C THR F 721 20.56 0.48 2.95
N ILE F 722 20.83 1.57 3.68
CA ILE F 722 19.88 2.65 3.83
C ILE F 722 19.49 3.24 2.48
N PHE F 723 18.23 3.02 2.12
CA PHE F 723 17.67 3.40 0.81
C PHE F 723 18.53 2.97 -0.38
N ARG F 724 19.10 1.76 -0.26
CA ARG F 724 19.93 1.14 -1.31
C ARG F 724 21.06 2.04 -1.84
N SER F 725 21.55 2.93 -0.98
CA SER F 725 22.65 3.81 -1.32
C SER F 725 23.98 3.13 -1.04
N LYS F 726 25.04 3.61 -1.68
CA LYS F 726 26.39 3.16 -1.39
C LYS F 726 27.18 4.29 -0.75
N ALA F 727 28.20 3.92 0.02
CA ALA F 727 29.09 4.90 0.62
C ALA F 727 29.94 5.61 -0.43
N VAL F 728 30.01 6.93 -0.32
CA VAL F 728 30.71 7.77 -1.30
C VAL F 728 31.80 8.65 -0.65
N GLY F 729 32.16 8.32 0.59
CA GLY F 729 33.11 9.13 1.36
C GLY F 729 34.56 8.97 0.95
N GLU F 730 35.04 7.74 0.97
CA GLU F 730 36.43 7.39 0.64
C GLU F 730 36.62 6.90 -0.80
N PRO F 731 35.70 6.02 -1.29
CA PRO F 731 35.90 5.41 -2.61
C PRO F 731 36.37 6.34 -3.74
N PRO F 732 35.78 7.55 -3.88
CA PRO F 732 36.23 8.37 -5.01
C PRO F 732 37.59 9.06 -4.83
N PHE F 733 38.21 8.94 -3.65
CA PHE F 733 39.58 9.44 -3.47
C PHE F 733 40.53 8.69 -4.40
N LEU F 734 40.21 7.42 -4.67
CA LEU F 734 41.08 6.57 -5.47
C LEU F 734 41.05 6.88 -6.96
N LEU F 735 40.12 7.75 -7.37
CA LEU F 735 40.05 8.22 -8.76
C LEU F 735 41.26 9.07 -9.13
N GLY F 736 41.90 9.67 -8.13
CA GLY F 736 43.11 10.47 -8.32
C GLY F 736 44.27 9.68 -8.91
N ILE F 737 44.19 8.36 -8.79
CA ILE F 737 45.20 7.46 -9.34
C ILE F 737 45.35 7.63 -10.85
N SER F 738 44.26 8.03 -11.51
CA SER F 738 44.30 8.27 -12.96
C SER F 738 45.16 9.47 -13.34
N ALA F 739 45.18 10.50 -12.49
CA ALA F 739 46.02 11.67 -12.73
C ALA F 739 47.51 11.33 -12.67
N PHE F 740 47.87 10.42 -11.76
CA PHE F 740 49.24 9.92 -11.65
C PHE F 740 49.60 9.10 -12.88
N LEU F 741 48.69 8.24 -13.30
CA LEU F 741 48.91 7.37 -14.45
C LEU F 741 49.02 8.15 -15.77
N ALA F 742 48.18 9.18 -15.91
CA ALA F 742 48.19 10.02 -17.11
C ALA F 742 49.49 10.81 -17.19
N LEU F 743 49.98 11.24 -16.03
CA LEU F 743 51.26 11.92 -15.94
C LEU F 743 52.39 10.98 -16.33
N HIS F 744 52.24 9.70 -15.96
CA HIS F 744 53.19 8.65 -16.31
C HIS F 744 53.11 8.35 -17.81
N ASP F 745 51.88 8.31 -18.33
CA ASP F 745 51.64 8.11 -19.75
C ASP F 745 52.27 9.24 -20.58
N ALA F 746 52.17 10.47 -20.06
CA ALA F 746 52.81 11.64 -20.66
C ALA F 746 54.34 11.51 -20.69
N CYS F 747 54.90 10.79 -19.71
CA CYS F 747 56.34 10.55 -19.66
C CYS F 747 56.76 9.45 -20.62
N ALA F 748 55.97 8.40 -20.69
CA ALA F 748 56.27 7.25 -21.55
C ALA F 748 56.30 7.67 -23.03
N ALA F 749 55.63 8.78 -23.33
CA ALA F 749 55.53 9.30 -24.69
C ALA F 749 56.76 10.11 -25.14
N CYS F 750 57.88 9.96 -24.45
CA CYS F 750 59.10 10.75 -24.72
C CYS F 750 60.32 9.91 -25.08
N GLY F 751 60.24 8.61 -24.81
CA GLY F 751 61.31 7.69 -25.12
C GLY F 751 60.87 6.26 -24.89
N PRO F 752 61.60 5.29 -25.46
CA PRO F 752 61.20 3.88 -25.42
C PRO F 752 61.32 3.28 -24.03
N HIS F 753 62.02 3.99 -23.14
CA HIS F 753 62.34 3.49 -21.81
C HIS F 753 61.24 3.67 -20.78
N TRP F 754 61.22 2.77 -19.80
CA TRP F 754 60.34 2.85 -18.66
C TRP F 754 60.68 4.10 -17.84
N PRO F 755 59.70 5.01 -17.67
CA PRO F 755 59.95 6.29 -16.99
C PRO F 755 60.14 6.13 -15.48
N ASP F 756 59.50 5.13 -14.89
CA ASP F 756 59.54 4.86 -13.45
C ASP F 756 59.19 6.09 -12.60
N LEU F 757 58.05 6.69 -12.89
CA LEU F 757 57.57 7.85 -12.14
C LEU F 757 57.27 7.46 -10.69
N GLN F 758 57.70 8.31 -9.77
CA GLN F 758 57.47 8.10 -8.35
C GLN F 758 56.32 8.97 -7.86
N ALA F 759 55.76 8.62 -6.71
CA ALA F 759 54.75 9.43 -6.06
C ALA F 759 55.38 10.15 -4.86
N PRO F 760 55.06 11.43 -4.67
CA PRO F 760 54.24 12.28 -5.53
C PRO F 760 54.99 12.68 -6.80
N ALA F 761 54.22 12.94 -7.86
CA ALA F 761 54.79 13.33 -9.13
C ALA F 761 54.92 14.86 -9.22
N THR F 762 55.78 15.40 -8.37
CA THR F 762 56.10 16.83 -8.36
C THR F 762 56.84 17.19 -9.65
N PRO F 763 56.81 18.47 -10.05
CA PRO F 763 57.53 18.91 -11.24
C PRO F 763 58.91 18.25 -11.35
N GLU F 764 59.61 18.10 -10.22
CA GLU F 764 60.90 17.42 -10.19
C GLU F 764 60.80 15.92 -10.50
N ALA F 765 59.92 15.22 -9.81
CA ALA F 765 59.71 13.78 -10.02
C ALA F 765 59.27 13.46 -11.46
N VAL F 766 58.53 14.38 -12.06
CA VAL F 766 58.09 14.24 -13.45
C VAL F 766 59.29 14.38 -14.39
N LEU F 767 60.08 15.44 -14.19
CA LEU F 767 61.28 15.66 -15.00
C LEU F 767 62.24 14.48 -14.92
N ALA F 768 62.41 13.94 -13.72
CA ALA F 768 63.23 12.75 -13.50
C ALA F 768 62.72 11.59 -14.36
N ALA F 769 61.40 11.40 -14.35
CA ALA F 769 60.77 10.33 -15.12
C ALA F 769 60.87 10.53 -16.63
N VAL F 770 60.79 11.79 -17.08
CA VAL F 770 60.98 12.13 -18.50
C VAL F 770 62.38 11.73 -18.96
N ARG F 771 63.39 12.14 -18.20
CA ARG F 771 64.79 11.91 -18.55
C ARG F 771 65.15 10.42 -18.50
N ARG F 772 64.40 9.63 -17.74
CA ARG F 772 64.58 8.18 -17.75
C ARG F 772 64.05 7.59 -19.04
N ALA F 773 62.82 7.97 -19.40
CA ALA F 773 62.20 7.55 -20.67
C ALA F 773 63.06 7.98 -21.85
N GLU F 774 63.53 9.22 -21.81
CA GLU F 774 64.44 9.77 -22.82
C GLU F 774 65.84 9.18 -22.72
N GLY F 775 66.08 8.35 -21.72
CA GLY F 775 67.37 7.69 -21.52
C GLY F 775 68.55 8.64 -21.34
N ARG F 776 68.33 9.71 -20.57
CA ARG F 776 69.39 10.67 -20.29
C ARG F 776 69.94 10.47 -18.89
N ALA F 777 70.92 9.58 -18.76
CA ALA F 777 71.56 9.22 -17.47
C ALA F 777 70.59 9.15 -16.28
N MET G 1 42.66 54.08 46.67
CA MET G 1 42.75 53.57 48.08
C MET G 1 42.83 52.04 48.12
N GLU G 2 43.85 51.54 48.81
CA GLU G 2 44.09 50.09 48.88
C GLU G 2 43.90 49.54 50.28
N ILE G 3 43.13 48.45 50.39
CA ILE G 3 43.00 47.70 51.63
C ILE G 3 43.53 46.28 51.45
N ALA G 4 43.79 45.61 52.57
CA ALA G 4 44.24 44.22 52.57
C ALA G 4 43.42 43.38 53.53
N PHE G 5 43.27 42.10 53.20
CA PHE G 5 42.55 41.15 54.04
C PHE G 5 42.89 39.71 53.67
N LEU G 6 42.72 38.81 54.63
CA LEU G 6 42.97 37.40 54.43
C LEU G 6 41.69 36.70 53.96
N LEU G 7 41.67 36.32 52.69
CA LEU G 7 40.50 35.66 52.11
C LEU G 7 40.74 34.16 52.02
N ASN G 8 39.98 33.40 52.80
CA ASN G 8 40.12 31.95 52.91
C ASN G 8 41.57 31.51 53.12
N GLY G 9 42.28 32.22 54.01
CA GLY G 9 43.66 31.90 54.35
C GLY G 9 44.69 32.33 53.33
N GLU G 10 44.29 33.25 52.44
CA GLU G 10 45.16 33.76 51.40
C GLU G 10 45.12 35.29 51.42
N THR G 11 46.29 35.91 51.59
CA THR G 11 46.39 37.37 51.64
C THR G 11 46.01 38.02 50.31
N ARG G 12 45.15 39.02 50.36
CA ARG G 12 44.65 39.69 49.16
C ARG G 12 44.60 41.22 49.33
N ARG G 13 45.20 41.93 48.37
CA ARG G 13 45.16 43.40 48.35
C ARG G 13 44.19 43.86 47.26
N VAL G 14 43.34 44.82 47.60
CA VAL G 14 42.29 45.28 46.70
C VAL G 14 42.25 46.81 46.65
N ARG G 15 42.29 47.35 45.43
CA ARG G 15 42.05 48.77 45.22
C ARG G 15 40.56 49.03 45.29
N ILE G 16 40.15 49.87 46.25
CA ILE G 16 38.74 50.25 46.36
C ILE G 16 38.49 51.56 45.61
N GLU G 17 37.63 51.48 44.60
CA GLU G 17 37.23 52.65 43.83
C GLU G 17 35.77 52.99 44.11
N ASP G 18 34.97 51.95 44.38
CA ASP G 18 33.61 52.12 44.86
C ASP G 18 33.54 51.66 46.31
N PRO G 19 33.52 52.62 47.25
CA PRO G 19 33.53 52.32 48.68
C PRO G 19 32.22 51.73 49.17
N THR G 20 31.16 51.89 48.39
CA THR G 20 29.84 51.44 48.77
C THR G 20 29.55 49.98 48.40
N GLN G 21 30.41 49.38 47.56
CA GLN G 21 30.25 47.99 47.11
C GLN G 21 30.15 47.04 48.30
N SER G 22 29.13 46.19 48.28
CA SER G 22 28.96 45.18 49.33
C SER G 22 29.93 44.02 49.12
N LEU G 23 30.27 43.35 50.21
CA LEU G 23 31.15 42.18 50.18
C LEU G 23 30.57 41.02 49.36
N LEU G 24 29.26 40.82 49.46
CA LEU G 24 28.57 39.81 48.66
C LEU G 24 28.79 40.04 47.17
N GLU G 25 28.57 41.28 46.72
CA GLU G 25 28.77 41.67 45.32
C GLU G 25 30.19 41.31 44.88
N TRP G 26 31.17 41.74 45.68
CA TRP G 26 32.59 41.53 45.40
C TRP G 26 32.96 40.06 45.30
N LEU G 27 32.51 39.24 46.24
CA LEU G 27 32.86 37.80 46.28
C LEU G 27 32.33 37.05 45.05
N ARG G 28 31.07 37.30 44.73
CA ARG G 28 30.44 36.68 43.56
C ARG G 28 31.09 37.18 42.27
N ALA G 29 31.48 38.45 42.25
CA ALA G 29 32.20 39.04 41.11
C ALA G 29 33.58 38.43 40.93
N GLU G 30 34.14 37.89 42.02
CA GLU G 30 35.43 37.21 41.97
C GLU G 30 35.27 35.84 41.34
N GLY G 31 34.14 35.21 41.59
CA GLY G 31 33.91 33.83 41.17
C GLY G 31 33.60 32.96 42.37
N LEU G 32 33.69 33.55 43.56
CA LEU G 32 33.31 32.85 44.80
C LEU G 32 31.79 32.73 44.86
N THR G 33 31.28 32.02 43.85
CA THR G 33 29.86 31.74 43.61
C THR G 33 29.11 31.18 44.82
N GLY G 34 29.83 30.45 45.67
CA GLY G 34 29.28 29.76 46.82
C GLY G 34 28.45 30.59 47.79
N THR G 35 28.79 31.88 47.90
CA THR G 35 28.01 32.80 48.73
C THR G 35 26.76 33.22 47.96
N LYS G 36 25.60 32.81 48.48
CA LYS G 36 24.33 33.01 47.76
C LYS G 36 23.64 34.29 48.19
N GLU G 37 23.01 34.97 47.23
CA GLU G 37 22.09 36.07 47.53
C GLU G 37 20.65 35.57 47.63
N GLY G 38 20.04 35.75 48.79
CA GLY G 38 18.66 35.40 49.01
C GLY G 38 17.74 36.58 48.82
N CYS G 39 18.09 37.72 49.42
CA CYS G 39 17.19 38.87 49.47
C CYS G 39 17.89 40.22 49.38
N ASN G 40 19.17 40.27 49.78
CA ASN G 40 19.98 41.48 49.76
C ASN G 40 19.45 42.55 50.73
N GLU G 41 19.05 42.09 51.92
CA GLU G 41 18.34 42.94 52.88
C GLU G 41 18.71 42.70 54.35
N GLY G 42 19.24 41.50 54.65
CA GLY G 42 19.71 41.16 55.99
C GLY G 42 18.99 40.03 56.70
N ASP G 43 17.86 39.59 56.14
CA ASP G 43 16.93 38.68 56.82
C ASP G 43 17.24 37.18 56.74
N CYS G 44 17.58 36.70 55.55
CA CYS G 44 17.63 35.25 55.29
C CYS G 44 18.96 34.54 55.62
N GLY G 45 20.03 35.32 55.81
CA GLY G 45 21.34 34.79 56.18
C GLY G 45 21.99 33.85 55.17
N ALA G 46 21.49 33.87 53.94
CA ALA G 46 22.03 33.02 52.87
C ALA G 46 23.43 33.45 52.43
N CYS G 47 23.81 34.68 52.79
CA CYS G 47 25.12 35.20 52.43
C CYS G 47 26.07 35.26 53.63
N THR G 48 25.75 34.50 54.67
CA THR G 48 26.58 34.50 55.89
C THR G 48 28.03 34.17 55.55
N VAL G 49 28.92 35.08 55.95
CA VAL G 49 30.36 34.87 55.87
C VAL G 49 30.97 35.02 57.27
N MET G 50 32.15 34.45 57.47
CA MET G 50 32.81 34.47 58.77
C MET G 50 34.07 35.33 58.77
N ILE G 51 34.03 36.42 59.53
CA ILE G 51 35.19 37.32 59.66
C ILE G 51 35.92 37.09 60.99
N ARG G 52 37.20 37.46 61.02
CA ARG G 52 38.03 37.36 62.21
C ARG G 52 38.93 38.59 62.36
N ASP G 53 39.25 38.94 63.60
CA ASP G 53 40.13 40.05 63.90
C ASP G 53 40.73 39.88 65.29
N ALA G 54 41.07 40.99 65.94
CA ALA G 54 41.60 40.98 67.31
C ALA G 54 40.54 40.57 68.33
N ALA G 55 39.27 40.85 68.03
CA ALA G 55 38.15 40.51 68.91
C ALA G 55 37.59 39.10 68.66
N GLY G 56 38.22 38.37 67.75
CA GLY G 56 37.83 36.99 67.44
C GLY G 56 37.05 36.84 66.15
N SER G 57 36.33 35.73 66.02
CA SER G 57 35.61 35.41 64.79
C SER G 57 34.10 35.39 64.98
N ARG G 58 33.39 35.96 64.01
CA ARG G 58 31.94 36.12 64.08
C ARG G 58 31.27 35.95 62.71
N ALA G 59 30.05 35.43 62.72
CA ALA G 59 29.27 35.22 61.49
C ALA G 59 28.47 36.48 61.15
N VAL G 60 28.61 36.94 59.91
CA VAL G 60 27.98 38.19 59.44
C VAL G 60 27.39 38.02 58.04
N ASN G 61 26.37 38.82 57.72
CA ASN G 61 25.80 38.85 56.36
C ASN G 61 26.72 39.62 55.42
N ALA G 62 27.10 39.00 54.31
CA ALA G 62 28.03 39.62 53.35
C ALA G 62 27.44 40.79 52.56
N CYS G 63 26.11 40.88 52.54
CA CYS G 63 25.42 41.88 51.72
C CYS G 63 25.25 43.23 52.42
N LEU G 64 25.22 43.22 53.75
CA LEU G 64 25.15 44.46 54.55
C LEU G 64 26.55 45.02 54.75
N MET G 65 27.52 44.12 54.83
CA MET G 65 28.92 44.46 55.00
C MET G 65 29.53 45.00 53.72
N MET G 66 30.20 46.14 53.83
CA MET G 66 30.85 46.77 52.69
C MET G 66 32.38 46.60 52.73
N LEU G 67 33.02 46.70 51.57
CA LEU G 67 34.44 46.35 51.41
C LEU G 67 35.45 46.98 52.37
N PRO G 68 35.39 48.31 52.57
CA PRO G 68 36.34 48.94 53.49
C PRO G 68 36.18 48.48 54.94
N GLN G 69 35.18 47.66 55.21
CA GLN G 69 34.89 47.24 56.57
C GLN G 69 35.64 45.98 57.02
N ILE G 70 36.14 45.21 56.06
CA ILE G 70 36.95 44.03 56.36
C ILE G 70 38.45 44.30 56.22
N ALA G 71 38.80 45.59 56.12
CA ALA G 71 40.20 45.99 55.98
C ALA G 71 41.01 45.53 57.20
N GLY G 72 42.03 44.72 56.94
CA GLY G 72 42.90 44.20 58.00
C GLY G 72 42.32 43.04 58.79
N LYS G 73 41.25 42.44 58.27
CA LYS G 73 40.60 41.30 58.92
C LYS G 73 40.82 40.00 58.13
N ALA G 74 40.44 38.88 58.73
CA ALA G 74 40.52 37.58 58.07
C ALA G 74 39.13 37.05 57.76
N LEU G 75 38.83 36.92 56.48
CA LEU G 75 37.51 36.53 56.00
C LEU G 75 37.49 35.10 55.47
N ARG G 76 36.50 34.34 55.91
CA ARG G 76 36.34 32.96 55.48
C ARG G 76 34.93 32.76 54.93
N THR G 77 34.84 32.23 53.71
CA THR G 77 33.55 31.95 53.08
C THR G 77 33.30 30.45 53.00
N ILE G 78 32.14 30.07 52.46
CA ILE G 78 31.74 28.65 52.36
C ILE G 78 32.80 27.76 51.69
N GLU G 79 33.33 28.21 50.54
CA GLU G 79 34.37 27.46 49.84
C GLU G 79 35.65 27.25 50.68
N GLY G 80 35.77 28.03 51.76
CA GLY G 80 36.93 27.93 52.65
C GLY G 80 36.65 27.40 54.04
N ILE G 81 35.51 26.73 54.20
CA ILE G 81 35.19 26.07 55.48
C ILE G 81 35.89 24.71 55.56
N ALA G 82 35.90 23.98 54.45
CA ALA G 82 36.64 22.72 54.37
C ALA G 82 38.16 22.96 54.36
N ALA G 83 38.90 21.93 54.76
CA ALA G 83 40.35 22.01 54.89
C ALA G 83 41.06 22.19 53.55
N PRO G 84 42.24 22.86 53.56
CA PRO G 84 43.13 22.99 52.41
C PRO G 84 43.36 21.67 51.67
N ASP G 85 43.61 20.59 52.41
CA ASP G 85 43.83 19.27 51.82
C ASP G 85 42.58 18.71 51.15
N GLY G 86 41.41 19.21 51.56
CA GLY G 86 40.13 18.79 50.96
C GLY G 86 39.12 18.22 51.95
N ARG G 87 39.60 17.83 53.12
CA ARG G 87 38.77 17.24 54.17
C ARG G 87 37.66 18.19 54.63
N LEU G 88 36.45 17.66 54.78
CA LEU G 88 35.30 18.46 55.22
C LEU G 88 35.41 18.88 56.69
N HIS G 89 34.80 20.02 57.01
CA HIS G 89 34.64 20.48 58.38
C HIS G 89 33.68 19.54 59.11
N PRO G 90 33.89 19.30 60.42
CA PRO G 90 32.95 18.54 61.25
C PRO G 90 31.49 18.97 61.06
N VAL G 91 31.28 20.26 60.78
CA VAL G 91 29.95 20.82 60.52
C VAL G 91 29.38 20.31 59.18
N GLN G 92 30.18 20.41 58.12
CA GLN G 92 29.79 19.98 56.78
C GLN G 92 29.40 18.50 56.72
N GLN G 93 30.26 17.64 57.28
CA GLN G 93 30.01 16.21 57.35
C GLN G 93 28.73 15.86 58.13
N ALA G 94 28.60 16.47 59.31
CA ALA G 94 27.43 16.27 60.17
C ALA G 94 26.15 16.62 59.44
N MET G 95 26.21 17.64 58.58
CA MET G 95 25.08 18.08 57.77
C MET G 95 24.70 17.07 56.68
N ILE G 96 25.70 16.53 55.99
CA ILE G 96 25.48 15.46 55.01
C ILE G 96 24.85 14.25 55.70
N ASP G 97 25.37 13.91 56.88
CA ASP G 97 24.87 12.77 57.65
C ASP G 97 23.43 12.95 58.12
N HIS G 98 23.10 14.15 58.60
CA HIS G 98 21.79 14.40 59.18
C HIS G 98 20.79 15.08 58.24
N HIS G 99 21.07 14.99 56.94
CA HIS G 99 20.21 15.56 55.90
C HIS G 99 19.83 17.02 56.24
N GLY G 100 20.85 17.85 56.44
CA GLY G 100 20.65 19.24 56.81
C GLY G 100 20.27 20.11 55.62
N SER G 101 20.48 19.60 54.42
CA SER G 101 20.13 20.32 53.21
C SER G 101 19.09 19.56 52.42
N GLN G 102 18.24 20.28 51.70
CA GLN G 102 17.35 19.67 50.73
C GLN G 102 17.62 20.24 49.34
N CYS G 103 17.25 21.51 49.12
CA CYS G 103 17.54 22.18 47.86
C CYS G 103 18.94 22.79 47.88
N GLY G 104 19.49 22.94 49.09
CA GLY G 104 20.89 23.31 49.30
C GLY G 104 21.27 24.78 49.22
N PHE G 105 20.34 25.63 48.78
CA PHE G 105 20.61 27.05 48.55
C PHE G 105 20.94 27.83 49.84
N CYS G 106 20.39 27.42 50.96
CA CYS G 106 20.65 28.09 52.23
C CYS G 106 21.80 27.43 52.99
N THR G 107 22.27 26.31 52.49
CA THR G 107 23.34 25.55 53.14
C THR G 107 24.65 26.33 53.32
N PRO G 108 25.13 27.05 52.27
CA PRO G 108 26.37 27.80 52.45
C PRO G 108 26.33 28.76 53.64
N GLY G 109 25.23 29.50 53.77
CA GLY G 109 25.04 30.44 54.89
C GLY G 109 24.97 29.76 56.24
N PHE G 110 24.29 28.62 56.29
CA PHE G 110 24.16 27.82 57.51
C PHE G 110 25.51 27.27 57.95
N ILE G 111 26.23 26.62 57.02
CA ILE G 111 27.54 26.04 57.30
C ILE G 111 28.48 27.07 57.90
N VAL G 112 28.54 28.24 57.27
CA VAL G 112 29.39 29.33 57.75
C VAL G 112 28.99 29.77 59.17
N SER G 113 27.68 29.94 59.40
CA SER G 113 27.15 30.28 60.72
C SER G 113 27.51 29.23 61.77
N MET G 114 27.34 27.96 61.41
CA MET G 114 27.64 26.85 62.29
C MET G 114 29.14 26.73 62.58
N ALA G 115 29.96 26.90 61.54
CA ALA G 115 31.42 26.81 61.67
C ALA G 115 31.98 27.92 62.56
N ALA G 116 31.37 29.10 62.47
CA ALA G 116 31.71 30.22 63.32
C ALA G 116 31.28 29.95 64.76
N ALA G 117 30.11 29.32 64.90
CA ALA G 117 29.60 28.92 66.21
C ALA G 117 30.46 27.80 66.80
N HIS G 118 30.95 26.95 65.91
CA HIS G 118 31.82 25.83 66.28
C HIS G 118 33.20 26.32 66.72
N ASP G 119 33.65 27.42 66.14
CA ASP G 119 34.95 28.01 66.45
C ASP G 119 34.93 28.72 67.80
N ARG G 120 33.86 29.49 68.05
CA ARG G 120 33.68 30.17 69.33
C ARG G 120 33.10 29.23 70.39
N ASP G 121 32.87 27.97 69.99
CA ASP G 121 32.27 26.93 70.85
C ASP G 121 30.93 27.34 71.46
N ARG G 122 30.13 28.04 70.66
CA ARG G 122 28.79 28.47 71.07
C ARG G 122 27.77 27.38 70.75
N LYS G 123 26.83 27.17 71.66
CA LYS G 123 25.86 26.08 71.54
C LYS G 123 24.38 26.49 71.60
N ASP G 124 24.13 27.80 71.62
CA ASP G 124 22.74 28.31 71.56
C ASP G 124 22.28 28.51 70.11
N TYR G 125 22.01 27.39 69.44
CA TYR G 125 21.74 27.37 68.01
C TYR G 125 20.45 28.10 67.61
N ASP G 126 19.47 28.14 68.51
CA ASP G 126 18.21 28.84 68.27
C ASP G 126 18.41 30.32 68.00
N ASP G 127 19.24 30.95 68.82
CA ASP G 127 19.56 32.37 68.68
C ASP G 127 20.61 32.59 67.61
N LEU G 128 21.59 31.68 67.54
CA LEU G 128 22.69 31.75 66.58
C LEU G 128 22.22 31.69 65.12
N LEU G 129 21.36 30.71 64.83
CA LEU G 129 20.92 30.45 63.47
C LEU G 129 19.58 31.10 63.14
N ALA G 130 19.10 31.96 64.04
CA ALA G 130 17.86 32.71 63.84
C ALA G 130 17.86 33.45 62.50
N GLY G 131 18.98 34.12 62.20
CA GLY G 131 19.14 34.88 60.96
C GLY G 131 19.42 34.04 59.73
N ASN G 132 19.36 32.72 59.87
CA ASN G 132 19.45 31.80 58.74
C ASN G 132 18.10 31.20 58.40
N LEU G 133 17.44 31.71 57.36
CA LEU G 133 16.14 31.22 56.94
C LEU G 133 16.26 29.95 56.10
N CYS G 134 15.41 28.98 56.40
CA CYS G 134 15.30 27.76 55.60
C CYS G 134 13.85 27.46 55.29
N ARG G 135 13.57 27.15 54.02
CA ARG G 135 12.21 26.90 53.55
C ARG G 135 11.92 25.40 53.33
N CYS G 136 12.95 24.56 53.37
CA CYS G 136 12.82 23.16 52.99
C CYS G 136 12.76 22.15 54.14
N THR G 137 13.75 22.24 55.02
CA THR G 137 14.06 21.16 55.95
C THR G 137 13.15 21.10 57.18
N GLY G 138 12.73 22.26 57.68
CA GLY G 138 11.95 22.33 58.91
C GLY G 138 12.84 22.65 60.09
N TYR G 139 14.14 22.84 59.81
CA TYR G 139 15.17 23.21 60.79
C TYR G 139 15.63 22.08 61.70
N ALA G 140 14.71 21.16 62.01
CA ALA G 140 14.98 20.03 62.90
C ALA G 140 16.20 19.18 62.54
N PRO G 141 16.42 18.90 61.23
CA PRO G 141 17.64 18.14 60.89
C PRO G 141 18.92 18.95 61.01
N ILE G 142 18.82 20.27 60.89
CA ILE G 142 19.98 21.15 61.04
C ILE G 142 20.42 21.25 62.50
N LEU G 143 19.48 21.09 63.43
CA LEU G 143 19.80 21.05 64.85
C LEU G 143 20.57 19.78 65.19
N ARG G 144 20.11 18.65 64.65
CA ARG G 144 20.79 17.37 64.83
C ARG G 144 22.23 17.44 64.33
N ALA G 145 22.41 18.05 63.16
CA ALA G 145 23.73 18.26 62.55
C ALA G 145 24.64 19.11 63.43
N ALA G 146 24.09 20.19 63.98
CA ALA G 146 24.84 21.10 64.85
C ALA G 146 25.25 20.41 66.14
N GLU G 147 24.34 19.61 66.70
CA GLU G 147 24.58 18.88 67.93
C GLU G 147 25.61 17.77 67.73
N ALA G 148 25.51 17.08 66.60
CA ALA G 148 26.45 16.00 66.26
C ALA G 148 27.87 16.54 66.11
N ALA G 149 27.99 17.68 65.41
CA ALA G 149 29.29 18.28 65.15
C ALA G 149 29.94 18.88 66.41
N ALA G 150 29.12 19.20 67.41
CA ALA G 150 29.58 19.80 68.66
C ALA G 150 30.63 18.95 69.37
N GLY G 151 30.52 17.63 69.22
CA GLY G 151 31.46 16.70 69.86
C GLY G 151 32.81 16.55 69.18
N GLU G 152 33.06 17.38 68.16
CA GLU G 152 34.32 17.33 67.40
C GLU G 152 35.22 18.52 67.72
N PRO G 153 36.54 18.29 67.79
CA PRO G 153 37.52 19.35 68.02
C PRO G 153 37.47 20.44 66.94
N PRO G 154 37.73 21.71 67.32
CA PRO G 154 37.69 22.84 66.40
C PRO G 154 38.65 22.71 65.22
N ALA G 155 38.23 23.17 64.05
CA ALA G 155 39.05 23.14 62.85
C ALA G 155 40.28 24.04 63.02
N ASP G 156 41.46 23.42 63.01
CA ASP G 156 42.70 24.15 63.20
C ASP G 156 43.03 25.10 62.04
N TRP G 157 42.61 24.73 60.83
CA TRP G 157 42.87 25.54 59.65
C TRP G 157 42.11 26.87 59.63
N LEU G 158 40.94 26.87 60.27
CA LEU G 158 40.15 28.10 60.45
C LEU G 158 40.79 29.03 61.47
N GLN G 159 41.30 28.44 62.56
CA GLN G 159 41.89 29.20 63.66
C GLN G 159 43.27 29.72 63.33
N ALA G 160 43.92 29.12 62.33
CA ALA G 160 45.23 29.54 61.84
C ALA G 160 45.24 30.98 61.31
N ASP G 161 44.04 31.53 61.11
CA ASP G 161 43.86 32.90 60.63
C ASP G 161 43.98 33.94 61.76
N ALA G 162 44.08 33.47 63.00
CA ALA G 162 44.27 34.35 64.15
C ALA G 162 45.64 35.03 64.11
N ALA G 163 46.60 34.39 63.45
CA ALA G 163 47.96 34.90 63.32
C ALA G 163 48.06 36.12 62.40
N PHE G 164 47.00 36.36 61.62
CA PHE G 164 46.97 37.44 60.63
C PHE G 164 46.98 38.86 61.24
N THR G 165 47.67 39.76 60.54
CA THR G 165 47.83 41.20 60.89
C THR G 165 48.54 41.50 62.21
N LEU G 166 48.77 40.46 63.02
CA LEU G 166 49.40 40.61 64.33
C LEU G 166 50.92 40.58 64.23
N PRO G 179 38.69 58.69 49.05
CA PRO G 179 37.74 57.73 48.49
C PRO G 179 36.66 57.34 49.50
N ALA G 180 37.03 57.30 50.79
CA ALA G 180 36.12 57.07 51.91
C ALA G 180 36.91 57.16 53.21
N PHE G 181 36.43 57.95 54.16
CA PHE G 181 37.19 58.23 55.38
C PHE G 181 37.09 57.11 56.42
N LEU G 182 38.26 56.62 56.84
CA LEU G 182 38.37 55.62 57.90
C LEU G 182 39.17 56.20 59.06
N PRO G 183 38.49 56.80 60.05
CA PRO G 183 39.15 57.42 61.21
C PRO G 183 39.79 56.40 62.15
N GLU G 184 40.97 56.74 62.64
CA GLU G 184 41.70 55.93 63.61
C GLU G 184 41.19 56.22 65.02
N THR G 185 41.12 57.51 65.34
CA THR G 185 40.71 57.99 66.66
C THR G 185 39.45 58.85 66.59
N SER G 186 38.74 58.96 67.71
CA SER G 186 37.50 59.73 67.80
C SER G 186 37.73 61.22 67.53
N ASP G 187 38.90 61.72 67.93
CA ASP G 187 39.29 63.11 67.70
C ASP G 187 39.48 63.40 66.22
N ALA G 188 40.13 62.46 65.52
CA ALA G 188 40.37 62.59 64.08
C ALA G 188 39.05 62.62 63.30
N LEU G 189 38.06 61.88 63.79
CA LEU G 189 36.71 61.85 63.21
C LEU G 189 35.98 63.18 63.39
N ALA G 190 36.08 63.76 64.58
CA ALA G 190 35.45 65.03 64.90
C ALA G 190 36.06 66.18 64.09
N ASP G 191 37.36 66.07 63.78
CA ASP G 191 38.05 67.02 62.91
C ASP G 191 37.44 67.01 61.52
N TRP G 192 37.18 65.81 61.00
CA TRP G 192 36.72 65.59 59.64
C TRP G 192 35.23 65.84 59.46
N TYR G 193 34.42 65.38 60.42
CA TYR G 193 32.97 65.52 60.33
C TYR G 193 32.49 66.96 60.58
N LEU G 194 33.31 67.74 61.27
CA LEU G 194 33.08 69.17 61.41
C LEU G 194 33.40 69.90 60.12
N ALA G 195 34.33 69.33 59.34
CA ALA G 195 34.71 69.86 58.04
C ALA G 195 33.78 69.36 56.93
N HIS G 196 33.10 68.25 57.19
CA HIS G 196 32.16 67.67 56.24
C HIS G 196 30.84 67.30 56.94
N PRO G 197 29.95 68.30 57.13
CA PRO G 197 28.70 68.06 57.84
C PRO G 197 27.72 67.18 57.06
N GLU G 198 27.83 67.20 55.73
CA GLU G 198 26.90 66.47 54.86
C GLU G 198 27.34 65.01 54.59
N ALA G 199 28.30 64.54 55.37
CA ALA G 199 28.88 63.22 55.18
C ALA G 199 28.01 62.08 55.72
N THR G 200 28.00 60.97 54.99
CA THR G 200 27.26 59.77 55.38
C THR G 200 28.11 58.92 56.31
N LEU G 201 27.75 58.91 57.60
CA LEU G 201 28.46 58.12 58.59
C LEU G 201 27.98 56.68 58.53
N ILE G 202 28.91 55.76 58.27
CA ILE G 202 28.58 54.33 58.18
C ILE G 202 29.24 53.54 59.32
N ALA G 203 28.45 53.24 60.35
CA ALA G 203 28.93 52.46 61.49
C ALA G 203 28.93 50.98 61.12
N GLY G 204 27.87 50.27 61.48
CA GLY G 204 27.70 48.88 61.09
C GLY G 204 27.19 48.75 59.67
N GLY G 205 26.46 49.76 59.21
CA GLY G 205 25.93 49.81 57.85
C GLY G 205 24.80 48.84 57.56
N THR G 206 24.02 48.51 58.61
CA THR G 206 22.91 47.58 58.48
C THR G 206 21.58 48.31 58.24
N ASP G 207 21.66 49.63 58.17
CA ASP G 207 20.56 50.47 57.72
C ASP G 207 20.98 51.15 56.42
N VAL G 208 22.22 51.66 56.43
CA VAL G 208 22.80 52.42 55.33
C VAL G 208 22.89 51.60 54.05
N SER G 209 23.16 50.30 54.19
CA SER G 209 23.26 49.41 53.03
C SER G 209 21.91 49.18 52.35
N LEU G 210 20.83 49.27 53.10
CA LEU G 210 19.49 49.14 52.53
C LEU G 210 19.15 50.30 51.58
N TRP G 211 19.81 51.43 51.78
CA TRP G 211 19.63 52.58 50.89
C TRP G 211 20.27 52.33 49.53
N VAL G 212 21.38 51.58 49.52
CA VAL G 212 22.06 51.25 48.27
C VAL G 212 21.49 49.98 47.60
N THR G 213 21.33 48.91 48.37
CA THR G 213 20.83 47.64 47.82
C THR G 213 19.34 47.66 47.46
N LYS G 214 18.53 48.35 48.26
CA LYS G 214 17.08 48.37 48.05
C LYS G 214 16.54 49.69 47.50
N ALA G 215 16.86 50.80 48.17
CA ALA G 215 16.42 52.13 47.74
C ALA G 215 17.23 52.67 46.55
N LEU G 216 18.25 51.91 46.15
CA LEU G 216 19.14 52.24 45.03
C LEU G 216 19.72 53.65 45.06
N ARG G 217 19.96 54.16 46.28
CA ARG G 217 20.53 55.48 46.46
C ARG G 217 22.04 55.49 46.28
N ASP G 218 22.58 56.67 45.96
CA ASP G 218 24.01 56.87 45.79
C ASP G 218 24.51 57.69 46.98
N LEU G 219 25.59 57.22 47.61
CA LEU G 219 26.13 57.88 48.79
C LEU G 219 27.51 58.50 48.54
N PRO G 220 27.56 59.83 48.33
CA PRO G 220 28.84 60.51 48.30
C PRO G 220 29.21 60.98 49.71
N GLU G 221 30.49 61.30 49.91
CA GLU G 221 31.01 61.75 51.22
C GLU G 221 30.73 60.69 52.29
N VAL G 222 31.56 59.64 52.31
CA VAL G 222 31.33 58.48 53.16
C VAL G 222 32.44 58.26 54.19
N ALA G 223 32.03 57.98 55.43
CA ALA G 223 32.96 57.71 56.53
C ALA G 223 32.60 56.41 57.25
N PHE G 224 33.62 55.56 57.45
CA PHE G 224 33.44 54.29 58.16
C PHE G 224 33.93 54.39 59.60
N LEU G 225 33.01 54.24 60.55
CA LEU G 225 33.32 54.48 61.96
C LEU G 225 33.82 53.24 62.70
N SER G 226 33.56 52.06 62.14
CA SER G 226 33.87 50.78 62.79
C SER G 226 35.37 50.44 62.87
N HIS G 227 36.23 51.45 62.72
CA HIS G 227 37.67 51.28 62.89
C HIS G 227 38.20 52.10 64.07
N CYS G 228 37.31 52.81 64.76
CA CYS G 228 37.66 53.57 65.97
C CYS G 228 37.49 52.75 67.23
N LYS G 229 38.61 52.18 67.69
CA LYS G 229 38.60 51.33 68.89
C LYS G 229 38.04 52.06 70.10
N ASP G 230 38.45 53.31 70.28
CA ASP G 230 38.04 54.14 71.42
C ASP G 230 36.57 54.55 71.42
N LEU G 231 35.94 54.44 70.24
CA LEU G 231 34.52 54.73 70.09
C LEU G 231 33.68 53.51 70.46
N ALA G 232 34.30 52.34 70.41
CA ALA G 232 33.63 51.08 70.73
C ALA G 232 34.04 50.54 72.10
N GLN G 233 33.98 51.39 73.11
CA GLN G 233 34.39 51.01 74.46
C GLN G 233 33.27 51.12 75.50
N ILE G 234 33.18 50.10 76.34
CA ILE G 234 32.32 50.14 77.52
C ILE G 234 33.20 50.35 78.74
N ARG G 235 33.11 51.54 79.32
CA ARG G 235 33.90 51.89 80.50
C ARG G 235 33.00 52.14 81.70
N GLU G 236 33.59 52.11 82.89
CA GLU G 236 32.84 52.28 84.12
C GLU G 236 33.01 53.67 84.71
N THR G 237 31.90 54.38 84.84
CA THR G 237 31.86 55.70 85.49
C THR G 237 31.33 55.56 86.93
N PRO G 238 31.76 56.45 87.84
CA PRO G 238 31.26 56.41 89.22
C PRO G 238 29.74 56.54 89.38
N ASP G 239 29.02 56.65 88.26
CA ASP G 239 27.56 56.76 88.28
C ASP G 239 26.88 56.03 87.11
N GLY G 240 27.35 54.82 86.83
CA GLY G 240 26.77 53.98 85.79
C GLY G 240 27.79 53.40 84.82
N TYR G 241 27.40 53.29 83.55
CA TYR G 241 28.27 52.74 82.53
C TYR G 241 28.28 53.60 81.28
N GLY G 242 29.49 53.95 80.83
CA GLY G 242 29.69 54.70 79.61
C GLY G 242 29.86 53.77 78.43
N ILE G 243 28.82 53.69 77.60
CA ILE G 243 28.84 52.84 76.43
C ILE G 243 28.96 53.70 75.18
N GLY G 244 30.07 53.54 74.47
CA GLY G 244 30.36 54.29 73.26
C GLY G 244 29.45 53.90 72.10
N ALA G 245 29.35 54.81 71.13
CA ALA G 245 28.46 54.62 69.98
C ALA G 245 28.90 53.48 69.04
N GLY G 246 30.18 53.11 69.12
CA GLY G 246 30.73 52.05 68.27
C GLY G 246 30.49 50.63 68.77
N VAL G 247 30.09 50.51 70.04
CA VAL G 247 29.82 49.21 70.66
C VAL G 247 28.66 48.50 69.94
N THR G 248 28.92 47.29 69.46
CA THR G 248 27.91 46.49 68.75
C THR G 248 26.82 45.98 69.68
N ILE G 249 25.64 45.76 69.13
CA ILE G 249 24.48 45.28 69.89
C ILE G 249 24.79 43.96 70.60
N ALA G 250 25.46 43.05 69.90
CA ALA G 250 25.89 41.77 70.47
C ALA G 250 26.79 41.99 71.68
N ALA G 251 27.75 42.91 71.55
CA ALA G 251 28.67 43.26 72.63
C ALA G 251 27.91 43.88 73.81
N LEU G 252 26.94 44.73 73.49
CA LEU G 252 26.10 45.37 74.51
C LEU G 252 25.26 44.35 75.27
N ARG G 253 24.66 43.42 74.52
CA ARG G 253 23.89 42.33 75.12
C ARG G 253 24.75 41.44 76.01
N ALA G 254 25.99 41.20 75.57
CA ALA G 254 26.96 40.40 76.34
C ALA G 254 27.31 41.07 77.67
N PHE G 255 27.45 42.40 77.62
CA PHE G 255 27.75 43.21 78.80
C PHE G 255 26.54 43.33 79.74
N ALA G 256 25.37 43.51 79.14
CA ALA G 256 24.13 43.66 79.88
C ALA G 256 23.77 42.39 80.67
N GLU G 257 24.16 41.24 80.12
CA GLU G 257 23.91 39.93 80.75
C GLU G 257 24.00 39.99 82.29
N GLY G 258 25.02 40.68 82.79
CA GLY G 258 25.22 40.87 84.23
C GLY G 258 24.32 41.94 84.84
N PRO G 259 24.76 43.22 84.80
CA PRO G 259 24.03 44.34 85.41
C PRO G 259 22.58 44.53 84.96
N HIS G 260 22.30 44.41 83.67
CA HIS G 260 20.95 44.64 83.14
C HIS G 260 20.40 43.44 82.38
N PRO G 261 19.87 42.43 83.09
CA PRO G 261 19.31 41.25 82.42
C PRO G 261 18.06 41.56 81.61
N ALA G 262 17.37 42.65 81.96
CA ALA G 262 16.18 43.10 81.24
C ALA G 262 16.53 43.58 79.83
N LEU G 263 17.63 44.31 79.71
CA LEU G 263 18.11 44.79 78.41
C LEU G 263 18.62 43.63 77.56
N ALA G 264 19.45 42.77 78.16
CA ALA G 264 19.98 41.59 77.47
C ALA G 264 18.86 40.67 76.97
N GLY G 265 17.75 40.66 77.70
CA GLY G 265 16.56 39.91 77.30
C GLY G 265 15.92 40.45 76.04
N LEU G 266 15.84 41.77 75.94
CA LEU G 266 15.31 42.45 74.76
C LEU G 266 16.27 42.35 73.56
N LEU G 267 17.57 42.52 73.82
CA LEU G 267 18.57 42.50 72.76
C LEU G 267 18.80 41.11 72.15
N ARG G 268 18.30 40.07 72.82
CA ARG G 268 18.30 38.72 72.24
C ARG G 268 17.36 38.67 71.04
N ARG G 269 16.26 39.42 71.13
CA ARG G 269 15.27 39.51 70.07
C ARG G 269 15.46 40.72 69.14
N PHE G 270 16.57 41.43 69.31
CA PHE G 270 16.99 42.53 68.44
C PHE G 270 17.62 41.92 67.18
N ALA G 271 17.02 42.21 66.01
CA ALA G 271 17.52 41.72 64.73
C ALA G 271 17.88 40.23 64.76
N SER G 272 19.01 39.87 64.15
CA SER G 272 19.56 38.52 64.23
C SER G 272 20.98 38.56 64.77
N GLU G 273 21.55 37.39 65.03
CA GLU G 273 22.94 37.28 65.48
C GLU G 273 23.90 37.85 64.43
N GLN G 274 23.59 37.63 63.16
CA GLN G 274 24.42 38.13 62.05
C GLN G 274 24.41 39.66 61.95
N VAL G 275 23.32 40.29 62.36
CA VAL G 275 23.22 41.75 62.37
C VAL G 275 23.87 42.32 63.64
N ARG G 276 23.53 41.72 64.78
CA ARG G 276 24.05 42.14 66.08
C ARG G 276 25.59 42.16 66.17
N GLN G 277 26.25 41.36 65.35
CA GLN G 277 27.71 41.28 65.35
C GLN G 277 28.40 42.51 64.75
N VAL G 278 27.65 43.27 63.94
CA VAL G 278 28.20 44.48 63.31
C VAL G 278 27.38 45.75 63.59
N ALA G 279 26.09 45.59 63.84
CA ALA G 279 25.19 46.72 64.14
C ALA G 279 25.52 47.36 65.48
N THR G 280 25.51 48.69 65.53
CA THR G 280 25.93 49.42 66.74
C THR G 280 24.81 50.21 67.41
N ILE G 281 24.99 50.48 68.70
CA ILE G 281 24.00 51.24 69.49
C ILE G 281 23.93 52.71 69.08
N GLY G 282 25.08 53.30 68.74
CA GLY G 282 25.15 54.68 68.28
C GLY G 282 24.42 54.88 66.97
N GLY G 283 24.45 53.84 66.12
CA GLY G 283 23.73 53.85 64.87
C GLY G 283 22.23 53.60 65.05
N ASN G 284 21.88 52.75 66.02
CA ASN G 284 20.48 52.45 66.31
C ASN G 284 19.73 53.69 66.77
N ILE G 285 20.36 54.46 67.67
CA ILE G 285 19.81 55.70 68.18
C ILE G 285 19.81 56.78 67.09
N ALA G 286 20.94 56.92 66.40
CA ALA G 286 21.12 57.94 65.36
C ALA G 286 20.23 57.73 64.13
N ASN G 287 19.85 56.47 63.88
CA ASN G 287 18.90 56.17 62.81
C ASN G 287 17.55 56.83 63.07
N GLY G 288 17.19 56.92 64.35
CA GLY G 288 16.00 57.65 64.80
C GLY G 288 14.68 57.08 64.31
N SER G 289 14.54 55.76 64.40
CA SER G 289 13.30 55.08 64.02
C SER G 289 12.37 54.93 65.22
N PRO G 290 11.05 55.09 65.00
CA PRO G 290 10.08 54.88 66.09
C PRO G 290 9.95 53.42 66.49
N ILE G 291 10.26 52.51 65.55
CA ILE G 291 10.25 51.07 65.78
C ILE G 291 11.64 50.53 66.14
N GLY G 292 12.56 51.43 66.45
CA GLY G 292 13.88 51.06 66.97
C GLY G 292 13.74 50.52 68.39
N ASP G 293 14.51 49.48 68.71
CA ASP G 293 14.38 48.78 69.99
C ASP G 293 15.36 49.23 71.07
N GLY G 294 16.45 49.88 70.65
CA GLY G 294 17.40 50.49 71.58
C GLY G 294 16.79 51.58 72.45
N PRO G 295 16.29 52.67 71.82
CA PRO G 295 15.75 53.82 72.55
C PRO G 295 14.76 53.51 73.70
N PRO G 296 13.64 52.79 73.42
CA PRO G 296 12.66 52.65 74.49
C PRO G 296 13.22 51.94 75.72
N ALA G 297 14.15 51.01 75.49
CA ALA G 297 14.79 50.25 76.55
C ALA G 297 15.64 51.15 77.45
N LEU G 298 16.47 51.98 76.83
CA LEU G 298 17.37 52.87 77.55
C LEU G 298 16.63 54.03 78.21
N ILE G 299 15.60 54.54 77.53
CA ILE G 299 14.77 55.62 78.07
C ILE G 299 14.08 55.18 79.37
N ALA G 300 13.51 53.98 79.34
CA ALA G 300 12.83 53.41 80.50
C ALA G 300 13.75 53.23 81.71
N MET G 301 15.02 52.94 81.46
CA MET G 301 16.00 52.85 82.54
C MET G 301 16.84 54.12 82.72
N GLY G 302 16.32 55.24 82.19
CA GLY G 302 16.90 56.57 82.42
C GLY G 302 18.34 56.77 81.99
N ALA G 303 18.65 56.36 80.77
CA ALA G 303 19.99 56.52 80.21
C ALA G 303 20.14 57.88 79.52
N SER G 304 21.31 58.49 79.69
CA SER G 304 21.60 59.76 79.04
C SER G 304 22.45 59.56 77.79
N LEU G 305 22.16 60.37 76.77
CA LEU G 305 22.92 60.37 75.52
C LEU G 305 24.03 61.43 75.58
N THR G 306 25.15 61.12 74.92
CA THR G 306 26.27 62.06 74.82
C THR G 306 26.63 62.30 73.34
N LEU G 307 26.58 63.57 72.93
CA LEU G 307 26.89 63.98 71.56
C LEU G 307 28.24 64.70 71.51
N ARG G 308 28.82 64.80 70.31
CA ARG G 308 30.11 65.48 70.16
C ARG G 308 30.22 66.24 68.83
N ARG G 309 30.75 67.46 68.91
CA ARG G 309 31.01 68.27 67.72
C ARG G 309 32.38 68.96 67.83
N GLY G 310 33.41 68.30 67.31
CA GLY G 310 34.78 68.79 67.42
C GLY G 310 35.36 68.50 68.78
N GLN G 311 35.44 69.52 69.62
CA GLN G 311 35.83 69.39 71.02
C GLN G 311 34.61 69.56 71.93
N GLU G 312 33.52 70.05 71.32
CA GLU G 312 32.25 70.28 72.02
C GLU G 312 31.57 68.97 72.37
N ARG G 313 30.91 68.95 73.53
CA ARG G 313 30.27 67.73 74.03
C ARG G 313 28.97 68.04 74.76
N ARG G 314 27.85 67.62 74.18
CA ARG G 314 26.53 67.81 74.75
C ARG G 314 26.02 66.54 75.42
N ARG G 315 25.20 66.71 76.46
CA ARG G 315 24.65 65.60 77.21
C ARG G 315 23.18 65.88 77.54
N MET G 316 22.33 64.86 77.43
CA MET G 316 20.89 65.02 77.65
C MET G 316 20.21 63.67 77.94
N PRO G 317 19.01 63.68 78.55
CA PRO G 317 18.22 62.45 78.63
C PRO G 317 17.82 61.97 77.25
N LEU G 318 18.06 60.67 76.98
CA LEU G 318 17.90 60.10 75.64
C LEU G 318 16.61 60.50 74.92
N GLU G 319 15.49 60.47 75.64
CA GLU G 319 14.17 60.76 75.07
C GLU G 319 14.09 62.13 74.39
N ASP G 320 14.83 63.10 74.93
CA ASP G 320 14.87 64.46 74.39
C ASP G 320 15.63 64.57 73.06
N PHE G 321 16.40 63.53 72.72
CA PHE G 321 17.14 63.50 71.45
C PHE G 321 16.19 63.32 70.26
N PHE G 322 15.07 62.66 70.50
CA PHE G 322 14.08 62.38 69.45
C PHE G 322 12.98 63.44 69.45
N LEU G 323 13.09 64.40 68.51
CA LEU G 323 12.16 65.53 68.45
C LEU G 323 10.83 65.16 67.81
N GLU G 324 10.90 64.71 66.54
CA GLU G 324 9.72 64.27 65.81
C GLU G 324 10.06 63.04 64.98
N TYR G 325 9.09 62.56 64.20
CA TYR G 325 9.35 61.54 63.17
C TYR G 325 10.35 62.14 62.19
N ARG G 326 11.50 61.48 62.03
CA ARG G 326 12.56 61.93 61.11
C ARG G 326 13.49 62.99 61.72
N LYS G 327 12.98 63.74 62.69
CA LYS G 327 13.72 64.85 63.30
C LYS G 327 14.43 64.46 64.60
N GLN G 328 15.70 64.81 64.69
CA GLN G 328 16.49 64.62 65.91
C GLN G 328 17.13 65.92 66.38
N ASP G 329 17.66 65.92 67.60
CA ASP G 329 18.36 67.07 68.16
C ASP G 329 19.85 66.94 67.86
N ARG G 330 20.22 67.21 66.61
CA ARG G 330 21.57 66.98 66.11
C ARG G 330 22.05 68.20 65.30
N ARG G 331 23.16 68.79 65.74
CA ARG G 331 23.73 69.97 65.07
C ARG G 331 24.46 69.58 63.79
N PRO G 332 24.63 70.53 62.85
CA PRO G 332 25.51 70.31 61.71
C PRO G 332 26.95 69.98 62.14
N GLY G 333 27.44 68.82 61.73
CA GLY G 333 28.78 68.34 62.12
C GLY G 333 28.85 67.64 63.46
N GLU G 334 27.69 67.45 64.10
CA GLU G 334 27.59 66.79 65.40
C GLU G 334 27.24 65.32 65.24
N PHE G 335 27.90 64.45 66.02
CA PHE G 335 27.66 63.02 65.98
C PHE G 335 27.41 62.42 67.35
N VAL G 336 26.73 61.26 67.37
CA VAL G 336 26.53 60.48 68.58
C VAL G 336 27.85 59.83 68.99
N GLU G 337 28.27 60.08 70.23
CA GLU G 337 29.55 59.57 70.72
C GLU G 337 29.38 58.41 71.71
N SER G 338 28.45 58.58 72.65
CA SER G 338 28.23 57.57 73.70
C SER G 338 26.86 57.70 74.37
N VAL G 339 26.56 56.72 75.21
CA VAL G 339 25.40 56.75 76.11
C VAL G 339 25.83 56.41 77.53
N THR G 340 24.97 56.72 78.51
CA THR G 340 25.28 56.44 79.90
C THR G 340 24.08 55.79 80.59
N LEU G 341 24.22 54.51 80.92
CA LEU G 341 23.18 53.80 81.65
C LEU G 341 23.57 53.77 83.13
N PRO G 342 22.58 53.68 84.04
CA PRO G 342 22.90 53.57 85.47
C PRO G 342 23.44 52.18 85.82
N LYS G 343 24.08 52.07 86.97
CA LYS G 343 24.59 50.78 87.46
C LYS G 343 23.46 49.75 87.63
N SER G 344 22.37 50.19 88.25
CA SER G 344 21.24 49.32 88.58
C SER G 344 19.93 49.80 87.97
N ALA G 345 19.05 48.85 87.66
CA ALA G 345 17.68 49.13 87.19
C ALA G 345 16.83 47.86 87.35
N PRO G 346 16.51 47.49 88.60
CA PRO G 346 15.85 46.21 88.87
C PRO G 346 14.42 46.18 88.32
N GLY G 347 13.72 47.30 88.42
CA GLY G 347 12.32 47.37 88.00
C GLY G 347 12.10 47.37 86.50
N LEU G 348 13.20 47.45 85.75
CA LEU G 348 13.14 47.49 84.29
C LEU G 348 12.62 46.18 83.72
N ARG G 349 11.72 46.30 82.73
CA ARG G 349 11.18 45.17 82.02
C ARG G 349 10.96 45.55 80.56
N CYS G 350 11.11 44.58 79.66
CA CYS G 350 11.02 44.85 78.23
C CYS G 350 10.09 43.89 77.50
N TYR G 351 9.13 44.46 76.77
CA TYR G 351 8.20 43.64 76.02
C TYR G 351 8.19 44.02 74.53
N LYS G 352 8.76 43.13 73.72
CA LYS G 352 8.75 43.27 72.28
C LYS G 352 7.66 42.38 71.68
N LEU G 353 6.77 43.02 70.93
CA LEU G 353 5.68 42.32 70.27
C LEU G 353 5.82 42.43 68.75
N SER G 354 5.70 41.29 68.07
CA SER G 354 5.79 41.21 66.62
C SER G 354 5.01 39.97 66.15
N LYS G 355 4.98 39.72 64.84
CA LYS G 355 4.33 38.53 64.29
C LYS G 355 5.09 37.26 64.68
N ARG G 356 6.41 37.36 64.62
CA ARG G 356 7.31 36.26 64.94
C ARG G 356 8.23 36.75 66.05
N PHE G 357 8.73 35.83 66.89
CA PHE G 357 9.64 36.19 67.97
C PHE G 357 11.02 36.61 67.45
N ASP G 358 11.71 35.68 66.79
CA ASP G 358 13.05 35.92 66.27
C ASP G 358 13.04 36.73 64.97
N GLN G 359 14.08 37.55 64.80
CA GLN G 359 14.31 38.31 63.56
C GLN G 359 13.06 39.02 63.06
N ASP G 360 12.63 40.02 63.82
CA ASP G 360 11.39 40.73 63.51
C ASP G 360 11.37 42.16 64.05
N ILE G 361 10.65 43.04 63.35
CA ILE G 361 10.53 44.42 63.74
C ILE G 361 9.25 44.65 64.56
N SER G 362 9.42 45.22 65.75
CA SER G 362 8.34 45.40 66.73
C SER G 362 7.13 46.17 66.20
N ALA G 363 5.93 45.65 66.47
CA ALA G 363 4.71 46.39 66.24
C ALA G 363 4.54 47.34 67.41
N VAL G 364 4.56 46.78 68.61
CA VAL G 364 4.59 47.54 69.86
C VAL G 364 5.84 47.12 70.63
N CYS G 365 6.45 48.09 71.32
CA CYS G 365 7.62 47.84 72.13
C CYS G 365 7.51 48.53 73.48
N GLY G 366 7.09 47.78 74.49
CA GLY G 366 6.80 48.34 75.81
C GLY G 366 7.88 48.10 76.85
N CYS G 367 8.40 49.20 77.39
CA CYS G 367 9.36 49.15 78.48
C CYS G 367 8.83 49.83 79.73
N LEU G 368 8.65 49.04 80.78
CA LEU G 368 8.15 49.56 82.05
C LEU G 368 9.23 49.49 83.13
N ASN G 369 9.28 50.54 83.94
CA ASN G 369 10.24 50.66 85.01
C ASN G 369 9.65 51.46 86.15
N LEU G 370 9.23 50.75 87.20
CA LEU G 370 8.68 51.39 88.38
C LEU G 370 9.58 51.17 89.59
N THR G 371 9.59 52.16 90.48
CA THR G 371 10.23 52.02 91.78
C THR G 371 9.17 52.11 92.86
N LEU G 372 9.41 51.43 93.98
CA LEU G 372 8.40 51.31 95.03
C LEU G 372 8.83 51.90 96.38
N LYS G 373 7.91 52.65 96.98
CA LYS G 373 8.01 53.05 98.38
C LYS G 373 7.19 52.05 99.19
N GLY G 374 7.46 50.76 98.98
CA GLY G 374 6.73 49.67 99.63
C GLY G 374 5.24 49.68 99.34
N SER G 375 4.86 49.04 98.24
CA SER G 375 3.46 48.98 97.78
C SER G 375 3.01 50.17 96.93
N LYS G 376 3.52 51.35 97.26
CA LYS G 376 3.14 52.59 96.55
C LYS G 376 4.16 52.99 95.49
N ILE G 377 3.66 53.46 94.35
CA ILE G 377 4.50 53.77 93.19
C ILE G 377 5.27 55.08 93.34
N GLU G 378 6.60 54.97 93.33
CA GLU G 378 7.49 56.12 93.40
C GLU G 378 7.65 56.79 92.03
N THR G 379 8.45 56.19 91.16
CA THR G 379 8.79 56.78 89.87
C THR G 379 8.35 55.90 88.71
N ALA G 380 7.58 56.47 87.80
CA ALA G 380 7.12 55.75 86.62
C ALA G 380 7.93 56.11 85.38
N ARG G 381 8.68 55.14 84.87
CA ARG G 381 9.37 55.29 83.59
C ARG G 381 8.83 54.27 82.58
N ILE G 382 7.90 54.71 81.75
CA ILE G 382 7.24 53.83 80.77
C ILE G 382 7.38 54.40 79.36
N ALA G 383 8.30 53.81 78.59
CA ALA G 383 8.60 54.26 77.23
C ALA G 383 8.16 53.24 76.19
N PHE G 384 7.62 53.73 75.07
CA PHE G 384 7.09 52.87 74.01
C PHE G 384 7.75 53.06 72.65
N GLY G 385 7.90 51.95 71.93
CA GLY G 385 8.35 51.98 70.55
C GLY G 385 7.18 51.65 69.64
N GLY G 386 7.20 52.20 68.43
CA GLY G 386 6.17 51.94 67.42
C GLY G 386 4.75 52.37 67.79
N MET G 387 4.64 53.19 68.84
CA MET G 387 3.34 53.69 69.30
C MET G 387 3.05 55.10 68.80
N ALA G 388 4.11 55.83 68.48
CA ALA G 388 4.01 57.17 67.91
C ALA G 388 5.00 57.33 66.77
N GLY G 389 5.17 58.56 66.28
CA GLY G 389 6.18 58.88 65.28
C GLY G 389 7.56 58.96 65.90
N VAL G 390 7.61 58.82 67.23
CA VAL G 390 8.83 58.97 67.99
C VAL G 390 8.80 57.96 69.16
N PRO G 391 9.98 57.50 69.63
CA PRO G 391 10.00 56.72 70.87
C PRO G 391 9.90 57.62 72.11
N LYS G 392 8.71 57.70 72.70
CA LYS G 392 8.45 58.61 73.82
C LYS G 392 7.88 57.92 75.05
N ARG G 393 7.75 58.68 76.13
CA ARG G 393 7.20 58.20 77.40
C ARG G 393 5.68 58.41 77.50
N ALA G 394 5.02 57.56 78.29
CA ALA G 394 3.57 57.65 78.47
C ALA G 394 3.23 58.65 79.56
N ALA G 395 3.46 59.94 79.27
CA ALA G 395 3.38 61.02 80.26
C ALA G 395 2.15 61.01 81.16
N ALA G 396 0.96 60.89 80.55
CA ALA G 396 -0.31 60.89 81.28
C ALA G 396 -0.50 59.63 82.12
N PHE G 397 -0.22 58.47 81.51
CA PHE G 397 -0.28 57.18 82.19
C PHE G 397 0.71 57.10 83.36
N GLU G 398 1.90 57.66 83.18
CA GLU G 398 2.94 57.72 84.21
C GLU G 398 2.50 58.60 85.37
N ALA G 399 2.03 59.80 85.06
CA ALA G 399 1.61 60.77 86.06
C ALA G 399 0.43 60.27 86.90
N ALA G 400 -0.46 59.52 86.25
CA ALA G 400 -1.64 58.94 86.92
C ALA G 400 -1.34 57.61 87.60
N LEU G 401 -0.06 57.30 87.75
CA LEU G 401 0.38 56.07 88.38
C LEU G 401 1.11 56.36 89.70
N ILE G 402 1.81 57.50 89.75
CA ILE G 402 2.56 57.94 90.93
C ILE G 402 1.63 58.06 92.15
N GLY G 403 2.12 57.60 93.31
CA GLY G 403 1.36 57.68 94.56
C GLY G 403 0.45 56.48 94.78
N GLN G 404 -0.13 55.98 93.69
CA GLN G 404 -1.04 54.84 93.73
C GLN G 404 -0.39 53.55 94.21
N ASP G 405 -1.21 52.59 94.63
CA ASP G 405 -0.75 51.26 95.03
C ASP G 405 -0.39 50.42 93.81
N PHE G 406 0.51 49.46 94.00
CA PHE G 406 0.94 48.58 92.91
C PHE G 406 0.15 47.27 92.87
N ARG G 407 -1.06 47.36 92.33
CA ARG G 407 -1.93 46.20 92.09
C ARG G 407 -2.53 46.27 90.70
N GLU G 408 -3.07 45.13 90.24
CA GLU G 408 -3.65 45.03 88.90
C GLU G 408 -4.85 45.95 88.70
N ASP G 409 -5.71 46.03 89.72
CA ASP G 409 -6.93 46.84 89.63
C ASP G 409 -6.65 48.34 89.41
N THR G 410 -5.62 48.86 90.10
CA THR G 410 -5.23 50.27 90.00
C THR G 410 -4.65 50.60 88.63
N ILE G 411 -3.70 49.77 88.19
CA ILE G 411 -3.09 49.91 86.85
C ILE G 411 -4.17 49.78 85.77
N ALA G 412 -5.11 48.87 85.98
CA ALA G 412 -6.24 48.65 85.07
C ALA G 412 -7.10 49.90 84.86
N ALA G 413 -7.27 50.67 85.92
CA ALA G 413 -8.05 51.91 85.87
C ALA G 413 -7.34 53.02 85.09
N ALA G 414 -6.00 52.97 85.05
CA ALA G 414 -5.19 53.99 84.39
C ALA G 414 -4.96 53.73 82.89
N LEU G 415 -5.33 52.53 82.43
CA LEU G 415 -5.08 52.09 81.05
C LEU G 415 -5.62 53.00 79.93
N PRO G 416 -6.82 53.61 80.10
CA PRO G 416 -7.34 54.50 79.05
C PRO G 416 -6.46 55.73 78.77
N LEU G 417 -5.61 56.11 79.72
CA LEU G 417 -4.76 57.30 79.58
C LEU G 417 -3.66 57.15 78.52
N LEU G 418 -3.30 55.90 78.21
CA LEU G 418 -2.37 55.60 77.12
C LEU G 418 -2.98 55.98 75.77
N ALA G 419 -4.31 55.98 75.69
CA ALA G 419 -5.03 56.39 74.49
C ALA G 419 -4.94 57.90 74.27
N GLN G 420 -4.66 58.63 75.35
CA GLN G 420 -4.38 60.06 75.26
C GLN G 420 -2.91 60.29 74.90
N ASP G 421 -2.05 59.38 75.35
CA ASP G 421 -0.61 59.45 75.11
C ASP G 421 -0.20 59.15 73.67
N PHE G 422 -0.94 58.25 73.00
CA PHE G 422 -0.62 57.84 71.63
C PHE G 422 -1.86 57.68 70.76
N THR G 423 -1.70 58.00 69.48
CA THR G 423 -2.72 57.71 68.45
C THR G 423 -2.05 56.80 67.40
N PRO G 424 -1.97 55.49 67.69
CA PRO G 424 -1.14 54.56 66.90
C PRO G 424 -1.53 54.41 65.42
N LEU G 425 -0.61 53.89 64.62
CA LEU G 425 -0.80 53.68 63.18
C LEU G 425 -1.28 52.28 62.83
N SER G 426 -1.69 52.12 61.57
CA SER G 426 -2.09 50.82 61.03
C SER G 426 -1.29 50.50 59.77
N ASP G 427 -0.36 49.56 59.88
CA ASP G 427 0.34 49.03 58.71
C ASP G 427 0.30 47.50 58.70
N MET G 428 1.14 46.89 57.85
CA MET G 428 1.15 45.44 57.69
C MET G 428 1.52 44.67 58.97
N ARG G 429 2.24 45.33 59.88
CA ARG G 429 2.64 44.71 61.15
C ARG G 429 1.45 44.43 62.05
N ALA G 430 0.61 45.44 62.26
CA ALA G 430 -0.54 45.36 63.15
C ALA G 430 -1.46 46.57 62.98
N SER G 431 -2.72 46.38 63.34
CA SER G 431 -3.70 47.46 63.32
C SER G 431 -3.45 48.42 64.47
N ALA G 432 -4.07 49.60 64.41
CA ALA G 432 -3.98 50.59 65.48
C ALA G 432 -4.70 50.07 66.73
N ALA G 433 -5.83 49.40 66.53
CA ALA G 433 -6.61 48.81 67.62
C ALA G 433 -5.78 47.81 68.41
N TYR G 434 -5.05 46.96 67.67
CA TYR G 434 -4.17 45.96 68.28
C TYR G 434 -2.95 46.62 68.94
N ARG G 435 -2.33 47.57 68.24
CA ARG G 435 -1.21 48.35 68.78
C ARG G 435 -1.55 49.01 70.12
N MET G 436 -2.78 49.55 70.20
CA MET G 436 -3.28 50.16 71.42
C MET G 436 -3.55 49.10 72.48
N ASN G 437 -4.38 48.11 72.15
CA ASN G 437 -4.72 47.03 73.05
C ASN G 437 -3.48 46.33 73.63
N ALA G 438 -2.42 46.26 72.83
CA ALA G 438 -1.18 45.62 73.24
C ALA G 438 -0.36 46.49 74.19
N ALA G 439 -0.49 47.80 74.06
CA ALA G 439 0.19 48.74 74.95
C ALA G 439 -0.36 48.67 76.36
N GLN G 440 -1.69 48.54 76.46
CA GLN G 440 -2.37 48.32 77.73
C GLN G 440 -2.09 46.91 78.28
N ALA G 441 -1.92 45.96 77.36
CA ALA G 441 -1.66 44.57 77.72
C ALA G 441 -0.31 44.42 78.42
N MET G 442 0.66 45.23 78.02
CA MET G 442 2.00 45.17 78.58
C MET G 442 2.06 45.68 80.03
N ALA G 443 1.20 46.65 80.33
CA ALA G 443 1.10 47.20 81.69
C ALA G 443 0.57 46.17 82.69
N LEU G 444 -0.54 45.52 82.32
CA LEU G 444 -1.10 44.41 83.11
C LEU G 444 -0.07 43.30 83.30
N ARG G 445 0.63 42.98 82.21
CA ARG G 445 1.70 41.97 82.19
C ARG G 445 2.87 42.32 83.12
N TYR G 446 3.18 43.62 83.22
CA TYR G 446 4.24 44.10 84.09
C TYR G 446 3.91 43.92 85.57
N VAL G 447 2.65 44.16 85.92
CA VAL G 447 2.16 43.97 87.29
C VAL G 447 2.22 42.49 87.67
N ARG G 448 1.67 41.65 86.80
CA ARG G 448 1.57 40.21 87.04
C ARG G 448 2.92 39.55 87.19
N GLU G 449 3.88 39.94 86.34
CA GLU G 449 5.21 39.36 86.36
C GLU G 449 5.93 39.69 87.66
N LEU G 450 5.80 40.94 88.12
CA LEU G 450 6.42 41.38 89.36
C LEU G 450 5.82 40.74 90.61
N SER G 451 4.60 40.22 90.47
CA SER G 451 3.94 39.47 91.54
C SER G 451 4.04 37.95 91.34
N GLY G 452 5.02 37.53 90.54
CA GLY G 452 5.36 36.11 90.40
C GLY G 452 4.51 35.26 89.48
N GLU G 453 3.65 35.89 88.70
CA GLU G 453 2.75 35.17 87.78
C GLU G 453 3.50 34.72 86.53
N ALA G 454 3.07 33.59 85.95
CA ALA G 454 3.58 33.13 84.66
C ALA G 454 2.95 33.92 83.53
N VAL G 455 3.78 34.58 82.73
CA VAL G 455 3.32 35.55 81.73
C VAL G 455 3.97 35.38 80.35
N ALA G 456 5.27 35.08 80.32
CA ALA G 456 6.02 34.91 79.07
C ALA G 456 5.81 33.53 78.44
N VAL G 457 5.33 33.53 77.19
CA VAL G 457 5.01 32.29 76.48
C VAL G 457 6.28 31.55 76.04
N LEU G 458 7.37 32.30 75.88
CA LEU G 458 8.65 31.75 75.44
C LEU G 458 9.36 30.99 76.55
N GLU G 459 8.91 31.18 77.78
CA GLU G 459 9.47 30.51 78.94
C GLU G 459 8.77 29.19 79.27
N VAL G 460 7.76 28.82 78.48
CA VAL G 460 6.98 27.61 78.73
C VAL G 460 7.75 26.35 78.34
N MET G 461 7.77 25.39 79.27
CA MET G 461 8.39 24.08 79.06
C MET G 461 7.49 23.13 78.27
N PRO G 462 7.99 22.66 77.10
CA PRO G 462 7.25 21.77 76.19
C PRO G 462 6.87 20.42 76.82
N SER H 2 18.26 -1.17 45.92
CA SER H 2 18.78 0.14 46.40
C SER H 2 17.65 0.95 47.03
N VAL H 3 16.46 0.85 46.41
CA VAL H 3 15.23 1.46 46.90
C VAL H 3 14.96 1.03 48.34
N GLY H 4 14.62 1.99 49.19
CA GLY H 4 14.28 1.69 50.59
C GLY H 4 15.39 2.05 51.56
N LYS H 5 16.60 2.24 51.05
CA LYS H 5 17.72 2.68 51.88
C LYS H 5 17.57 4.17 52.21
N PRO H 6 17.91 4.56 53.46
CA PRO H 6 17.85 5.97 53.84
C PRO H 6 19.08 6.77 53.35
N LEU H 7 19.33 6.74 52.05
CA LEU H 7 20.50 7.40 51.45
C LEU H 7 20.33 8.91 51.34
N PRO H 8 21.44 9.66 51.24
CA PRO H 8 21.41 11.13 51.21
C PRO H 8 21.00 11.73 49.87
N HIS H 9 20.72 13.03 49.85
CA HIS H 9 20.36 13.77 48.63
C HIS H 9 21.49 13.73 47.60
N ASP H 10 21.12 13.74 46.32
CA ASP H 10 22.08 13.54 45.22
C ASP H 10 23.23 14.55 45.17
N SER H 11 22.99 15.75 45.70
CA SER H 11 23.96 16.82 45.66
C SER H 11 24.35 17.27 47.07
N ALA H 12 24.08 16.42 48.06
CA ALA H 12 24.29 16.77 49.48
C ALA H 12 25.68 17.33 49.77
N ARG H 13 26.72 16.64 49.30
CA ARG H 13 28.08 17.10 49.53
C ARG H 13 28.35 18.40 48.81
N ALA H 14 27.90 18.48 47.55
CA ALA H 14 28.05 19.67 46.73
C ALA H 14 27.33 20.88 47.35
N HIS H 15 26.14 20.63 47.92
CA HIS H 15 25.40 21.64 48.67
C HIS H 15 26.28 22.20 49.78
N VAL H 16 26.80 21.27 50.58
CA VAL H 16 27.46 21.57 51.84
C VAL H 16 28.81 22.31 51.66
N THR H 17 29.36 22.23 50.45
CA THR H 17 30.66 22.84 50.11
C THR H 17 30.51 24.10 49.26
N GLY H 18 29.27 24.45 48.92
CA GLY H 18 28.99 25.63 48.11
C GLY H 18 29.32 25.40 46.64
N GLN H 19 29.53 24.13 46.30
CA GLN H 19 29.93 23.75 44.95
C GLN H 19 28.73 23.52 44.03
N ALA H 20 27.55 23.32 44.64
CA ALA H 20 26.32 23.19 43.86
C ALA H 20 25.99 24.50 43.16
N ARG H 21 25.82 24.41 41.84
CA ARG H 21 25.57 25.56 40.99
C ARG H 21 24.09 25.79 40.77
N TYR H 22 23.64 27.01 41.01
CA TYR H 22 22.29 27.46 40.63
C TYR H 22 22.44 28.47 39.51
N LEU H 23 21.34 29.01 38.99
CA LEU H 23 21.41 29.79 37.74
C LEU H 23 22.41 30.95 37.76
N ASP H 24 22.32 31.81 38.77
CA ASP H 24 23.19 32.97 38.84
C ASP H 24 24.65 32.59 39.12
N ASP H 25 24.85 31.33 39.52
CA ASP H 25 26.17 30.77 39.75
C ASP H 25 26.89 30.40 38.45
N LEU H 26 26.11 30.05 37.42
CA LEU H 26 26.65 29.57 36.14
C LEU H 26 27.52 30.61 35.46
N PRO H 27 28.74 30.20 35.05
CA PRO H 27 29.64 31.11 34.36
C PRO H 27 29.20 31.32 32.91
N CYS H 28 29.31 32.55 32.41
CA CYS H 28 28.91 32.87 31.05
C CYS H 28 29.79 33.98 30.43
N PRO H 29 29.66 34.23 29.11
CA PRO H 29 30.60 35.13 28.45
C PRO H 29 30.60 36.53 29.05
N ALA H 30 31.72 37.23 28.89
CA ALA H 30 31.93 38.55 29.46
C ALA H 30 31.04 39.62 28.82
N ASN H 31 30.27 39.26 27.80
CA ASN H 31 29.37 40.20 27.13
C ASN H 31 27.90 40.11 27.58
N THR H 32 27.62 39.12 28.44
CA THR H 32 26.27 38.84 28.93
C THR H 32 25.56 40.09 29.47
N LEU H 33 24.33 40.30 29.00
CA LEU H 33 23.49 41.42 29.45
C LEU H 33 22.58 40.99 30.60
N HIS H 34 22.07 41.98 31.33
CA HIS H 34 21.23 41.73 32.49
C HIS H 34 19.93 42.51 32.41
N LEU H 35 18.85 41.86 32.83
CA LEU H 35 17.51 42.40 32.61
C LEU H 35 16.74 42.72 33.88
N ALA H 36 15.92 43.75 33.81
CA ALA H 36 15.01 44.13 34.89
C ALA H 36 13.71 44.66 34.29
N PHE H 37 12.59 44.31 34.91
CA PHE H 37 11.28 44.81 34.47
C PHE H 37 10.98 46.18 35.04
N GLY H 38 10.38 47.05 34.22
CA GLY H 38 9.81 48.29 34.70
C GLY H 38 8.38 47.99 35.12
N LEU H 39 8.07 48.19 36.40
CA LEU H 39 6.78 47.75 36.95
C LEU H 39 5.71 48.84 37.02
N SER H 40 4.45 48.41 37.10
CA SER H 40 3.30 49.29 37.22
C SER H 40 3.07 49.79 38.65
N THR H 41 2.70 51.05 38.78
CA THR H 41 2.39 51.64 40.09
C THR H 41 0.89 51.84 40.30
N GLU H 42 0.10 51.28 39.38
CA GLU H 42 -1.36 51.37 39.44
C GLU H 42 -1.99 49.99 39.44
N ALA H 43 -3.13 49.88 40.12
CA ALA H 43 -3.86 48.61 40.19
C ALA H 43 -4.69 48.35 38.94
N SER H 44 -5.27 49.41 38.38
CA SER H 44 -6.13 49.30 37.20
C SER H 44 -6.15 50.63 36.48
N ALA H 45 -5.49 50.68 35.33
CA ALA H 45 -5.36 51.93 34.58
C ALA H 45 -5.04 51.69 33.11
N ALA H 46 -5.33 52.69 32.29
CA ALA H 46 -4.82 52.73 30.93
C ALA H 46 -3.52 53.52 30.95
N ILE H 47 -2.60 53.20 30.04
CA ILE H 47 -1.35 53.95 29.94
C ILE H 47 -1.50 55.05 28.88
N THR H 48 -1.62 56.29 29.35
CA THR H 48 -1.79 57.46 28.49
C THR H 48 -0.50 57.87 27.80
N GLY H 49 0.62 57.71 28.53
CA GLY H 49 1.93 58.08 28.02
C GLY H 49 3.02 57.24 28.65
N LEU H 50 4.15 57.14 27.94
CA LEU H 50 5.27 56.32 28.37
C LEU H 50 6.58 56.90 27.82
N ASP H 51 7.31 57.64 28.66
CA ASP H 51 8.61 58.17 28.28
C ASP H 51 9.74 57.32 28.82
N LEU H 52 10.44 56.65 27.91
CA LEU H 52 11.54 55.77 28.28
C LEU H 52 12.89 56.40 27.92
N GLU H 53 12.90 57.73 27.84
CA GLU H 53 14.11 58.48 27.52
C GLU H 53 15.17 58.40 28.63
N PRO H 54 14.78 58.70 29.89
CA PRO H 54 15.77 58.63 30.97
C PRO H 54 16.16 57.19 31.33
N VAL H 55 15.56 56.22 30.64
CA VAL H 55 15.88 54.81 30.82
C VAL H 55 16.99 54.40 29.86
N ARG H 56 16.86 54.79 28.59
CA ARG H 56 17.88 54.51 27.59
C ARG H 56 19.14 55.33 27.85
N GLU H 57 18.96 56.48 28.49
CA GLU H 57 20.08 57.36 28.82
C GLU H 57 20.74 57.02 30.16
N SER H 58 20.11 56.14 30.92
CA SER H 58 20.67 55.63 32.18
C SER H 58 21.93 54.82 31.86
N PRO H 59 22.97 54.92 32.73
CA PRO H 59 24.27 54.31 32.44
C PRO H 59 24.21 52.80 32.21
N GLY H 60 25.08 52.31 31.33
CA GLY H 60 25.23 50.87 31.09
C GLY H 60 24.05 50.15 30.45
N VAL H 61 23.06 50.91 30.00
CA VAL H 61 21.87 50.36 29.34
C VAL H 61 22.13 50.11 27.85
N ILE H 62 21.75 48.94 27.37
CA ILE H 62 21.99 48.55 25.98
C ILE H 62 20.71 48.56 25.14
N ALA H 63 19.61 48.05 25.70
CA ALA H 63 18.31 48.02 25.02
C ALA H 63 17.14 48.17 25.99
N VAL H 64 16.01 48.67 25.49
CA VAL H 64 14.78 48.82 26.27
C VAL H 64 13.58 48.33 25.44
N PHE H 65 12.72 47.52 26.05
CA PHE H 65 11.67 46.80 25.31
C PHE H 65 10.27 47.10 25.82
N THR H 66 9.39 47.48 24.90
CA THR H 66 7.95 47.64 25.17
C THR H 66 7.24 46.38 24.70
N ALA H 67 5.94 46.31 24.94
CA ALA H 67 5.12 45.25 24.38
C ALA H 67 5.11 45.31 22.85
N ALA H 68 5.25 46.53 22.31
CA ALA H 68 5.30 46.74 20.86
C ALA H 68 6.58 46.20 20.23
N ASP H 69 7.60 46.00 21.07
CA ASP H 69 8.92 45.57 20.60
C ASP H 69 9.09 44.05 20.65
N LEU H 70 8.04 43.34 21.08
CA LEU H 70 8.04 41.88 21.05
C LEU H 70 7.75 41.39 19.64
N PRO H 71 8.65 40.57 19.07
CA PRO H 71 8.57 40.12 17.68
C PRO H 71 7.34 39.28 17.34
N HIS H 72 6.87 38.47 18.29
CA HIS H 72 5.73 37.57 18.05
C HIS H 72 4.72 37.56 19.19
N ASP H 73 4.64 36.46 19.94
CA ASP H 73 3.68 36.31 21.03
C ASP H 73 4.00 37.22 22.22
N ASN H 74 2.94 37.74 22.85
CA ASN H 74 3.04 38.44 24.12
C ASN H 74 2.23 37.68 25.16
N ASP H 75 2.58 36.41 25.35
CA ASP H 75 1.84 35.54 26.24
C ASP H 75 2.77 34.64 27.04
N ALA H 76 2.46 34.49 28.32
CA ALA H 76 3.24 33.71 29.25
C ALA H 76 2.33 32.89 30.15
N SER H 77 1.03 32.91 29.83
CA SER H 77 0.02 32.25 30.66
C SER H 77 -0.02 30.74 30.42
N PRO H 78 -0.03 29.95 31.52
CA PRO H 78 -0.23 28.50 31.43
C PRO H 78 -1.71 28.14 31.20
N ALA H 79 -2.52 29.15 30.88
CA ALA H 79 -3.93 28.96 30.55
C ALA H 79 -4.13 29.17 29.05
N PRO H 80 -5.28 28.70 28.51
CA PRO H 80 -5.68 29.08 27.15
C PRO H 80 -5.80 30.59 26.99
N SER H 81 -6.31 31.27 28.02
CA SER H 81 -6.44 32.73 28.04
C SER H 81 -5.07 33.42 28.18
N PRO H 82 -4.87 34.54 27.45
CA PRO H 82 -3.57 35.20 27.45
C PRO H 82 -3.28 36.01 28.70
N GLU H 83 -1.99 36.05 29.07
CA GLU H 83 -1.47 36.92 30.11
C GLU H 83 -0.18 37.52 29.53
N PRO H 84 -0.21 38.83 29.20
CA PRO H 84 0.94 39.47 28.57
C PRO H 84 2.19 39.46 29.46
N VAL H 85 3.36 39.36 28.82
CA VAL H 85 4.63 39.44 29.53
C VAL H 85 4.92 40.91 29.83
N LEU H 86 4.66 41.75 28.84
CA LEU H 86 4.75 43.20 29.01
C LEU H 86 3.38 43.80 28.72
N ALA H 87 3.00 44.79 29.52
CA ALA H 87 1.67 45.41 29.47
C ALA H 87 1.33 45.96 28.09
N THR H 88 0.12 45.67 27.63
CA THR H 88 -0.37 46.15 26.34
C THR H 88 -1.32 47.34 26.50
N GLY H 89 -0.72 48.51 26.70
CA GLY H 89 -1.48 49.76 26.81
C GLY H 89 -2.31 49.96 28.08
N GLU H 90 -2.41 48.91 28.89
CA GLU H 90 -3.14 48.97 30.16
C GLU H 90 -2.54 48.05 31.24
N VAL H 91 -2.77 48.41 32.50
CA VAL H 91 -2.21 47.69 33.64
C VAL H 91 -3.29 47.13 34.58
N HIS H 92 -3.03 45.95 35.13
CA HIS H 92 -4.06 45.20 35.86
C HIS H 92 -3.74 44.89 37.34
N PHE H 93 -2.53 45.23 37.78
CA PHE H 93 -2.15 45.13 39.20
C PHE H 93 -0.87 45.92 39.45
N VAL H 94 -0.65 46.31 40.70
CA VAL H 94 0.55 47.06 41.06
C VAL H 94 1.77 46.13 40.99
N GLY H 95 2.60 46.38 40.00
CA GLY H 95 3.79 45.58 39.76
C GLY H 95 3.72 44.77 38.47
N GLN H 96 2.83 45.15 37.57
CA GLN H 96 2.79 44.53 36.25
C GLN H 96 3.89 45.12 35.38
N PRO H 97 4.75 44.23 34.84
CA PRO H 97 5.84 44.65 33.95
C PRO H 97 5.32 45.37 32.72
N ILE H 98 5.74 46.62 32.54
CA ILE H 98 5.35 47.42 31.39
C ILE H 98 6.47 47.40 30.33
N PHE H 99 7.71 47.52 30.79
CA PHE H 99 8.86 47.48 29.89
C PHE H 99 10.01 46.62 30.43
N LEU H 100 10.97 46.33 29.56
CA LEU H 100 12.13 45.51 29.89
C LEU H 100 13.43 46.27 29.60
N VAL H 101 14.40 46.20 30.52
CA VAL H 101 15.69 46.88 30.34
C VAL H 101 16.84 45.89 30.24
N ALA H 102 17.64 46.02 29.17
CA ALA H 102 18.86 45.23 28.98
C ALA H 102 20.08 46.11 29.28
N ALA H 103 20.85 45.71 30.29
CA ALA H 103 21.98 46.52 30.74
C ALA H 103 23.25 45.69 30.95
N THR H 104 24.39 46.39 31.07
CA THR H 104 25.69 45.73 31.25
C THR H 104 25.85 45.08 32.62
N SER H 105 25.01 45.48 33.58
CA SER H 105 25.02 44.90 34.92
C SER H 105 23.61 44.79 35.49
N HIS H 106 23.42 43.85 36.42
CA HIS H 106 22.13 43.65 37.09
C HIS H 106 21.71 44.92 37.82
N ARG H 107 22.65 45.51 38.55
CA ARG H 107 22.42 46.76 39.26
C ARG H 107 21.90 47.85 38.32
N ALA H 108 22.67 48.12 37.25
CA ALA H 108 22.33 49.15 36.27
C ALA H 108 20.93 48.96 35.68
N ALA H 109 20.57 47.71 35.43
CA ALA H 109 19.26 47.37 34.88
C ALA H 109 18.12 47.79 35.82
N ARG H 110 18.30 47.54 37.11
CA ARG H 110 17.29 47.90 38.12
C ARG H 110 17.25 49.40 38.35
N ILE H 111 18.42 50.02 38.25
CA ILE H 111 18.55 51.48 38.33
C ILE H 111 17.77 52.14 37.18
N ALA H 112 17.96 51.62 35.97
CA ALA H 112 17.31 52.14 34.77
C ALA H 112 15.81 51.93 34.78
N ALA H 113 15.37 50.79 35.33
CA ALA H 113 13.96 50.41 35.35
C ALA H 113 13.07 51.42 36.08
N ARG H 114 13.61 52.05 37.12
CA ARG H 114 12.83 53.00 37.90
C ARG H 114 12.78 54.40 37.28
N LYS H 115 13.60 54.64 36.26
CA LYS H 115 13.78 55.98 35.68
C LYS H 115 12.78 56.40 34.58
N ALA H 116 11.78 55.56 34.31
CA ALA H 116 10.75 55.86 33.31
C ALA H 116 9.70 56.80 33.85
N ARG H 117 9.14 57.64 32.97
CA ARG H 117 8.03 58.51 33.32
C ARG H 117 6.76 58.10 32.60
N ILE H 118 5.84 57.49 33.35
CA ILE H 118 4.61 56.91 32.81
C ILE H 118 3.40 57.67 33.32
N THR H 119 2.52 58.06 32.39
CA THR H 119 1.25 58.70 32.75
C THR H 119 0.10 57.70 32.60
N TYR H 120 -0.70 57.57 33.66
CA TYR H 120 -1.84 56.64 33.68
C TYR H 120 -3.17 57.39 33.72
N ALA H 121 -4.21 56.76 33.17
CA ALA H 121 -5.58 57.19 33.37
C ALA H 121 -6.30 56.11 34.15
N PRO H 122 -6.31 56.23 35.50
CA PRO H 122 -6.73 55.16 36.41
C PRO H 122 -8.22 54.84 36.34
N ARG H 123 -8.56 53.58 36.60
CA ARG H 123 -9.95 53.11 36.64
C ARG H 123 -10.22 52.55 38.03
N PRO H 124 -11.52 52.38 38.39
CA PRO H 124 -11.82 51.66 39.63
C PRO H 124 -11.18 50.28 39.65
N ALA H 125 -10.59 49.91 40.79
CA ALA H 125 -9.89 48.64 40.94
C ALA H 125 -10.70 47.66 41.80
N ILE H 126 -10.75 46.41 41.35
CA ILE H 126 -11.47 45.35 42.03
C ILE H 126 -10.49 44.65 42.97
N LEU H 127 -10.58 44.96 44.26
CA LEU H 127 -9.55 44.50 45.21
C LEU H 127 -9.99 43.44 46.23
N THR H 128 -11.15 43.63 46.85
CA THR H 128 -11.64 42.63 47.82
C THR H 128 -12.59 41.65 47.15
N LEU H 129 -12.83 40.50 47.80
CA LEU H 129 -13.73 39.47 47.28
C LEU H 129 -15.13 40.01 47.01
N ASP H 130 -15.65 40.78 47.98
CA ASP H 130 -16.98 41.37 47.88
C ASP H 130 -17.11 42.30 46.69
N GLN H 131 -16.01 42.97 46.34
CA GLN H 131 -15.96 43.82 45.16
C GLN H 131 -16.05 42.99 43.90
N ALA H 132 -15.21 41.95 43.81
CA ALA H 132 -15.20 41.05 42.67
C ALA H 132 -16.55 40.39 42.50
N LEU H 133 -17.13 39.98 43.62
CA LEU H 133 -18.42 39.32 43.65
C LEU H 133 -19.53 40.28 43.19
N ALA H 134 -19.56 41.47 43.78
CA ALA H 134 -20.55 42.49 43.45
C ALA H 134 -20.38 43.08 42.03
N ALA H 135 -19.15 43.08 41.52
CA ALA H 135 -18.87 43.58 40.17
C ALA H 135 -18.84 42.45 39.13
N ASP H 136 -19.01 41.22 39.60
CA ASP H 136 -18.96 40.00 38.77
C ASP H 136 -17.62 39.85 38.03
N SER H 137 -16.54 40.26 38.70
CA SER H 137 -15.19 40.07 38.18
C SER H 137 -14.73 38.66 38.54
N ARG H 138 -14.78 37.75 37.57
CA ARG H 138 -14.51 36.34 37.81
C ARG H 138 -13.97 35.64 36.56
N PHE H 139 -13.49 34.41 36.75
CA PHE H 139 -13.08 33.54 35.65
C PHE H 139 -14.09 32.41 35.47
N GLU H 140 -14.12 31.86 34.25
CA GLU H 140 -15.03 30.74 33.89
C GLU H 140 -16.51 31.15 33.83
N GLY H 141 -16.76 32.46 33.87
CA GLY H 141 -18.11 33.03 33.70
C GLY H 141 -19.18 32.42 34.57
N GLY H 142 -18.98 32.47 35.88
CA GLY H 142 -19.92 31.89 36.85
C GLY H 142 -19.25 30.89 37.76
N PRO H 143 -19.90 30.55 38.90
CA PRO H 143 -19.34 29.60 39.85
C PRO H 143 -19.44 28.14 39.39
N VAL H 144 -18.43 27.34 39.70
CA VAL H 144 -18.50 25.90 39.51
C VAL H 144 -19.22 25.29 40.71
N ILE H 145 -20.25 24.50 40.45
CA ILE H 145 -21.08 23.90 41.51
C ILE H 145 -21.19 22.38 41.36
N TRP H 146 -20.81 21.66 42.42
CA TRP H 146 -20.95 20.21 42.49
C TRP H 146 -21.82 19.81 43.67
N ALA H 147 -22.77 18.91 43.42
CA ALA H 147 -23.65 18.41 44.46
C ALA H 147 -23.71 16.89 44.47
N ARG H 148 -23.58 16.30 45.66
CA ARG H 148 -23.73 14.86 45.85
C ARG H 148 -24.87 14.64 46.82
N GLY H 149 -25.98 14.08 46.32
CA GLY H 149 -27.18 13.94 47.12
C GLY H 149 -27.84 15.28 47.33
N ASP H 150 -28.54 15.44 48.44
CA ASP H 150 -29.32 16.64 48.72
C ASP H 150 -29.00 17.22 50.09
N VAL H 151 -28.05 18.16 50.14
CA VAL H 151 -27.65 18.82 51.38
C VAL H 151 -28.80 19.58 52.03
N GLU H 152 -29.50 20.36 51.22
CA GLU H 152 -30.59 21.22 51.68
C GLU H 152 -31.63 20.46 52.50
N THR H 153 -31.96 19.25 52.06
CA THR H 153 -32.90 18.40 52.77
C THR H 153 -32.25 17.74 53.99
N ALA H 154 -31.03 17.21 53.80
CA ALA H 154 -30.30 16.52 54.86
C ALA H 154 -29.99 17.41 56.07
N LEU H 155 -29.66 18.68 55.81
CA LEU H 155 -29.39 19.66 56.86
C LEU H 155 -30.66 20.13 57.57
N ALA H 156 -31.77 20.15 56.83
CA ALA H 156 -33.06 20.61 57.36
C ALA H 156 -33.56 19.71 58.50
N GLY H 157 -33.37 18.41 58.34
CA GLY H 157 -33.70 17.43 59.36
C GLY H 157 -32.45 16.87 60.00
N ALA H 158 -31.61 17.74 60.54
CA ALA H 158 -30.37 17.33 61.19
C ALA H 158 -30.41 17.60 62.68
N ALA H 159 -29.95 16.64 63.46
CA ALA H 159 -29.91 16.75 64.92
C ALA H 159 -29.02 17.91 65.37
N HIS H 160 -27.83 18.02 64.76
CA HIS H 160 -26.90 19.09 65.08
C HIS H 160 -26.37 19.79 63.84
N LEU H 161 -26.61 21.10 63.79
CA LEU H 161 -26.21 21.94 62.68
C LEU H 161 -25.07 22.85 63.13
N ALA H 162 -24.17 23.17 62.21
CA ALA H 162 -23.13 24.16 62.46
C ALA H 162 -22.88 25.01 61.23
N GLU H 163 -23.24 26.29 61.31
CA GLU H 163 -23.00 27.23 60.24
C GLU H 163 -21.88 28.17 60.65
N GLY H 164 -21.10 28.62 59.67
CA GLY H 164 -19.97 29.51 59.93
C GLY H 164 -19.31 30.02 58.66
N CYS H 165 -18.33 30.90 58.86
CA CYS H 165 -17.58 31.52 57.77
C CYS H 165 -16.25 32.05 58.30
N PHE H 166 -15.20 31.90 57.49
CA PHE H 166 -13.88 32.40 57.88
C PHE H 166 -12.95 32.63 56.68
N GLU H 167 -12.02 33.57 56.85
CA GLU H 167 -11.02 33.90 55.84
C GLU H 167 -9.82 32.96 55.98
N ILE H 168 -9.20 32.63 54.86
CA ILE H 168 -7.93 31.91 54.85
C ILE H 168 -6.93 32.69 54.00
N GLY H 169 -5.90 33.23 54.64
CA GLY H 169 -4.88 34.04 53.96
C GLY H 169 -4.09 33.26 52.93
N GLY H 170 -3.56 34.00 51.94
CA GLY H 170 -2.72 33.41 50.89
C GLY H 170 -1.35 33.02 51.42
N GLN H 171 -0.39 32.84 50.51
CA GLN H 171 0.96 32.45 50.91
C GLN H 171 2.01 32.71 49.84
N GLU H 172 3.05 33.44 50.23
CA GLU H 172 4.21 33.68 49.39
C GLU H 172 5.16 32.49 49.54
N HIS H 173 5.65 31.97 48.39
CA HIS H 173 6.46 30.74 48.36
C HIS H 173 7.76 30.83 49.14
N PHE H 174 8.45 31.94 48.93
CA PHE H 174 9.75 32.20 49.54
C PHE H 174 10.76 31.08 49.37
N TYR H 175 10.89 30.61 48.12
CA TYR H 175 12.03 29.82 47.69
C TYR H 175 13.28 30.67 47.93
N LEU H 176 14.32 30.07 48.51
CA LEU H 176 15.53 30.84 48.83
C LEU H 176 16.23 31.39 47.58
N GLU H 177 16.30 30.57 46.53
CA GLU H 177 16.70 31.07 45.22
C GLU H 177 15.46 31.59 44.51
N GLY H 178 15.50 32.86 44.13
CA GLY H 178 14.38 33.51 43.44
C GLY H 178 14.28 33.11 41.99
N GLN H 179 13.33 33.73 41.28
CA GLN H 179 13.11 33.47 39.86
C GLN H 179 14.32 33.90 39.05
N ALA H 180 14.75 33.06 38.12
CA ALA H 180 15.98 33.28 37.35
C ALA H 180 15.97 32.53 36.02
N ALA H 181 16.49 33.19 34.99
CA ALA H 181 16.61 32.59 33.66
C ALA H 181 17.82 33.13 32.90
N LEU H 182 18.32 32.31 31.98
CA LEU H 182 19.42 32.69 31.11
C LEU H 182 19.12 32.21 29.71
N ALA H 183 19.25 33.11 28.74
CA ALA H 183 19.10 32.77 27.33
C ALA H 183 20.44 32.85 26.63
N LEU H 184 20.71 31.87 25.77
CA LEU H 184 21.94 31.84 25.02
C LEU H 184 21.59 31.65 23.55
N PRO H 185 21.80 32.71 22.73
CA PRO H 185 21.56 32.59 21.29
C PRO H 185 22.51 31.58 20.66
N ALA H 186 21.97 30.40 20.33
CA ALA H 186 22.75 29.31 19.74
C ALA H 186 22.35 29.10 18.28
N GLU H 187 22.92 29.94 17.42
CA GLU H 187 22.71 29.92 15.96
C GLU H 187 21.35 29.37 15.48
N GLY H 188 20.45 30.28 15.13
CA GLY H 188 19.11 29.89 14.68
C GLY H 188 18.13 29.75 15.82
N GLY H 189 18.53 29.04 16.87
CA GLY H 189 17.68 28.85 18.06
C GLY H 189 18.33 29.38 19.33
N VAL H 190 17.72 29.06 20.46
CA VAL H 190 18.23 29.47 21.77
C VAL H 190 18.34 28.33 22.76
N VAL H 191 19.39 28.36 23.59
CA VAL H 191 19.48 27.48 24.73
C VAL H 191 19.02 28.24 25.97
N ILE H 192 18.12 27.63 26.73
CA ILE H 192 17.57 28.26 27.93
C ILE H 192 17.96 27.48 29.19
N HIS H 193 18.75 28.12 30.05
CA HIS H 193 19.00 27.63 31.39
C HIS H 193 18.14 28.46 32.33
N CYS H 194 17.40 27.80 33.24
CA CYS H 194 16.52 28.52 34.16
C CYS H 194 16.09 27.73 35.39
N SER H 195 15.74 28.47 36.43
CA SER H 195 15.20 27.92 37.67
C SER H 195 13.70 27.69 37.48
N SER H 196 13.34 26.54 36.90
CA SER H 196 11.95 26.26 36.55
C SER H 196 11.51 24.84 36.85
N GLN H 197 10.26 24.68 37.30
CA GLN H 197 9.68 23.36 37.55
C GLN H 197 9.15 22.72 36.27
N HIS H 198 8.98 23.52 35.23
CA HIS H 198 8.36 23.05 33.99
C HIS H 198 9.12 23.50 32.73
N PRO H 199 10.32 22.92 32.49
CA PRO H 199 11.14 23.31 31.34
C PRO H 199 10.45 23.10 29.98
N SER H 200 9.56 22.10 29.90
CA SER H 200 8.81 21.85 28.66
C SER H 200 7.88 23.02 28.30
N GLU H 201 7.29 23.64 29.32
CA GLU H 201 6.47 24.83 29.14
C GLU H 201 7.34 26.04 28.79
N ILE H 202 8.49 26.16 29.46
CA ILE H 202 9.45 27.21 29.14
C ILE H 202 9.81 27.14 27.65
N GLN H 203 10.20 25.95 27.20
CA GLN H 203 10.47 25.67 25.79
C GLN H 203 9.33 26.17 24.90
N HIS H 204 8.12 25.69 25.19
CA HIS H 204 6.89 26.07 24.51
C HIS H 204 6.73 27.60 24.44
N LYS H 205 6.88 28.25 25.58
CA LYS H 205 6.64 29.70 25.70
C LYS H 205 7.70 30.54 24.99
N VAL H 206 8.96 30.15 25.12
CA VAL H 206 10.07 30.83 24.45
C VAL H 206 9.94 30.68 22.92
N ALA H 207 9.53 29.48 22.49
CA ALA H 207 9.37 29.18 21.06
C ALA H 207 8.40 30.13 20.39
N HIS H 208 7.22 30.31 21.00
CA HIS H 208 6.19 31.20 20.46
C HIS H 208 6.59 32.67 20.57
N ALA H 209 7.36 32.99 21.61
CA ALA H 209 7.84 34.35 21.85
C ALA H 209 8.81 34.78 20.76
N LEU H 210 9.68 33.86 20.36
CA LEU H 210 10.69 34.11 19.33
C LEU H 210 10.23 33.76 17.92
N GLY H 211 9.09 33.07 17.83
CA GLY H 211 8.54 32.65 16.54
C GLY H 211 9.36 31.53 15.90
N LEU H 212 9.71 30.55 16.72
CA LEU H 212 10.49 29.38 16.28
C LEU H 212 9.73 28.11 16.59
N ALA H 213 9.96 27.07 15.79
CA ALA H 213 9.44 25.74 16.09
C ALA H 213 10.08 25.19 17.36
N PHE H 214 9.38 24.31 18.05
CA PHE H 214 9.81 23.80 19.36
C PHE H 214 11.20 23.17 19.32
N HIS H 215 11.57 22.57 18.19
CA HIS H 215 12.87 21.92 18.04
C HIS H 215 14.03 22.91 17.91
N ASP H 216 13.72 24.20 18.00
CA ASP H 216 14.74 25.24 17.99
C ASP H 216 14.96 25.85 19.36
N VAL H 217 14.17 25.41 20.33
CA VAL H 217 14.35 25.85 21.70
C VAL H 217 14.70 24.66 22.58
N ARG H 218 15.88 24.75 23.21
CA ARG H 218 16.35 23.72 24.12
C ARG H 218 16.42 24.33 25.51
N VAL H 219 15.75 23.70 26.48
CA VAL H 219 15.77 24.15 27.85
C VAL H 219 16.51 23.14 28.72
N GLU H 220 17.53 23.61 29.43
CA GLU H 220 18.29 22.80 30.39
C GLU H 220 17.97 23.32 31.78
N MET H 221 17.89 22.41 32.74
CA MET H 221 17.54 22.76 34.13
C MET H 221 18.06 21.71 35.14
N ARG H 222 19.13 22.07 35.86
CA ARG H 222 19.83 21.14 36.75
C ARG H 222 19.22 21.06 38.16
N ARG H 223 19.11 22.20 38.84
CA ARG H 223 18.48 22.26 40.16
C ARG H 223 17.82 23.62 40.45
N MET H 224 16.85 23.62 41.36
CA MET H 224 16.24 24.86 41.84
C MET H 224 16.49 24.97 43.34
N GLY H 225 16.76 26.20 43.79
CA GLY H 225 16.84 26.48 45.22
C GLY H 225 15.45 26.62 45.80
N GLY H 226 14.68 25.53 45.74
CA GLY H 226 13.27 25.54 46.13
C GLY H 226 12.35 25.98 45.01
N GLY H 227 11.12 25.48 45.02
CA GLY H 227 10.13 25.83 44.01
C GLY H 227 8.73 25.94 44.61
N PHE H 228 8.33 24.88 45.31
CA PHE H 228 7.06 24.83 46.05
C PHE H 228 5.81 25.16 45.23
N GLY H 229 5.91 24.98 43.91
CA GLY H 229 4.81 25.27 43.00
C GLY H 229 4.93 26.63 42.35
N GLY H 230 5.76 27.49 42.93
CA GLY H 230 5.92 28.87 42.47
C GLY H 230 6.77 29.01 41.22
N LYS H 231 7.34 27.90 40.79
CA LYS H 231 8.15 27.87 39.57
C LYS H 231 7.55 26.94 38.51
N GLU H 232 6.25 26.68 38.65
CA GLU H 232 5.50 25.87 37.68
C GLU H 232 5.12 26.69 36.44
N SER H 233 4.95 27.99 36.63
CA SER H 233 4.50 28.86 35.54
C SER H 233 5.08 30.27 35.61
N GLN H 234 5.57 30.66 36.79
CA GLN H 234 6.05 32.03 37.02
C GLN H 234 7.45 32.29 36.42
N GLY H 235 8.08 31.23 35.93
CA GLY H 235 9.34 31.35 35.21
C GLY H 235 9.19 31.86 33.78
N ASN H 236 8.04 31.57 33.18
CA ASN H 236 7.74 31.96 31.80
C ASN H 236 8.15 33.40 31.46
N HIS H 237 7.83 34.33 32.36
CA HIS H 237 8.14 35.74 32.17
C HIS H 237 9.62 36.05 31.94
N LEU H 238 10.48 35.47 32.77
CA LEU H 238 11.92 35.73 32.70
C LEU H 238 12.56 35.07 31.48
N ALA H 239 12.16 33.83 31.19
CA ALA H 239 12.67 33.07 30.05
C ALA H 239 12.30 33.71 28.72
N ILE H 240 11.09 34.27 28.65
CA ILE H 240 10.66 35.02 27.47
C ILE H 240 11.47 36.32 27.38
N ALA H 241 11.50 37.09 28.47
CA ALA H 241 12.27 38.33 28.53
C ALA H 241 13.70 38.12 28.07
N CYS H 242 14.31 37.02 28.53
CA CYS H 242 15.69 36.70 28.17
C CYS H 242 15.84 36.40 26.68
N ALA H 243 15.00 35.51 26.16
CA ALA H 243 15.08 35.06 24.77
C ALA H 243 14.84 36.21 23.79
N VAL H 244 13.86 37.05 24.08
CA VAL H 244 13.52 38.20 23.25
C VAL H 244 14.69 39.20 23.22
N ALA H 245 15.24 39.50 24.38
CA ALA H 245 16.39 40.40 24.50
C ALA H 245 17.63 39.80 23.85
N ALA H 246 17.85 38.50 24.06
CA ALA H 246 18.96 37.76 23.46
C ALA H 246 18.90 37.82 21.94
N ARG H 247 17.70 37.64 21.40
CA ARG H 247 17.49 37.75 19.96
C ARG H 247 17.79 39.16 19.47
N ALA H 248 17.27 40.16 20.19
CA ALA H 248 17.38 41.56 19.77
C ALA H 248 18.78 42.13 19.89
N THR H 249 19.50 41.75 20.94
CA THR H 249 20.82 42.31 21.22
C THR H 249 21.95 41.48 20.62
N GLY H 250 21.67 40.21 20.38
CA GLY H 250 22.66 39.31 19.79
C GLY H 250 23.68 38.78 20.77
N ARG H 251 23.43 38.97 22.06
CA ARG H 251 24.30 38.39 23.09
C ARG H 251 23.50 37.70 24.21
N PRO H 252 24.19 36.91 25.08
CA PRO H 252 23.49 36.21 26.16
C PRO H 252 22.78 37.17 27.11
N CYS H 253 21.59 36.77 27.58
CA CYS H 253 20.83 37.57 28.52
C CYS H 253 20.46 36.81 29.77
N LYS H 254 20.74 37.42 30.91
CA LYS H 254 20.36 36.86 32.20
C LYS H 254 19.35 37.77 32.90
N MET H 255 18.36 37.17 33.55
CA MET H 255 17.42 37.94 34.35
C MET H 255 17.09 37.21 35.65
N ARG H 256 17.23 37.92 36.76
CA ARG H 256 16.84 37.40 38.05
C ARG H 256 16.12 38.48 38.85
N TYR H 257 15.00 38.10 39.46
CA TYR H 257 14.20 39.02 40.24
C TYR H 257 14.88 39.30 41.57
N ASP H 258 15.06 40.59 41.88
CA ASP H 258 15.43 41.00 43.22
C ASP H 258 14.26 40.66 44.14
N ARG H 259 14.56 40.29 45.38
CA ARG H 259 13.53 39.81 46.31
C ARG H 259 12.28 40.69 46.32
N ASP H 260 12.50 42.00 46.31
CA ASP H 260 11.39 42.96 46.29
C ASP H 260 10.61 42.87 44.97
N ASP H 261 11.32 42.85 43.84
CA ASP H 261 10.69 42.64 42.53
C ASP H 261 9.96 41.29 42.48
N ASP H 262 10.63 40.24 42.93
CA ASP H 262 10.09 38.88 42.95
C ASP H 262 8.70 38.84 43.57
N MET H 263 8.55 39.46 44.74
CA MET H 263 7.30 39.40 45.50
C MET H 263 6.19 40.28 44.93
N VAL H 264 6.58 41.39 44.31
CA VAL H 264 5.64 42.28 43.66
C VAL H 264 5.14 41.65 42.34
N ILE H 265 6.07 41.16 41.52
CA ILE H 265 5.74 40.58 40.21
C ILE H 265 4.93 39.29 40.29
N THR H 266 5.45 38.30 41.00
CA THR H 266 4.93 36.93 40.94
C THR H 266 3.69 36.70 41.80
N GLY H 267 2.96 35.63 41.51
CA GLY H 267 1.73 35.28 42.19
C GLY H 267 1.95 34.45 43.44
N LYS H 268 0.89 34.25 44.22
CA LYS H 268 0.99 33.54 45.50
C LYS H 268 -0.06 32.43 45.62
N ARG H 269 -0.17 31.85 46.80
CA ARG H 269 -1.24 30.87 47.06
C ARG H 269 -2.59 31.60 47.07
N HIS H 270 -3.55 31.01 46.36
CA HIS H 270 -4.92 31.52 46.33
C HIS H 270 -5.45 31.60 47.75
N ASP H 271 -5.74 32.82 48.20
CA ASP H 271 -6.45 33.04 49.46
C ASP H 271 -7.94 32.81 49.26
N PHE H 272 -8.55 32.12 50.23
CA PHE H 272 -9.94 31.71 50.15
C PHE H 272 -10.78 32.33 51.26
N ARG H 273 -12.07 32.46 51.00
CA ARG H 273 -13.06 32.62 52.07
C ARG H 273 -14.01 31.44 51.95
N ILE H 274 -14.27 30.78 53.09
CA ILE H 274 -15.13 29.60 53.09
C ILE H 274 -16.33 29.79 54.01
N ARG H 275 -17.52 29.67 53.44
CA ARG H 275 -18.76 29.66 54.20
C ARG H 275 -19.25 28.22 54.24
N TYR H 276 -19.48 27.72 55.45
CA TYR H 276 -19.87 26.32 55.64
C TYR H 276 -21.19 26.14 56.40
N ARG H 277 -21.91 25.07 56.05
CA ARG H 277 -23.05 24.58 56.81
C ARG H 277 -22.87 23.09 56.93
N ILE H 278 -22.64 22.61 58.15
CA ILE H 278 -22.41 21.19 58.38
C ILE H 278 -23.43 20.63 59.38
N GLY H 279 -23.92 19.42 59.10
CA GLY H 279 -24.98 18.81 59.90
C GLY H 279 -24.68 17.37 60.27
N ALA H 280 -25.10 16.99 61.48
CA ALA H 280 -24.80 15.66 62.01
C ALA H 280 -26.01 14.94 62.57
N ASP H 281 -25.78 13.68 62.92
CA ASP H 281 -26.77 12.75 63.45
C ASP H 281 -26.96 12.95 64.95
N ALA H 282 -27.81 12.13 65.56
CA ALA H 282 -27.87 12.00 67.01
C ALA H 282 -26.68 11.15 67.49
N SER H 283 -26.27 10.19 66.66
CA SER H 283 -25.10 9.37 66.93
C SER H 283 -23.79 10.12 66.69
N GLY H 284 -23.85 11.17 65.87
CA GLY H 284 -22.67 11.97 65.54
C GLY H 284 -22.14 11.73 64.13
N LYS H 285 -22.86 10.94 63.35
CA LYS H 285 -22.54 10.71 61.94
C LYS H 285 -22.93 11.93 61.11
N LEU H 286 -22.06 12.32 60.19
CA LEU H 286 -22.34 13.45 59.32
C LEU H 286 -23.52 13.16 58.41
N LEU H 287 -24.42 14.15 58.29
CA LEU H 287 -25.56 14.04 57.40
C LEU H 287 -25.31 14.81 56.10
N GLY H 288 -24.67 15.96 56.23
CA GLY H 288 -24.42 16.82 55.08
C GLY H 288 -23.50 17.99 55.35
N ALA H 289 -22.77 18.39 54.32
CA ALA H 289 -21.87 19.54 54.39
C ALA H 289 -22.06 20.42 53.16
N ASP H 290 -22.40 21.68 53.40
CA ASP H 290 -22.59 22.64 52.32
C ASP H 290 -21.48 23.71 52.38
N PHE H 291 -20.71 23.80 51.30
CA PHE H 291 -19.57 24.72 51.22
C PHE H 291 -19.73 25.75 50.11
N VAL H 292 -19.20 26.94 50.35
CA VAL H 292 -19.01 27.93 49.30
C VAL H 292 -17.55 28.41 49.34
N HIS H 293 -16.85 28.24 48.22
CA HIS H 293 -15.48 28.68 48.10
C HIS H 293 -15.39 29.98 47.30
N LEU H 294 -14.94 31.05 47.95
CA LEU H 294 -14.69 32.32 47.28
C LEU H 294 -13.17 32.49 47.15
N ALA H 295 -12.66 32.23 45.95
CA ALA H 295 -11.21 32.22 45.72
C ALA H 295 -10.72 33.46 44.98
N ARG H 296 -9.63 34.03 45.51
CA ARG H 296 -8.98 35.19 44.92
C ARG H 296 -7.91 34.71 43.94
N CYS H 297 -8.11 35.00 42.67
CA CYS H 297 -7.26 34.43 41.61
C CYS H 297 -6.23 35.41 41.07
N GLY H 298 -6.52 36.70 41.20
CA GLY H 298 -5.65 37.72 40.66
C GLY H 298 -6.08 38.16 39.29
N TRP H 299 -5.23 38.97 38.66
CA TRP H 299 -5.56 39.71 37.44
C TRP H 299 -5.64 38.87 36.18
N SER H 300 -5.13 37.64 36.23
CA SER H 300 -5.16 36.74 35.08
C SER H 300 -5.27 35.27 35.50
N ALA H 301 -5.85 34.46 34.62
CA ALA H 301 -6.20 33.08 34.92
C ALA H 301 -5.09 32.25 35.54
N ASP H 302 -3.93 32.20 34.89
CA ASP H 302 -2.80 31.36 35.31
C ASP H 302 -3.28 29.92 35.57
N LEU H 303 -3.06 29.41 36.78
CA LEU H 303 -3.46 28.04 37.14
C LEU H 303 -4.62 28.02 38.15
N SER H 304 -5.44 29.07 38.12
CA SER H 304 -6.56 29.20 39.05
C SER H 304 -7.59 28.08 38.85
N LEU H 305 -7.85 27.74 37.59
CA LEU H 305 -8.82 26.70 37.25
C LEU H 305 -8.52 25.35 37.93
N PRO H 306 -7.32 24.77 37.69
CA PRO H 306 -7.04 23.49 38.33
C PRO H 306 -6.88 23.57 39.87
N VAL H 307 -6.47 24.71 40.39
CA VAL H 307 -6.31 24.90 41.84
C VAL H 307 -7.64 24.74 42.57
N CYS H 308 -8.65 25.47 42.11
CA CYS H 308 -9.97 25.45 42.73
C CYS H 308 -10.70 24.13 42.53
N ASP H 309 -10.35 23.42 41.46
CA ASP H 309 -10.89 22.08 41.22
C ASP H 309 -10.45 21.13 42.32
N ARG H 310 -9.17 21.24 42.71
CA ARG H 310 -8.60 20.44 43.78
C ARG H 310 -9.17 20.87 45.13
N ALA H 311 -9.37 22.18 45.29
CA ALA H 311 -10.01 22.71 46.50
C ALA H 311 -11.36 22.05 46.71
N MET H 312 -12.15 21.94 45.64
CA MET H 312 -13.45 21.27 45.68
C MET H 312 -13.27 19.77 45.88
N LEU H 313 -12.27 19.20 45.21
CA LEU H 313 -11.97 17.76 45.31
C LEU H 313 -11.60 17.32 46.73
N HIS H 314 -11.07 18.26 47.52
CA HIS H 314 -10.64 17.97 48.89
C HIS H 314 -11.57 18.59 49.93
N ALA H 315 -12.73 19.08 49.48
CA ALA H 315 -13.71 19.70 50.36
C ALA H 315 -14.40 18.69 51.29
N ASP H 316 -14.22 17.40 51.00
CA ASP H 316 -14.72 16.34 51.88
C ASP H 316 -13.76 16.11 53.05
N GLY H 317 -12.52 16.59 52.89
CA GLY H 317 -11.48 16.39 53.89
C GLY H 317 -11.11 14.92 53.96
N SER H 318 -11.37 14.32 55.12
CA SER H 318 -11.03 12.92 55.38
C SER H 318 -12.28 12.11 55.69
N TYR H 319 -13.44 12.67 55.36
CA TYR H 319 -14.70 12.17 55.90
C TYR H 319 -15.71 11.80 54.83
N PHE H 320 -16.44 10.69 55.06
CA PHE H 320 -17.54 10.31 54.20
C PHE H 320 -18.75 11.16 54.53
N VAL H 321 -19.25 11.88 53.52
CA VAL H 321 -20.42 12.75 53.69
C VAL H 321 -21.50 12.28 52.72
N PRO H 322 -22.67 11.85 53.26
CA PRO H 322 -23.77 11.35 52.42
C PRO H 322 -24.29 12.40 51.45
N ALA H 323 -24.39 13.65 51.91
CA ALA H 323 -24.80 14.77 51.08
C ALA H 323 -23.81 15.92 51.16
N LEU H 324 -23.23 16.30 50.03
CA LEU H 324 -22.19 17.34 49.99
C LEU H 324 -22.29 18.18 48.73
N ARG H 325 -22.33 19.50 48.91
CA ARG H 325 -22.37 20.45 47.80
C ARG H 325 -21.35 21.58 47.98
N ILE H 326 -20.56 21.82 46.94
CA ILE H 326 -19.60 22.92 46.94
C ILE H 326 -19.97 23.92 45.86
N GLU H 327 -19.83 25.21 46.18
CA GLU H 327 -20.08 26.28 45.23
C GLU H 327 -18.82 27.14 45.11
N SER H 328 -18.09 26.93 44.01
CA SER H 328 -16.73 27.48 43.87
C SER H 328 -16.63 28.67 42.92
N HIS H 329 -16.48 29.85 43.52
CA HIS H 329 -16.34 31.11 42.79
C HIS H 329 -14.87 31.49 42.65
N ARG H 330 -14.34 31.38 41.45
CA ARG H 330 -12.98 31.82 41.17
C ARG H 330 -13.00 33.27 40.67
N LEU H 331 -12.73 34.19 41.60
CA LEU H 331 -12.90 35.63 41.37
C LEU H 331 -11.63 36.32 40.85
N ARG H 332 -11.83 37.24 39.90
CA ARG H 332 -10.74 38.05 39.37
C ARG H 332 -10.57 39.32 40.20
N THR H 333 -9.34 39.62 40.60
CA THR H 333 -9.03 40.85 41.31
C THR H 333 -7.79 41.51 40.72
N ASN H 334 -7.72 42.84 40.85
CA ASN H 334 -6.57 43.62 40.37
C ASN H 334 -5.32 43.46 41.23
N THR H 335 -5.00 42.21 41.55
CA THR H 335 -3.84 41.87 42.37
C THR H 335 -3.03 40.77 41.68
N GLN H 336 -1.93 40.34 42.31
CA GLN H 336 -1.04 39.32 41.75
C GLN H 336 -1.80 38.09 41.27
N SER H 337 -1.40 37.57 40.11
CA SER H 337 -2.04 36.39 39.54
C SER H 337 -1.64 35.14 40.30
N ASN H 338 -2.45 34.81 41.32
CA ASN H 338 -2.24 33.64 42.16
C ASN H 338 -1.97 32.36 41.37
N THR H 339 -1.18 31.47 41.95
CA THR H 339 -0.68 30.30 41.24
C THR H 339 -0.56 29.06 42.14
N ALA H 340 0.11 28.04 41.64
CA ALA H 340 0.35 26.79 42.35
C ALA H 340 1.20 26.99 43.60
N PHE H 341 0.88 26.25 44.65
CA PHE H 341 1.66 26.20 45.90
C PHE H 341 1.43 24.87 46.62
N ARG H 342 2.52 24.16 46.91
CA ARG H 342 2.49 22.89 47.66
C ARG H 342 1.13 22.57 48.28
N GLY H 343 0.44 21.60 47.70
CA GLY H 343 -0.92 21.25 48.12
C GLY H 343 -1.94 21.56 47.04
N PHE H 344 -1.69 22.63 46.29
CA PHE H 344 -2.45 23.01 45.09
C PHE H 344 -3.95 23.23 45.33
N GLY H 345 -4.29 24.05 46.32
CA GLY H 345 -5.68 24.31 46.66
C GLY H 345 -6.27 23.22 47.54
N GLY H 346 -5.59 22.08 47.60
CA GLY H 346 -5.96 20.96 48.47
C GLY H 346 -6.08 21.34 49.94
N PRO H 347 -5.08 22.05 50.49
CA PRO H 347 -5.12 22.51 51.88
C PRO H 347 -6.27 23.47 52.16
N GLN H 348 -6.60 24.34 51.20
CA GLN H 348 -7.68 25.31 51.38
C GLN H 348 -9.04 24.63 51.56
N GLY H 349 -9.36 23.69 50.66
CA GLY H 349 -10.61 22.96 50.72
C GLY H 349 -10.72 22.07 51.93
N ALA H 350 -9.61 21.41 52.28
CA ALA H 350 -9.54 20.49 53.43
C ALA H 350 -9.69 21.24 54.75
N LEU H 351 -9.06 22.42 54.84
CA LEU H 351 -9.18 23.28 56.02
C LEU H 351 -10.62 23.75 56.23
N GLY H 352 -11.35 23.92 55.14
CA GLY H 352 -12.77 24.26 55.17
C GLY H 352 -13.60 23.19 55.86
N MET H 353 -13.27 21.93 55.59
CA MET H 353 -13.92 20.80 56.24
C MET H 353 -13.49 20.68 57.70
N GLU H 354 -12.21 20.91 57.97
CA GLU H 354 -11.67 20.82 59.32
C GLU H 354 -12.24 21.88 60.27
N ARG H 355 -12.47 23.08 59.75
CA ARG H 355 -13.12 24.15 60.54
C ARG H 355 -14.60 23.89 60.70
N ALA H 356 -15.22 23.29 59.67
CA ALA H 356 -16.63 22.95 59.71
C ALA H 356 -16.91 21.88 60.76
N ILE H 357 -16.13 20.78 60.69
CA ILE H 357 -16.30 19.66 61.62
C ILE H 357 -15.88 20.03 63.05
N GLU H 358 -14.91 20.95 63.17
CA GLU H 358 -14.49 21.48 64.46
C GLU H 358 -15.61 22.28 65.11
N HIS H 359 -16.20 23.20 64.34
CA HIS H 359 -17.33 24.01 64.79
C HIS H 359 -18.46 23.10 65.28
N LEU H 360 -18.79 22.10 64.46
CA LEU H 360 -19.83 21.13 64.78
C LEU H 360 -19.54 20.38 66.08
N ALA H 361 -18.29 19.95 66.25
CA ALA H 361 -17.85 19.26 67.46
C ALA H 361 -18.10 20.09 68.71
N ARG H 362 -17.68 21.36 68.66
CA ARG H 362 -17.85 22.29 69.78
C ARG H 362 -19.32 22.59 70.00
N GLY H 363 -20.07 22.70 68.91
CA GLY H 363 -21.50 23.02 68.92
C GLY H 363 -22.37 22.02 69.67
N MET H 364 -22.02 20.74 69.60
CA MET H 364 -22.72 19.72 70.37
C MET H 364 -21.93 19.26 71.59
N GLY H 365 -20.73 19.81 71.76
CA GLY H 365 -19.89 19.54 72.92
C GLY H 365 -19.39 18.11 72.99
N ARG H 366 -18.86 17.62 71.87
CA ARG H 366 -18.18 16.33 71.87
C ARG H 366 -16.73 16.55 71.45
N ASP H 367 -15.85 15.62 71.82
CA ASP H 367 -14.44 15.68 71.45
C ASP H 367 -14.29 15.66 69.93
N PRO H 368 -13.61 16.68 69.36
CA PRO H 368 -13.34 16.76 67.92
C PRO H 368 -12.65 15.51 67.36
N ALA H 369 -11.75 14.91 68.14
CA ALA H 369 -11.08 13.69 67.73
C ALA H 369 -12.03 12.49 67.71
N GLU H 370 -12.94 12.42 68.68
CA GLU H 370 -13.99 11.39 68.70
C GLU H 370 -14.87 11.49 67.46
N LEU H 371 -15.31 12.72 67.17
CA LEU H 371 -16.21 13.00 66.07
C LEU H 371 -15.59 12.70 64.70
N ARG H 372 -14.30 12.99 64.56
CA ARG H 372 -13.56 12.74 63.32
C ARG H 372 -13.35 11.25 63.08
N ALA H 373 -13.01 10.52 64.15
CA ALA H 373 -12.81 9.07 64.09
C ALA H 373 -14.08 8.36 63.63
N LEU H 374 -15.21 8.80 64.17
CA LEU H 374 -16.52 8.26 63.84
C LEU H 374 -16.90 8.50 62.36
N ASN H 375 -16.17 9.39 61.70
CA ASN H 375 -16.54 9.84 60.36
C ASN H 375 -15.49 9.66 59.25
N PHE H 376 -14.47 8.86 59.50
CA PHE H 376 -13.49 8.53 58.46
C PHE H 376 -14.09 7.61 57.42
N TYR H 377 -13.51 7.61 56.22
CA TYR H 377 -13.87 6.62 55.20
C TYR H 377 -13.55 5.22 55.72
N ASP H 378 -14.39 4.26 55.32
CA ASP H 378 -14.24 2.87 55.78
C ASP H 378 -12.89 2.27 55.39
N PRO H 379 -12.30 1.47 56.30
CA PRO H 379 -11.08 0.71 55.99
C PRO H 379 -11.35 -0.40 54.96
N PRO H 380 -10.33 -0.80 54.18
CA PRO H 380 -10.49 -1.86 53.17
C PRO H 380 -11.01 -3.16 53.79
N GLU H 381 -12.06 -3.73 53.19
CA GLU H 381 -12.90 -4.82 53.74
C GLU H 381 -13.78 -4.34 54.91
N LYS H 398 -19.73 -5.95 48.57
CA LYS H 398 -20.83 -5.03 48.82
C LYS H 398 -20.33 -3.59 49.03
N LYS H 399 -20.72 -2.73 48.08
CA LYS H 399 -20.48 -1.26 48.07
C LYS H 399 -19.34 -0.63 48.91
N THR H 400 -18.32 -0.13 48.21
CA THR H 400 -17.28 0.69 48.84
C THR H 400 -17.79 2.13 48.88
N GLN H 401 -17.52 2.81 49.99
CA GLN H 401 -17.87 4.23 50.15
C GLN H 401 -17.19 5.07 49.07
N THR H 402 -17.90 6.09 48.59
CA THR H 402 -17.37 6.97 47.56
C THR H 402 -17.22 8.39 48.08
N THR H 403 -16.46 9.21 47.35
CA THR H 403 -16.37 10.63 47.63
C THR H 403 -17.54 11.35 46.97
N HIS H 404 -17.64 12.66 47.22
CA HIS H 404 -18.67 13.49 46.59
C HIS H 404 -18.54 13.48 45.07
N TYR H 405 -17.30 13.39 44.58
CA TYR H 405 -17.05 13.30 43.15
C TYR H 405 -17.13 11.86 42.61
N GLY H 406 -17.61 10.94 43.44
CA GLY H 406 -17.97 9.60 42.99
C GLY H 406 -16.90 8.53 42.99
N GLN H 407 -15.66 8.91 43.29
CA GLN H 407 -14.54 7.97 43.34
C GLN H 407 -14.56 7.12 44.61
N GLU H 408 -14.41 5.81 44.44
CA GLU H 408 -14.35 4.87 45.55
C GLU H 408 -13.09 5.05 46.37
N VAL H 409 -13.22 4.94 47.69
CA VAL H 409 -12.09 5.01 48.61
C VAL H 409 -11.89 3.62 49.23
N ALA H 410 -10.95 2.87 48.66
CA ALA H 410 -10.70 1.49 49.07
C ALA H 410 -9.32 1.32 49.71
N ASP H 411 -8.65 2.44 49.94
CA ASP H 411 -7.27 2.44 50.44
C ASP H 411 -7.14 3.20 51.76
N CYS H 412 -8.27 3.47 52.39
CA CYS H 412 -8.32 4.34 53.57
C CYS H 412 -7.84 3.66 54.84
N VAL H 413 -6.66 4.08 55.30
CA VAL H 413 -6.04 3.49 56.47
C VAL H 413 -6.21 4.33 57.73
N LEU H 414 -6.88 5.48 57.58
CA LEU H 414 -6.94 6.52 58.63
C LEU H 414 -7.45 6.09 59.99
N GLY H 415 -8.40 5.14 60.01
CA GLY H 415 -8.96 4.63 61.25
C GLY H 415 -7.89 4.05 62.17
N GLU H 416 -7.06 3.17 61.61
CA GLU H 416 -5.98 2.53 62.33
C GLU H 416 -4.82 3.51 62.59
N LEU H 417 -4.45 4.28 61.57
CA LEU H 417 -3.34 5.23 61.63
C LEU H 417 -3.51 6.29 62.74
N VAL H 418 -4.74 6.78 62.91
CA VAL H 418 -5.07 7.75 63.95
C VAL H 418 -4.99 7.11 65.35
N THR H 419 -5.48 5.88 65.47
CA THR H 419 -5.40 5.14 66.73
C THR H 419 -3.94 4.93 67.14
N ARG H 420 -3.09 4.61 66.17
CA ARG H 420 -1.67 4.39 66.41
C ARG H 420 -0.95 5.66 66.88
N LEU H 421 -1.21 6.78 66.21
CA LEU H 421 -0.59 8.07 66.55
C LEU H 421 -1.04 8.58 67.92
N GLN H 422 -2.32 8.45 68.23
CA GLN H 422 -2.86 8.85 69.53
C GLN H 422 -2.26 8.04 70.68
N LYS H 423 -1.90 6.79 70.39
CA LYS H 423 -1.18 5.94 71.33
C LYS H 423 0.24 6.45 71.54
N SER H 424 0.96 6.65 70.44
CA SER H 424 2.37 7.06 70.49
C SER H 424 2.58 8.50 70.97
N ALA H 425 1.63 9.38 70.67
CA ALA H 425 1.72 10.79 71.06
C ALA H 425 1.25 11.05 72.48
N ASN H 426 0.76 10.00 73.15
CA ASN H 426 0.23 10.09 74.51
C ASN H 426 -0.93 11.07 74.60
N PHE H 427 -1.86 10.96 73.65
CA PHE H 427 -2.90 11.95 73.42
C PHE H 427 -3.87 12.14 74.59
N THR H 428 -4.47 11.06 75.07
CA THR H 428 -5.50 11.11 76.12
C THR H 428 -4.95 11.64 77.44
N THR H 429 -3.74 11.22 77.82
CA THR H 429 -3.13 11.66 79.07
C THR H 429 -2.71 13.13 78.99
N ARG H 430 -2.06 13.52 77.90
CA ARG H 430 -1.65 14.90 77.66
C ARG H 430 -2.84 15.86 77.63
N ARG H 431 -3.90 15.43 76.96
CA ARG H 431 -5.16 16.19 76.86
C ARG H 431 -5.71 16.50 78.24
N ALA H 432 -5.68 15.50 79.12
CA ALA H 432 -6.13 15.65 80.50
C ALA H 432 -5.26 16.63 81.29
N GLU H 433 -3.95 16.55 81.07
CA GLU H 433 -2.97 17.40 81.76
C GLU H 433 -3.10 18.88 81.41
N ILE H 434 -3.42 19.16 80.14
CA ILE H 434 -3.60 20.54 79.66
C ILE H 434 -4.82 21.17 80.33
N ALA H 435 -5.91 20.41 80.43
CA ALA H 435 -7.13 20.85 81.10
C ALA H 435 -6.84 21.34 82.52
N ALA H 436 -6.02 20.57 83.24
CA ALA H 436 -5.60 20.92 84.61
C ALA H 436 -4.64 22.11 84.62
N TRP H 437 -3.68 22.11 83.70
CA TRP H 437 -2.68 23.18 83.60
C TRP H 437 -3.32 24.53 83.28
N ASN H 438 -4.37 24.49 82.45
CA ASN H 438 -5.10 25.70 82.06
C ASN H 438 -5.79 26.34 83.26
N SER H 439 -6.35 25.52 84.14
CA SER H 439 -7.05 26.02 85.34
C SER H 439 -6.11 26.63 86.38
N THR H 440 -4.81 26.38 86.24
CA THR H 440 -3.78 26.97 87.11
C THR H 440 -3.26 28.30 86.55
N ASN H 441 -3.45 28.51 85.24
CA ASN H 441 -3.00 29.73 84.58
C ASN H 441 -4.13 30.71 84.23
N ARG H 442 -3.75 31.98 84.06
CA ARG H 442 -4.67 33.03 83.65
C ARG H 442 -4.12 33.77 82.43
N THR H 443 -2.82 34.06 82.46
CA THR H 443 -2.16 34.77 81.37
C THR H 443 -1.86 33.82 80.20
N LEU H 444 -1.56 32.56 80.52
CA LEU H 444 -1.22 31.58 79.49
C LEU H 444 -2.32 30.54 79.33
N ALA H 445 -2.46 30.02 78.11
CA ALA H 445 -3.40 28.95 77.83
C ALA H 445 -2.79 27.95 76.85
N ARG H 446 -3.00 26.67 77.11
CA ARG H 446 -2.48 25.62 76.25
C ARG H 446 -3.59 24.92 75.49
N GLY H 447 -3.27 24.47 74.27
CA GLY H 447 -4.22 23.76 73.43
C GLY H 447 -3.57 22.62 72.66
N ILE H 448 -4.37 21.60 72.35
CA ILE H 448 -3.91 20.45 71.58
C ILE H 448 -5.01 19.97 70.64
N ALA H 449 -4.62 19.59 69.42
CA ALA H 449 -5.58 19.08 68.45
C ALA H 449 -4.95 18.06 67.50
N LEU H 450 -5.80 17.19 66.95
CA LEU H 450 -5.40 16.21 65.96
C LEU H 450 -6.06 16.51 64.61
N SER H 451 -5.26 16.47 63.55
CA SER H 451 -5.73 16.75 62.20
C SER H 451 -5.33 15.62 61.25
N PRO H 452 -6.31 14.97 60.61
CA PRO H 452 -6.02 13.92 59.63
C PRO H 452 -5.83 14.48 58.22
N VAL H 453 -5.18 13.70 57.35
CA VAL H 453 -4.97 14.08 55.95
C VAL H 453 -5.43 12.96 54.99
N LYS H 454 -6.14 13.37 53.96
CA LYS H 454 -6.43 12.50 52.82
C LYS H 454 -6.21 13.30 51.54
N PHE H 455 -5.06 13.06 50.90
CA PHE H 455 -4.66 13.82 49.71
C PHE H 455 -4.56 12.92 48.47
N GLY H 456 -5.38 13.21 47.47
CA GLY H 456 -5.38 12.46 46.21
C GLY H 456 -4.20 12.78 45.30
N ILE H 457 -3.55 11.74 44.80
CA ILE H 457 -2.35 11.86 43.97
C ILE H 457 -2.66 11.67 42.49
N SER H 458 -2.24 12.63 41.67
CA SER H 458 -2.46 12.67 40.21
C SER H 458 -2.89 14.06 39.76
N PHE H 459 -2.46 14.46 38.56
CA PHE H 459 -2.93 15.70 37.94
C PHE H 459 -4.43 15.60 37.67
N THR H 460 -5.17 16.64 38.04
CA THR H 460 -6.60 16.70 37.72
C THR H 460 -6.78 16.80 36.20
N LEU H 461 -5.78 17.35 35.52
CA LEU H 461 -5.73 17.30 34.06
C LEU H 461 -5.10 15.97 33.67
N THR H 462 -5.93 14.97 33.42
CA THR H 462 -5.50 13.56 33.27
C THR H 462 -4.34 13.33 32.30
N HIS H 463 -4.37 13.98 31.15
CA HIS H 463 -3.33 13.76 30.13
C HIS H 463 -1.92 14.18 30.57
N LEU H 464 -1.84 14.98 31.63
CA LEU H 464 -0.56 15.38 32.20
C LEU H 464 0.09 14.30 33.06
N ASN H 465 -0.61 13.18 33.24
CA ASN H 465 -0.07 12.07 34.02
C ASN H 465 0.79 11.14 33.16
N GLN H 466 1.85 11.71 32.60
CA GLN H 466 2.84 10.99 31.81
C GLN H 466 4.26 11.45 32.16
N ALA H 467 5.23 10.54 32.02
CA ALA H 467 6.64 10.84 32.29
C ALA H 467 7.58 10.00 31.43
N GLY H 468 8.81 10.49 31.26
CA GLY H 468 9.78 9.83 30.38
C GLY H 468 11.20 9.85 30.87
N ALA H 469 11.96 8.81 30.51
CA ALA H 469 13.35 8.67 30.93
C ALA H 469 14.27 8.24 29.79
N LEU H 470 15.55 8.55 29.92
CA LEU H 470 16.57 8.15 28.96
C LEU H 470 17.78 7.60 29.73
N VAL H 471 18.07 6.30 29.53
CA VAL H 471 19.14 5.62 30.29
C VAL H 471 20.25 5.11 29.36
N GLN H 472 21.50 5.46 29.69
CA GLN H 472 22.65 5.11 28.87
C GLN H 472 23.62 4.25 29.66
N ILE H 473 24.03 3.12 29.10
CA ILE H 473 25.10 2.33 29.71
C ILE H 473 26.36 2.42 28.86
N TYR H 474 27.41 2.98 29.45
CA TYR H 474 28.69 3.10 28.77
C TYR H 474 29.53 1.81 28.91
N THR H 475 30.52 1.66 28.04
CA THR H 475 31.34 0.44 27.93
C THR H 475 32.09 0.05 29.20
N ASP H 476 32.32 1.01 30.09
CA ASP H 476 32.97 0.75 31.38
C ASP H 476 31.98 0.27 32.45
N GLY H 477 30.68 0.30 32.12
CA GLY H 477 29.65 -0.17 33.02
C GLY H 477 28.89 0.95 33.72
N SER H 478 29.45 2.16 33.71
CA SER H 478 28.83 3.31 34.38
C SER H 478 27.60 3.79 33.61
N VAL H 479 26.59 4.22 34.37
CA VAL H 479 25.27 4.51 33.84
C VAL H 479 24.95 6.00 33.94
N ALA H 480 24.47 6.55 32.83
CA ALA H 480 23.94 7.92 32.79
C ALA H 480 22.42 7.85 32.83
N LEU H 481 21.84 8.49 33.84
CA LEU H 481 20.40 8.50 34.03
C LEU H 481 19.82 9.90 33.82
N ASN H 482 18.80 9.97 32.97
CA ASN H 482 18.11 11.22 32.67
C ASN H 482 16.60 11.04 32.61
N HIS H 483 15.86 11.85 33.36
CA HIS H 483 14.39 11.78 33.35
C HIS H 483 13.74 13.17 33.17
N GLY H 484 12.42 13.20 33.13
CA GLY H 484 11.66 14.43 32.84
C GLY H 484 11.43 15.37 34.01
N GLY H 485 11.62 14.85 35.22
CA GLY H 485 11.37 15.60 36.45
C GLY H 485 12.51 16.53 36.82
N THR H 486 12.20 17.55 37.61
CA THR H 486 13.18 18.58 37.99
C THR H 486 13.48 18.55 39.48
N GLU H 487 14.74 18.77 39.82
CA GLU H 487 15.19 18.78 41.21
C GLU H 487 15.04 20.15 41.85
N MET H 488 14.16 20.24 42.83
CA MET H 488 13.94 21.45 43.61
C MET H 488 14.25 21.22 45.08
N GLY H 489 14.86 20.09 45.40
CA GLY H 489 15.22 19.76 46.78
C GLY H 489 14.47 18.59 47.40
N GLN H 490 13.48 18.07 46.67
CA GLN H 490 12.64 16.98 47.17
C GLN H 490 13.35 15.63 47.17
N GLY H 491 14.58 15.61 46.66
CA GLY H 491 15.36 14.37 46.57
C GLY H 491 14.86 13.47 45.46
N LEU H 492 14.41 14.09 44.37
CA LEU H 492 13.90 13.35 43.22
C LEU H 492 14.97 12.48 42.58
N HIS H 493 16.12 13.09 42.28
CA HIS H 493 17.23 12.40 41.63
C HIS H 493 17.79 11.27 42.48
N ALA H 494 17.85 11.49 43.79
CA ALA H 494 18.27 10.46 44.72
C ALA H 494 17.37 9.23 44.57
N LYS H 495 16.05 9.48 44.57
CA LYS H 495 15.07 8.41 44.40
C LYS H 495 15.15 7.74 43.03
N MET H 496 15.46 8.52 41.99
CA MET H 496 15.59 7.97 40.64
C MET H 496 16.81 7.05 40.53
N VAL H 497 17.96 7.53 41.02
CA VAL H 497 19.19 6.74 41.03
C VAL H 497 18.95 5.40 41.74
N GLN H 498 18.30 5.47 42.90
CA GLN H 498 17.98 4.28 43.68
C GLN H 498 17.14 3.29 42.88
N VAL H 499 16.08 3.79 42.25
CA VAL H 499 15.23 2.96 41.37
C VAL H 499 16.05 2.37 40.22
N ALA H 500 16.81 3.23 39.54
CA ALA H 500 17.63 2.82 38.40
C ALA H 500 18.62 1.72 38.77
N ALA H 501 19.32 1.93 39.89
CA ALA H 501 20.30 0.98 40.40
C ALA H 501 19.63 -0.34 40.76
N ALA H 502 18.52 -0.24 41.49
CA ALA H 502 17.75 -1.40 41.95
C ALA H 502 17.28 -2.31 40.80
N VAL H 503 16.85 -1.70 39.69
CA VAL H 503 16.35 -2.44 38.53
C VAL H 503 17.47 -3.13 37.75
N LEU H 504 18.61 -2.47 37.65
CA LEU H 504 19.75 -3.04 36.96
C LEU H 504 20.59 -3.97 37.86
N GLY H 505 20.33 -3.91 39.16
CA GLY H 505 21.03 -4.76 40.14
C GLY H 505 22.47 -4.33 40.37
N ILE H 506 22.70 -3.02 40.41
CA ILE H 506 24.03 -2.43 40.58
C ILE H 506 24.05 -1.43 41.72
N ASP H 507 25.26 -1.06 42.16
CA ASP H 507 25.47 -0.03 43.16
C ASP H 507 25.02 1.33 42.62
N PRO H 508 24.27 2.12 43.43
CA PRO H 508 23.87 3.49 43.08
C PRO H 508 25.04 4.39 42.68
N VAL H 509 26.26 4.01 43.08
CA VAL H 509 27.48 4.72 42.69
C VAL H 509 27.67 4.68 41.17
N GLN H 510 27.34 3.54 40.58
CA GLN H 510 27.45 3.33 39.14
C GLN H 510 26.48 4.16 38.30
N VAL H 511 25.56 4.87 38.97
CA VAL H 511 24.57 5.68 38.26
C VAL H 511 24.83 7.17 38.50
N ARG H 512 24.88 7.93 37.40
CA ARG H 512 25.02 9.39 37.46
C ARG H 512 23.74 10.05 36.95
N ILE H 513 23.27 11.07 37.68
CA ILE H 513 22.14 11.87 37.21
C ILE H 513 22.61 13.02 36.32
N THR H 514 21.85 13.29 35.26
CA THR H 514 22.14 14.41 34.37
C THR H 514 21.01 15.44 34.44
N ALA H 515 21.35 16.69 34.16
CA ALA H 515 20.38 17.80 34.25
C ALA H 515 19.14 17.57 33.39
N THR H 516 18.00 18.04 33.88
CA THR H 516 16.73 17.96 33.15
C THR H 516 16.86 18.76 31.86
N ASP H 517 16.53 18.10 30.75
CA ASP H 517 16.74 18.65 29.41
C ASP H 517 15.62 18.23 28.47
N THR H 518 15.09 19.20 27.73
CA THR H 518 13.96 18.97 26.83
C THR H 518 14.36 18.24 25.55
N SER H 519 15.65 18.30 25.20
CA SER H 519 16.14 17.62 24.00
C SER H 519 16.51 16.16 24.29
N LYS H 520 16.40 15.75 25.55
CA LYS H 520 16.63 14.35 25.92
C LYS H 520 15.31 13.65 26.25
N VAL H 521 14.53 14.24 27.15
CA VAL H 521 13.16 13.79 27.40
C VAL H 521 12.18 14.92 27.04
N PRO H 522 11.37 14.72 25.97
CA PRO H 522 10.47 15.75 25.45
C PRO H 522 9.05 15.65 25.99
N ASN H 523 8.31 16.76 25.87
CA ASN H 523 6.87 16.80 26.16
C ASN H 523 6.52 16.43 27.60
N THR H 524 7.38 16.83 28.53
CA THR H 524 7.18 16.54 29.95
C THR H 524 6.13 17.47 30.57
N SER H 525 5.56 17.03 31.68
CA SER H 525 4.65 17.86 32.46
C SER H 525 5.46 18.73 33.42
N ALA H 526 4.80 19.55 34.22
CA ALA H 526 5.49 20.23 35.31
C ALA H 526 5.80 19.19 36.38
N THR H 527 6.93 19.37 37.07
CA THR H 527 7.20 18.54 38.24
C THR H 527 6.28 19.04 39.37
N ALA H 528 5.11 18.40 39.45
CA ALA H 528 4.03 18.84 40.34
C ALA H 528 3.12 17.66 40.67
N ALA H 529 2.07 17.92 41.46
CA ALA H 529 1.08 16.91 41.87
C ALA H 529 1.67 15.78 42.73
N SER H 530 2.82 16.08 43.34
CA SER H 530 3.63 15.10 44.09
C SER H 530 4.06 13.90 43.23
N SER H 531 3.61 13.89 41.97
CA SER H 531 3.78 12.75 41.06
C SER H 531 5.18 12.65 40.43
N GLY H 532 6.07 13.57 40.79
CA GLY H 532 7.44 13.57 40.28
C GLY H 532 8.14 12.24 40.43
N ALA H 533 8.18 11.74 41.67
CA ALA H 533 8.81 10.45 41.96
C ALA H 533 7.97 9.27 41.46
N ASP H 534 6.65 9.42 41.52
CA ASP H 534 5.69 8.41 41.06
C ASP H 534 5.96 7.98 39.62
N MET H 535 5.85 8.95 38.71
CA MET H 535 5.84 8.67 37.27
C MET H 535 7.24 8.54 36.68
N ASN H 536 8.16 9.42 37.09
CA ASN H 536 9.56 9.32 36.65
C ASN H 536 10.18 8.02 37.13
N GLY H 537 9.87 7.64 38.37
CA GLY H 537 10.27 6.34 38.89
C GLY H 537 9.88 5.26 37.90
N MET H 538 8.60 5.25 37.54
CA MET H 538 8.06 4.26 36.61
C MET H 538 8.75 4.27 35.24
N ALA H 539 8.93 5.45 34.68
CA ALA H 539 9.56 5.62 33.37
C ALA H 539 11.02 5.15 33.39
N VAL H 540 11.71 5.45 34.49
CA VAL H 540 13.10 5.02 34.70
C VAL H 540 13.18 3.48 34.77
N LYS H 541 12.25 2.89 35.52
CA LYS H 541 12.14 1.44 35.63
C LYS H 541 11.94 0.79 34.27
N ASP H 542 11.12 1.43 33.43
CA ASP H 542 10.85 0.94 32.09
C ASP H 542 12.09 0.92 31.19
N ALA H 543 12.84 2.03 31.18
CA ALA H 543 14.07 2.15 30.40
C ALA H 543 15.14 1.18 30.89
N CYS H 544 15.15 0.94 32.20
CA CYS H 544 16.09 0.01 32.81
C CYS H 544 15.77 -1.45 32.54
N GLU H 545 14.48 -1.80 32.60
CA GLU H 545 14.04 -3.16 32.34
C GLU H 545 14.27 -3.54 30.86
N THR H 546 14.15 -2.54 29.99
CA THR H 546 14.46 -2.70 28.57
C THR H 546 15.92 -3.12 28.40
N LEU H 547 16.81 -2.35 29.04
CA LEU H 547 18.24 -2.63 29.02
C LEU H 547 18.57 -3.92 29.77
N ARG H 548 18.00 -4.09 30.97
CA ARG H 548 18.21 -5.31 31.75
C ARG H 548 17.82 -6.52 30.92
N GLY H 549 16.68 -6.42 30.23
CA GLY H 549 16.21 -7.47 29.33
C GLY H 549 17.17 -7.74 28.19
N ARG H 550 17.75 -6.68 27.63
CA ARG H 550 18.75 -6.80 26.57
C ARG H 550 19.98 -7.58 27.01
N LEU H 551 20.57 -7.17 28.13
CA LEU H 551 21.73 -7.86 28.70
C LEU H 551 21.40 -9.29 29.07
N ALA H 552 20.22 -9.50 29.66
CA ALA H 552 19.74 -10.82 30.05
C ALA H 552 19.61 -11.75 28.85
N GLY H 553 19.08 -11.23 27.75
CA GLY H 553 18.92 -12.01 26.52
C GLY H 553 20.24 -12.39 25.88
N PHE H 554 21.23 -11.49 26.02
CA PHE H 554 22.58 -11.71 25.52
C PHE H 554 23.26 -12.85 26.30
N VAL H 555 23.25 -12.74 27.63
CA VAL H 555 23.84 -13.74 28.51
C VAL H 555 23.13 -15.09 28.33
N ALA H 556 21.82 -15.04 28.15
CA ALA H 556 21.00 -16.24 27.96
C ALA H 556 21.39 -17.02 26.70
N ALA H 557 21.62 -16.31 25.60
CA ALA H 557 22.04 -16.93 24.34
C ALA H 557 23.50 -17.38 24.42
N ARG H 558 24.34 -16.53 25.00
CA ARG H 558 25.78 -16.78 25.13
C ARG H 558 26.05 -17.95 26.08
N GLU H 559 25.20 -18.10 27.10
CA GLU H 559 25.30 -19.19 28.07
C GLU H 559 24.23 -20.27 27.87
N GLY H 560 23.42 -20.11 26.82
CA GLY H 560 22.45 -21.13 26.39
C GLY H 560 21.37 -21.53 27.37
N CYS H 561 20.36 -20.68 27.53
CA CYS H 561 19.17 -20.97 28.36
C CYS H 561 18.26 -19.75 28.48
N ALA H 562 17.20 -19.88 29.30
CA ALA H 562 16.16 -18.86 29.44
C ALA H 562 16.68 -17.53 29.98
N ALA H 563 16.21 -16.44 29.37
CA ALA H 563 16.64 -15.09 29.72
C ALA H 563 16.16 -14.67 31.10
N ARG H 564 15.01 -15.22 31.50
CA ARG H 564 14.42 -14.90 32.80
C ARG H 564 15.10 -15.66 33.96
N ASP H 565 16.17 -16.37 33.65
CA ASP H 565 16.97 -17.05 34.65
C ASP H 565 18.33 -16.38 34.82
N VAL H 566 18.47 -15.20 34.22
CA VAL H 566 19.65 -14.37 34.40
C VAL H 566 19.35 -13.38 35.53
N ILE H 567 20.13 -13.46 36.60
CA ILE H 567 19.91 -12.58 37.77
C ILE H 567 20.94 -11.45 37.81
N PHE H 568 20.44 -10.23 37.98
CA PHE H 568 21.26 -9.03 38.07
C PHE H 568 21.20 -8.51 39.49
N ASP H 569 22.28 -8.72 40.26
CA ASP H 569 22.29 -8.31 41.66
C ASP H 569 23.68 -7.96 42.19
N ALA H 570 23.77 -6.81 42.86
CA ALA H 570 24.98 -6.34 43.52
C ALA H 570 26.20 -6.37 42.60
N GLY H 571 26.11 -5.66 41.48
CA GLY H 571 27.17 -5.61 40.48
C GLY H 571 27.57 -6.97 39.92
N GLN H 572 26.69 -7.94 40.05
CA GLN H 572 26.95 -9.28 39.57
C GLN H 572 25.82 -9.77 38.68
N VAL H 573 26.19 -10.25 37.49
CA VAL H 573 25.25 -10.89 36.58
C VAL H 573 25.39 -12.40 36.74
N GLN H 574 24.27 -13.09 36.83
CA GLN H 574 24.28 -14.49 37.25
C GLN H 574 23.40 -15.39 36.39
N ALA H 575 24.04 -16.33 35.69
CA ALA H 575 23.34 -17.34 34.90
C ALA H 575 24.20 -18.60 34.76
N SER H 576 23.53 -19.76 34.85
CA SER H 576 24.17 -21.08 34.67
C SER H 576 25.33 -21.39 35.62
N GLY H 577 25.17 -21.01 36.89
CA GLY H 577 26.19 -21.28 37.91
C GLY H 577 27.32 -20.27 37.94
N LYS H 578 27.80 -19.88 36.76
CA LYS H 578 28.83 -18.85 36.63
C LYS H 578 28.22 -17.47 36.90
N SER H 579 29.06 -16.54 37.33
CA SER H 579 28.63 -15.15 37.46
C SER H 579 29.74 -14.18 37.09
N TRP H 580 29.36 -13.04 36.54
CA TRP H 580 30.30 -12.04 36.07
C TRP H 580 29.98 -10.71 36.73
N ARG H 581 30.92 -9.78 36.65
CA ARG H 581 30.65 -8.41 37.04
C ARG H 581 29.76 -7.78 35.98
N PHE H 582 28.94 -6.81 36.40
CA PHE H 582 28.07 -6.07 35.49
C PHE H 582 28.87 -5.52 34.33
N ALA H 583 30.01 -4.88 34.66
CA ALA H 583 30.90 -4.27 33.68
C ALA H 583 31.40 -5.26 32.62
N GLU H 584 31.70 -6.48 33.05
CA GLU H 584 32.12 -7.55 32.14
C GLU H 584 31.05 -7.86 31.11
N ILE H 585 29.82 -8.04 31.57
CA ILE H 585 28.68 -8.36 30.70
C ILE H 585 28.42 -7.22 29.70
N VAL H 586 28.38 -5.98 30.21
CA VAL H 586 28.16 -4.79 29.40
C VAL H 586 29.21 -4.59 28.31
N ALA H 587 30.47 -4.81 28.67
CA ALA H 587 31.58 -4.67 27.73
C ALA H 587 31.47 -5.71 26.61
N ALA H 588 31.03 -6.91 26.95
CA ALA H 588 30.89 -8.01 25.99
C ALA H 588 29.61 -7.89 25.16
N ALA H 589 28.59 -7.27 25.74
CA ALA H 589 27.35 -6.99 25.04
C ALA H 589 27.55 -5.88 24.02
N TYR H 590 28.49 -4.97 24.30
CA TYR H 590 28.93 -3.97 23.34
C TYR H 590 29.66 -4.65 22.19
N MET H 591 30.55 -5.57 22.54
CA MET H 591 31.31 -6.36 21.57
C MET H 591 30.39 -7.11 20.63
N ALA H 592 29.27 -7.57 21.17
CA ALA H 592 28.26 -8.29 20.39
C ALA H 592 27.31 -7.35 19.65
N ARG H 593 27.61 -6.05 19.70
CA ARG H 593 26.80 -5.01 19.05
C ARG H 593 25.33 -5.00 19.51
N ILE H 594 25.15 -4.93 20.83
CA ILE H 594 23.83 -4.80 21.45
C ILE H 594 23.70 -3.40 22.04
N SER H 595 22.64 -2.69 21.64
CA SER H 595 22.44 -1.32 22.08
C SER H 595 22.32 -1.19 23.59
N LEU H 596 23.09 -0.25 24.14
CA LEU H 596 23.06 0.03 25.57
C LEU H 596 22.44 1.41 25.84
N SER H 597 21.38 1.70 25.08
CA SER H 597 20.63 2.94 25.23
C SER H 597 19.13 2.66 25.12
N ALA H 598 18.37 3.21 26.06
CA ALA H 598 16.91 3.03 26.05
C ALA H 598 16.17 4.23 26.62
N THR H 599 15.03 4.53 25.99
CA THR H 599 14.09 5.49 26.52
C THR H 599 13.11 4.75 27.43
N GLY H 600 12.39 5.49 28.27
CA GLY H 600 11.37 4.94 29.15
C GLY H 600 10.16 5.86 29.21
N PHE H 601 8.98 5.29 29.41
CA PHE H 601 7.74 6.07 29.40
C PHE H 601 6.66 5.43 30.25
N TYR H 602 5.92 6.27 30.98
CA TYR H 602 4.83 5.81 31.84
C TYR H 602 3.65 6.79 31.86
N ALA H 603 2.45 6.24 31.72
CA ALA H 603 1.20 7.00 31.87
C ALA H 603 0.35 6.36 32.96
N THR H 604 -0.09 7.17 33.92
CA THR H 604 -0.85 6.67 35.06
C THR H 604 -2.20 6.08 34.60
N PRO H 605 -2.40 4.77 34.85
CA PRO H 605 -3.64 4.12 34.42
C PRO H 605 -4.83 4.44 35.31
N LYS H 606 -6.01 3.97 34.93
CA LYS H 606 -7.22 4.04 35.76
C LYS H 606 -7.82 5.44 35.94
N LEU H 607 -7.19 6.46 35.34
CA LEU H 607 -7.65 7.83 35.50
C LEU H 607 -8.67 8.24 34.44
N SER H 608 -9.83 8.73 34.90
CA SER H 608 -10.87 9.28 34.03
C SER H 608 -11.93 9.99 34.87
N TRP H 609 -12.15 11.27 34.60
CA TRP H 609 -13.17 12.04 35.31
C TRP H 609 -13.72 13.22 34.50
N ASP H 610 -15.00 13.52 34.70
CA ASP H 610 -15.63 14.69 34.11
C ASP H 610 -15.56 15.85 35.07
N ARG H 611 -14.77 16.85 34.69
CA ARG H 611 -14.57 18.05 35.51
C ARG H 611 -15.85 18.83 35.72
N LEU H 612 -16.62 18.99 34.66
CA LEU H 612 -17.83 19.83 34.66
C LEU H 612 -18.94 19.31 35.56
N ARG H 613 -19.17 18.00 35.53
CA ARG H 613 -20.14 17.37 36.43
C ARG H 613 -19.51 16.99 37.76
N GLY H 614 -18.18 16.99 37.82
CA GLY H 614 -17.45 16.58 39.02
C GLY H 614 -17.70 15.12 39.35
N GLN H 615 -17.56 14.26 38.36
CA GLN H 615 -17.77 12.82 38.51
C GLN H 615 -16.61 12.04 37.91
N GLY H 616 -16.23 10.94 38.56
CA GLY H 616 -15.19 10.06 38.05
C GLY H 616 -14.04 9.78 39.00
N ARG H 617 -12.94 9.26 38.45
CA ARG H 617 -11.74 8.95 39.21
C ARG H 617 -10.57 9.79 38.71
N PRO H 618 -10.35 10.98 39.31
CA PRO H 618 -9.21 11.81 38.93
C PRO H 618 -7.87 11.36 39.54
N PHE H 619 -7.94 10.67 40.68
CA PHE H 619 -6.73 10.24 41.38
C PHE H 619 -6.52 8.73 41.29
N LEU H 620 -5.24 8.32 41.24
CA LEU H 620 -4.91 6.90 41.28
C LEU H 620 -5.06 6.34 42.68
N TYR H 621 -4.72 7.15 43.67
CA TYR H 621 -4.84 6.77 45.08
C TYR H 621 -4.81 7.99 45.99
N PHE H 622 -5.06 7.76 47.27
CA PHE H 622 -4.97 8.82 48.29
C PHE H 622 -3.80 8.55 49.23
N ALA H 623 -3.14 9.63 49.65
CA ALA H 623 -2.10 9.56 50.67
C ALA H 623 -2.70 10.02 52.00
N TYR H 624 -2.35 9.31 53.07
CA TYR H 624 -2.92 9.60 54.38
C TYR H 624 -1.89 10.06 55.39
N GLY H 625 -2.35 10.80 56.40
CA GLY H 625 -1.49 11.29 57.46
C GLY H 625 -2.30 11.79 58.65
N ALA H 626 -1.61 11.99 59.76
CA ALA H 626 -2.20 12.59 60.94
C ALA H 626 -1.14 13.30 61.77
N ALA H 627 -1.52 14.42 62.37
CA ALA H 627 -0.61 15.22 63.18
C ALA H 627 -1.31 15.69 64.45
N ILE H 628 -0.59 15.59 65.58
CA ILE H 628 -1.06 16.11 66.85
C ILE H 628 -0.12 17.21 67.32
N THR H 629 -0.68 18.40 67.52
CA THR H 629 0.11 19.58 67.86
C THR H 629 -0.32 20.17 69.20
N GLU H 630 0.68 20.57 70.00
CA GLU H 630 0.45 21.27 71.26
C GLU H 630 1.01 22.69 71.16
N VAL H 631 0.30 23.65 71.73
CA VAL H 631 0.70 25.07 71.66
C VAL H 631 0.43 25.84 72.96
N VAL H 632 1.15 26.94 73.14
CA VAL H 632 0.88 27.92 74.20
C VAL H 632 0.52 29.28 73.62
N ILE H 633 -0.46 29.94 74.23
CA ILE H 633 -0.84 31.29 73.82
C ILE H 633 -0.87 32.28 75.00
N ASP H 634 -0.29 33.46 74.79
CA ASP H 634 -0.37 34.55 75.75
C ASP H 634 -1.71 35.24 75.58
N ARG H 635 -2.52 35.25 76.64
CA ARG H 635 -3.88 35.78 76.59
C ARG H 635 -3.98 37.30 76.51
N LEU H 636 -2.86 37.99 76.76
CA LEU H 636 -2.84 39.46 76.75
C LEU H 636 -2.48 40.06 75.39
N THR H 637 -1.56 39.42 74.66
CA THR H 637 -1.08 39.93 73.37
C THR H 637 -1.31 38.99 72.19
N GLY H 638 -1.50 37.70 72.49
CA GLY H 638 -1.77 36.70 71.46
C GLY H 638 -0.52 35.99 70.98
N GLU H 639 0.61 36.30 71.60
CA GLU H 639 1.90 35.66 71.29
C GLU H 639 1.82 34.16 71.56
N ASN H 640 2.52 33.37 70.75
CA ASN H 640 2.34 31.92 70.76
C ASN H 640 3.47 31.13 70.13
N ARG H 641 3.62 29.87 70.54
CA ARG H 641 4.58 28.95 69.91
C ARG H 641 4.17 27.47 70.00
N ILE H 642 4.53 26.71 68.97
CA ILE H 642 4.29 25.27 68.91
C ILE H 642 5.28 24.51 69.80
N LEU H 643 4.76 23.92 70.89
CA LEU H 643 5.59 23.22 71.87
C LEU H 643 6.02 21.81 71.42
N ARG H 644 5.06 21.04 70.91
CA ARG H 644 5.32 19.66 70.50
C ARG H 644 4.42 19.22 69.35
N THR H 645 5.00 18.48 68.40
CA THR H 645 4.28 17.92 67.27
C THR H 645 4.58 16.43 67.09
N ASP H 646 3.54 15.62 66.98
CA ASP H 646 3.68 14.22 66.58
C ASP H 646 3.00 13.96 65.24
N ILE H 647 3.72 13.30 64.34
CA ILE H 647 3.23 12.99 63.00
C ILE H 647 3.36 11.49 62.72
N LEU H 648 2.30 10.89 62.17
CA LEU H 648 2.39 9.55 61.59
C LEU H 648 1.88 9.59 60.15
N HIS H 649 2.80 9.70 59.20
CA HIS H 649 2.44 9.91 57.80
C HIS H 649 2.72 8.70 56.92
N ASP H 650 1.76 8.38 56.07
CA ASP H 650 1.85 7.22 55.18
C ASP H 650 2.51 7.59 53.84
N ALA H 651 3.73 7.09 53.65
CA ALA H 651 4.46 7.29 52.41
C ALA H 651 4.52 5.98 51.62
N GLY H 652 3.59 5.08 51.91
CA GLY H 652 3.57 3.76 51.30
C GLY H 652 4.80 2.95 51.65
N ALA H 653 5.26 2.15 50.69
CA ALA H 653 6.54 1.46 50.78
C ALA H 653 7.64 2.41 50.31
N SER H 654 8.09 3.26 51.23
CA SER H 654 8.99 4.38 50.95
C SER H 654 10.15 4.07 50.01
N LEU H 655 10.39 4.97 49.04
CA LEU H 655 11.55 4.87 48.15
C LEU H 655 12.82 5.22 48.91
N ASN H 656 12.74 6.26 49.74
CA ASN H 656 13.85 6.68 50.59
C ASN H 656 13.31 7.23 51.91
N PRO H 657 13.36 6.42 52.99
CA PRO H 657 12.76 6.78 54.28
C PRO H 657 13.31 8.09 54.82
N ALA H 658 14.63 8.28 54.70
CA ALA H 658 15.30 9.48 55.18
C ALA H 658 14.79 10.73 54.49
N LEU H 659 14.74 10.68 53.17
CA LEU H 659 14.24 11.80 52.37
C LEU H 659 12.77 12.10 52.67
N ASP H 660 11.97 11.04 52.79
CA ASP H 660 10.53 11.16 53.10
C ASP H 660 10.30 11.86 54.44
N ILE H 661 11.07 11.47 55.46
CA ILE H 661 11.00 12.10 56.77
C ILE H 661 11.29 13.59 56.66
N GLY H 662 12.37 13.92 55.95
CA GLY H 662 12.76 15.32 55.73
C GLY H 662 11.65 16.12 55.08
N GLN H 663 10.98 15.50 54.11
CA GLN H 663 9.86 16.10 53.40
C GLN H 663 8.71 16.43 54.34
N ILE H 664 8.31 15.45 55.15
CA ILE H 664 7.23 15.62 56.13
C ILE H 664 7.57 16.67 57.18
N GLU H 665 8.80 16.63 57.70
CA GLU H 665 9.32 17.65 58.62
C GLU H 665 9.08 19.05 58.09
N GLY H 666 9.56 19.30 56.87
CA GLY H 666 9.52 20.62 56.26
C GLY H 666 8.16 21.03 55.76
N ALA H 667 7.40 20.05 55.27
CA ALA H 667 6.04 20.32 54.78
C ALA H 667 5.13 20.75 55.92
N TYR H 668 5.33 20.15 57.09
CA TYR H 668 4.58 20.54 58.28
C TYR H 668 4.89 21.99 58.66
N VAL H 669 6.16 22.29 58.85
CA VAL H 669 6.63 23.63 59.25
C VAL H 669 6.10 24.70 58.28
N GLN H 670 6.16 24.40 56.98
CA GLN H 670 5.65 25.29 55.93
C GLN H 670 4.13 25.40 55.96
N GLY H 671 3.46 24.29 56.30
CA GLY H 671 2.02 24.24 56.47
C GLY H 671 1.57 25.11 57.64
N ALA H 672 2.13 24.83 58.81
CA ALA H 672 1.87 25.62 60.01
C ALA H 672 2.18 27.10 59.78
N GLY H 673 3.30 27.37 59.10
CA GLY H 673 3.72 28.75 58.79
C GLY H 673 2.70 29.52 57.98
N TRP H 674 2.00 28.81 57.11
CA TRP H 674 0.94 29.38 56.30
C TRP H 674 -0.25 29.84 57.15
N LEU H 675 -0.52 29.12 58.24
CA LEU H 675 -1.68 29.40 59.06
C LEU H 675 -1.33 30.13 60.36
N THR H 676 -0.08 30.56 60.51
CA THR H 676 0.35 31.27 61.73
C THR H 676 0.93 32.67 61.49
N THR H 677 2.19 32.76 61.11
CA THR H 677 2.88 34.06 61.03
C THR H 677 2.98 34.65 59.61
N GLU H 678 2.86 33.80 58.60
CA GLU H 678 2.89 34.26 57.20
C GLU H 678 1.58 34.94 56.83
N GLU H 679 1.67 36.20 56.43
CA GLU H 679 0.48 37.00 56.13
C GLU H 679 0.72 38.01 55.02
N LEU H 680 -0.08 37.92 53.95
CA LEU H 680 0.00 38.87 52.85
C LEU H 680 -0.93 40.04 53.10
N VAL H 681 -0.40 41.25 52.98
CA VAL H 681 -1.17 42.47 53.24
C VAL H 681 -1.05 43.44 52.06
N TRP H 682 -2.20 43.78 51.48
CA TRP H 682 -2.29 44.85 50.48
C TRP H 682 -2.89 46.09 51.13
N ASP H 683 -2.49 47.26 50.66
CA ASP H 683 -3.08 48.51 51.13
C ASP H 683 -4.38 48.82 50.37
N HIS H 684 -4.93 50.01 50.59
CA HIS H 684 -6.19 50.44 49.96
C HIS H 684 -6.12 50.57 48.44
N CYS H 685 -4.91 50.64 47.89
CA CYS H 685 -4.72 50.81 46.44
C CYS H 685 -4.29 49.54 45.73
N GLY H 686 -4.10 48.47 46.49
CA GLY H 686 -3.68 47.19 45.92
C GLY H 686 -2.17 47.06 45.83
N ARG H 687 -1.45 47.91 46.55
CA ARG H 687 -0.01 47.80 46.65
C ARG H 687 0.34 46.77 47.73
N LEU H 688 1.10 45.76 47.33
CA LEU H 688 1.55 44.73 48.28
C LEU H 688 2.51 45.32 49.30
N MET H 689 2.05 45.41 50.55
CA MET H 689 2.82 46.00 51.65
C MET H 689 3.84 45.02 52.23
N THR H 690 3.53 43.73 52.16
CA THR H 690 4.44 42.67 52.58
C THR H 690 5.17 42.11 51.37
N HIS H 691 6.28 42.76 50.99
CA HIS H 691 7.00 42.40 49.78
C HIS H 691 8.50 42.14 50.01
N ALA H 692 8.86 41.92 51.26
CA ALA H 692 10.24 41.65 51.65
C ALA H 692 10.26 40.64 52.80
N PRO H 693 11.43 40.05 53.11
CA PRO H 693 11.48 39.12 54.24
C PRO H 693 11.31 39.80 55.60
N SER H 694 11.44 41.12 55.65
CA SER H 694 11.30 41.87 56.90
C SER H 694 9.85 42.25 57.21
N THR H 695 8.94 41.98 56.27
CA THR H 695 7.50 42.21 56.50
C THR H 695 6.67 40.93 56.32
N TYR H 696 7.19 39.98 55.55
CA TYR H 696 6.59 38.66 55.43
C TYR H 696 7.43 37.65 56.21
N LYS H 697 6.81 37.05 57.23
CA LYS H 697 7.54 36.23 58.20
C LYS H 697 7.30 34.72 58.08
N ILE H 698 8.22 34.05 57.39
CA ILE H 698 8.25 32.58 57.33
C ILE H 698 8.87 32.02 58.62
N PRO H 699 8.52 30.78 59.01
CA PRO H 699 9.04 30.21 60.26
C PRO H 699 10.56 30.33 60.40
N ALA H 700 11.00 30.92 61.51
CA ALA H 700 12.41 31.03 61.86
C ALA H 700 12.93 29.72 62.49
N PHE H 701 14.24 29.64 62.73
CA PHE H 701 14.85 28.43 63.27
C PHE H 701 14.18 27.98 64.56
N SER H 702 13.97 28.92 65.49
CA SER H 702 13.38 28.61 66.79
C SER H 702 11.87 28.38 66.71
N ASP H 703 11.30 28.54 65.51
CA ASP H 703 9.87 28.34 65.30
C ASP H 703 9.48 26.88 65.09
N ARG H 704 10.48 26.01 64.96
CA ARG H 704 10.26 24.57 64.89
C ARG H 704 9.62 24.09 66.20
N PRO H 705 8.78 23.03 66.12
CA PRO H 705 8.28 22.41 67.34
C PRO H 705 9.43 21.94 68.23
N ARG H 706 9.33 22.20 69.53
CA ARG H 706 10.38 21.86 70.48
C ARG H 706 10.56 20.36 70.59
N ILE H 707 9.45 19.64 70.49
CA ILE H 707 9.48 18.19 70.31
C ILE H 707 8.86 17.90 68.93
N PHE H 708 9.63 17.22 68.08
CA PHE H 708 9.27 17.00 66.69
C PHE H 708 9.34 15.52 66.36
N ASN H 709 8.22 14.81 66.52
CA ASN H 709 8.19 13.37 66.28
C ASN H 709 7.53 12.99 64.95
N VAL H 710 8.35 12.59 63.99
CA VAL H 710 7.85 12.19 62.66
C VAL H 710 8.08 10.69 62.45
N ALA H 711 7.00 9.97 62.19
CA ALA H 711 7.05 8.53 61.98
C ALA H 711 6.31 8.14 60.70
N LEU H 712 6.94 7.28 59.90
CA LEU H 712 6.34 6.82 58.67
C LEU H 712 5.41 5.62 58.91
N TRP H 713 4.19 5.74 58.41
CA TRP H 713 3.28 4.60 58.30
C TRP H 713 3.78 3.79 57.10
N ASP H 714 4.32 2.61 57.38
CA ASP H 714 4.93 1.78 56.35
C ASP H 714 4.07 0.58 55.98
N GLN H 715 3.27 0.74 54.94
CA GLN H 715 2.50 -0.34 54.34
C GLN H 715 2.52 -0.16 52.83
N PRO H 716 2.65 -1.26 52.07
CA PRO H 716 2.70 -1.15 50.62
C PRO H 716 1.42 -0.52 50.06
N ASN H 717 1.58 0.31 49.03
CA ASN H 717 0.46 0.93 48.32
C ASN H 717 -0.38 -0.14 47.61
N ARG H 718 -1.70 0.03 47.67
CA ARG H 718 -2.64 -0.90 47.03
C ARG H 718 -2.50 -0.93 45.51
N GLU H 719 -2.41 0.25 44.91
CA GLU H 719 -2.22 0.38 43.47
C GLU H 719 -0.75 0.14 43.13
N GLU H 720 -0.50 -0.21 41.87
CA GLU H 720 0.85 -0.56 41.42
C GLU H 720 1.70 0.66 41.06
N THR H 721 2.03 1.48 42.06
CA THR H 721 2.95 2.60 41.90
C THR H 721 4.39 2.08 41.92
N ILE H 722 5.35 2.97 41.65
CA ILE H 722 6.76 2.58 41.67
C ILE H 722 7.16 1.98 43.02
N PHE H 723 7.62 0.74 43.00
CA PHE H 723 7.99 -0.01 44.19
C PHE H 723 6.99 0.15 45.33
N ARG H 724 5.71 0.20 44.97
CA ARG H 724 4.56 0.38 45.90
C ARG H 724 4.69 1.58 46.83
N SER H 725 5.42 2.60 46.40
CA SER H 725 5.63 3.78 47.22
C SER H 725 4.46 4.74 47.09
N LYS H 726 4.36 5.69 48.03
CA LYS H 726 3.38 6.77 47.90
C LYS H 726 4.08 8.11 47.79
N ALA H 727 3.49 9.00 46.99
CA ALA H 727 3.97 10.36 46.81
C ALA H 727 3.91 11.12 48.14
N VAL H 728 5.03 11.73 48.52
CA VAL H 728 5.17 12.31 49.83
C VAL H 728 5.49 13.83 49.80
N GLY H 729 5.44 14.41 48.61
CA GLY H 729 5.71 15.84 48.43
C GLY H 729 4.71 16.77 49.08
N GLU H 730 3.46 16.73 48.61
CA GLU H 730 2.42 17.69 49.02
C GLU H 730 1.58 17.29 50.26
N PRO H 731 1.12 16.01 50.33
CA PRO H 731 0.22 15.61 51.43
C PRO H 731 0.62 16.10 52.83
N PRO H 732 1.90 15.95 53.24
CA PRO H 732 2.22 16.35 54.63
C PRO H 732 2.14 17.86 54.90
N PHE H 733 1.95 18.67 53.88
CA PHE H 733 1.72 20.10 54.08
C PHE H 733 0.43 20.33 54.87
N LEU H 734 -0.59 19.52 54.57
CA LEU H 734 -1.89 19.63 55.21
C LEU H 734 -1.87 19.23 56.70
N LEU H 735 -0.74 18.72 57.16
CA LEU H 735 -0.56 18.39 58.58
C LEU H 735 -0.43 19.64 59.44
N GLY H 736 -0.07 20.76 58.80
CA GLY H 736 0.03 22.05 59.48
C GLY H 736 -1.31 22.51 60.06
N ILE H 737 -2.39 21.95 59.53
CA ILE H 737 -3.75 22.27 59.98
C ILE H 737 -3.91 22.03 61.49
N SER H 738 -3.23 20.99 61.99
CA SER H 738 -3.24 20.65 63.42
C SER H 738 -2.76 21.80 64.30
N ALA H 739 -1.75 22.52 63.81
CA ALA H 739 -1.20 23.67 64.53
C ALA H 739 -2.23 24.79 64.66
N PHE H 740 -2.98 25.01 63.58
CA PHE H 740 -4.05 26.00 63.58
C PHE H 740 -5.23 25.59 64.46
N LEU H 741 -5.57 24.31 64.42
CA LEU H 741 -6.66 23.75 65.22
C LEU H 741 -6.34 23.75 66.72
N ALA H 742 -5.10 23.41 67.05
CA ALA H 742 -4.63 23.44 68.45
C ALA H 742 -4.60 24.88 68.96
N LEU H 743 -4.25 25.81 68.08
CA LEU H 743 -4.27 27.24 68.39
C LEU H 743 -5.71 27.70 68.66
N HIS H 744 -6.65 27.13 67.91
CA HIS H 744 -8.08 27.35 68.15
C HIS H 744 -8.52 26.74 69.48
N ASP H 745 -8.01 25.54 69.78
CA ASP H 745 -8.35 24.82 71.01
C ASP H 745 -7.94 25.59 72.27
N ALA H 746 -6.78 26.25 72.20
CA ALA H 746 -6.27 27.06 73.31
C ALA H 746 -7.18 28.27 73.58
N CYS H 747 -7.72 28.85 72.51
CA CYS H 747 -8.68 29.95 72.61
C CYS H 747 -10.01 29.51 73.19
N ALA H 748 -10.44 28.30 72.84
CA ALA H 748 -11.67 27.72 73.36
C ALA H 748 -11.62 27.56 74.88
N ALA H 749 -10.40 27.44 75.40
CA ALA H 749 -10.16 27.28 76.84
C ALA H 749 -10.24 28.59 77.63
N CYS H 750 -10.67 29.66 76.97
CA CYS H 750 -10.71 31.00 77.58
C CYS H 750 -12.12 31.50 77.84
N GLY H 751 -13.12 30.75 77.40
CA GLY H 751 -14.51 31.13 77.60
C GLY H 751 -15.48 30.28 76.81
N PRO H 752 -16.79 30.42 77.12
CA PRO H 752 -17.84 29.57 76.55
C PRO H 752 -18.19 29.90 75.08
N HIS H 753 -17.66 31.02 74.58
CA HIS H 753 -17.99 31.49 73.24
C HIS H 753 -17.09 30.89 72.16
N TRP H 754 -17.66 30.72 70.97
CA TRP H 754 -16.94 30.25 69.79
C TRP H 754 -15.89 31.28 69.39
N PRO H 755 -14.60 30.91 69.47
CA PRO H 755 -13.49 31.84 69.28
C PRO H 755 -13.44 32.49 67.91
N ASP H 756 -13.78 31.72 66.87
CA ASP H 756 -13.76 32.18 65.47
C ASP H 756 -12.37 32.66 65.03
N LEU H 757 -11.37 31.81 65.22
CA LEU H 757 -9.99 32.12 64.85
C LEU H 757 -9.82 32.15 63.33
N GLN H 758 -9.27 33.26 62.83
CA GLN H 758 -9.05 33.46 61.40
C GLN H 758 -7.66 32.98 60.97
N ALA H 759 -7.54 32.65 59.69
CA ALA H 759 -6.27 32.24 59.11
C ALA H 759 -5.68 33.38 58.27
N PRO H 760 -4.38 33.73 58.49
CA PRO H 760 -3.46 33.11 59.43
C PRO H 760 -3.69 33.55 60.88
N ALA H 761 -3.44 32.63 61.81
CA ALA H 761 -3.56 32.91 63.23
C ALA H 761 -2.32 33.64 63.76
N THR H 762 -2.16 34.88 63.32
CA THR H 762 -1.09 35.76 63.82
C THR H 762 -1.40 36.13 65.28
N PRO H 763 -0.41 36.67 66.02
CA PRO H 763 -0.67 37.11 67.39
C PRO H 763 -1.91 38.01 67.53
N GLU H 764 -2.14 38.89 66.56
CA GLU H 764 -3.35 39.72 66.53
C GLU H 764 -4.61 38.89 66.33
N ALA H 765 -4.57 38.00 65.34
CA ALA H 765 -5.68 37.09 65.05
C ALA H 765 -5.97 36.16 66.22
N VAL H 766 -4.91 35.70 66.90
CA VAL H 766 -5.05 34.85 68.08
C VAL H 766 -5.71 35.63 69.22
N LEU H 767 -5.17 36.81 69.52
CA LEU H 767 -5.72 37.68 70.58
C LEU H 767 -7.19 38.01 70.35
N ALA H 768 -7.54 38.31 69.10
CA ALA H 768 -8.92 38.62 68.73
C ALA H 768 -9.85 37.42 68.93
N ALA H 769 -9.33 36.22 68.68
CA ALA H 769 -10.07 34.98 68.90
C ALA H 769 -10.23 34.67 70.39
N VAL H 770 -9.19 34.98 71.18
CA VAL H 770 -9.23 34.81 72.62
C VAL H 770 -10.35 35.68 73.20
N ARG H 771 -10.35 36.96 72.82
CA ARG H 771 -11.28 37.93 73.37
C ARG H 771 -12.71 37.73 72.89
N ARG H 772 -12.89 36.89 71.87
CA ARG H 772 -14.23 36.46 71.45
C ARG H 772 -14.76 35.36 72.35
N ALA H 773 -13.88 34.42 72.72
CA ALA H 773 -14.20 33.36 73.68
C ALA H 773 -14.45 33.94 75.07
N GLU H 774 -13.66 34.96 75.42
CA GLU H 774 -13.83 35.69 76.67
C GLU H 774 -15.07 36.57 76.64
N GLY H 775 -15.60 36.81 75.45
CA GLY H 775 -16.78 37.65 75.27
C GLY H 775 -16.51 39.13 75.52
N ARG H 776 -15.26 39.53 75.30
CA ARG H 776 -14.85 40.92 75.51
C ARG H 776 -15.06 41.74 74.23
N ALA H 777 -16.27 42.29 74.10
CA ALA H 777 -16.67 43.13 72.97
C ALA H 777 -16.18 42.63 71.60
FE1 FES I . -20.56 0.94 -28.11
FE2 FES I . -19.06 -1.56 -28.99
S1 FES I . -19.40 -0.58 -27.05
S2 FES I . -20.46 -0.20 -29.98
FE1 FES J . -24.09 0.53 -16.56
FE2 FES J . -27.09 0.44 -15.85
S1 FES J . -25.52 -1.07 -16.13
S2 FES J . -25.64 2.04 -16.17
PA FAD K . -31.62 8.36 -2.99
O1A FAD K . -30.67 7.37 -3.56
O2A FAD K . -33.08 8.16 -3.18
O5B FAD K . -31.33 8.48 -1.42
C5B FAD K . -30.01 8.80 -0.90
C4B FAD K . -30.02 8.91 0.64
O4B FAD K . -30.89 10.00 1.04
C3B FAD K . -30.55 7.65 1.30
O3B FAD K . -29.89 7.45 2.55
C2B FAD K . -32.03 7.97 1.51
O2B FAD K . -32.54 7.26 2.64
C1B FAD K . -31.99 9.47 1.84
N9A FAD K . -33.17 10.28 1.43
C8A FAD K . -33.69 10.37 0.21
N7A FAD K . -34.72 11.21 0.22
C5A FAD K . -34.85 11.68 1.46
C6A FAD K . -35.72 12.57 2.07
N6A FAD K . -36.68 13.16 1.38
N1A FAD K . -35.58 12.83 3.38
C2A FAD K . -34.63 12.26 4.09
N3A FAD K . -33.78 11.39 3.55
C4A FAD K . -33.86 11.09 2.23
N1 FAD K . -24.11 13.29 -6.78
C2 FAD K . -23.66 14.60 -6.91
O2 FAD K . -23.81 15.39 -5.98
N3 FAD K . -23.04 15.01 -8.11
C4 FAD K . -22.88 14.10 -9.16
O4 FAD K . -22.34 14.46 -10.20
C4X FAD K . -23.34 12.79 -9.02
N5 FAD K . -23.18 11.86 -10.07
C5X FAD K . -23.71 10.57 -9.98
C6 FAD K . -23.62 9.70 -11.06
C7 FAD K . -24.15 8.43 -10.99
C7M FAD K . -24.04 7.51 -12.20
C8 FAD K . -24.78 7.99 -9.81
C8M FAD K . -25.37 6.59 -9.69
C9 FAD K . -24.87 8.87 -8.72
C9A FAD K . -24.34 10.16 -8.79
N10 FAD K . -24.42 11.04 -7.69
C10 FAD K . -23.95 12.37 -7.84
C1' FAD K . -24.94 10.57 -6.37
C2' FAD K . -26.09 11.46 -5.86
O2' FAD K . -26.00 11.56 -4.43
C3' FAD K . -27.47 10.91 -6.25
O3' FAD K . -27.44 10.51 -7.62
C4' FAD K . -28.62 11.91 -6.04
O4' FAD K . -28.17 13.28 -6.07
C5' FAD K . -29.37 11.64 -4.75
O5' FAD K . -30.78 11.71 -4.99
P FAD K . -31.71 10.40 -4.87
O1P FAD K . -33.12 10.81 -4.74
O2P FAD K . -31.34 9.43 -5.93
O3P FAD K . -31.22 9.82 -3.47
P XAX L . -8.67 -7.73 -36.79
MO XAX L . -5.58 -6.94 -30.44
N1 XAX L . -13.04 -2.92 -32.78
O1 XAX L . -3.80 -7.85 -30.91
C2 XAX L . -14.10 -3.12 -31.94
N2 XAX L . -15.30 -2.61 -32.30
O2 XAX L . -6.00 -8.29 -29.50
N3 XAX L . -13.98 -3.81 -30.78
S3 XAX L . -4.52 -6.20 -28.84
C4 XAX L . -12.80 -4.35 -30.38
O4 XAX L . -12.73 -4.98 -29.30
N5 XAX L . -10.31 -4.67 -30.93
C6 XAX L . -9.27 -4.55 -31.77
C7 XAX L . -9.50 -3.91 -33.14
N8 XAX L . -10.76 -3.22 -33.30
C9 XAX L . -11.62 -4.16 -31.24
C1' XAX L . -8.22 -5.36 -31.62
S1' XAX L . -7.29 -5.35 -30.24
C10 XAX L . -11.81 -3.41 -32.48
O1P XAX L . -9.52 -8.39 -37.85
C2' XAX L . -7.93 -6.17 -32.62
S2' XAX L . -6.64 -7.20 -32.50
O2P XAX L . -8.12 -6.37 -37.14
C3' XAX L . -8.81 -6.13 -33.77
O3' XAX L . -9.34 -4.85 -34.22
O3P XAX L . -7.66 -8.65 -36.13
C4' XAX L . -9.28 -7.28 -34.27
O4' XAX L . -9.74 -7.39 -35.63
BA BA M . -9.32 -5.88 -18.53
C7 HHR N . -0.07 -13.00 -28.92
N8 HHR N . -0.77 -11.91 -29.22
C9 HHR N . -0.24 -10.95 -29.98
N1 HHR N . -0.98 -9.86 -30.26
C2 HHR N . -0.48 -8.86 -31.02
N2 HHR N . -1.23 -7.80 -31.29
C10 HHR N . 1.07 -11.08 -30.46
C4 HHR N . 1.62 -10.07 -31.25
N3 HHR N . 0.83 -8.93 -31.54
O4 HHR N . 2.77 -10.15 -31.69
N5 HHR N . 1.78 -12.18 -30.15
C6 HHR N . 1.24 -13.14 -29.40
C6A HHR N . 2.04 -14.39 -29.04
O6A HHR N . 3.25 -14.33 -28.83
FE1 FES O . -32.88 -52.75 -28.30
FE2 FES O . -32.25 -50.64 -30.46
S1 FES O . -34.10 -51.36 -29.48
S2 FES O . -31.05 -51.83 -29.07
FE1 FES P . -43.26 -49.22 -22.71
FE2 FES P . -43.32 -48.29 -19.77
S1 FES P . -42.84 -47.32 -21.69
S2 FES P . -43.23 -50.25 -20.78
PA FAD Q . -55.74 -52.17 -11.00
O1A FAD Q . -55.38 -51.47 -12.26
O2A FAD Q . -55.14 -51.70 -9.74
O5B FAD Q . -57.34 -52.08 -10.86
C5B FAD Q . -58.23 -52.61 -11.86
C4B FAD Q . -59.72 -52.33 -11.49
O4B FAD Q . -60.11 -53.09 -10.31
C3B FAD Q . -60.03 -50.88 -11.12
O3B FAD Q . -61.42 -50.65 -11.35
C2B FAD Q . -59.74 -50.86 -9.62
O2B FAD Q . -60.46 -49.79 -9.01
C1B FAD Q . -60.35 -52.18 -9.18
N9A FAD Q . -59.77 -52.95 -8.06
C8A FAD Q . -58.49 -53.30 -7.88
N7A FAD Q . -58.36 -54.02 -6.78
C5A FAD Q . -59.58 -54.16 -6.24
C6A FAD Q . -60.07 -54.81 -5.11
N6A FAD Q . -59.25 -55.47 -4.28
N1A FAD Q . -61.40 -54.74 -4.84
C2A FAD Q . -62.22 -54.08 -5.65
N3A FAD Q . -61.77 -53.46 -6.73
C4A FAD Q . -60.47 -53.48 -7.06
N1 FAD Q . -54.55 -59.13 -17.92
C2 FAD Q . -54.77 -60.48 -18.21
O2 FAD Q . -55.74 -61.04 -17.71
N3 FAD Q . -53.87 -61.17 -19.05
C4 FAD Q . -52.77 -60.50 -19.59
O4 FAD Q . -51.99 -61.10 -20.33
C4X FAD Q . -52.57 -59.15 -19.31
N5 FAD Q . -51.47 -58.46 -19.85
C5X FAD Q . -51.23 -57.12 -19.52
C6 FAD Q . -50.10 -56.50 -20.03
C7 FAD Q . -49.83 -55.17 -19.72
C7M FAD Q . -48.59 -54.52 -20.31
C8 FAD Q . -50.70 -54.47 -18.86
C8M FAD Q . -50.43 -53.01 -18.50
C9 FAD Q . -51.83 -55.10 -18.35
C9A FAD Q . -52.10 -56.44 -18.67
N10 FAD Q . -53.24 -57.11 -18.17
C10 FAD Q . -53.45 -58.46 -18.46
C1' FAD Q . -54.28 -56.37 -17.40
C2' FAD Q . -54.56 -57.04 -16.04
O2' FAD Q . -55.98 -57.12 -15.81
C3' FAD Q . -53.92 -56.23 -14.94
O3' FAD Q . -52.55 -56.00 -15.30
C4' FAD Q . -54.03 -56.91 -13.56
O4' FAD Q . -54.39 -58.29 -13.67
C5' FAD Q . -55.06 -56.21 -12.70
O5' FAD Q . -54.54 -56.01 -11.39
P FAD Q . -54.17 -54.55 -10.90
O1P FAD Q . -53.94 -54.59 -9.44
O2P FAD Q . -53.10 -54.04 -11.79
O3P FAD Q . -55.54 -53.75 -11.21
P XAX R . -26.01 -48.54 -43.22
MO XAX R . -33.06 -48.27 -44.93
N1 XAX R . -29.73 -51.17 -37.31
O1 XAX R . -33.58 -46.67 -44.65
C2 XAX R . -30.20 -50.56 -36.20
N2 XAX R . -29.66 -50.87 -35.00
O2 XAX R . -32.80 -47.82 -46.92
N3 XAX R . -31.19 -49.63 -36.23
S3 XAX R . -34.94 -48.78 -45.58
C4 XAX R . -31.78 -49.27 -37.41
O4 XAX R . -32.68 -48.41 -37.40
N5 XAX R . -31.85 -49.61 -39.97
C6 XAX R . -31.40 -50.19 -41.09
C7 XAX R . -30.20 -51.13 -41.00
N8 XAX R . -29.77 -51.49 -39.65
C9 XAX R . -31.32 -49.89 -38.65
C1' XAX R . -31.64 -49.59 -42.26
S1' XAX R . -33.19 -49.37 -42.88
C10 XAX R . -30.24 -50.89 -38.54
O1P XAX R . -26.00 -49.98 -43.68
C2' XAX R . -30.60 -49.17 -42.95
S2' XAX R . -30.80 -48.42 -44.42
O2P XAX R . -24.73 -48.07 -42.56
C3' XAX R . -29.30 -49.37 -42.36
O3' XAX R . -29.05 -50.64 -41.69
O3P XAX R . -26.59 -47.56 -44.21
C4' XAX R . -28.46 -48.33 -42.26
O4' XAX R . -27.06 -48.55 -42.00
BA BA S . -43.80 -45.92 -38.70
C7 HHR T . -34.50 -43.22 -51.32
N8 HHR T . -34.24 -44.17 -50.44
C9 HHR T . -33.83 -45.39 -50.83
N1 HHR T . -33.57 -46.35 -49.90
C2 HHR T . -33.16 -47.57 -50.26
N2 HHR T . -32.92 -48.49 -49.34
C10 HHR T . -33.67 -45.66 -52.20
C4 HHR T . -33.24 -46.93 -52.61
N3 HHR T . -32.98 -47.90 -51.62
O4 HHR T . -33.08 -47.22 -53.80
N5 HHR T . -33.92 -44.70 -53.10
C6 HHR T . -34.34 -43.49 -52.69
C6A HHR T . -34.64 -42.40 -53.72
O6A HHR T . -35.16 -42.69 -54.80
FE1 FES U . 36.58 24.71 1.95
FE2 FES U . 35.74 22.49 3.92
S1 FES U . 37.64 23.43 3.38
S2 FES U . 34.69 23.71 2.44
FE1 FES V . 45.48 31.40 6.36
FE2 FES V . 45.27 34.31 7.41
S1 FES V . 44.92 32.31 8.29
S2 FES V . 45.64 33.40 5.44
PA FAD W . 57.00 44.38 4.64
O1A FAD W . 56.65 43.01 5.08
O2A FAD W . 56.21 45.52 5.15
O5B FAD W . 58.56 44.63 5.01
C5B FAD W . 59.57 43.68 4.65
C4B FAD W . 61.01 44.16 5.00
O4B FAD W . 61.41 45.22 4.09
C3B FAD W . 61.20 44.72 6.42
O3B FAD W . 62.55 44.49 6.82
C2B FAD W . 60.95 46.20 6.22
O2B FAD W . 61.59 46.97 7.25
C1B FAD W . 61.63 46.44 4.87
N9A FAD W . 61.07 47.61 4.15
C8A FAD W . 59.79 47.81 3.78
N7A FAD W . 59.69 48.97 3.14
C5A FAD W . 60.90 49.53 3.10
C6A FAD W . 61.41 50.71 2.56
N6A FAD W . 60.61 51.57 1.95
N1A FAD W . 62.72 50.98 2.69
C2A FAD W . 63.53 50.13 3.30
N3A FAD W . 63.08 49.00 3.82
C4A FAD W . 61.78 48.67 3.73
N1 FAD W . 57.55 37.22 -2.49
C2 FAD W . 57.97 36.91 -3.78
O2 FAD W . 58.89 37.54 -4.29
N3 FAD W . 57.36 35.86 -4.48
C4 FAD W . 56.31 35.14 -3.86
O4 FAD W . 55.77 34.22 -4.47
C4X FAD W . 55.89 35.47 -2.58
N5 FAD W . 54.85 34.75 -1.97
C5X FAD W . 54.35 35.15 -0.73
C6 FAD W . 53.23 34.50 -0.21
C7 FAD W . 52.71 34.89 1.02
C7M FAD W . 51.49 34.14 1.56
C8 FAD W . 53.31 35.94 1.72
C8M FAD W . 52.78 36.41 3.08
C9 FAD W . 54.42 36.59 1.19
C9A FAD W . 54.95 36.20 -0.04
N10 FAD W . 56.08 36.84 -0.58
C10 FAD W . 56.50 36.52 -1.88
C1' FAD W . 56.94 37.69 0.28
C2' FAD W . 57.14 39.09 -0.29
O2' FAD W . 58.52 39.46 -0.20
C3' FAD W . 56.30 40.10 0.47
O3' FAD W . 54.94 39.65 0.50
C4' FAD W . 56.37 41.50 -0.16
O4' FAD W . 57.02 41.48 -1.43
C5' FAD W . 57.10 42.47 0.76
O5' FAD W . 56.43 43.72 0.74
P FAD W . 55.75 44.31 2.06
O1P FAD W . 55.24 45.65 1.74
O2P FAD W . 54.84 43.31 2.63
O3P FAD W . 57.07 44.45 3.02
P XAX X . 30.89 9.15 5.99
MO XAX X . 37.89 8.28 6.97
N1 XAX X . 34.06 15.30 3.31
O1 XAX X . 37.86 6.27 7.46
C2 XAX X . 34.34 16.49 3.91
N2 XAX X . 33.72 17.60 3.44
O2 XAX X . 38.18 8.64 8.61
N3 XAX X . 35.21 16.59 4.96
S3 XAX X . 39.89 7.95 6.69
C4 XAX X . 35.85 15.52 5.47
O4 XAX X . 36.64 15.64 6.41
N5 XAX X . 36.20 12.96 5.29
C6 XAX X . 35.96 11.78 4.70
C7 XAX X . 34.86 11.68 3.64
N8 XAX X . 34.37 12.96 3.12
C9 XAX X . 35.58 14.20 4.85
C1' XAX X . 36.27 10.68 5.38
S1' XAX X . 37.86 10.27 5.75
C10 XAX X . 34.65 14.15 3.72
O1P XAX X . 29.48 9.53 6.37
C2' XAX X . 35.28 9.90 5.77
S2' XAX X . 35.60 8.51 6.61
O2P XAX X . 31.12 8.84 4.52
C3' XAX X . 33.94 10.36 5.41
O3' XAX X . 33.72 10.93 4.09
O3P XAX X . 31.53 8.19 6.94
C4' XAX X . 33.08 10.64 6.40
O4' XAX X . 31.65 10.56 6.17
BA BA Y . 47.35 15.70 10.28
C7 HHR Z . 39.39 2.22 12.50
N8 HHR Z . 39.18 3.01 11.46
C9 HHR Z . 38.92 2.48 10.24
N1 HHR Z . 38.70 3.31 9.20
C2 HHR Z . 38.43 2.82 7.96
N2 HHR Z . 38.22 3.66 6.95
C10 HHR Z . 38.87 1.09 10.07
C4 HHR Z . 38.60 0.55 8.81
N3 HHR Z . 38.38 1.43 7.74
O4 HHR Z . 38.55 -0.67 8.62
N5 HHR Z . 39.10 0.29 11.13
C6 HHR Z . 39.35 0.83 12.34
C6A HHR Z . 39.61 -0.08 13.54
O6A HHR Z . 40.34 -1.06 13.45
FE1 FES AA . 17.10 25.73 53.27
FE2 FES AA . 16.29 24.47 50.58
S1 FES AA . 16.11 26.47 51.47
S2 FES AA . 17.23 23.71 52.40
FE1 FES BA . 19.42 37.41 52.96
FE2 FES BA . 22.26 38.68 52.72
S1 FES BA . 20.74 37.99 51.30
S2 FES BA . 20.91 38.15 54.39
PA FAD CA . 24.33 52.27 60.58
O1A FAD CA . 23.41 51.44 59.78
O2A FAD CA . 25.76 52.35 60.20
O5B FAD CA . 23.75 53.79 60.63
C5B FAD CA . 22.36 54.10 60.43
C4B FAD CA . 22.08 55.62 60.58
O4B FAD CA . 22.71 56.13 61.77
C3B FAD CA . 22.64 56.44 59.42
O3B FAD CA . 21.78 57.57 59.23
C2B FAD CA . 24.01 56.88 59.92
O2B FAD CA . 24.41 58.11 59.31
C1B FAD CA . 23.75 57.10 61.41
N9A FAD CA . 24.91 56.84 62.33
C8A FAD CA . 25.59 55.69 62.45
N7A FAD CA . 26.54 55.84 63.38
C5A FAD CA . 26.47 57.08 63.84
C6A FAD CA . 27.19 57.80 64.80
N6A FAD CA . 28.19 57.23 65.47
N1A FAD CA . 26.86 59.07 65.05
C2A FAD CA . 25.86 59.66 64.39
N3A FAD CA . 25.16 59.01 63.48
C4A FAD CA . 25.44 57.71 63.18
N1 FAD CA . 16.66 47.68 64.64
C2 FAD CA . 15.97 47.60 65.85
O2 FAD CA . 15.99 48.56 66.61
N3 FAD CA . 15.28 46.42 66.17
C4 FAD CA . 15.28 45.34 65.28
O4 FAD CA . 14.66 44.31 65.58
C4X FAD CA . 15.97 45.43 64.06
N5 FAD CA . 15.97 44.35 63.15
C5X FAD CA . 16.78 44.39 62.01
C6 FAD CA . 16.89 43.26 61.20
C7 FAD CA . 17.70 43.28 60.06
C7M FAD CA . 17.79 42.03 59.20
C8 FAD CA . 18.40 44.45 59.73
C8M FAD CA . 19.29 44.52 58.49
C9 FAD CA . 18.29 45.58 60.54
C9A FAD CA . 17.49 45.55 61.69
N10 FAD CA . 17.37 46.69 62.51
C10 FAD CA . 16.66 46.59 63.74
C1' FAD CA . 17.86 48.01 62.03
C2' FAD CA . 18.80 48.72 63.01
O2' FAD CA . 18.48 50.10 63.11
C3' FAD CA . 20.28 48.58 62.61
O3' FAD CA . 20.55 47.22 62.20
C4' FAD CA . 21.23 49.00 63.74
O4' FAD CA . 20.56 49.08 65.00
C5' FAD CA . 21.89 50.34 63.44
O5' FAD CA . 23.26 50.28 63.80
P FAD CA . 24.41 50.35 62.68
O1P FAD CA . 25.74 50.27 63.32
O2P FAD CA . 24.07 49.40 61.60
O3P FAD CA . 24.21 51.86 62.15
P XAX DA . 7.63 15.31 43.71
MO XAX DA . 3.78 21.22 43.60
N1 XAX DA . 10.85 19.98 48.68
O1 XAX DA . 2.18 20.45 42.56
C2 XAX DA . 11.81 20.94 48.58
N2 XAX DA . 12.96 20.79 49.26
O2 XAX DA . 4.30 22.04 42.20
N3 XAX DA . 11.64 22.05 47.82
S3 XAX DA . 2.47 22.74 44.01
C4 XAX DA . 10.51 22.27 47.10
O4 XAX DA . 10.38 23.30 46.41
N5 XAX DA . 8.18 21.38 46.47
C6 XAX DA . 7.23 20.45 46.55
C7 XAX DA . 7.47 19.19 47.38
N8 XAX DA . 8.73 19.13 48.13
C9 XAX DA . 9.44 21.27 47.18
C1' XAX DA . 6.27 20.43 45.62
S1' XAX DA . 5.27 21.73 45.32
C10 XAX DA . 9.68 20.09 48.01
O1P XAX DA . 8.66 14.26 43.40
C2' XAX DA . 6.14 19.31 44.90
S2' XAX DA . 4.97 19.22 43.74
O2P XAX DA . 6.71 15.00 44.87
C3' XAX DA . 7.08 18.25 45.22
O3' XAX DA . 7.35 17.98 46.60
O3P XAX DA . 6.92 15.85 42.49
C4' XAX DA . 7.94 17.89 44.27
O4' XAX DA . 8.50 16.55 44.23
BA BA EA . 5.86 33.81 44.73
C7 HHR FA . -1.35 21.60 36.81
N8 HHR FA . -0.70 21.49 37.97
C9 HHR FA . -1.19 20.72 38.95
N1 HHR FA . -0.52 20.62 40.12
C2 HHR FA . -0.98 19.86 41.13
N2 HHR FA . -0.30 19.79 42.26
C10 HHR FA . -2.39 20.02 38.76
C4 HHR FA . -2.89 19.21 39.78
N3 HHR FA . -2.18 19.13 40.99
O4 HHR FA . -3.94 18.58 39.64
N5 HHR FA . -3.05 20.12 37.58
C6 HHR FA . -2.55 20.90 36.61
C6A HHR FA . -3.27 21.04 35.26
O6A HHR FA . -4.49 21.22 35.21
#